data_4ACF
#
_entry.id   4ACF
#
_cell.length_a   132.590
_cell.length_b   227.390
_cell.length_c   202.350
_cell.angle_alpha   90.00
_cell.angle_beta   90.00
_cell.angle_gamma   90.00
#
_symmetry.space_group_name_H-M   'C 2 2 21'
#
loop_
_entity.id
_entity.type
_entity.pdbx_description
1 polymer 'GLUTAMINE SYNTHETASE 1'
2 non-polymer '{4-[6-BROMO-3-(BUTYLAMINO)IMIDAZO[1,2-A]PYRIDIN-2-YL]PHENOXY}ACETIC ACID'
3 non-polymer 'MAGNESIUM ION'
4 non-polymer 'L-METHIONINE-S-SULFOXIMINE PHOSPHATE'
5 non-polymer 'PHOSPHATE ION'
6 non-polymer 'CHLORIDE ION'
7 water water
#
_entity_poly.entity_id   1
_entity_poly.type   'polypeptide(L)'
_entity_poly.pdbx_seq_one_letter_code
;MAHHHHHHGTEKTPDDVFKLAKDEKVEYVDVRFCDLPGIMQHFTIPASAFDKSVFDDGLAFDGSSIRGFQSIHESDMLLL
PDPETARIDPFRAAKTLNINFFVHDPFTLEPYSRDPRNIARKAENYLISTGIADTAYFGAEAEFYIFDSVSFDSRANGSF
YEVDAISGWWNTGAATEADGSPNRGYKVRHKGGYFPVAPNDQYVDLRDKMLTNLINSGFILEKGHHEVGSGGQAEINYQF
NSLLHAADDMQLYKYIIKNTAWQNGKTVTFMPKPLFGDNGSGMHCHQSLWKDGAPLMYDETGYAGLSDTARHYIGGLLHH
APSLLAFTNPTVNSYKRLVPGYEAPINLVYSQRNRSACVRIPITGSNPKAKRLEFRSPDSSGNPYLAFSAMLMAGLDGIK
NKIEPQAPVDKDLYELPPEEAASIPQTPTQLSDVIDRLEADHEYLTEGGVFTNDLIETWISFKRENEIEPVNIRPHPYEF
ALYYDV
;
_entity_poly.pdbx_strand_id   A,B,C,D,E,F
#
# COMPACT_ATOMS: atom_id res chain seq x y z
N LYS A 12 47.32 16.81 -12.20
CA LYS A 12 47.03 15.75 -11.17
C LYS A 12 47.94 14.52 -11.33
N THR A 13 48.29 13.90 -10.22
CA THR A 13 49.27 12.79 -10.21
C THR A 13 48.64 11.54 -9.60
N PRO A 14 49.31 10.38 -9.73
CA PRO A 14 48.81 9.16 -9.08
C PRO A 14 48.56 9.36 -7.58
N ASP A 15 49.53 9.93 -6.88
CA ASP A 15 49.41 10.19 -5.43
C ASP A 15 48.15 11.03 -5.10
N ASP A 16 47.82 12.01 -5.94
CA ASP A 16 46.57 12.76 -5.73
C ASP A 16 45.31 11.88 -5.82
N VAL A 17 45.31 10.89 -6.70
CA VAL A 17 44.16 9.97 -6.81
C VAL A 17 44.10 9.04 -5.61
N PHE A 18 45.25 8.57 -5.15
CA PHE A 18 45.28 7.68 -4.00
C PHE A 18 44.77 8.36 -2.76
N LYS A 19 45.07 9.65 -2.63
CA LYS A 19 44.60 10.46 -1.50
C LYS A 19 43.11 10.76 -1.61
N LEU A 20 42.63 11.03 -2.82
CA LEU A 20 41.21 11.22 -3.01
C LEU A 20 40.46 9.95 -2.58
N ALA A 21 40.91 8.79 -3.03
CA ALA A 21 40.26 7.52 -2.71
C ALA A 21 40.24 7.26 -1.20
N LYS A 22 41.35 7.56 -0.55
CA LYS A 22 41.48 7.37 0.88
C LYS A 22 40.55 8.30 1.61
N ASP A 23 40.57 9.58 1.24
CA ASP A 23 39.81 10.57 1.97
C ASP A 23 38.32 10.34 1.87
N GLU A 24 37.90 9.92 0.68
CA GLU A 24 36.50 9.65 0.40
C GLU A 24 36.04 8.28 0.84
N LYS A 25 36.95 7.49 1.42
CA LYS A 25 36.65 6.12 1.89
C LYS A 25 35.98 5.27 0.80
N VAL A 26 36.60 5.32 -0.37
CA VAL A 26 36.15 4.62 -1.55
C VAL A 26 36.23 3.10 -1.39
N GLU A 27 35.18 2.40 -1.79
CA GLU A 27 35.15 0.96 -1.67
C GLU A 27 35.51 0.32 -2.99
N TYR A 28 35.18 0.97 -4.10
CA TYR A 28 35.41 0.43 -5.44
C TYR A 28 35.96 1.49 -6.41
N VAL A 29 36.73 1.04 -7.38
CA VAL A 29 37.19 1.90 -8.41
C VAL A 29 36.65 1.36 -9.71
N ASP A 30 36.08 2.24 -10.53
CA ASP A 30 35.50 1.88 -11.80
C ASP A 30 36.43 2.31 -12.93
N VAL A 31 36.98 1.32 -13.61
CA VAL A 31 37.97 1.46 -14.69
C VAL A 31 37.18 1.66 -16.00
N ARG A 32 37.35 2.84 -16.62
CA ARG A 32 36.56 3.20 -17.79
C ARG A 32 37.45 3.54 -18.98
N PHE A 33 36.96 3.18 -20.16
CA PHE A 33 37.59 3.58 -21.43
C PHE A 33 36.52 3.67 -22.51
N CYS A 34 36.88 4.22 -23.66
CA CYS A 34 35.92 4.48 -24.69
C CYS A 34 36.00 3.45 -25.79
N ASP A 35 34.86 2.85 -26.17
CA ASP A 35 34.88 2.08 -27.41
C ASP A 35 34.87 2.95 -28.66
N LEU A 36 35.00 2.36 -29.83
CA LEU A 36 35.23 3.17 -31.04
C LEU A 36 34.01 4.03 -31.41
N PRO A 37 32.79 3.43 -31.42
CA PRO A 37 31.62 4.25 -31.75
C PRO A 37 31.34 5.40 -30.79
N GLY A 38 31.71 5.28 -29.53
CA GLY A 38 31.53 6.36 -28.57
C GLY A 38 30.85 6.07 -27.24
N ILE A 39 30.72 4.81 -26.87
CA ILE A 39 30.09 4.42 -25.58
C ILE A 39 31.19 4.06 -24.58
N MET A 40 31.10 4.57 -23.37
CA MET A 40 32.09 4.24 -22.38
C MET A 40 31.88 2.83 -21.86
N GLN A 41 32.99 2.16 -21.59
CA GLN A 41 33.04 0.79 -21.15
C GLN A 41 33.61 0.75 -19.71
N HIS A 42 33.24 -0.23 -18.91
CA HIS A 42 33.76 -0.29 -17.53
C HIS A 42 33.79 -1.66 -16.90
N PHE A 43 34.73 -1.81 -15.96
CA PHE A 43 34.69 -2.87 -14.98
C PHE A 43 35.13 -2.30 -13.67
N THR A 44 34.85 -3.03 -12.61
CA THR A 44 35.07 -2.56 -11.27
C THR A 44 36.15 -3.38 -10.57
N ILE A 45 37.01 -2.70 -9.85
CA ILE A 45 37.99 -3.36 -9.00
C ILE A 45 37.74 -2.88 -7.55
N PRO A 46 38.04 -3.73 -6.56
CA PRO A 46 37.96 -3.26 -5.18
C PRO A 46 39.05 -2.24 -4.88
N ALA A 47 38.77 -1.35 -3.93
CA ALA A 47 39.75 -0.34 -3.55
C ALA A 47 41.12 -0.96 -3.15
N SER A 48 41.08 -2.13 -2.51
CA SER A 48 42.30 -2.88 -2.13
C SER A 48 43.17 -3.29 -3.34
N ALA A 49 42.58 -3.35 -4.53
CA ALA A 49 43.33 -3.65 -5.75
C ALA A 49 43.72 -2.40 -6.56
N PHE A 50 43.32 -1.23 -6.10
CA PHE A 50 43.75 0.02 -6.74
C PHE A 50 45.05 0.53 -6.08
N ASP A 51 46.17 0.20 -6.69
CA ASP A 51 47.49 0.37 -6.11
C ASP A 51 48.46 0.91 -7.18
N LYS A 52 49.73 1.04 -6.81
CA LYS A 52 50.74 1.53 -7.76
C LYS A 52 50.87 0.65 -8.99
N SER A 53 50.64 -0.65 -8.82
CA SER A 53 50.67 -1.57 -9.95
C SER A 53 49.71 -1.19 -11.08
N VAL A 54 48.56 -0.60 -10.74
CA VAL A 54 47.60 -0.16 -11.75
C VAL A 54 48.23 0.91 -12.63
N PHE A 55 49.03 1.78 -12.03
CA PHE A 55 49.73 2.82 -12.77
C PHE A 55 50.98 2.27 -13.49
N ASP A 56 51.70 1.33 -12.86
CA ASP A 56 52.94 0.79 -13.44
C ASP A 56 52.69 -0.27 -14.51
N ASP A 57 51.84 -1.26 -14.23
CA ASP A 57 51.63 -2.39 -15.14
C ASP A 57 50.33 -2.30 -15.97
N GLY A 58 49.35 -1.54 -15.52
CA GLY A 58 48.05 -1.46 -16.20
C GLY A 58 47.10 -2.62 -15.88
N LEU A 59 45.99 -2.66 -16.61
CA LEU A 59 44.97 -3.67 -16.39
C LEU A 59 44.54 -4.18 -17.75
N ALA A 60 44.16 -5.45 -17.83
CA ALA A 60 43.83 -6.18 -19.05
C ALA A 60 42.32 -6.20 -19.29
N PHE A 61 41.94 -6.34 -20.55
CA PHE A 61 40.55 -6.63 -20.92
C PHE A 61 40.51 -7.38 -22.25
N ASP A 62 39.31 -7.79 -22.64
CA ASP A 62 39.07 -8.48 -23.90
C ASP A 62 38.77 -7.45 -24.99
N GLY A 63 39.82 -7.08 -25.72
CA GLY A 63 39.71 -6.21 -26.89
C GLY A 63 38.84 -6.71 -28.03
N SER A 64 38.54 -8.01 -28.06
CA SER A 64 37.67 -8.55 -29.12
C SER A 64 36.20 -8.37 -28.86
N SER A 65 35.84 -8.02 -27.62
CA SER A 65 34.43 -7.81 -27.30
C SER A 65 34.08 -6.33 -27.37
N ILE A 66 35.06 -5.46 -27.64
CA ILE A 66 34.84 -4.01 -27.74
C ILE A 66 34.77 -3.61 -29.22
N ARG A 67 33.72 -2.87 -29.58
CA ARG A 67 33.45 -2.53 -30.96
C ARG A 67 34.58 -1.64 -31.53
N GLY A 68 35.14 -2.07 -32.65
CA GLY A 68 36.17 -1.30 -33.34
C GLY A 68 37.59 -1.65 -32.92
N PHE A 69 37.72 -2.60 -32.00
CA PHE A 69 39.04 -2.90 -31.42
C PHE A 69 39.67 -4.15 -32.09
N GLN A 70 39.81 -5.24 -31.36
CA GLN A 70 40.61 -6.38 -31.82
C GLN A 70 39.80 -7.55 -32.37
N SER A 71 40.45 -8.35 -33.20
CA SER A 71 39.93 -9.67 -33.53
C SER A 71 40.22 -10.62 -32.36
N ILE A 72 39.51 -11.74 -32.38
CA ILE A 72 39.47 -12.67 -31.25
C ILE A 72 40.83 -13.34 -30.99
N HIS A 73 41.66 -13.47 -32.03
CA HIS A 73 42.97 -14.16 -31.86
C HIS A 73 44.07 -13.20 -31.42
N GLU A 74 43.74 -11.89 -31.34
CA GLU A 74 44.64 -10.84 -30.81
C GLU A 74 43.89 -9.99 -29.77
N SER A 75 43.17 -10.69 -28.89
CA SER A 75 42.16 -10.07 -28.06
C SER A 75 42.73 -9.28 -26.90
N ASP A 76 43.73 -9.82 -26.20
CA ASP A 76 44.26 -9.15 -24.99
C ASP A 76 44.71 -7.72 -25.34
N MET A 77 44.22 -6.75 -24.56
CA MET A 77 44.72 -5.38 -24.56
C MET A 77 44.97 -4.87 -23.13
N LEU A 78 45.67 -3.75 -23.04
CA LEU A 78 46.08 -3.15 -21.77
C LEU A 78 45.41 -1.78 -21.56
N LEU A 79 45.17 -1.42 -20.30
CA LEU A 79 44.70 -0.11 -19.91
C LEU A 79 45.67 0.53 -18.93
N LEU A 80 46.02 1.80 -19.17
CA LEU A 80 46.76 2.63 -18.21
C LEU A 80 45.96 3.87 -17.78
N PRO A 81 45.98 4.22 -16.49
CA PRO A 81 45.10 5.28 -16.01
C PRO A 81 45.46 6.70 -16.43
N ASP A 82 44.43 7.56 -16.46
CA ASP A 82 44.59 9.00 -16.62
C ASP A 82 44.12 9.68 -15.34
N PRO A 83 45.06 10.00 -14.44
CA PRO A 83 44.72 10.56 -13.14
C PRO A 83 43.91 11.87 -13.15
N GLU A 84 43.95 12.60 -14.25
CA GLU A 84 43.16 13.83 -14.40
C GLU A 84 41.65 13.58 -14.43
N THR A 85 41.24 12.35 -14.72
CA THR A 85 39.82 12.05 -14.92
C THR A 85 39.15 11.43 -13.70
N ALA A 86 39.84 11.36 -12.56
CA ALA A 86 39.27 10.69 -11.39
C ALA A 86 38.17 11.54 -10.79
N ARG A 87 36.97 10.97 -10.61
CA ARG A 87 35.86 11.66 -9.92
C ARG A 87 35.05 10.63 -9.15
N ILE A 88 34.39 11.06 -8.09
CA ILE A 88 33.51 10.20 -7.29
C ILE A 88 32.18 9.98 -8.02
N ASP A 89 31.70 8.74 -8.03
CA ASP A 89 30.48 8.41 -8.74
C ASP A 89 29.30 8.86 -7.92
N PRO A 90 28.37 9.63 -8.52
CA PRO A 90 27.25 10.15 -7.74
C PRO A 90 26.11 9.17 -7.42
N PHE A 91 26.12 8.01 -8.04
CA PHE A 91 24.94 7.14 -8.07
C PHE A 91 25.09 5.88 -7.28
N ARG A 92 26.29 5.30 -7.23
CA ARG A 92 26.45 3.96 -6.63
C ARG A 92 26.39 4.01 -5.10
N ALA A 93 25.57 3.15 -4.50
CA ALA A 93 25.45 3.05 -3.03
C ALA A 93 26.82 2.76 -2.40
N ALA A 94 27.58 1.86 -3.02
CA ALA A 94 28.94 1.59 -2.59
C ALA A 94 29.84 2.67 -3.19
N LYS A 95 30.51 3.43 -2.32
CA LYS A 95 31.32 4.58 -2.70
C LYS A 95 32.39 4.20 -3.73
N THR A 96 32.27 4.78 -4.92
CA THR A 96 33.05 4.37 -6.06
C THR A 96 33.76 5.59 -6.64
N LEU A 97 35.02 5.39 -7.03
CA LEU A 97 35.81 6.36 -7.78
C LEU A 97 35.90 5.91 -9.22
N ASN A 98 35.50 6.76 -10.16
CA ASN A 98 35.61 6.52 -11.60
C ASN A 98 36.90 7.12 -12.14
N ILE A 99 37.61 6.37 -12.96
CA ILE A 99 38.81 6.88 -13.64
C ILE A 99 38.83 6.42 -15.07
N ASN A 100 39.10 7.33 -16.00
CA ASN A 100 39.33 6.98 -17.42
C ASN A 100 40.77 6.49 -17.71
N PHE A 101 40.87 5.58 -18.66
CA PHE A 101 42.12 4.92 -19.01
C PHE A 101 42.40 5.10 -20.52
N PHE A 102 43.67 5.00 -20.87
CA PHE A 102 44.11 4.97 -22.26
C PHE A 102 44.37 3.52 -22.61
N VAL A 103 44.09 3.13 -23.85
CA VAL A 103 44.29 1.76 -24.27
C VAL A 103 45.69 1.60 -24.87
N HIS A 104 46.37 0.52 -24.49
CA HIS A 104 47.75 0.26 -24.94
C HIS A 104 47.94 -1.19 -25.44
N ASP A 105 48.85 -1.35 -26.39
CA ASP A 105 49.28 -2.66 -26.86
C ASP A 105 49.93 -3.37 -25.72
N PRO A 106 49.53 -4.60 -25.44
CA PRO A 106 50.02 -5.28 -24.25
C PRO A 106 51.44 -5.82 -24.38
N PHE A 107 52.01 -5.79 -25.60
CA PHE A 107 53.41 -6.21 -25.85
C PHE A 107 54.38 -5.03 -25.83
N THR A 108 54.13 -4.06 -26.70
CA THR A 108 54.99 -2.89 -26.81
C THR A 108 54.66 -1.80 -25.79
N LEU A 109 53.44 -1.85 -25.20
CA LEU A 109 52.91 -0.78 -24.34
C LEU A 109 52.74 0.56 -25.07
N GLU A 110 52.73 0.54 -26.40
CA GLU A 110 52.53 1.77 -27.18
C GLU A 110 51.04 2.11 -27.18
N PRO A 111 50.70 3.41 -27.31
CA PRO A 111 49.26 3.77 -27.39
C PRO A 111 48.55 3.06 -28.56
N TYR A 112 47.30 2.63 -28.34
CA TYR A 112 46.51 1.95 -29.37
C TYR A 112 45.96 2.93 -30.40
N SER A 113 46.08 2.55 -31.67
CA SER A 113 45.74 3.46 -32.75
C SER A 113 44.22 3.67 -32.92
N ARG A 114 43.42 2.84 -32.24
CA ARG A 114 41.97 2.96 -32.30
C ARG A 114 41.37 3.23 -30.91
N ASP A 115 42.18 3.77 -30.01
CA ASP A 115 41.70 4.34 -28.78
C ASP A 115 41.28 5.80 -29.01
N PRO A 116 39.98 6.08 -28.95
CA PRO A 116 39.55 7.48 -29.18
C PRO A 116 40.25 8.50 -28.28
N ARG A 117 40.56 8.13 -27.05
CA ARG A 117 41.25 9.04 -26.11
C ARG A 117 42.68 9.27 -26.61
N ASN A 118 43.29 8.26 -27.21
CA ASN A 118 44.57 8.46 -27.89
C ASN A 118 44.52 9.41 -29.09
N ILE A 119 43.42 9.39 -29.86
CA ILE A 119 43.28 10.26 -31.01
C ILE A 119 43.24 11.72 -30.51
N ALA A 120 42.49 11.96 -29.45
CA ALA A 120 42.37 13.32 -28.89
C ALA A 120 43.73 13.83 -28.41
N ARG A 121 44.44 12.95 -27.70
CA ARG A 121 45.83 13.17 -27.25
C ARG A 121 46.71 13.59 -28.41
N LYS A 122 46.65 12.79 -29.48
CA LYS A 122 47.48 13.00 -30.69
C LYS A 122 47.10 14.31 -31.37
N ALA A 123 45.80 14.62 -31.39
CA ALA A 123 45.33 15.88 -31.96
C ALA A 123 45.90 17.11 -31.22
N GLU A 124 45.87 17.09 -29.88
CA GLU A 124 46.44 18.19 -29.11
C GLU A 124 47.94 18.40 -29.36
N ASN A 125 48.67 17.30 -29.55
CA ASN A 125 50.12 17.38 -29.70
C ASN A 125 50.49 17.78 -31.12
N TYR A 126 49.71 17.32 -32.09
CA TYR A 126 49.83 17.80 -33.44
C TYR A 126 49.64 19.31 -33.51
N LEU A 127 48.58 19.81 -32.88
CA LEU A 127 48.35 21.24 -32.83
C LEU A 127 49.60 22.00 -32.39
N ILE A 128 50.19 21.58 -31.28
CA ILE A 128 51.39 22.23 -30.73
C ILE A 128 52.53 22.17 -31.74
N SER A 129 52.72 21.02 -32.37
CA SER A 129 53.75 20.83 -33.38
C SER A 129 53.62 21.71 -34.65
N THR A 130 52.43 22.22 -34.94
CA THR A 130 52.26 23.11 -36.10
C THR A 130 52.73 24.55 -35.83
N GLY A 131 52.71 25.01 -34.58
CA GLY A 131 53.04 26.41 -34.28
C GLY A 131 51.84 27.34 -34.40
N ILE A 132 50.76 26.85 -35.00
CA ILE A 132 49.57 27.65 -35.18
C ILE A 132 49.01 28.10 -33.84
N ALA A 133 48.99 27.19 -32.87
CA ALA A 133 48.35 27.46 -31.56
C ALA A 133 48.87 26.42 -30.60
N ASP A 134 48.67 26.62 -29.30
CA ASP A 134 48.99 25.55 -28.34
C ASP A 134 47.78 24.91 -27.66
N THR A 135 46.61 25.54 -27.77
CA THR A 135 45.38 25.07 -27.12
C THR A 135 44.15 25.26 -28.03
N ALA A 136 43.33 24.21 -28.12
CA ALA A 136 42.07 24.28 -28.82
C ALA A 136 40.99 24.09 -27.78
N TYR A 137 40.19 25.13 -27.57
CA TYR A 137 39.06 25.08 -26.64
C TYR A 137 37.78 24.62 -27.35
N PHE A 138 37.00 23.80 -26.67
CA PHE A 138 35.73 23.27 -27.17
C PHE A 138 34.70 23.48 -26.10
N GLY A 139 33.65 24.20 -26.44
CA GLY A 139 32.48 24.35 -25.58
C GLY A 139 31.31 23.69 -26.30
N ALA A 140 30.70 22.69 -25.68
CA ALA A 140 29.71 21.90 -26.38
C ALA A 140 28.36 22.08 -25.73
N GLU A 141 27.30 21.95 -26.53
CA GLU A 141 25.96 21.99 -25.98
C GLU A 141 25.22 20.71 -26.37
N ALA A 142 25.21 19.70 -25.50
CA ALA A 142 24.62 18.43 -25.84
C ALA A 142 23.14 18.42 -25.37
N GLU A 143 22.22 18.63 -26.30
CA GLU A 143 20.80 18.56 -25.96
C GLU A 143 20.36 17.11 -25.85
N PHE A 144 19.30 16.87 -25.09
CA PHE A 144 18.77 15.55 -24.91
C PHE A 144 17.26 15.58 -24.62
N TYR A 145 16.61 14.41 -24.68
CA TYR A 145 15.22 14.29 -24.33
C TYR A 145 15.09 13.45 -23.10
N ILE A 146 14.28 13.95 -22.16
CA ILE A 146 13.88 13.24 -20.96
C ILE A 146 12.51 12.58 -21.16
N PHE A 147 12.53 11.33 -21.62
CA PHE A 147 11.32 10.60 -21.88
C PHE A 147 10.94 9.76 -20.65
N ASP A 148 9.73 9.21 -20.71
CA ASP A 148 9.19 8.27 -19.70
C ASP A 148 9.40 6.82 -20.11
N SER A 149 9.35 6.53 -21.39
CA SER A 149 9.42 5.16 -21.88
C SER A 149 9.81 5.08 -23.34
N VAL A 150 10.30 3.91 -23.71
CA VAL A 150 10.60 3.60 -25.08
C VAL A 150 10.46 2.10 -25.27
N SER A 151 9.88 1.70 -26.39
CA SER A 151 9.96 0.32 -26.84
C SER A 151 10.07 0.29 -28.36
N PHE A 152 10.57 -0.81 -28.90
CA PHE A 152 10.77 -0.94 -30.32
C PHE A 152 11.09 -2.41 -30.63
N ASP A 153 10.84 -2.83 -31.87
CA ASP A 153 11.26 -4.13 -32.30
C ASP A 153 11.32 -4.19 -33.82
N SER A 154 11.81 -5.33 -34.30
CA SER A 154 11.99 -5.56 -35.71
C SER A 154 11.83 -7.06 -35.96
N ARG A 155 10.78 -7.42 -36.68
CA ARG A 155 10.46 -8.81 -36.95
C ARG A 155 10.26 -9.02 -38.41
N ALA A 156 10.02 -10.26 -38.80
CA ALA A 156 9.76 -10.60 -40.19
C ALA A 156 8.55 -9.85 -40.77
N ASN A 157 7.47 -9.82 -40.01
CA ASN A 157 6.17 -9.33 -40.48
C ASN A 157 5.78 -7.96 -39.91
N GLY A 158 6.70 -7.30 -39.21
CA GLY A 158 6.38 -6.07 -38.52
C GLY A 158 7.55 -5.43 -37.81
N SER A 159 7.42 -4.13 -37.56
CA SER A 159 8.39 -3.33 -36.84
C SER A 159 7.70 -2.12 -36.22
N PHE A 160 8.16 -1.68 -35.05
CA PHE A 160 7.63 -0.45 -34.44
C PHE A 160 8.65 0.22 -33.54
N TYR A 161 8.38 1.48 -33.22
CA TYR A 161 8.95 2.13 -32.07
C TYR A 161 7.89 3.10 -31.49
N GLU A 162 8.07 3.45 -30.23
CA GLU A 162 7.27 4.46 -29.60
C GLU A 162 8.07 4.99 -28.43
N VAL A 163 8.14 6.32 -28.34
CA VAL A 163 8.65 7.00 -27.18
C VAL A 163 7.46 7.70 -26.54
N ASP A 164 7.51 7.86 -25.22
CA ASP A 164 6.43 8.55 -24.55
C ASP A 164 6.98 9.39 -23.41
N ALA A 165 6.20 10.42 -23.09
CA ALA A 165 6.61 11.42 -22.15
C ALA A 165 5.31 12.06 -21.71
N ILE A 166 5.20 12.36 -20.43
CA ILE A 166 3.98 12.95 -19.90
C ILE A 166 3.68 14.31 -20.56
N SER A 167 4.72 15.08 -20.84
CA SER A 167 4.60 16.44 -21.38
C SER A 167 4.39 16.45 -22.90
N GLY A 168 4.34 15.27 -23.49
CA GLY A 168 4.29 15.16 -24.94
C GLY A 168 2.93 15.60 -25.45
N TRP A 169 2.92 16.42 -26.51
CA TRP A 169 1.67 16.96 -27.05
C TRP A 169 0.67 15.89 -27.57
N TRP A 170 1.21 14.75 -27.97
CA TRP A 170 0.41 13.61 -28.43
C TRP A 170 -0.48 13.06 -27.30
N ASN A 171 -0.23 13.48 -26.05
CA ASN A 171 -1.02 13.04 -24.93
C ASN A 171 -2.10 14.02 -24.43
N THR A 172 -2.33 15.14 -25.11
CA THR A 172 -3.29 16.13 -24.60
C THR A 172 -4.68 15.50 -24.43
N GLY A 173 -4.99 14.50 -25.26
CA GLY A 173 -6.27 13.82 -25.22
C GLY A 173 -6.39 12.59 -24.36
N ALA A 174 -5.32 12.21 -23.66
CA ALA A 174 -5.31 10.99 -22.82
C ALA A 174 -6.30 11.13 -21.68
N ALA A 175 -7.12 10.10 -21.49
CA ALA A 175 -8.07 10.08 -20.39
C ALA A 175 -7.36 10.04 -19.05
N THR A 176 -6.19 9.42 -18.97
CA THR A 176 -5.40 9.42 -17.75
C THR A 176 -3.90 9.33 -18.07
N GLU A 177 -3.05 9.54 -17.07
CA GLU A 177 -1.64 9.32 -17.27
C GLU A 177 -1.32 7.79 -17.29
N ALA A 178 -0.08 7.44 -17.58
CA ALA A 178 0.33 6.04 -17.66
C ALA A 178 -0.03 5.28 -16.42
N ASP A 179 0.11 5.93 -15.27
CA ASP A 179 -0.15 5.32 -13.98
C ASP A 179 -1.62 5.38 -13.53
N GLY A 180 -2.53 5.78 -14.40
CA GLY A 180 -3.96 5.91 -14.03
C GLY A 180 -4.37 7.23 -13.38
N SER A 181 -3.42 8.08 -13.03
CA SER A 181 -3.75 9.38 -12.44
C SER A 181 -4.29 10.38 -13.51
N PRO A 182 -4.89 11.48 -13.07
CA PRO A 182 -5.57 12.35 -14.05
C PRO A 182 -4.64 13.12 -15.00
N ASN A 183 -5.10 13.32 -16.23
CA ASN A 183 -4.45 14.25 -17.16
C ASN A 183 -4.68 15.66 -16.62
N ARG A 184 -3.61 16.37 -16.32
CA ARG A 184 -3.73 17.68 -15.70
C ARG A 184 -3.37 18.82 -16.68
N GLY A 185 -3.14 18.46 -17.96
CA GLY A 185 -2.80 19.48 -18.98
C GLY A 185 -1.39 20.02 -18.80
N TYR A 186 -1.17 21.26 -19.26
CA TYR A 186 0.17 21.90 -19.27
C TYR A 186 1.21 21.03 -19.99
N LYS A 187 0.77 20.29 -21.00
CA LYS A 187 1.73 19.55 -21.86
C LYS A 187 2.38 20.55 -22.80
N VAL A 188 3.51 20.18 -23.38
CA VAL A 188 4.31 21.08 -24.19
C VAL A 188 3.91 20.99 -25.66
N ARG A 189 3.58 22.11 -26.30
CA ARG A 189 3.26 22.12 -27.72
C ARG A 189 4.49 21.73 -28.55
N HIS A 190 4.30 21.13 -29.73
CA HIS A 190 5.45 20.85 -30.60
C HIS A 190 6.16 22.16 -30.91
N LYS A 191 7.48 22.15 -30.80
CA LYS A 191 8.31 23.34 -30.94
C LYS A 191 7.98 24.45 -29.91
N GLY A 192 7.33 24.12 -28.80
CA GLY A 192 6.93 25.12 -27.82
C GLY A 192 7.57 24.99 -26.45
N GLY A 193 8.68 24.24 -26.34
CA GLY A 193 9.21 23.92 -25.05
C GLY A 193 10.26 24.90 -24.52
N TYR A 194 10.66 25.85 -25.37
CA TYR A 194 11.72 26.81 -25.03
C TYR A 194 11.11 28.20 -24.79
N PHE A 195 11.02 28.65 -23.54
CA PHE A 195 11.19 27.83 -22.35
C PHE A 195 10.25 28.36 -21.25
N PRO A 196 8.95 28.05 -21.34
CA PRO A 196 7.99 28.59 -20.36
C PRO A 196 8.19 28.06 -18.94
N VAL A 197 7.73 28.86 -17.98
CA VAL A 197 7.81 28.47 -16.58
C VAL A 197 6.91 27.28 -16.28
N ALA A 198 7.22 26.60 -15.17
CA ALA A 198 6.37 25.56 -14.62
C ALA A 198 4.97 26.14 -14.43
N PRO A 199 3.93 25.31 -14.52
CA PRO A 199 3.99 23.86 -14.68
C PRO A 199 4.09 23.37 -16.12
N ASN A 200 4.14 24.30 -17.10
CA ASN A 200 4.39 23.94 -18.50
C ASN A 200 5.71 23.16 -18.62
N ASP A 201 6.73 23.69 -17.97
CA ASP A 201 8.00 22.97 -17.77
C ASP A 201 7.79 21.99 -16.63
N GLN A 202 7.77 20.70 -16.95
CA GLN A 202 7.47 19.68 -15.97
C GLN A 202 8.75 19.03 -15.40
N TYR A 203 9.91 19.58 -15.74
CA TYR A 203 11.18 18.92 -15.40
C TYR A 203 12.16 19.80 -14.64
N VAL A 204 11.66 20.92 -14.12
CA VAL A 204 12.50 21.82 -13.33
C VAL A 204 13.24 21.10 -12.19
N ASP A 205 12.53 20.31 -11.37
CA ASP A 205 13.16 19.67 -10.21
C ASP A 205 14.19 18.62 -10.66
N LEU A 206 13.89 17.87 -11.73
CA LEU A 206 14.82 16.87 -12.24
C LEU A 206 16.07 17.50 -12.87
N ARG A 207 15.90 18.58 -13.62
CA ARG A 207 17.05 19.26 -14.18
C ARG A 207 17.91 19.85 -13.07
N ASP A 208 17.28 20.24 -11.95
CA ASP A 208 18.04 20.76 -10.78
C ASP A 208 18.93 19.66 -10.19
N LYS A 209 18.39 18.45 -10.10
CA LYS A 209 19.17 17.28 -9.66
C LYS A 209 20.33 17.00 -10.61
N MET A 210 20.08 17.11 -11.91
CA MET A 210 21.13 17.00 -12.90
C MET A 210 22.19 18.06 -12.71
N LEU A 211 21.76 19.31 -12.55
CA LEU A 211 22.69 20.38 -12.25
C LEU A 211 23.54 20.10 -11.02
N THR A 212 22.91 19.65 -9.93
CA THR A 212 23.60 19.41 -8.65
C THR A 212 24.60 18.26 -8.78
N ASN A 213 24.21 17.20 -9.46
CA ASN A 213 25.09 16.04 -9.67
C ASN A 213 26.30 16.44 -10.47
N LEU A 214 26.10 17.25 -11.50
CA LEU A 214 27.19 17.79 -12.28
C LEU A 214 28.18 18.65 -11.44
N ILE A 215 27.63 19.58 -10.69
CA ILE A 215 28.40 20.43 -9.79
C ILE A 215 29.23 19.56 -8.83
N ASN A 216 28.60 18.59 -8.16
CA ASN A 216 29.33 17.71 -7.27
C ASN A 216 30.37 16.80 -7.94
N SER A 217 30.27 16.62 -9.26
CA SER A 217 31.30 15.90 -10.02
C SER A 217 32.32 16.84 -10.62
N GLY A 218 32.37 18.08 -10.15
CA GLY A 218 33.42 18.99 -10.58
C GLY A 218 33.24 19.78 -11.87
N PHE A 219 32.04 19.79 -12.47
CA PHE A 219 31.79 20.66 -13.61
C PHE A 219 31.55 22.11 -13.14
N ILE A 220 31.95 23.07 -13.96
CA ILE A 220 31.61 24.48 -13.77
C ILE A 220 30.39 24.72 -14.65
N LEU A 221 29.25 24.91 -14.00
CA LEU A 221 27.98 25.01 -14.69
C LEU A 221 27.71 26.44 -15.15
N GLU A 222 27.01 26.56 -16.28
CA GLU A 222 26.61 27.83 -16.80
C GLU A 222 25.10 27.97 -16.81
N LYS A 223 24.39 27.01 -17.38
CA LYS A 223 22.92 27.07 -17.34
C LYS A 223 22.21 25.77 -17.64
N GLY A 224 20.92 25.75 -17.36
CA GLY A 224 20.07 24.61 -17.66
C GLY A 224 18.70 25.08 -18.02
N HIS A 225 18.10 24.41 -18.99
CA HIS A 225 16.78 24.81 -19.45
C HIS A 225 16.10 23.75 -20.26
N HIS A 226 14.77 23.89 -20.34
CA HIS A 226 13.97 23.12 -21.27
C HIS A 226 14.33 23.58 -22.69
N GLU A 227 14.39 22.65 -23.61
CA GLU A 227 14.63 22.98 -25.01
C GLU A 227 13.33 22.96 -25.80
N VAL A 228 13.43 23.25 -27.10
CA VAL A 228 12.29 23.49 -27.94
C VAL A 228 11.31 22.33 -28.03
N GLY A 229 11.81 21.11 -28.01
CA GLY A 229 10.97 19.95 -28.28
C GLY A 229 10.00 19.58 -27.18
N SER A 230 8.83 19.13 -27.60
CA SER A 230 7.82 18.61 -26.69
C SER A 230 8.28 17.27 -26.17
N GLY A 231 7.76 16.88 -25.02
CA GLY A 231 8.11 15.59 -24.45
C GLY A 231 9.49 15.59 -23.80
N GLY A 232 9.88 16.75 -23.29
CA GLY A 232 10.94 16.85 -22.32
C GLY A 232 12.35 17.14 -22.82
N GLN A 233 12.47 17.86 -23.94
CA GLN A 233 13.78 18.24 -24.40
C GLN A 233 14.46 19.19 -23.40
N ALA A 234 15.77 19.02 -23.24
CA ALA A 234 16.52 19.69 -22.21
C ALA A 234 17.91 20.04 -22.71
N GLU A 235 18.55 20.96 -22.01
CA GLU A 235 19.92 21.36 -22.29
C GLU A 235 20.56 21.85 -21.00
N ILE A 236 21.75 21.34 -20.70
CA ILE A 236 22.52 21.82 -19.57
C ILE A 236 23.94 22.13 -20.10
N ASN A 237 24.44 23.32 -19.81
CA ASN A 237 25.72 23.78 -20.33
C ASN A 237 26.73 23.92 -19.18
N TYR A 238 27.94 23.42 -19.43
CA TYR A 238 29.07 23.57 -18.51
C TYR A 238 30.20 24.26 -19.26
N GLN A 239 31.19 24.72 -18.50
CA GLN A 239 32.27 25.53 -19.05
C GLN A 239 33.11 24.73 -20.02
N PHE A 240 33.45 25.35 -21.15
CA PHE A 240 34.40 24.86 -22.16
C PHE A 240 35.73 24.33 -21.55
N ASN A 241 36.46 23.55 -22.32
CA ASN A 241 37.82 23.16 -21.93
C ASN A 241 38.62 22.80 -23.16
N SER A 242 39.91 22.56 -22.96
CA SER A 242 40.76 22.16 -24.07
C SER A 242 40.30 20.76 -24.53
N LEU A 243 40.59 20.43 -25.78
CA LEU A 243 40.01 19.30 -26.53
C LEU A 243 39.81 17.99 -25.77
N LEU A 244 40.88 17.38 -25.26
CA LEU A 244 40.77 16.07 -24.59
C LEU A 244 39.92 16.16 -23.31
N HIS A 245 40.18 17.16 -22.49
CA HIS A 245 39.41 17.40 -21.28
C HIS A 245 37.92 17.62 -21.62
N ALA A 246 37.69 18.38 -22.69
CA ALA A 246 36.36 18.68 -23.16
C ALA A 246 35.65 17.38 -23.56
N ALA A 247 36.38 16.48 -24.23
CA ALA A 247 35.79 15.20 -24.68
C ALA A 247 35.53 14.26 -23.49
N ASP A 248 36.45 14.22 -22.52
CA ASP A 248 36.19 13.46 -21.26
C ASP A 248 34.99 14.03 -20.50
N ASP A 249 34.89 15.34 -20.48
CA ASP A 249 33.78 16.01 -19.83
C ASP A 249 32.47 15.60 -20.46
N MET A 250 32.42 15.58 -21.79
CA MET A 250 31.20 15.22 -22.54
C MET A 250 30.70 13.83 -22.17
N GLN A 251 31.62 12.86 -22.15
CA GLN A 251 31.30 11.50 -21.80
C GLN A 251 30.76 11.38 -20.39
N LEU A 252 31.41 12.04 -19.43
CA LEU A 252 30.92 12.04 -18.06
C LEU A 252 29.57 12.75 -17.96
N TYR A 253 29.40 13.84 -18.69
CA TYR A 253 28.12 14.54 -18.70
C TYR A 253 26.98 13.64 -19.16
N LYS A 254 27.17 12.98 -20.32
CA LYS A 254 26.16 12.00 -20.80
C LYS A 254 25.84 10.96 -19.74
N TYR A 255 26.85 10.49 -19.01
CA TYR A 255 26.66 9.48 -17.97
C TYR A 255 25.87 10.04 -16.80
N ILE A 256 26.23 11.25 -16.36
CA ILE A 256 25.51 11.86 -15.24
C ILE A 256 24.06 12.18 -15.61
N ILE A 257 23.84 12.70 -16.82
CA ILE A 257 22.47 12.98 -17.29
C ILE A 257 21.62 11.72 -17.37
N LYS A 258 22.15 10.66 -17.99
CA LYS A 258 21.37 9.44 -18.21
C LYS A 258 21.00 8.72 -16.90
N ASN A 259 21.94 8.70 -15.96
CA ASN A 259 21.74 8.02 -14.71
C ASN A 259 20.99 8.86 -13.67
N THR A 260 21.07 10.19 -13.76
CA THR A 260 20.20 11.03 -12.88
C THR A 260 18.74 10.79 -13.28
N ALA A 261 18.47 10.79 -14.59
CA ALA A 261 17.13 10.47 -15.09
C ALA A 261 16.72 9.10 -14.64
N TRP A 262 17.58 8.10 -14.85
CA TRP A 262 17.23 6.72 -14.55
C TRP A 262 16.90 6.53 -13.09
N GLN A 263 17.72 7.12 -12.22
CA GLN A 263 17.48 7.01 -10.80
C GLN A 263 16.21 7.72 -10.36
N ASN A 264 15.69 8.61 -11.18
CA ASN A 264 14.46 9.34 -10.92
C ASN A 264 13.29 8.91 -11.81
N GLY A 265 13.34 7.70 -12.31
CA GLY A 265 12.19 7.11 -12.96
C GLY A 265 12.01 7.44 -14.44
N LYS A 266 12.99 8.12 -15.04
CA LYS A 266 12.88 8.55 -16.45
C LYS A 266 13.92 7.81 -17.29
N THR A 267 13.96 8.14 -18.58
CA THR A 267 14.88 7.55 -19.52
C THR A 267 15.28 8.59 -20.56
N VAL A 268 16.59 8.81 -20.70
CA VAL A 268 17.13 9.85 -21.54
C VAL A 268 17.71 9.28 -22.81
N THR A 269 17.42 9.97 -23.91
CA THR A 269 18.13 9.74 -25.14
C THR A 269 18.84 11.00 -25.67
N PHE A 270 20.06 10.77 -26.17
CA PHE A 270 20.83 11.74 -26.89
C PHE A 270 20.75 11.53 -28.40
N MET A 271 19.85 10.66 -28.86
CA MET A 271 19.72 10.50 -30.30
C MET A 271 19.33 11.82 -31.01
N PRO A 272 19.85 12.01 -32.25
CA PRO A 272 19.64 13.24 -32.99
C PRO A 272 18.17 13.58 -33.30
N LYS A 273 17.35 12.60 -33.66
CA LYS A 273 15.96 12.85 -34.05
C LYS A 273 15.00 11.76 -33.56
N PRO A 274 14.63 11.79 -32.26
CA PRO A 274 13.70 10.79 -31.75
C PRO A 274 12.24 11.10 -32.11
N LEU A 275 11.94 12.37 -32.37
CA LEU A 275 10.60 12.81 -32.72
C LEU A 275 10.53 13.34 -34.12
N PHE A 276 9.50 12.89 -34.83
CA PHE A 276 9.22 13.37 -36.16
C PHE A 276 8.35 14.63 -36.05
N GLY A 277 8.74 15.73 -36.68
CA GLY A 277 7.99 16.98 -36.66
C GLY A 277 8.28 17.83 -35.44
N ASP A 278 9.37 17.55 -34.74
CA ASP A 278 9.80 18.43 -33.65
C ASP A 278 11.32 18.48 -33.65
N ASN A 279 11.87 19.38 -32.85
CA ASN A 279 13.29 19.64 -32.92
C ASN A 279 14.13 18.38 -32.64
N GLY A 280 15.23 18.30 -33.37
CA GLY A 280 16.26 17.32 -33.06
C GLY A 280 17.10 17.79 -31.89
N SER A 281 18.05 16.94 -31.54
CA SER A 281 19.01 17.21 -30.48
C SER A 281 20.37 17.32 -31.12
N GLY A 282 20.92 18.52 -31.05
CA GLY A 282 22.24 18.82 -31.56
C GLY A 282 23.33 18.80 -30.52
N MET A 283 24.57 18.89 -31.01
CA MET A 283 25.76 19.06 -30.18
C MET A 283 26.63 20.18 -30.76
N HIS A 284 26.15 21.42 -30.63
CA HIS A 284 26.88 22.57 -31.12
C HIS A 284 28.22 22.62 -30.42
N CYS A 285 29.24 22.90 -31.19
CA CYS A 285 30.60 22.94 -30.68
C CYS A 285 31.22 24.31 -30.91
N HIS A 286 31.23 25.14 -29.87
CA HIS A 286 31.92 26.41 -29.89
C HIS A 286 33.43 26.11 -29.81
N GLN A 287 34.22 26.77 -30.66
CA GLN A 287 35.64 26.43 -30.81
C GLN A 287 36.49 27.69 -30.96
N SER A 288 37.70 27.65 -30.41
CA SER A 288 38.64 28.73 -30.58
C SER A 288 40.05 28.25 -30.30
N LEU A 289 41.01 28.90 -30.96
CA LEU A 289 42.40 28.60 -30.79
C LEU A 289 43.09 29.72 -30.04
N TRP A 290 43.89 29.34 -29.03
CA TRP A 290 44.71 30.27 -28.25
C TRP A 290 46.18 29.85 -28.38
N LYS A 291 47.07 30.79 -28.06
CA LYS A 291 48.51 30.52 -28.05
C LYS A 291 49.23 31.43 -27.03
N ASP A 292 50.15 30.83 -26.26
CA ASP A 292 50.85 31.58 -25.20
C ASP A 292 49.90 32.40 -24.37
N GLY A 293 48.73 31.85 -24.05
CA GLY A 293 47.76 32.53 -23.21
C GLY A 293 47.05 33.73 -23.84
N ALA A 294 47.07 33.84 -25.16
CA ALA A 294 46.35 34.91 -25.87
C ALA A 294 45.45 34.34 -27.01
N PRO A 295 44.29 34.99 -27.24
CA PRO A 295 43.31 34.50 -28.21
C PRO A 295 43.79 34.76 -29.63
N LEU A 296 43.32 33.95 -30.58
CA LEU A 296 43.72 34.09 -31.98
C LEU A 296 42.55 34.36 -32.92
N MET A 297 41.33 34.27 -32.41
CA MET A 297 40.15 34.32 -33.26
C MET A 297 39.65 35.76 -33.55
N TYR A 298 40.20 36.77 -32.87
CA TYR A 298 39.60 38.13 -32.92
C TYR A 298 40.32 39.13 -33.84
N ASP A 299 39.53 39.95 -34.51
CA ASP A 299 40.02 41.08 -35.31
C ASP A 299 38.84 42.03 -35.48
N GLU A 300 38.94 43.22 -34.89
CA GLU A 300 37.86 44.20 -34.90
C GLU A 300 37.37 44.59 -36.30
N THR A 301 38.23 44.43 -37.30
CA THR A 301 37.91 44.76 -38.69
C THR A 301 37.32 43.63 -39.56
N GLY A 302 37.34 42.39 -39.08
CA GLY A 302 36.80 41.27 -39.87
C GLY A 302 35.30 41.19 -39.71
N TYR A 303 34.64 40.51 -40.64
CA TYR A 303 33.22 40.26 -40.51
C TYR A 303 32.96 39.50 -39.19
N ALA A 304 31.93 39.92 -38.44
CA ALA A 304 31.64 39.36 -37.13
C ALA A 304 32.88 39.33 -36.20
N GLY A 305 33.81 40.27 -36.40
CA GLY A 305 34.95 40.43 -35.52
C GLY A 305 35.89 39.25 -35.58
N LEU A 306 35.85 38.53 -36.71
CA LEU A 306 36.69 37.31 -36.91
C LEU A 306 38.04 37.62 -37.52
N SER A 307 39.09 37.05 -36.94
CA SER A 307 40.43 37.11 -37.50
C SER A 307 40.60 36.19 -38.71
N ASP A 308 41.74 36.33 -39.38
CA ASP A 308 42.06 35.47 -40.52
C ASP A 308 42.15 34.01 -40.11
N THR A 309 42.72 33.77 -38.92
CA THR A 309 42.89 32.42 -38.40
C THR A 309 41.52 31.80 -38.26
N ALA A 310 40.61 32.54 -37.63
CA ALA A 310 39.22 32.10 -37.42
C ALA A 310 38.46 31.87 -38.73
N ARG A 311 38.58 32.82 -39.68
CA ARG A 311 37.95 32.70 -41.02
C ARG A 311 38.41 31.45 -41.78
N HIS A 312 39.71 31.24 -41.81
CA HIS A 312 40.29 30.06 -42.44
C HIS A 312 39.96 28.70 -41.75
N TYR A 313 39.79 28.72 -40.44
CA TYR A 313 39.37 27.55 -39.69
C TYR A 313 37.94 27.24 -40.16
N ILE A 314 37.12 28.29 -40.30
CA ILE A 314 35.74 28.13 -40.75
C ILE A 314 35.76 27.57 -42.17
N GLY A 315 36.62 28.14 -43.00
CA GLY A 315 36.87 27.60 -44.34
C GLY A 315 37.16 26.12 -44.32
N GLY A 316 38.03 25.69 -43.42
CA GLY A 316 38.36 24.27 -43.29
C GLY A 316 37.15 23.44 -42.93
N LEU A 317 36.35 23.92 -41.98
CA LEU A 317 35.15 23.21 -41.56
C LEU A 317 34.14 23.05 -42.69
N LEU A 318 33.87 24.14 -43.41
CA LEU A 318 32.84 24.08 -44.43
C LEU A 318 33.35 23.35 -45.68
N HIS A 319 34.66 23.45 -45.97
CA HIS A 319 35.24 22.72 -47.09
C HIS A 319 35.28 21.21 -46.86
N HIS A 320 35.65 20.80 -45.64
CA HIS A 320 35.78 19.36 -45.33
C HIS A 320 34.48 18.71 -44.83
N ALA A 321 33.47 19.52 -44.53
CA ALA A 321 32.14 19.03 -44.09
C ALA A 321 31.67 17.72 -44.76
N PRO A 322 31.77 17.60 -46.10
CA PRO A 322 31.22 16.40 -46.74
C PRO A 322 31.84 15.08 -46.29
N SER A 323 33.10 15.11 -45.82
CA SER A 323 33.70 13.95 -45.15
C SER A 323 33.73 14.09 -43.61
N LEU A 324 33.92 15.31 -43.11
CA LEU A 324 33.99 15.54 -41.64
C LEU A 324 32.71 15.09 -40.89
N LEU A 325 31.55 15.22 -41.52
CA LEU A 325 30.30 14.79 -40.88
C LEU A 325 30.28 13.28 -40.60
N ALA A 326 31.18 12.52 -41.22
CA ALA A 326 31.33 11.10 -40.90
C ALA A 326 31.73 10.89 -39.45
N PHE A 327 32.40 11.89 -38.83
CA PHE A 327 32.70 11.85 -37.41
C PHE A 327 31.79 12.74 -36.54
N THR A 328 31.25 13.83 -37.09
CA THR A 328 30.46 14.74 -36.30
C THR A 328 28.98 14.36 -36.33
N ASN A 329 28.56 13.64 -37.37
CA ASN A 329 27.15 13.29 -37.62
C ASN A 329 27.12 11.85 -38.08
N PRO A 330 27.49 10.93 -37.17
CA PRO A 330 27.97 9.61 -37.54
C PRO A 330 26.92 8.51 -37.62
N THR A 331 25.64 8.84 -37.61
CA THR A 331 24.61 7.81 -37.57
C THR A 331 23.59 8.05 -38.65
N VAL A 332 22.83 7.02 -38.97
CA VAL A 332 21.75 7.14 -39.91
C VAL A 332 20.73 8.17 -39.38
N ASN A 333 20.47 8.14 -38.09
CA ASN A 333 19.49 9.07 -37.51
C ASN A 333 19.92 10.53 -37.56
N SER A 334 21.23 10.77 -37.54
CA SER A 334 21.80 12.12 -37.70
C SER A 334 21.15 12.88 -38.82
N TYR A 335 20.92 12.19 -39.95
CA TYR A 335 20.46 12.80 -41.19
C TYR A 335 18.94 13.10 -41.20
N LYS A 336 18.22 12.55 -40.23
CA LYS A 336 16.85 12.98 -40.00
C LYS A 336 16.76 14.35 -39.31
N ARG A 337 17.85 14.78 -38.69
CA ARG A 337 17.86 16.06 -37.98
C ARG A 337 18.26 17.16 -38.97
N LEU A 338 19.12 16.82 -39.91
CA LEU A 338 19.58 17.80 -40.89
C LEU A 338 18.54 18.03 -41.99
N VAL A 339 17.40 18.58 -41.57
CA VAL A 339 16.25 18.89 -42.42
C VAL A 339 15.74 20.25 -41.95
N PRO A 340 15.09 21.00 -42.86
CA PRO A 340 14.82 22.42 -42.50
C PRO A 340 13.68 22.63 -41.48
N GLY A 341 13.79 23.69 -40.67
CA GLY A 341 12.69 24.18 -39.84
C GLY A 341 12.85 23.90 -38.35
N TYR A 342 14.04 23.47 -37.93
CA TYR A 342 14.25 23.01 -36.54
C TYR A 342 15.55 23.54 -35.90
N GLU A 343 16.07 24.64 -36.43
CA GLU A 343 17.32 25.24 -35.93
C GLU A 343 18.52 24.30 -36.00
N ALA A 344 18.52 23.43 -37.01
CA ALA A 344 19.69 22.63 -37.38
C ALA A 344 20.09 23.00 -38.81
N PRO A 345 21.34 22.74 -39.18
CA PRO A 345 21.78 23.19 -40.49
C PRO A 345 21.26 22.34 -41.65
N ILE A 346 21.02 23.00 -42.78
CA ILE A 346 20.67 22.30 -44.04
C ILE A 346 21.63 22.61 -45.19
N ASN A 347 22.61 23.48 -44.97
CA ASN A 347 23.57 23.82 -46.04
C ASN A 347 24.81 24.42 -45.43
N LEU A 348 25.84 24.72 -46.23
CA LEU A 348 27.19 24.98 -45.70
C LEU A 348 27.61 26.45 -45.69
N VAL A 349 27.02 27.22 -44.80
CA VAL A 349 27.42 28.62 -44.67
C VAL A 349 27.65 29.01 -43.23
N TYR A 350 28.37 30.12 -43.07
CA TYR A 350 28.47 30.76 -41.78
C TYR A 350 27.82 32.14 -41.77
N SER A 351 27.41 32.56 -40.58
CA SER A 351 26.61 33.79 -40.41
C SER A 351 26.52 34.15 -38.92
N GLN A 352 26.75 35.43 -38.62
CA GLN A 352 26.59 35.88 -37.26
C GLN A 352 25.11 35.85 -36.86
N ARG A 353 24.88 35.55 -35.59
CA ARG A 353 23.54 35.59 -35.00
C ARG A 353 22.53 34.53 -35.52
N ASN A 354 22.99 33.64 -36.40
CA ASN A 354 22.07 32.90 -37.30
C ASN A 354 21.91 31.42 -36.95
N ARG A 355 20.76 31.10 -36.33
CA ARG A 355 20.47 29.73 -35.86
C ARG A 355 20.01 28.74 -36.98
N SER A 356 19.91 29.22 -38.21
CA SER A 356 19.65 28.37 -39.38
C SER A 356 20.93 27.99 -40.13
N ALA A 357 22.07 28.50 -39.64
CA ALA A 357 23.36 28.42 -40.33
C ALA A 357 24.14 27.22 -39.83
N CYS A 358 25.19 26.84 -40.56
CA CYS A 358 26.03 25.70 -40.19
C CYS A 358 27.06 26.10 -39.13
N VAL A 359 27.61 27.29 -39.31
CA VAL A 359 28.47 27.94 -38.34
C VAL A 359 27.85 29.30 -38.01
N ARG A 360 27.49 29.51 -36.75
CA ARG A 360 26.99 30.78 -36.22
C ARG A 360 28.14 31.42 -35.46
N ILE A 361 28.30 32.72 -35.62
CA ILE A 361 29.18 33.47 -34.72
C ILE A 361 28.25 34.09 -33.68
N PRO A 362 28.34 33.59 -32.44
CA PRO A 362 27.52 34.12 -31.37
C PRO A 362 27.88 35.59 -31.10
N ILE A 363 26.91 36.38 -30.63
CA ILE A 363 27.17 37.79 -30.42
C ILE A 363 27.86 37.95 -29.07
N THR A 364 29.11 38.37 -29.12
CA THR A 364 29.97 38.40 -27.93
C THR A 364 30.60 39.76 -27.64
N GLY A 365 30.47 40.71 -28.58
CA GLY A 365 31.01 42.06 -28.37
C GLY A 365 32.44 42.23 -28.82
N SER A 366 33.16 43.12 -28.15
CA SER A 366 34.52 43.50 -28.53
C SER A 366 35.59 42.71 -27.76
N ASN A 367 35.19 41.96 -26.72
CA ASN A 367 36.15 41.17 -25.95
C ASN A 367 36.83 40.13 -26.84
N PRO A 368 38.13 40.32 -27.11
CA PRO A 368 38.84 39.35 -27.93
C PRO A 368 38.82 37.94 -27.35
N LYS A 369 38.69 37.81 -26.03
CA LYS A 369 38.76 36.52 -25.37
C LYS A 369 37.48 35.68 -25.48
N ALA A 370 36.38 36.31 -25.93
CA ALA A 370 35.08 35.69 -26.06
C ALA A 370 34.81 35.26 -27.49
N LYS A 371 35.63 35.75 -28.42
CA LYS A 371 35.37 35.57 -29.86
C LYS A 371 35.63 34.11 -30.29
N ARG A 372 34.67 33.55 -30.99
CA ARG A 372 34.69 32.13 -31.31
C ARG A 372 33.61 31.79 -32.35
N LEU A 373 33.72 30.59 -32.91
CA LEU A 373 32.70 30.07 -33.84
C LEU A 373 31.85 28.98 -33.18
N GLU A 374 30.59 28.84 -33.59
CA GLU A 374 29.73 27.74 -33.16
C GLU A 374 29.48 26.87 -34.39
N PHE A 375 30.13 25.70 -34.44
CA PHE A 375 29.79 24.68 -35.43
C PHE A 375 28.48 24.00 -34.99
N ARG A 376 27.38 24.22 -35.73
CA ARG A 376 26.05 23.76 -35.32
C ARG A 376 25.67 22.35 -35.85
N SER A 377 26.40 21.88 -36.83
CA SER A 377 26.14 20.60 -37.48
C SER A 377 26.20 19.35 -36.59
N PRO A 378 27.19 19.25 -35.69
CA PRO A 378 27.40 18.00 -34.98
C PRO A 378 26.23 17.63 -34.09
N ASP A 379 26.13 16.34 -33.81
CA ASP A 379 25.17 15.81 -32.84
C ASP A 379 25.91 14.92 -31.86
N SER A 380 25.18 14.33 -30.91
CA SER A 380 25.73 13.54 -29.82
C SER A 380 25.68 12.05 -30.09
N SER A 381 25.48 11.64 -31.33
CA SER A 381 25.22 10.22 -31.62
C SER A 381 26.47 9.38 -31.75
N GLY A 382 27.64 9.96 -31.50
CA GLY A 382 28.86 9.21 -31.73
C GLY A 382 29.92 9.39 -30.66
N ASN A 383 31.10 9.80 -31.10
CA ASN A 383 32.27 9.78 -30.25
C ASN A 383 32.90 11.16 -30.17
N PRO A 384 32.88 11.81 -28.99
CA PRO A 384 33.34 13.20 -28.97
C PRO A 384 34.87 13.34 -29.11
N TYR A 385 35.62 12.32 -28.70
CA TYR A 385 37.07 12.30 -28.89
C TYR A 385 37.40 12.41 -30.38
N LEU A 386 36.70 11.61 -31.16
CA LEU A 386 36.89 11.57 -32.58
C LEU A 386 36.29 12.82 -33.23
N ALA A 387 35.10 13.20 -32.80
CA ALA A 387 34.39 14.37 -33.34
C ALA A 387 35.23 15.65 -33.19
N PHE A 388 35.66 15.93 -31.97
CA PHE A 388 36.42 17.14 -31.70
C PHE A 388 37.78 17.10 -32.44
N SER A 389 38.41 15.94 -32.46
CA SER A 389 39.68 15.79 -33.15
C SER A 389 39.54 16.02 -34.65
N ALA A 390 38.48 15.49 -35.26
CA ALA A 390 38.25 15.68 -36.70
C ALA A 390 37.97 17.14 -37.06
N MET A 391 37.21 17.82 -36.22
CA MET A 391 36.90 19.23 -36.41
C MET A 391 38.20 20.06 -36.38
N LEU A 392 39.05 19.78 -35.41
CA LEU A 392 40.33 20.45 -35.29
C LEU A 392 41.21 20.24 -36.50
N MET A 393 41.28 18.99 -36.98
CA MET A 393 42.09 18.70 -38.16
C MET A 393 41.53 19.38 -39.41
N ALA A 394 40.21 19.57 -39.49
CA ALA A 394 39.65 20.29 -40.64
C ALA A 394 40.02 21.78 -40.58
N GLY A 395 39.87 22.35 -39.41
CA GLY A 395 40.17 23.76 -39.17
C GLY A 395 41.63 24.07 -39.38
N LEU A 396 42.49 23.16 -38.95
CA LEU A 396 43.92 23.31 -39.14
C LEU A 396 44.35 23.14 -40.60
N ASP A 397 43.68 22.26 -41.34
CA ASP A 397 43.92 22.16 -42.78
C ASP A 397 43.55 23.48 -43.44
N GLY A 398 42.46 24.09 -42.98
CA GLY A 398 41.98 25.37 -43.48
C GLY A 398 42.96 26.49 -43.18
N ILE A 399 43.50 26.52 -41.96
CA ILE A 399 44.45 27.55 -41.55
C ILE A 399 45.70 27.43 -42.39
N LYS A 400 46.22 26.21 -42.45
CA LYS A 400 47.40 25.91 -43.23
C LYS A 400 47.27 26.23 -44.74
N ASN A 401 46.15 25.88 -45.36
CA ASN A 401 45.97 26.16 -46.80
C ASN A 401 45.17 27.46 -47.06
N LYS A 402 45.00 28.31 -46.04
CA LYS A 402 44.20 29.54 -46.14
C LYS A 402 42.94 29.37 -46.98
N ILE A 403 42.12 28.40 -46.61
CA ILE A 403 40.88 28.15 -47.30
C ILE A 403 39.87 29.25 -46.92
N GLU A 404 39.45 30.01 -47.92
CA GLU A 404 38.51 31.10 -47.69
C GLU A 404 37.10 30.54 -47.73
N PRO A 405 36.31 30.73 -46.67
CA PRO A 405 34.93 30.28 -46.81
C PRO A 405 34.14 31.19 -47.78
N GLN A 406 33.15 30.64 -48.45
CA GLN A 406 32.28 31.50 -49.22
C GLN A 406 31.52 32.47 -48.26
N ALA A 407 31.04 33.56 -48.84
CA ALA A 407 30.58 34.70 -48.08
C ALA A 407 29.45 34.31 -47.14
N PRO A 408 29.41 34.93 -45.96
CA PRO A 408 28.30 34.70 -45.04
C PRO A 408 26.95 35.12 -45.61
N VAL A 409 25.90 34.40 -45.27
CA VAL A 409 24.57 34.70 -45.78
C VAL A 409 23.71 35.00 -44.55
N ASP A 410 23.44 36.28 -44.34
CA ASP A 410 22.74 36.75 -43.14
C ASP A 410 21.23 36.76 -43.36
N LYS A 411 20.68 35.57 -43.60
CA LYS A 411 19.25 35.38 -43.86
C LYS A 411 18.73 34.08 -43.23
N ASP A 412 17.42 33.90 -43.28
CA ASP A 412 16.81 32.66 -42.80
C ASP A 412 17.04 31.64 -43.93
N LEU A 413 17.94 30.71 -43.69
CA LEU A 413 18.44 29.83 -44.74
C LEU A 413 17.43 28.76 -45.16
N TYR A 414 16.43 28.51 -44.32
CA TYR A 414 15.32 27.63 -44.73
C TYR A 414 14.39 28.31 -45.76
N GLU A 415 14.42 29.64 -45.84
CA GLU A 415 13.42 30.38 -46.64
C GLU A 415 14.04 31.10 -47.84
N LEU A 416 15.17 30.62 -48.34
CA LEU A 416 15.82 31.25 -49.48
C LEU A 416 15.01 30.95 -50.76
N PRO A 417 15.04 31.88 -51.74
CA PRO A 417 14.45 31.55 -53.06
C PRO A 417 15.25 30.41 -53.74
N PRO A 418 14.61 29.66 -54.67
CA PRO A 418 15.27 28.44 -55.22
C PRO A 418 16.63 28.64 -55.91
N GLU A 419 16.76 29.74 -56.66
CA GLU A 419 18.01 30.08 -57.34
C GLU A 419 19.15 30.31 -56.35
N GLU A 420 18.90 31.15 -55.34
CA GLU A 420 19.90 31.52 -54.34
C GLU A 420 20.32 30.27 -53.55
N ALA A 421 19.35 29.46 -53.14
CA ALA A 421 19.61 28.24 -52.36
C ALA A 421 20.47 27.23 -53.12
N ALA A 422 20.21 27.08 -54.42
CA ALA A 422 20.93 26.10 -55.25
C ALA A 422 22.39 26.50 -55.46
N SER A 423 22.73 27.76 -55.25
CA SER A 423 24.12 28.20 -55.31
C SER A 423 24.85 28.03 -53.98
N ILE A 424 24.22 27.37 -53.02
CA ILE A 424 24.88 27.15 -51.75
C ILE A 424 24.99 25.64 -51.56
N PRO A 425 26.19 25.12 -51.29
CA PRO A 425 26.35 23.68 -51.09
C PRO A 425 25.53 23.19 -49.90
N GLN A 426 24.76 22.12 -50.10
CA GLN A 426 23.89 21.56 -49.07
C GLN A 426 24.65 20.68 -48.08
N THR A 427 24.04 20.37 -46.94
CA THR A 427 24.60 19.33 -46.08
C THR A 427 24.33 17.99 -46.78
N PRO A 428 25.18 16.96 -46.52
CA PRO A 428 24.92 15.59 -46.96
C PRO A 428 23.53 15.12 -46.58
N THR A 429 22.97 14.28 -47.42
CA THR A 429 21.61 13.79 -47.28
C THR A 429 21.55 12.64 -46.34
N GLN A 430 22.62 11.85 -46.27
CA GLN A 430 22.58 10.52 -45.64
C GLN A 430 23.99 10.02 -45.30
N LEU A 431 24.06 9.14 -44.30
CA LEU A 431 25.35 8.65 -43.79
C LEU A 431 26.20 7.98 -44.84
N SER A 432 25.59 7.19 -45.71
CA SER A 432 26.39 6.47 -46.70
C SER A 432 27.18 7.46 -47.59
N ASP A 433 26.59 8.63 -47.87
CA ASP A 433 27.26 9.65 -48.69
C ASP A 433 28.48 10.19 -47.95
N VAL A 434 28.37 10.52 -46.65
CA VAL A 434 29.54 11.05 -45.94
C VAL A 434 30.63 9.99 -45.75
N ILE A 435 30.21 8.73 -45.54
CA ILE A 435 31.18 7.63 -45.42
C ILE A 435 31.94 7.41 -46.74
N ASP A 436 31.24 7.46 -47.87
CA ASP A 436 31.88 7.33 -49.19
C ASP A 436 32.91 8.43 -49.42
N ARG A 437 32.52 9.64 -49.05
CA ARG A 437 33.38 10.79 -49.19
C ARG A 437 34.62 10.73 -48.29
N LEU A 438 34.45 10.29 -47.05
CA LEU A 438 35.57 10.08 -46.13
C LEU A 438 36.55 9.06 -46.71
N GLU A 439 36.01 7.98 -47.27
CA GLU A 439 36.86 6.96 -47.88
C GLU A 439 37.65 7.57 -49.06
N ALA A 440 37.02 8.46 -49.80
CA ALA A 440 37.67 9.10 -50.96
C ALA A 440 38.64 10.21 -50.57
N ASP A 441 38.44 10.88 -49.45
CA ASP A 441 39.28 12.02 -49.14
C ASP A 441 39.42 12.30 -47.66
N HIS A 442 40.52 11.81 -47.10
CA HIS A 442 40.73 11.94 -45.67
C HIS A 442 42.17 12.31 -45.34
N GLU A 443 42.89 12.86 -46.30
CA GLU A 443 44.26 13.25 -46.05
C GLU A 443 44.38 14.26 -44.91
N TYR A 444 43.43 15.21 -44.81
CA TYR A 444 43.48 16.19 -43.74
C TYR A 444 43.47 15.57 -42.31
N LEU A 445 42.85 14.38 -42.20
CA LEU A 445 42.74 13.67 -40.94
C LEU A 445 43.99 12.88 -40.56
N THR A 446 44.73 12.39 -41.57
CA THR A 446 45.92 11.58 -41.33
C THR A 446 47.16 12.42 -41.11
N GLU A 447 47.02 13.74 -41.26
CA GLU A 447 48.13 14.63 -41.02
C GLU A 447 48.67 14.38 -39.64
N GLY A 448 49.99 14.28 -39.57
CA GLY A 448 50.70 14.07 -38.33
C GLY A 448 50.37 12.77 -37.64
N GLY A 449 49.80 11.83 -38.38
CA GLY A 449 49.41 10.54 -37.83
C GLY A 449 48.29 10.62 -36.78
N VAL A 450 47.56 11.74 -36.76
CA VAL A 450 46.51 11.92 -35.75
C VAL A 450 45.39 10.85 -35.93
N PHE A 451 44.84 10.74 -37.13
CA PHE A 451 44.04 9.61 -37.52
C PHE A 451 44.92 8.74 -38.39
N THR A 452 44.86 7.42 -38.21
CA THR A 452 45.58 6.50 -39.06
C THR A 452 44.64 5.79 -40.04
N ASN A 453 45.20 5.13 -41.05
CA ASN A 453 44.42 4.44 -42.07
C ASN A 453 43.58 3.32 -41.49
N ASP A 454 44.14 2.60 -40.52
CA ASP A 454 43.40 1.51 -39.89
C ASP A 454 42.16 2.03 -39.11
N LEU A 455 42.30 3.15 -38.41
CA LEU A 455 41.15 3.78 -37.77
C LEU A 455 40.05 4.18 -38.78
N ILE A 456 40.44 4.90 -39.82
CA ILE A 456 39.49 5.39 -40.83
C ILE A 456 38.84 4.19 -41.52
N GLU A 457 39.63 3.17 -41.86
CA GLU A 457 39.08 1.97 -42.51
C GLU A 457 38.09 1.17 -41.65
N THR A 458 38.40 1.10 -40.37
CA THR A 458 37.56 0.40 -39.38
C THR A 458 36.25 1.17 -39.20
N TRP A 459 36.33 2.49 -39.10
CA TRP A 459 35.18 3.34 -39.00
C TRP A 459 34.24 3.15 -40.17
N ILE A 460 34.80 3.18 -41.38
CA ILE A 460 33.99 3.09 -42.61
C ILE A 460 33.28 1.75 -42.65
N SER A 461 34.08 0.72 -42.40
CA SER A 461 33.63 -0.65 -42.42
C SER A 461 32.55 -0.91 -41.36
N PHE A 462 32.76 -0.38 -40.16
CA PHE A 462 31.79 -0.53 -39.07
C PHE A 462 30.45 0.12 -39.45
N LYS A 463 30.50 1.33 -40.01
CA LYS A 463 29.27 2.08 -40.34
C LYS A 463 28.48 1.40 -41.45
N ARG A 464 29.16 0.92 -42.48
CA ARG A 464 28.52 0.19 -43.55
C ARG A 464 27.88 -1.13 -43.09
N GLU A 465 28.59 -1.90 -42.30
CA GLU A 465 28.15 -3.25 -41.94
C GLU A 465 27.13 -3.24 -40.79
N ASN A 466 27.30 -2.34 -39.84
CA ASN A 466 26.53 -2.38 -38.61
C ASN A 466 25.40 -1.35 -38.56
N GLU A 467 25.39 -0.37 -39.45
CA GLU A 467 24.36 0.67 -39.41
C GLU A 467 23.67 0.86 -40.77
N ILE A 468 24.43 1.25 -41.80
CA ILE A 468 23.85 1.56 -43.08
C ILE A 468 23.09 0.37 -43.67
N GLU A 469 23.77 -0.76 -43.81
CA GLU A 469 23.14 -1.89 -44.45
C GLU A 469 21.93 -2.40 -43.64
N PRO A 470 22.07 -2.50 -42.31
CA PRO A 470 20.94 -3.02 -41.51
C PRO A 470 19.68 -2.19 -41.59
N VAL A 471 19.81 -0.87 -41.67
CA VAL A 471 18.64 0.00 -41.88
C VAL A 471 18.13 -0.14 -43.31
N ASN A 472 19.05 -0.20 -44.28
CA ASN A 472 18.65 -0.24 -45.72
C ASN A 472 17.88 -1.44 -46.13
N ILE A 473 18.10 -2.57 -45.45
CA ILE A 473 17.41 -3.79 -45.82
C ILE A 473 16.04 -3.93 -45.12
N ARG A 474 15.77 -3.12 -44.10
CA ARG A 474 14.50 -3.22 -43.35
C ARG A 474 13.43 -2.32 -43.92
N PRO A 475 12.29 -2.89 -44.32
CA PRO A 475 11.19 -2.00 -44.70
C PRO A 475 10.79 -1.00 -43.60
N HIS A 476 10.55 0.22 -44.01
CA HIS A 476 10.18 1.33 -43.15
C HIS A 476 8.68 1.27 -43.08
N PRO A 477 8.09 1.49 -41.90
CA PRO A 477 6.63 1.51 -41.78
C PRO A 477 5.90 2.45 -42.72
N TYR A 478 6.49 3.59 -43.04
CA TYR A 478 5.85 4.50 -43.99
C TYR A 478 5.78 3.94 -45.42
N GLU A 479 6.65 2.99 -45.78
CA GLU A 479 6.51 2.29 -47.06
C GLU A 479 5.19 1.53 -47.12
N PHE A 480 4.64 1.13 -45.97
CA PHE A 480 3.35 0.48 -45.95
C PHE A 480 2.22 1.45 -46.19
N ALA A 481 2.32 2.61 -45.56
CA ALA A 481 1.46 3.76 -45.82
C ALA A 481 1.47 4.16 -47.32
N LEU A 482 2.63 4.17 -47.95
CA LEU A 482 2.73 4.55 -49.36
C LEU A 482 2.31 3.47 -50.36
N TYR A 483 2.63 2.21 -50.07
CA TYR A 483 2.67 1.18 -51.10
C TYR A 483 1.91 -0.13 -50.87
N TYR A 484 1.28 -0.34 -49.72
CA TYR A 484 0.57 -1.58 -49.51
C TYR A 484 -0.40 -1.89 -50.64
N ASP A 485 -1.04 -0.85 -51.14
CA ASP A 485 -2.14 -1.01 -52.07
C ASP A 485 -1.72 -0.75 -53.51
N VAL A 486 -0.42 -0.79 -53.81
CA VAL A 486 0.09 -0.66 -55.21
C VAL A 486 -0.43 -1.65 -56.26
N LYS B 12 44.54 -22.62 10.06
CA LYS B 12 43.56 -22.48 11.18
C LYS B 12 43.37 -23.79 11.94
N THR B 13 43.13 -23.69 13.26
CA THR B 13 42.99 -24.86 14.16
C THR B 13 41.59 -24.91 14.82
N PRO B 14 41.23 -26.05 15.44
CA PRO B 14 39.94 -26.09 16.18
C PRO B 14 39.71 -24.91 17.12
N ASP B 15 40.74 -24.54 17.89
CA ASP B 15 40.57 -23.48 18.88
C ASP B 15 40.41 -22.11 18.23
N ASP B 16 41.02 -21.90 17.07
CA ASP B 16 40.72 -20.68 16.30
C ASP B 16 39.21 -20.63 15.99
N VAL B 17 38.65 -21.74 15.50
CA VAL B 17 37.24 -21.75 15.10
C VAL B 17 36.32 -21.52 16.30
N PHE B 18 36.61 -22.16 17.43
CA PHE B 18 35.79 -21.94 18.64
C PHE B 18 35.81 -20.48 19.10
N LYS B 19 36.96 -19.85 18.94
CA LYS B 19 37.12 -18.44 19.29
C LYS B 19 36.29 -17.57 18.35
N LEU B 20 36.36 -17.84 17.05
CA LEU B 20 35.52 -17.10 16.09
C LEU B 20 34.03 -17.20 16.47
N ALA B 21 33.55 -18.43 16.70
CA ALA B 21 32.16 -18.66 17.11
C ALA B 21 31.74 -17.79 18.31
N LYS B 22 32.59 -17.81 19.33
CA LYS B 22 32.32 -17.09 20.56
C LYS B 22 32.35 -15.60 20.33
N ASP B 23 33.43 -15.10 19.72
CA ASP B 23 33.57 -13.67 19.40
C ASP B 23 32.42 -13.18 18.53
N GLU B 24 32.00 -13.97 17.54
CA GLU B 24 30.91 -13.56 16.63
C GLU B 24 29.52 -13.79 17.19
N LYS B 25 29.42 -14.46 18.34
CA LYS B 25 28.13 -14.74 18.98
C LYS B 25 27.27 -15.54 18.00
N VAL B 26 27.88 -16.61 17.51
CA VAL B 26 27.21 -17.52 16.61
C VAL B 26 26.10 -18.27 17.32
N GLU B 27 24.95 -18.36 16.67
CA GLU B 27 23.81 -19.10 17.21
C GLU B 27 23.74 -20.50 16.62
N TYR B 28 24.17 -20.63 15.37
CA TYR B 28 24.09 -21.90 14.68
C TYR B 28 25.34 -22.17 13.91
N VAL B 29 25.67 -23.44 13.79
CA VAL B 29 26.73 -23.89 12.88
C VAL B 29 26.11 -24.72 11.76
N ASP B 30 26.44 -24.37 10.53
CA ASP B 30 25.98 -25.09 9.37
C ASP B 30 27.09 -26.03 8.86
N VAL B 31 26.82 -27.31 8.93
CA VAL B 31 27.75 -28.37 8.52
C VAL B 31 27.52 -28.66 7.05
N ARG B 32 28.56 -28.40 6.23
CA ARG B 32 28.48 -28.54 4.79
C ARG B 32 29.47 -29.56 4.22
N PHE B 33 29.01 -30.25 3.18
CA PHE B 33 29.87 -31.14 2.40
C PHE B 33 29.38 -31.19 0.96
N CYS B 34 30.19 -31.75 0.07
CA CYS B 34 29.89 -31.78 -1.36
C CYS B 34 29.36 -33.12 -1.83
N ASP B 35 28.24 -33.13 -2.56
CA ASP B 35 27.81 -34.36 -3.22
C ASP B 35 28.66 -34.64 -4.45
N LEU B 36 28.50 -35.80 -5.09
CA LEU B 36 29.41 -36.14 -6.18
C LEU B 36 29.21 -35.24 -7.43
N PRO B 37 27.97 -35.00 -7.86
CA PRO B 37 27.78 -34.12 -9.03
C PRO B 37 28.33 -32.72 -8.85
N GLY B 38 28.28 -32.19 -7.63
CA GLY B 38 28.90 -30.90 -7.28
C GLY B 38 28.08 -29.85 -6.53
N ILE B 39 26.97 -30.24 -5.93
CA ILE B 39 26.13 -29.35 -5.10
C ILE B 39 26.44 -29.49 -3.60
N MET B 40 26.60 -28.37 -2.89
CA MET B 40 26.87 -28.43 -1.46
C MET B 40 25.60 -28.80 -0.72
N GLN B 41 25.81 -29.59 0.32
CA GLN B 41 24.78 -30.16 1.15
C GLN B 41 25.04 -29.64 2.56
N HIS B 42 23.98 -29.47 3.34
CA HIS B 42 24.14 -28.97 4.71
C HIS B 42 23.06 -29.42 5.65
N PHE B 43 23.42 -29.40 6.93
CA PHE B 43 22.45 -29.36 8.02
C PHE B 43 22.99 -28.46 9.11
N THR B 44 22.12 -28.11 10.03
CA THR B 44 22.43 -27.10 11.01
C THR B 44 22.45 -27.71 12.38
N ILE B 45 23.44 -27.32 13.19
CA ILE B 45 23.50 -27.67 14.62
C ILE B 45 23.46 -26.39 15.48
N PRO B 46 22.92 -26.49 16.70
CA PRO B 46 22.98 -25.29 17.52
C PRO B 46 24.39 -25.02 17.98
N ALA B 47 24.72 -23.77 18.28
CA ALA B 47 26.05 -23.40 18.83
C ALA B 47 26.39 -24.28 20.04
N SER B 48 25.40 -24.47 20.91
CA SER B 48 25.55 -25.33 22.08
C SER B 48 26.01 -26.77 21.76
N ALA B 49 25.76 -27.27 20.56
CA ALA B 49 26.18 -28.62 20.19
C ALA B 49 27.54 -28.65 19.45
N PHE B 50 28.17 -27.50 19.20
CA PHE B 50 29.45 -27.43 18.49
C PHE B 50 30.59 -27.37 19.50
N ASP B 51 31.32 -28.48 19.62
CA ASP B 51 32.32 -28.65 20.69
C ASP B 51 33.41 -29.57 20.18
N LYS B 52 34.35 -29.91 21.07
CA LYS B 52 35.50 -30.74 20.68
C LYS B 52 35.08 -32.09 20.13
N SER B 53 33.95 -32.62 20.60
CA SER B 53 33.40 -33.85 20.08
C SER B 53 33.07 -33.83 18.57
N VAL B 54 32.80 -32.65 18.02
CA VAL B 54 32.59 -32.50 16.57
C VAL B 54 33.91 -32.76 15.82
N PHE B 55 35.00 -32.23 16.37
CA PHE B 55 36.34 -32.47 15.78
C PHE B 55 36.90 -33.89 16.02
N ASP B 56 36.54 -34.50 17.15
CA ASP B 56 37.08 -35.80 17.53
C ASP B 56 36.21 -36.93 17.03
N ASP B 57 34.91 -36.88 17.28
CA ASP B 57 33.99 -37.96 16.89
C ASP B 57 33.30 -37.76 15.53
N GLY B 58 33.10 -36.51 15.10
CA GLY B 58 32.37 -36.24 13.85
C GLY B 58 30.86 -36.27 14.00
N LEU B 59 30.17 -36.12 12.89
CA LEU B 59 28.72 -36.10 12.87
C LEU B 59 28.23 -37.02 11.77
N ALA B 60 26.99 -37.48 11.92
CA ALA B 60 26.38 -38.53 11.10
C ALA B 60 25.51 -37.91 10.00
N PHE B 61 25.33 -38.64 8.90
CA PHE B 61 24.29 -38.31 7.94
C PHE B 61 23.85 -39.53 7.13
N ASP B 62 22.82 -39.34 6.30
CA ASP B 62 22.28 -40.38 5.44
C ASP B 62 22.97 -40.32 4.06
N GLY B 63 23.97 -41.17 3.91
CA GLY B 63 24.69 -41.26 2.69
C GLY B 63 23.88 -41.72 1.50
N SER B 64 22.74 -42.36 1.75
CA SER B 64 21.92 -42.90 0.66
C SER B 64 21.00 -41.87 0.00
N SER B 65 20.82 -40.72 0.65
CA SER B 65 20.07 -39.63 0.06
C SER B 65 20.97 -38.65 -0.69
N ILE B 66 22.28 -38.87 -0.65
CA ILE B 66 23.22 -37.96 -1.31
C ILE B 66 23.64 -38.59 -2.62
N ARG B 67 23.62 -37.80 -3.70
CA ARG B 67 23.90 -38.39 -5.03
C ARG B 67 25.35 -38.82 -5.16
N GLY B 68 25.54 -40.02 -5.68
CA GLY B 68 26.86 -40.60 -5.84
C GLY B 68 27.48 -41.23 -4.61
N PHE B 69 26.73 -41.30 -3.51
CA PHE B 69 27.28 -41.78 -2.25
C PHE B 69 26.87 -43.23 -2.02
N GLN B 70 26.05 -43.50 -1.02
CA GLN B 70 25.84 -44.86 -0.54
C GLN B 70 24.55 -45.47 -1.03
N SER B 71 24.48 -46.79 -0.95
CA SER B 71 23.20 -47.48 -1.06
C SER B 71 22.45 -47.39 0.28
N ILE B 72 21.16 -47.66 0.24
CA ILE B 72 20.29 -47.54 1.41
C ILE B 72 20.71 -48.47 2.56
N HIS B 73 21.23 -49.66 2.21
CA HIS B 73 21.57 -50.65 3.26
C HIS B 73 22.93 -50.41 3.86
N GLU B 74 23.69 -49.46 3.28
CA GLU B 74 24.96 -48.98 3.88
C GLU B 74 24.93 -47.46 4.02
N SER B 75 23.79 -46.95 4.50
CA SER B 75 23.52 -45.51 4.45
C SER B 75 24.40 -44.68 5.36
N ASP B 76 24.46 -45.02 6.65
CA ASP B 76 25.18 -44.14 7.60
C ASP B 76 26.60 -43.81 7.15
N MET B 77 26.94 -42.51 7.19
CA MET B 77 28.28 -42.00 6.91
C MET B 77 28.69 -41.00 7.97
N LEU B 78 29.95 -40.60 7.96
CA LEU B 78 30.47 -39.67 8.96
C LEU B 78 31.11 -38.43 8.32
N LEU B 79 31.18 -37.35 9.10
CA LEU B 79 31.76 -36.09 8.66
C LEU B 79 32.74 -35.55 9.69
N LEU B 80 33.91 -35.11 9.24
CA LEU B 80 34.89 -34.51 10.13
C LEU B 80 35.21 -33.10 9.61
N PRO B 81 35.29 -32.11 10.49
CA PRO B 81 35.42 -30.74 10.02
C PRO B 81 36.79 -30.34 9.43
N ASP B 82 36.75 -29.34 8.55
CA ASP B 82 37.95 -28.70 8.03
C ASP B 82 37.97 -27.25 8.49
N PRO B 83 38.71 -26.95 9.58
CA PRO B 83 38.75 -25.61 10.19
C PRO B 83 39.24 -24.45 9.30
N GLU B 84 39.97 -24.74 8.24
CA GLU B 84 40.38 -23.71 7.28
C GLU B 84 39.16 -23.07 6.59
N THR B 85 38.02 -23.77 6.57
CA THR B 85 36.91 -23.37 5.73
C THR B 85 35.86 -22.57 6.48
N ALA B 86 36.07 -22.28 7.77
CA ALA B 86 35.01 -21.67 8.60
C ALA B 86 34.79 -20.20 8.24
N ARG B 87 33.54 -19.81 7.95
CA ARG B 87 33.20 -18.43 7.61
C ARG B 87 31.81 -18.10 8.14
N ILE B 88 31.60 -16.83 8.48
CA ILE B 88 30.27 -16.38 8.91
C ILE B 88 29.37 -16.28 7.69
N ASP B 89 28.16 -16.80 7.81
CA ASP B 89 27.20 -16.76 6.72
C ASP B 89 26.64 -15.33 6.60
N PRO B 90 26.75 -14.72 5.40
CA PRO B 90 26.26 -13.35 5.22
C PRO B 90 24.74 -13.20 5.13
N PHE B 91 23.99 -14.29 5.01
CA PHE B 91 22.57 -14.20 4.64
C PHE B 91 21.62 -14.53 5.79
N ARG B 92 22.02 -15.44 6.67
CA ARG B 92 21.11 -15.89 7.72
C ARG B 92 20.99 -14.90 8.91
N ALA B 93 19.75 -14.55 9.22
CA ALA B 93 19.43 -13.59 10.24
C ALA B 93 19.85 -14.09 11.63
N ALA B 94 19.67 -15.37 11.88
CA ALA B 94 20.25 -15.99 13.06
C ALA B 94 21.72 -16.25 12.78
N LYS B 95 22.61 -15.62 13.55
CA LYS B 95 24.03 -15.60 13.23
C LYS B 95 24.55 -17.01 13.10
N THR B 96 25.14 -17.33 11.94
CA THR B 96 25.58 -18.69 11.58
C THR B 96 27.02 -18.78 11.06
N LEU B 97 27.73 -19.83 11.47
CA LEU B 97 29.07 -20.14 10.99
C LEU B 97 28.97 -21.36 10.10
N ASN B 98 29.45 -21.23 8.87
CA ASN B 98 29.51 -22.34 7.91
C ASN B 98 30.88 -23.00 7.93
N ILE B 99 30.90 -24.33 7.94
CA ILE B 99 32.17 -25.09 7.96
C ILE B 99 32.04 -26.28 7.01
N ASN B 100 33.02 -26.46 6.12
CA ASN B 100 33.06 -27.66 5.28
C ASN B 100 33.66 -28.83 6.02
N PHE B 101 33.20 -30.01 5.64
CA PHE B 101 33.61 -31.24 6.27
C PHE B 101 34.08 -32.23 5.18
N PHE B 102 34.96 -33.14 5.59
CA PHE B 102 35.36 -34.29 4.78
C PHE B 102 34.50 -35.50 5.19
N VAL B 103 34.16 -36.35 4.22
CA VAL B 103 33.32 -37.50 4.47
C VAL B 103 34.21 -38.67 4.79
N HIS B 104 33.87 -39.39 5.86
CA HIS B 104 34.65 -40.52 6.33
C HIS B 104 33.76 -41.76 6.50
N ASP B 105 34.37 -42.93 6.39
CA ASP B 105 33.68 -44.19 6.67
C ASP B 105 33.43 -44.24 8.17
N PRO B 106 32.21 -44.60 8.58
CA PRO B 106 31.86 -44.54 9.99
C PRO B 106 32.43 -45.69 10.82
N PHE B 107 32.99 -46.72 10.19
CA PHE B 107 33.62 -47.84 10.91
C PHE B 107 35.12 -47.59 11.00
N THR B 108 35.76 -47.39 9.84
CA THR B 108 37.23 -47.32 9.79
C THR B 108 37.75 -45.91 10.07
N LEU B 109 36.88 -44.91 9.89
CA LEU B 109 37.23 -43.48 9.95
C LEU B 109 38.21 -43.06 8.83
N GLU B 110 38.34 -43.89 7.81
CA GLU B 110 39.16 -43.56 6.69
C GLU B 110 38.37 -42.59 5.75
N PRO B 111 39.11 -41.79 4.95
CA PRO B 111 38.48 -40.89 4.00
C PRO B 111 37.68 -41.65 2.97
N TYR B 112 36.54 -41.09 2.57
CA TYR B 112 35.65 -41.72 1.59
C TYR B 112 36.16 -41.55 0.18
N SER B 113 36.12 -42.62 -0.59
CA SER B 113 36.64 -42.58 -1.95
C SER B 113 35.78 -41.72 -2.87
N ARG B 114 34.53 -41.47 -2.50
CA ARG B 114 33.66 -40.64 -3.34
C ARG B 114 33.29 -39.26 -2.71
N ASP B 115 34.09 -38.82 -1.73
CA ASP B 115 34.10 -37.43 -1.27
C ASP B 115 34.94 -36.57 -2.22
N PRO B 116 34.28 -35.61 -2.91
CA PRO B 116 35.04 -34.73 -3.81
C PRO B 116 36.18 -33.98 -3.11
N ARG B 117 35.96 -33.61 -1.86
CA ARG B 117 36.95 -32.85 -1.13
C ARG B 117 38.17 -33.75 -0.87
N ASN B 118 37.93 -35.04 -0.65
CA ASN B 118 39.02 -36.02 -0.59
C ASN B 118 39.81 -36.16 -1.88
N ILE B 119 39.14 -36.19 -3.04
CA ILE B 119 39.85 -36.30 -4.33
C ILE B 119 40.82 -35.15 -4.49
N ALA B 120 40.39 -33.95 -4.08
CA ALA B 120 41.23 -32.77 -4.17
C ALA B 120 42.43 -32.86 -3.25
N ARG B 121 42.21 -33.36 -2.04
CA ARG B 121 43.26 -33.57 -1.03
C ARG B 121 44.27 -34.55 -1.62
N LYS B 122 43.75 -35.68 -2.13
CA LYS B 122 44.62 -36.69 -2.72
C LYS B 122 45.43 -36.14 -3.88
N ALA B 123 44.82 -35.25 -4.69
CA ALA B 123 45.52 -34.76 -5.89
C ALA B 123 46.73 -33.91 -5.47
N GLU B 124 46.57 -33.12 -4.42
CA GLU B 124 47.67 -32.30 -3.93
C GLU B 124 48.82 -33.13 -3.37
N ASN B 125 48.48 -34.17 -2.60
CA ASN B 125 49.49 -35.06 -2.05
C ASN B 125 50.20 -35.85 -3.13
N TYR B 126 49.45 -36.29 -4.15
CA TYR B 126 50.07 -36.96 -5.29
C TYR B 126 51.05 -36.04 -6.05
N LEU B 127 50.66 -34.80 -6.33
CA LEU B 127 51.55 -33.84 -6.95
C LEU B 127 52.89 -33.82 -6.21
N ILE B 128 52.84 -33.72 -4.88
CA ILE B 128 54.05 -33.64 -4.08
C ILE B 128 54.89 -34.93 -4.27
N SER B 129 54.22 -36.09 -4.23
CA SER B 129 54.87 -37.37 -4.43
C SER B 129 55.56 -37.52 -5.78
N THR B 130 55.12 -36.81 -6.82
CA THR B 130 55.76 -36.98 -8.13
C THR B 130 57.14 -36.31 -8.20
N GLY B 131 57.38 -35.34 -7.33
CA GLY B 131 58.60 -34.54 -7.39
C GLY B 131 58.58 -33.44 -8.44
N ILE B 132 57.51 -33.39 -9.25
CA ILE B 132 57.40 -32.42 -10.35
C ILE B 132 57.24 -31.01 -9.78
N ALA B 133 56.41 -30.90 -8.74
CA ALA B 133 56.11 -29.61 -8.13
C ALA B 133 55.56 -29.84 -6.73
N ASP B 134 55.40 -28.79 -5.93
CA ASP B 134 54.69 -28.93 -4.65
C ASP B 134 53.34 -28.19 -4.55
N THR B 135 53.04 -27.30 -5.49
CA THR B 135 51.82 -26.47 -5.46
C THR B 135 51.21 -26.36 -6.84
N ALA B 136 49.91 -26.65 -6.94
CA ALA B 136 49.15 -26.39 -8.16
C ALA B 136 48.21 -25.21 -7.88
N TYR B 137 48.47 -24.05 -8.50
CA TYR B 137 47.58 -22.88 -8.37
C TYR B 137 46.51 -22.87 -9.45
N PHE B 138 45.27 -22.64 -9.03
CA PHE B 138 44.12 -22.50 -9.92
C PHE B 138 43.46 -21.13 -9.70
N GLY B 139 43.36 -20.38 -10.79
CA GLY B 139 42.52 -19.20 -10.86
C GLY B 139 41.33 -19.47 -11.76
N ALA B 140 40.13 -19.23 -11.26
CA ALA B 140 38.91 -19.59 -11.98
C ALA B 140 38.11 -18.31 -12.34
N GLU B 141 37.38 -18.36 -13.45
CA GLU B 141 36.50 -17.28 -13.86
C GLU B 141 35.13 -17.91 -14.10
N ALA B 142 34.31 -17.99 -13.07
CA ALA B 142 33.00 -18.63 -13.18
C ALA B 142 31.95 -17.57 -13.54
N GLU B 143 31.62 -17.51 -14.81
CA GLU B 143 30.62 -16.60 -15.31
C GLU B 143 29.22 -17.11 -14.95
N PHE B 144 28.26 -16.19 -14.93
CA PHE B 144 26.89 -16.52 -14.61
C PHE B 144 25.91 -15.52 -15.19
N TYR B 145 24.64 -15.90 -15.20
CA TYR B 145 23.55 -14.99 -15.57
C TYR B 145 22.70 -14.59 -14.38
N ILE B 146 22.39 -13.30 -14.30
CA ILE B 146 21.48 -12.77 -13.34
C ILE B 146 20.14 -12.56 -14.02
N PHE B 147 19.24 -13.52 -13.86
CA PHE B 147 17.93 -13.51 -14.48
C PHE B 147 16.87 -12.95 -13.48
N ASP B 148 15.66 -12.70 -13.97
CA ASP B 148 14.51 -12.33 -13.13
C ASP B 148 13.60 -13.52 -12.84
N SER B 149 13.54 -14.46 -13.77
CA SER B 149 12.62 -15.57 -13.65
C SER B 149 13.03 -16.76 -14.50
N VAL B 150 12.52 -17.93 -14.13
CA VAL B 150 12.69 -19.12 -14.95
C VAL B 150 11.52 -20.04 -14.72
N SER B 151 11.02 -20.66 -15.77
CA SER B 151 10.05 -21.72 -15.59
C SER B 151 10.28 -22.75 -16.69
N PHE B 152 9.84 -23.98 -16.44
CA PHE B 152 9.98 -25.05 -17.36
C PHE B 152 9.15 -26.24 -16.93
N ASP B 153 8.87 -27.13 -17.87
CA ASP B 153 8.28 -28.42 -17.55
C ASP B 153 8.47 -29.44 -18.66
N SER B 154 7.97 -30.65 -18.43
CA SER B 154 8.11 -31.76 -19.36
C SER B 154 6.92 -32.65 -19.11
N ARG B 155 6.02 -32.73 -20.11
CA ARG B 155 4.81 -33.55 -20.02
C ARG B 155 4.71 -34.54 -21.16
N ALA B 156 3.67 -35.37 -21.17
CA ALA B 156 3.44 -36.32 -22.31
C ALA B 156 3.32 -35.58 -23.67
N ASN B 157 2.62 -34.44 -23.63
CA ASN B 157 2.18 -33.77 -24.84
C ASN B 157 2.82 -32.40 -25.04
N GLY B 158 3.82 -32.05 -24.26
CA GLY B 158 4.45 -30.74 -24.39
C GLY B 158 5.55 -30.52 -23.38
N SER B 159 6.43 -29.61 -23.71
CA SER B 159 7.50 -29.22 -22.85
C SER B 159 7.90 -27.81 -23.18
N PHE B 160 8.47 -27.10 -22.22
CA PHE B 160 8.91 -25.74 -22.43
C PHE B 160 9.96 -25.38 -21.40
N TYR B 161 10.78 -24.39 -21.76
CA TYR B 161 11.44 -23.54 -20.78
C TYR B 161 11.34 -22.09 -21.21
N GLU B 162 11.52 -21.21 -20.25
CA GLU B 162 11.71 -19.80 -20.52
C GLU B 162 12.51 -19.16 -19.38
N VAL B 163 13.55 -18.41 -19.73
CA VAL B 163 14.21 -17.51 -18.80
C VAL B 163 13.82 -16.07 -19.19
N ASP B 164 13.81 -15.17 -18.22
CA ASP B 164 13.54 -13.76 -18.51
C ASP B 164 14.39 -12.88 -17.66
N ALA B 165 14.66 -11.69 -18.19
CA ALA B 165 15.54 -10.73 -17.58
C ALA B 165 15.16 -9.37 -18.14
N ILE B 166 15.05 -8.35 -17.28
CA ILE B 166 14.66 -7.00 -17.73
C ILE B 166 15.57 -6.46 -18.84
N SER B 167 16.87 -6.83 -18.79
CA SER B 167 17.86 -6.33 -19.73
C SER B 167 17.97 -7.18 -20.99
N GLY B 168 17.19 -8.25 -21.08
CA GLY B 168 17.14 -9.09 -22.28
C GLY B 168 16.66 -8.40 -23.56
N TRP B 169 17.43 -8.56 -24.63
CA TRP B 169 17.08 -7.91 -25.89
C TRP B 169 15.70 -8.31 -26.41
N TRP B 170 15.29 -9.52 -26.07
CA TRP B 170 13.98 -10.02 -26.47
C TRP B 170 12.83 -9.15 -25.90
N ASN B 171 13.15 -8.29 -24.94
CA ASN B 171 12.14 -7.41 -24.32
C ASN B 171 12.08 -5.99 -24.87
N THR B 172 12.85 -5.65 -25.91
CA THR B 172 12.90 -4.25 -26.34
C THR B 172 11.53 -3.76 -26.73
N GLY B 173 10.71 -4.68 -27.24
CA GLY B 173 9.36 -4.40 -27.69
C GLY B 173 8.26 -4.48 -26.65
N ALA B 174 8.59 -4.81 -25.41
CA ALA B 174 7.58 -4.99 -24.35
C ALA B 174 6.89 -3.68 -24.02
N ALA B 175 5.57 -3.74 -23.87
CA ALA B 175 4.76 -2.58 -23.50
C ALA B 175 5.07 -2.10 -22.11
N THR B 176 5.27 -3.02 -21.17
CA THR B 176 5.66 -2.66 -19.83
C THR B 176 6.60 -3.73 -19.30
N GLU B 177 7.23 -3.46 -18.16
CA GLU B 177 7.99 -4.46 -17.44
C GLU B 177 7.05 -5.42 -16.72
N ALA B 178 7.63 -6.48 -16.16
CA ALA B 178 6.89 -7.55 -15.46
C ALA B 178 5.93 -7.00 -14.44
N ASP B 179 6.38 -6.03 -13.67
CA ASP B 179 5.55 -5.39 -12.64
C ASP B 179 4.60 -4.28 -13.14
N GLY B 180 4.53 -4.06 -14.44
CA GLY B 180 3.63 -3.04 -14.99
C GLY B 180 4.24 -1.67 -15.17
N SER B 181 5.49 -1.47 -14.75
CA SER B 181 6.11 -0.17 -14.92
C SER B 181 6.57 -0.01 -16.38
N PRO B 182 6.90 1.20 -16.81
CA PRO B 182 7.20 1.38 -18.23
C PRO B 182 8.51 0.75 -18.70
N ASN B 183 8.55 0.38 -19.97
CA ASN B 183 9.78 -0.03 -20.61
C ASN B 183 10.61 1.24 -20.78
N ARG B 184 11.82 1.26 -20.22
CA ARG B 184 12.71 2.41 -20.34
C ARG B 184 13.93 2.21 -21.26
N GLY B 185 13.91 1.15 -22.06
CA GLY B 185 15.03 0.88 -22.95
C GLY B 185 16.31 0.56 -22.23
N TYR B 186 17.43 0.84 -22.90
CA TYR B 186 18.77 0.54 -22.38
C TYR B 186 18.99 -0.97 -22.13
N LYS B 187 18.28 -1.78 -22.91
CA LYS B 187 18.43 -3.24 -22.81
C LYS B 187 19.69 -3.65 -23.52
N VAL B 188 20.23 -4.83 -23.20
CA VAL B 188 21.57 -5.23 -23.72
C VAL B 188 21.43 -6.00 -25.02
N ARG B 189 22.15 -5.58 -26.06
CA ARG B 189 22.11 -6.26 -27.34
C ARG B 189 22.73 -7.66 -27.20
N HIS B 190 22.24 -8.62 -27.96
CA HIS B 190 22.88 -9.93 -27.96
C HIS B 190 24.35 -9.74 -28.28
N LYS B 191 25.19 -10.41 -27.49
CA LYS B 191 26.66 -10.29 -27.53
C LYS B 191 27.17 -8.87 -27.25
N GLY B 192 26.34 -8.01 -26.67
CA GLY B 192 26.73 -6.61 -26.47
C GLY B 192 26.85 -6.15 -25.02
N GLY B 193 26.93 -7.08 -24.09
CA GLY B 193 26.94 -6.74 -22.66
C GLY B 193 28.31 -6.46 -22.06
N TYR B 194 29.38 -6.72 -22.81
CA TYR B 194 30.76 -6.52 -22.32
C TYR B 194 31.36 -5.26 -22.94
N PHE B 195 31.42 -4.14 -22.24
CA PHE B 195 30.75 -3.91 -20.97
C PHE B 195 30.45 -2.41 -20.85
N PRO B 196 29.36 -1.95 -21.50
CA PRO B 196 28.96 -0.53 -21.42
C PRO B 196 28.55 -0.06 -20.06
N VAL B 197 28.70 1.22 -19.79
CA VAL B 197 28.37 1.81 -18.51
C VAL B 197 26.84 1.85 -18.34
N ALA B 198 26.43 2.06 -17.11
CA ALA B 198 25.02 2.25 -16.77
C ALA B 198 24.52 3.45 -17.54
N PRO B 199 23.24 3.43 -17.94
CA PRO B 199 22.22 2.48 -17.56
C PRO B 199 22.10 1.23 -18.38
N ASN B 200 22.92 1.08 -19.43
CA ASN B 200 22.94 -0.17 -20.20
C ASN B 200 23.26 -1.37 -19.33
N ASP B 201 24.27 -1.20 -18.49
CA ASP B 201 24.56 -2.12 -17.42
C ASP B 201 23.56 -1.88 -16.29
N GLN B 202 22.60 -2.78 -16.14
CA GLN B 202 21.53 -2.58 -15.17
C GLN B 202 21.80 -3.29 -13.84
N TYR B 203 23.02 -3.80 -13.65
CA TYR B 203 23.31 -4.70 -12.53
C TYR B 203 24.45 -4.18 -11.67
N VAL B 204 24.84 -2.91 -11.85
CA VAL B 204 26.02 -2.37 -11.13
C VAL B 204 25.86 -2.49 -9.60
N ASP B 205 24.73 -2.06 -9.07
CA ASP B 205 24.54 -2.05 -7.62
C ASP B 205 24.48 -3.48 -7.10
N LEU B 206 23.79 -4.36 -7.82
CA LEU B 206 23.70 -5.73 -7.40
C LEU B 206 25.07 -6.40 -7.42
N ARG B 207 25.89 -6.13 -8.43
CA ARG B 207 27.21 -6.79 -8.46
C ARG B 207 28.06 -6.22 -7.32
N ASP B 208 27.87 -4.95 -6.98
CA ASP B 208 28.55 -4.35 -5.83
C ASP B 208 28.22 -5.09 -4.53
N LYS B 209 26.97 -5.50 -4.39
CA LYS B 209 26.54 -6.27 -3.21
C LYS B 209 27.21 -7.63 -3.19
N MET B 210 27.26 -8.28 -4.34
CA MET B 210 27.98 -9.55 -4.47
C MET B 210 29.47 -9.39 -4.11
N LEU B 211 30.12 -8.37 -4.68
CA LEU B 211 31.51 -8.03 -4.34
C LEU B 211 31.69 -7.78 -2.83
N THR B 212 30.81 -6.99 -2.23
CA THR B 212 30.92 -6.72 -0.80
C THR B 212 30.71 -7.97 0.05
N ASN B 213 29.79 -8.82 -0.34
CA ASN B 213 29.52 -10.07 0.38
C ASN B 213 30.70 -11.06 0.32
N LEU B 214 31.36 -11.08 -0.82
CA LEU B 214 32.56 -11.92 -0.98
C LEU B 214 33.72 -11.38 -0.14
N ILE B 215 33.96 -10.07 -0.21
CA ILE B 215 35.05 -9.44 0.56
C ILE B 215 34.82 -9.70 2.07
N ASN B 216 33.57 -9.58 2.51
CA ASN B 216 33.22 -9.86 3.91
C ASN B 216 33.26 -11.35 4.32
N SER B 217 33.37 -12.27 3.34
CA SER B 217 33.61 -13.68 3.62
C SER B 217 35.03 -14.08 3.33
N GLY B 218 35.94 -13.11 3.36
CA GLY B 218 37.36 -13.42 3.30
C GLY B 218 37.96 -13.60 1.92
N PHE B 219 37.21 -13.33 0.85
CA PHE B 219 37.76 -13.41 -0.51
C PHE B 219 38.67 -12.22 -0.81
N ILE B 220 39.75 -12.44 -1.55
CA ILE B 220 40.52 -11.35 -2.11
C ILE B 220 40.06 -11.08 -3.54
N LEU B 221 39.47 -9.91 -3.74
CA LEU B 221 38.79 -9.62 -4.99
C LEU B 221 39.73 -9.00 -6.00
N GLU B 222 39.46 -9.25 -7.27
CA GLU B 222 40.23 -8.64 -8.35
C GLU B 222 39.37 -7.73 -9.21
N LYS B 223 38.26 -8.26 -9.73
CA LYS B 223 37.34 -7.47 -10.54
C LYS B 223 35.94 -8.07 -10.69
N GLY B 224 35.03 -7.22 -11.14
CA GLY B 224 33.62 -7.54 -11.37
C GLY B 224 33.14 -6.76 -12.59
N HIS B 225 32.39 -7.43 -13.47
CA HIS B 225 31.88 -6.80 -14.66
C HIS B 225 30.73 -7.55 -15.29
N HIS B 226 30.00 -6.83 -16.15
CA HIS B 226 28.95 -7.42 -16.92
C HIS B 226 29.69 -8.22 -17.97
N GLU B 227 29.11 -9.32 -18.40
CA GLU B 227 29.76 -10.14 -19.42
C GLU B 227 29.00 -9.97 -20.75
N VAL B 228 29.44 -10.68 -21.78
CA VAL B 228 28.97 -10.48 -23.15
C VAL B 228 27.44 -10.67 -23.32
N GLY B 229 26.86 -11.64 -22.60
CA GLY B 229 25.48 -12.00 -22.87
C GLY B 229 24.45 -10.98 -22.40
N SER B 230 23.42 -10.82 -23.21
CA SER B 230 22.24 -10.03 -22.89
C SER B 230 21.50 -10.69 -21.73
N GLY B 231 20.73 -9.92 -20.98
CA GLY B 231 19.92 -10.51 -19.93
C GLY B 231 20.69 -10.80 -18.66
N GLY B 232 21.77 -10.07 -18.44
CA GLY B 232 22.43 -10.01 -17.17
C GLY B 232 23.60 -10.94 -16.93
N GLN B 233 24.38 -11.23 -17.97
CA GLN B 233 25.57 -12.03 -17.77
C GLN B 233 26.59 -11.25 -16.98
N ALA B 234 27.36 -11.95 -16.16
CA ALA B 234 28.25 -11.31 -15.22
C ALA B 234 29.47 -12.19 -14.92
N GLU B 235 30.49 -11.56 -14.36
CA GLU B 235 31.72 -12.24 -13.99
C GLU B 235 32.34 -11.52 -12.82
N ILE B 236 32.66 -12.25 -11.75
CA ILE B 236 33.44 -11.72 -10.63
C ILE B 236 34.70 -12.58 -10.44
N ASN B 237 35.87 -11.94 -10.33
CA ASN B 237 37.14 -12.63 -10.13
C ASN B 237 37.70 -12.37 -8.75
N TYR B 238 38.23 -13.45 -8.17
CA TYR B 238 38.89 -13.39 -6.87
C TYR B 238 40.24 -14.10 -7.07
N GLN B 239 41.11 -13.88 -6.10
CA GLN B 239 42.47 -14.35 -6.18
C GLN B 239 42.57 -15.86 -6.22
N PHE B 240 43.41 -16.34 -7.12
CA PHE B 240 43.80 -17.74 -7.24
C PHE B 240 44.21 -18.35 -5.90
N ASN B 241 44.16 -19.68 -5.80
CA ASN B 241 44.73 -20.38 -4.65
C ASN B 241 45.16 -21.78 -5.05
N SER B 242 45.76 -22.52 -4.12
CA SER B 242 46.13 -23.90 -4.38
C SER B 242 44.85 -24.70 -4.56
N LEU B 243 44.96 -25.86 -5.17
CA LEU B 243 43.83 -26.62 -5.72
C LEU B 243 42.62 -26.80 -4.79
N LEU B 244 42.81 -27.36 -3.60
CA LEU B 244 41.66 -27.62 -2.67
C LEU B 244 41.06 -26.32 -2.16
N HIS B 245 41.89 -25.40 -1.74
CA HIS B 245 41.39 -24.07 -1.33
C HIS B 245 40.66 -23.42 -2.50
N ALA B 246 41.19 -23.55 -3.73
CA ALA B 246 40.54 -22.93 -4.90
C ALA B 246 39.15 -23.53 -5.14
N ALA B 247 39.02 -24.85 -4.99
CA ALA B 247 37.73 -25.53 -5.18
C ALA B 247 36.76 -25.24 -4.04
N ASP B 248 37.25 -25.15 -2.81
CA ASP B 248 36.40 -24.67 -1.69
C ASP B 248 35.88 -23.23 -1.93
N ASP B 249 36.78 -22.36 -2.41
CA ASP B 249 36.48 -20.98 -2.81
C ASP B 249 35.36 -20.97 -3.87
N MET B 250 35.44 -21.84 -4.86
CA MET B 250 34.47 -21.86 -5.95
C MET B 250 33.08 -22.16 -5.44
N GLN B 251 32.95 -23.21 -4.62
CA GLN B 251 31.68 -23.58 -4.03
C GLN B 251 31.08 -22.45 -3.19
N LEU B 252 31.89 -21.82 -2.35
CA LEU B 252 31.41 -20.69 -1.54
C LEU B 252 31.04 -19.45 -2.39
N TYR B 253 31.83 -19.15 -3.39
CA TYR B 253 31.49 -18.11 -4.36
C TYR B 253 30.12 -18.33 -5.01
N LYS B 254 29.87 -19.52 -5.52
CA LYS B 254 28.58 -19.81 -6.15
C LYS B 254 27.42 -19.60 -5.17
N TYR B 255 27.60 -20.07 -3.95
CA TYR B 255 26.64 -19.84 -2.84
C TYR B 255 26.37 -18.37 -2.58
N ILE B 256 27.43 -17.57 -2.56
CA ILE B 256 27.31 -16.15 -2.28
C ILE B 256 26.65 -15.42 -3.47
N ILE B 257 27.04 -15.74 -4.70
CA ILE B 257 26.43 -15.11 -5.88
C ILE B 257 24.95 -15.45 -5.91
N LYS B 258 24.62 -16.74 -5.74
CA LYS B 258 23.24 -17.21 -5.86
C LYS B 258 22.29 -16.56 -4.83
N ASN B 259 22.79 -16.40 -3.61
CA ASN B 259 21.95 -15.96 -2.54
C ASN B 259 21.89 -14.47 -2.40
N THR B 260 22.97 -13.77 -2.80
CA THR B 260 22.91 -12.33 -2.91
C THR B 260 21.84 -11.97 -3.97
N ALA B 261 21.89 -12.66 -5.12
CA ALA B 261 20.87 -12.47 -6.14
C ALA B 261 19.52 -12.74 -5.53
N TRP B 262 19.38 -13.89 -4.88
CA TRP B 262 18.07 -14.31 -4.36
C TRP B 262 17.52 -13.32 -3.35
N GLN B 263 18.36 -12.76 -2.48
CA GLN B 263 17.88 -11.82 -1.45
C GLN B 263 17.51 -10.47 -2.05
N ASN B 264 17.97 -10.21 -3.27
CA ASN B 264 17.64 -8.97 -3.93
C ASN B 264 16.68 -9.13 -5.10
N GLY B 265 15.83 -10.15 -5.05
CA GLY B 265 14.75 -10.27 -6.03
C GLY B 265 15.08 -10.95 -7.35
N LYS B 266 16.29 -11.49 -7.47
CA LYS B 266 16.75 -12.07 -8.76
C LYS B 266 17.01 -13.56 -8.64
N THR B 267 17.40 -14.18 -9.75
CA THR B 267 17.67 -15.61 -9.76
C THR B 267 18.85 -15.89 -10.71
N VAL B 268 19.89 -16.55 -10.18
CA VAL B 268 21.13 -16.71 -10.88
C VAL B 268 21.24 -18.15 -11.37
N THR B 269 21.76 -18.32 -12.56
CA THR B 269 22.18 -19.64 -13.03
C THR B 269 23.63 -19.65 -13.54
N PHE B 270 24.28 -20.78 -13.25
CA PHE B 270 25.66 -21.06 -13.66
C PHE B 270 25.70 -22.08 -14.79
N MET B 271 24.53 -22.36 -15.37
CA MET B 271 24.46 -23.30 -16.46
C MET B 271 25.23 -22.79 -17.68
N PRO B 272 25.84 -23.72 -18.42
CA PRO B 272 26.75 -23.36 -19.54
C PRO B 272 26.09 -22.62 -20.67
N LYS B 273 24.85 -22.94 -20.99
CA LYS B 273 24.19 -22.29 -22.11
C LYS B 273 22.68 -22.06 -21.92
N PRO B 274 22.31 -21.04 -21.14
CA PRO B 274 20.88 -20.80 -20.95
C PRO B 274 20.23 -20.05 -22.11
N LEU B 275 21.02 -19.34 -22.89
CA LEU B 275 20.50 -18.56 -24.02
C LEU B 275 21.05 -19.10 -25.33
N PHE B 276 20.14 -19.30 -26.27
CA PHE B 276 20.48 -19.73 -27.59
C PHE B 276 20.85 -18.48 -28.39
N GLY B 277 22.04 -18.49 -29.00
CA GLY B 277 22.46 -17.38 -29.85
C GLY B 277 23.04 -16.24 -29.03
N ASP B 278 23.41 -16.52 -27.79
CA ASP B 278 24.26 -15.56 -27.05
C ASP B 278 25.33 -16.34 -26.29
N ASN B 279 26.25 -15.64 -25.65
CA ASN B 279 27.38 -16.29 -24.99
C ASN B 279 26.92 -17.24 -23.89
N GLY B 280 27.61 -18.38 -23.84
CA GLY B 280 27.51 -19.28 -22.73
C GLY B 280 28.37 -18.78 -21.60
N SER B 281 28.32 -19.51 -20.51
CA SER B 281 29.02 -19.16 -19.28
C SER B 281 30.09 -20.25 -19.09
N GLY B 282 31.36 -19.85 -19.12
CA GLY B 282 32.46 -20.74 -18.90
C GLY B 282 33.02 -20.64 -17.52
N MET B 283 33.95 -21.53 -17.23
CA MET B 283 34.74 -21.49 -16.04
C MET B 283 36.18 -21.67 -16.46
N HIS B 284 36.77 -20.65 -17.05
CA HIS B 284 38.15 -20.71 -17.47
C HIS B 284 39.01 -20.99 -16.25
N CYS B 285 39.99 -21.87 -16.40
CA CYS B 285 40.89 -22.21 -15.30
C CYS B 285 42.32 -21.88 -15.65
N HIS B 286 42.79 -20.80 -15.05
CA HIS B 286 44.19 -20.43 -15.12
C HIS B 286 44.94 -21.36 -14.20
N GLN B 287 46.04 -21.91 -14.69
CA GLN B 287 46.78 -22.95 -13.98
C GLN B 287 48.29 -22.70 -14.07
N SER B 288 48.97 -22.95 -12.94
CA SER B 288 50.44 -22.90 -12.89
C SER B 288 50.99 -23.78 -11.77
N LEU B 289 52.16 -24.36 -12.03
CA LEU B 289 52.84 -25.23 -11.08
C LEU B 289 54.07 -24.52 -10.52
N TRP B 290 54.26 -24.68 -9.22
CA TRP B 290 55.37 -24.08 -8.50
C TRP B 290 56.05 -25.16 -7.67
N LYS B 291 57.35 -24.99 -7.41
CA LYS B 291 58.11 -25.90 -6.55
C LYS B 291 59.09 -25.12 -5.69
N ASP B 292 59.07 -25.34 -4.39
CA ASP B 292 59.97 -24.67 -3.43
C ASP B 292 59.82 -23.16 -3.45
N GLY B 293 58.59 -22.69 -3.67
CA GLY B 293 58.35 -21.26 -3.74
C GLY B 293 58.80 -20.62 -5.03
N ALA B 294 59.12 -21.41 -6.05
CA ALA B 294 59.52 -20.86 -7.35
C ALA B 294 58.58 -21.33 -8.45
N PRO B 295 58.33 -20.46 -9.45
CA PRO B 295 57.42 -20.82 -10.54
C PRO B 295 58.10 -21.72 -11.54
N LEU B 296 57.34 -22.62 -12.15
CA LEU B 296 57.89 -23.55 -13.14
C LEU B 296 57.50 -23.27 -14.57
N MET B 297 56.55 -22.37 -14.79
CA MET B 297 55.93 -22.27 -16.12
C MET B 297 56.70 -21.40 -17.14
N TYR B 298 57.70 -20.64 -16.68
CA TYR B 298 58.31 -19.59 -17.48
C TYR B 298 59.65 -19.97 -18.12
N ASP B 299 59.80 -19.62 -19.40
CA ASP B 299 61.06 -19.70 -20.13
C ASP B 299 61.03 -18.63 -21.22
N GLU B 300 61.86 -17.62 -21.04
CA GLU B 300 61.91 -16.48 -21.95
C GLU B 300 62.03 -16.88 -23.41
N THR B 301 62.70 -18.00 -23.68
CA THR B 301 62.92 -18.42 -25.05
C THR B 301 61.79 -19.27 -25.66
N GLY B 302 60.83 -19.75 -24.86
CA GLY B 302 59.75 -20.59 -25.41
C GLY B 302 58.69 -19.79 -26.14
N TYR B 303 57.91 -20.46 -26.98
CA TYR B 303 56.75 -19.81 -27.57
C TYR B 303 55.85 -19.33 -26.42
N ALA B 304 55.44 -18.04 -26.45
CA ALA B 304 54.55 -17.47 -25.42
C ALA B 304 55.17 -17.48 -24.01
N GLY B 305 56.50 -17.46 -23.96
CA GLY B 305 57.24 -17.45 -22.71
C GLY B 305 57.09 -18.70 -21.86
N LEU B 306 56.76 -19.82 -22.50
CA LEU B 306 56.44 -21.05 -21.78
C LEU B 306 57.62 -21.99 -21.69
N SER B 307 57.78 -22.58 -20.51
CA SER B 307 58.79 -23.61 -20.31
C SER B 307 58.35 -24.95 -20.89
N ASP B 308 59.30 -25.89 -20.96
CA ASP B 308 58.99 -27.27 -21.32
C ASP B 308 57.92 -27.85 -20.42
N THR B 309 58.03 -27.60 -19.12
CA THR B 309 57.08 -28.16 -18.16
C THR B 309 55.66 -27.63 -18.43
N ALA B 310 55.54 -26.33 -18.69
CA ALA B 310 54.29 -25.72 -19.08
C ALA B 310 53.74 -26.30 -20.40
N ARG B 311 54.62 -26.44 -21.40
CA ARG B 311 54.22 -26.94 -22.73
C ARG B 311 53.71 -28.37 -22.65
N HIS B 312 54.40 -29.19 -21.85
CA HIS B 312 53.97 -30.57 -21.62
C HIS B 312 52.69 -30.69 -20.78
N TYR B 313 52.49 -29.78 -19.85
CA TYR B 313 51.22 -29.74 -19.12
C TYR B 313 50.09 -29.53 -20.15
N ILE B 314 50.25 -28.50 -21.00
CA ILE B 314 49.32 -28.24 -22.09
C ILE B 314 49.15 -29.45 -23.02
N GLY B 315 50.24 -30.12 -23.32
CA GLY B 315 50.15 -31.38 -24.05
C GLY B 315 49.21 -32.39 -23.43
N GLY B 316 49.31 -32.54 -22.10
CA GLY B 316 48.47 -33.44 -21.34
C GLY B 316 47.00 -33.04 -21.41
N LEU B 317 46.70 -31.77 -21.17
CA LEU B 317 45.34 -31.25 -21.31
C LEU B 317 44.72 -31.51 -22.69
N LEU B 318 45.44 -31.19 -23.75
CA LEU B 318 44.89 -31.34 -25.09
C LEU B 318 44.79 -32.81 -25.53
N HIS B 319 45.74 -33.61 -25.10
CA HIS B 319 45.71 -35.03 -25.38
C HIS B 319 44.60 -35.74 -24.62
N HIS B 320 44.41 -35.40 -23.36
CA HIS B 320 43.43 -36.14 -22.56
C HIS B 320 42.02 -35.55 -22.65
N ALA B 321 41.90 -34.40 -23.32
CA ALA B 321 40.63 -33.67 -23.47
C ALA B 321 39.37 -34.53 -23.77
N PRO B 322 39.47 -35.51 -24.67
CA PRO B 322 38.32 -36.35 -25.00
C PRO B 322 37.70 -37.11 -23.83
N SER B 323 38.51 -37.42 -22.81
CA SER B 323 38.01 -38.01 -21.56
C SER B 323 37.94 -37.01 -20.41
N LEU B 324 38.87 -36.07 -20.38
CA LEU B 324 38.93 -35.07 -19.32
C LEU B 324 37.67 -34.20 -19.26
N LEU B 325 37.06 -33.92 -20.42
CA LEU B 325 35.84 -33.11 -20.44
C LEU B 325 34.65 -33.74 -19.70
N ALA B 326 34.70 -35.04 -19.40
CA ALA B 326 33.70 -35.69 -18.53
C ALA B 326 33.65 -35.09 -17.15
N PHE B 327 34.78 -34.53 -16.70
CA PHE B 327 34.82 -33.87 -15.42
C PHE B 327 34.78 -32.34 -15.52
N THR B 328 35.31 -31.77 -16.59
CA THR B 328 35.33 -30.34 -16.72
C THR B 328 34.08 -29.76 -17.45
N ASN B 329 33.40 -30.59 -18.24
CA ASN B 329 32.25 -30.20 -19.06
C ASN B 329 31.19 -31.30 -18.93
N PRO B 330 30.69 -31.48 -17.69
CA PRO B 330 30.06 -32.73 -17.30
C PRO B 330 28.56 -32.87 -17.53
N THR B 331 27.95 -31.94 -18.26
CA THR B 331 26.50 -31.95 -18.45
C THR B 331 26.12 -31.93 -19.91
N VAL B 332 24.86 -32.25 -20.20
CA VAL B 332 24.41 -32.28 -21.58
C VAL B 332 24.46 -30.86 -22.12
N ASN B 333 24.04 -29.91 -21.28
CA ASN B 333 24.02 -28.50 -21.66
C ASN B 333 25.41 -27.93 -21.95
N SER B 334 26.44 -28.49 -21.33
CA SER B 334 27.83 -28.13 -21.63
C SER B 334 28.12 -28.06 -23.11
N TYR B 335 27.60 -29.01 -23.86
CA TYR B 335 27.97 -29.17 -25.27
C TYR B 335 27.22 -28.18 -26.16
N LYS B 336 26.24 -27.48 -25.59
CA LYS B 336 25.59 -26.37 -26.31
C LYS B 336 26.46 -25.13 -26.30
N ARG B 337 27.37 -25.06 -25.32
CA ARG B 337 28.29 -23.98 -25.27
C ARG B 337 29.41 -24.19 -26.25
N LEU B 338 29.85 -25.43 -26.45
CA LEU B 338 31.05 -25.68 -27.27
C LEU B 338 30.71 -25.68 -28.79
N VAL B 339 30.29 -24.51 -29.25
CA VAL B 339 29.89 -24.22 -30.61
C VAL B 339 30.52 -22.89 -31.02
N PRO B 340 30.80 -22.69 -32.31
CA PRO B 340 31.58 -21.52 -32.72
C PRO B 340 30.88 -20.17 -32.60
N GLY B 341 31.65 -19.13 -32.31
CA GLY B 341 31.16 -17.74 -32.37
C GLY B 341 30.99 -17.02 -31.03
N TYR B 342 31.33 -17.67 -29.92
CA TYR B 342 30.96 -17.20 -28.58
C TYR B 342 32.11 -17.21 -27.58
N GLU B 343 33.33 -17.09 -28.10
CA GLU B 343 34.55 -17.11 -27.30
C GLU B 343 34.72 -18.35 -26.41
N ALA B 344 34.11 -19.47 -26.81
CA ALA B 344 34.40 -20.77 -26.19
C ALA B 344 35.04 -21.69 -27.24
N PRO B 345 35.79 -22.72 -26.79
CA PRO B 345 36.59 -23.57 -27.71
C PRO B 345 35.74 -24.48 -28.56
N ILE B 346 36.20 -24.71 -29.79
CA ILE B 346 35.60 -25.73 -30.69
C ILE B 346 36.65 -26.73 -31.21
N ASN B 347 37.91 -26.58 -30.80
CA ASN B 347 38.94 -27.52 -31.21
C ASN B 347 40.11 -27.47 -30.26
N LEU B 348 41.06 -28.40 -30.40
CA LEU B 348 42.02 -28.65 -29.32
C LEU B 348 43.35 -28.02 -29.63
N VAL B 349 43.42 -26.70 -29.54
CA VAL B 349 44.66 -25.98 -29.81
C VAL B 349 45.00 -25.02 -28.69
N TYR B 350 46.28 -24.69 -28.59
CA TYR B 350 46.69 -23.60 -27.72
C TYR B 350 47.23 -22.46 -28.56
N SER B 351 47.16 -21.26 -28.00
CA SER B 351 47.52 -20.05 -28.69
C SER B 351 47.56 -18.86 -27.73
N GLN B 352 48.63 -18.08 -27.82
CA GLN B 352 48.70 -16.85 -27.04
C GLN B 352 47.66 -15.81 -27.53
N ARG B 353 47.13 -15.08 -26.55
CA ARG B 353 46.21 -14.00 -26.81
C ARG B 353 44.86 -14.41 -27.44
N ASN B 354 44.62 -15.72 -27.56
CA ASN B 354 43.58 -16.20 -28.45
C ASN B 354 42.34 -16.74 -27.71
N ARG B 355 41.29 -15.92 -27.72
CA ARG B 355 40.01 -16.27 -27.07
C ARG B 355 39.13 -17.24 -27.87
N SER B 356 39.60 -17.66 -29.05
CA SER B 356 38.92 -18.72 -29.79
C SER B 356 39.53 -20.12 -29.54
N ALA B 357 40.64 -20.15 -28.80
CA ALA B 357 41.39 -21.39 -28.52
C ALA B 357 40.95 -22.15 -27.26
N CYS B 358 41.38 -23.41 -27.17
CA CYS B 358 41.10 -24.24 -26.02
C CYS B 358 41.96 -23.85 -24.81
N VAL B 359 43.21 -23.56 -25.11
CA VAL B 359 44.14 -23.02 -24.14
C VAL B 359 44.65 -21.70 -24.68
N ARG B 360 44.38 -20.62 -23.96
CA ARG B 360 44.96 -19.33 -24.26
C ARG B 360 46.10 -19.08 -23.29
N ILE B 361 47.14 -18.44 -23.77
CA ILE B 361 48.21 -17.95 -22.88
C ILE B 361 48.00 -16.45 -22.79
N PRO B 362 47.57 -15.97 -21.59
CA PRO B 362 47.32 -14.54 -21.48
C PRO B 362 48.64 -13.79 -21.56
N ILE B 363 48.60 -12.55 -22.04
CA ILE B 363 49.82 -11.78 -22.21
C ILE B 363 50.20 -11.18 -20.86
N THR B 364 51.30 -11.67 -20.30
CA THR B 364 51.68 -11.30 -18.95
C THR B 364 53.09 -10.71 -18.86
N GLY B 365 53.71 -10.39 -19.98
CA GLY B 365 55.05 -9.80 -19.95
C GLY B 365 56.07 -10.78 -19.39
N SER B 366 57.16 -10.28 -18.81
CA SER B 366 58.33 -11.12 -18.56
C SER B 366 58.49 -11.55 -17.11
N ASN B 367 57.55 -11.16 -16.23
CA ASN B 367 57.52 -11.65 -14.86
C ASN B 367 57.27 -13.15 -14.88
N PRO B 368 58.25 -13.96 -14.40
CA PRO B 368 58.10 -15.41 -14.41
C PRO B 368 56.99 -15.93 -13.50
N LYS B 369 56.65 -15.15 -12.47
CA LYS B 369 55.61 -15.54 -11.50
C LYS B 369 54.19 -15.31 -12.00
N ALA B 370 54.03 -14.70 -13.17
CA ALA B 370 52.69 -14.46 -13.73
C ALA B 370 52.38 -15.41 -14.87
N LYS B 371 53.37 -16.15 -15.33
CA LYS B 371 53.24 -16.97 -16.52
C LYS B 371 52.34 -18.16 -16.21
N ARG B 372 51.29 -18.32 -17.02
CA ARG B 372 50.32 -19.37 -16.76
C ARG B 372 49.59 -19.73 -18.04
N LEU B 373 48.86 -20.83 -18.00
CA LEU B 373 47.94 -21.18 -19.09
C LEU B 373 46.50 -20.98 -18.62
N GLU B 374 45.63 -20.63 -19.56
CA GLU B 374 44.19 -20.54 -19.31
C GLU B 374 43.50 -21.62 -20.12
N PHE B 375 42.97 -22.59 -19.41
CA PHE B 375 42.22 -23.67 -20.02
C PHE B 375 40.78 -23.16 -20.07
N ARG B 376 40.29 -22.92 -21.30
CA ARG B 376 39.02 -22.22 -21.52
C ARG B 376 37.83 -23.13 -21.73
N SER B 377 38.08 -24.40 -21.99
CA SER B 377 36.99 -25.37 -22.12
C SER B 377 36.04 -25.56 -20.91
N PRO B 378 36.55 -25.57 -19.65
CA PRO B 378 35.64 -25.97 -18.57
C PRO B 378 34.47 -24.99 -18.36
N ASP B 379 33.40 -25.50 -17.77
CA ASP B 379 32.28 -24.68 -17.32
C ASP B 379 31.98 -24.98 -15.87
N SER B 380 30.97 -24.30 -15.34
CA SER B 380 30.58 -24.38 -13.91
C SER B 380 29.48 -25.38 -13.58
N SER B 381 29.14 -26.26 -14.51
CA SER B 381 27.98 -27.13 -14.35
C SER B 381 28.22 -28.41 -13.58
N GLY B 382 29.43 -28.59 -13.05
CA GLY B 382 29.75 -29.79 -12.32
C GLY B 382 30.40 -29.56 -10.97
N ASN B 383 31.55 -30.20 -10.80
CA ASN B 383 32.17 -30.31 -9.48
C ASN B 383 33.58 -29.80 -9.53
N PRO B 384 33.87 -28.70 -8.82
CA PRO B 384 35.16 -28.08 -8.95
C PRO B 384 36.31 -28.89 -8.34
N TYR B 385 36.03 -29.59 -7.22
CA TYR B 385 37.00 -30.48 -6.65
C TYR B 385 37.46 -31.52 -7.69
N LEU B 386 36.53 -32.14 -8.40
CA LEU B 386 36.86 -33.17 -9.40
C LEU B 386 37.43 -32.57 -10.67
N ALA B 387 36.88 -31.43 -11.11
CA ALA B 387 37.42 -30.77 -12.33
C ALA B 387 38.87 -30.33 -12.17
N PHE B 388 39.19 -29.63 -11.08
CA PHE B 388 40.54 -29.15 -10.89
C PHE B 388 41.50 -30.34 -10.75
N SER B 389 41.09 -31.37 -10.01
CA SER B 389 41.90 -32.56 -9.80
C SER B 389 42.14 -33.25 -11.12
N ALA B 390 41.07 -33.39 -11.93
CA ALA B 390 41.20 -34.07 -13.18
C ALA B 390 42.12 -33.32 -14.16
N MET B 391 42.05 -31.98 -14.17
CA MET B 391 42.94 -31.17 -15.00
C MET B 391 44.42 -31.35 -14.57
N LEU B 392 44.64 -31.42 -13.27
CA LEU B 392 45.98 -31.58 -12.73
C LEU B 392 46.52 -32.93 -13.20
N MET B 393 45.75 -34.00 -13.00
CA MET B 393 46.15 -35.35 -13.40
C MET B 393 46.46 -35.41 -14.91
N ALA B 394 45.63 -34.77 -15.72
CA ALA B 394 45.92 -34.68 -17.16
C ALA B 394 47.27 -34.00 -17.47
N GLY B 395 47.52 -32.85 -16.85
CA GLY B 395 48.73 -32.09 -17.07
C GLY B 395 49.97 -32.85 -16.56
N LEU B 396 49.81 -33.54 -15.43
CA LEU B 396 50.93 -34.27 -14.84
C LEU B 396 51.30 -35.47 -15.67
N ASP B 397 50.30 -36.07 -16.32
CA ASP B 397 50.55 -37.16 -17.25
C ASP B 397 51.34 -36.60 -18.45
N GLY B 398 50.98 -35.39 -18.89
CA GLY B 398 51.68 -34.71 -19.97
C GLY B 398 53.14 -34.43 -19.66
N ILE B 399 53.42 -34.04 -18.42
CA ILE B 399 54.79 -33.75 -18.01
C ILE B 399 55.59 -35.06 -17.95
N LYS B 400 55.00 -36.09 -17.37
CA LYS B 400 55.70 -37.34 -17.14
C LYS B 400 56.03 -38.04 -18.45
N ASN B 401 55.12 -37.96 -19.42
CA ASN B 401 55.36 -38.56 -20.72
C ASN B 401 55.88 -37.55 -21.75
N LYS B 402 56.12 -36.31 -21.31
CA LYS B 402 56.59 -35.24 -22.21
C LYS B 402 55.75 -35.17 -23.49
N ILE B 403 54.44 -35.06 -23.32
CA ILE B 403 53.54 -34.98 -24.46
C ILE B 403 53.68 -33.60 -25.12
N GLU B 404 54.03 -33.59 -26.40
CA GLU B 404 54.17 -32.36 -27.15
C GLU B 404 52.82 -31.97 -27.72
N PRO B 405 52.35 -30.76 -27.44
CA PRO B 405 51.08 -30.37 -28.05
C PRO B 405 51.29 -30.11 -29.53
N GLN B 406 50.25 -30.18 -30.33
CA GLN B 406 50.43 -29.72 -31.70
C GLN B 406 50.71 -28.23 -31.69
N ALA B 407 51.46 -27.78 -32.70
CA ALA B 407 51.89 -26.40 -32.81
C ALA B 407 50.73 -25.45 -32.57
N PRO B 408 51.00 -24.32 -31.93
CA PRO B 408 49.96 -23.30 -31.69
C PRO B 408 49.41 -22.74 -33.00
N VAL B 409 48.13 -22.39 -33.03
CA VAL B 409 47.55 -21.78 -34.22
C VAL B 409 47.05 -20.37 -33.84
N ASP B 410 47.79 -19.34 -34.27
CA ASP B 410 47.49 -17.96 -33.89
C ASP B 410 46.59 -17.29 -34.93
N LYS B 411 45.35 -17.80 -35.00
CA LYS B 411 44.34 -17.36 -35.96
C LYS B 411 42.94 -17.45 -35.32
N ASP B 412 41.97 -16.73 -35.88
CA ASP B 412 40.57 -16.90 -35.47
C ASP B 412 40.13 -18.34 -35.85
N LEU B 413 40.01 -19.17 -34.82
CA LEU B 413 39.79 -20.59 -35.01
C LEU B 413 38.38 -20.93 -35.49
N TYR B 414 37.45 -20.00 -35.38
CA TYR B 414 36.10 -20.20 -35.95
C TYR B 414 36.06 -19.99 -37.46
N GLU B 415 37.08 -19.36 -38.02
CA GLU B 415 37.10 -18.94 -39.43
C GLU B 415 38.16 -19.64 -40.29
N LEU B 416 38.79 -20.71 -39.81
CA LEU B 416 39.81 -21.41 -40.59
C LEU B 416 39.22 -21.97 -41.88
N PRO B 417 40.01 -22.04 -42.97
CA PRO B 417 39.55 -22.75 -44.18
C PRO B 417 39.22 -24.22 -43.88
N PRO B 418 38.30 -24.84 -44.66
CA PRO B 418 37.86 -26.20 -44.29
C PRO B 418 39.00 -27.24 -44.18
N GLU B 419 39.92 -27.23 -45.13
CA GLU B 419 41.02 -28.21 -45.12
C GLU B 419 41.92 -27.98 -43.91
N GLU B 420 42.16 -26.72 -43.55
CA GLU B 420 42.94 -26.41 -42.37
C GLU B 420 42.18 -26.83 -41.08
N ALA B 421 40.90 -26.50 -41.06
CA ALA B 421 40.01 -26.81 -39.93
C ALA B 421 39.90 -28.31 -39.67
N ALA B 422 39.72 -29.08 -40.73
CA ALA B 422 39.58 -30.54 -40.64
C ALA B 422 40.85 -31.21 -40.11
N SER B 423 42.00 -30.55 -40.25
CA SER B 423 43.28 -31.10 -39.80
C SER B 423 43.57 -30.90 -38.31
N ILE B 424 42.66 -30.25 -37.58
CA ILE B 424 42.84 -30.00 -36.15
C ILE B 424 41.77 -30.77 -35.38
N PRO B 425 42.17 -31.53 -34.32
CA PRO B 425 41.14 -32.26 -33.55
C PRO B 425 40.08 -31.33 -32.93
N GLN B 426 38.83 -31.75 -33.04
CA GLN B 426 37.70 -30.98 -32.58
C GLN B 426 37.45 -31.29 -31.10
N THR B 427 36.80 -30.35 -30.41
CA THR B 427 36.22 -30.65 -29.10
C THR B 427 35.13 -31.73 -29.30
N PRO B 428 34.81 -32.48 -28.24
CA PRO B 428 33.73 -33.45 -28.32
C PRO B 428 32.38 -32.78 -28.55
N THR B 429 31.50 -33.50 -29.21
CA THR B 429 30.19 -33.01 -29.66
C THR B 429 29.15 -33.09 -28.58
N GLN B 430 29.20 -34.14 -27.76
CA GLN B 430 28.15 -34.37 -26.76
C GLN B 430 28.68 -35.13 -25.57
N LEU B 431 27.96 -35.02 -24.45
CA LEU B 431 28.38 -35.66 -23.22
C LEU B 431 28.61 -37.16 -23.40
N SER B 432 27.70 -37.86 -24.09
CA SER B 432 27.84 -39.31 -24.17
C SER B 432 29.16 -39.73 -24.83
N ASP B 433 29.72 -38.89 -25.70
CA ASP B 433 31.00 -39.18 -26.31
C ASP B 433 32.13 -39.08 -25.29
N VAL B 434 32.13 -38.06 -24.44
CA VAL B 434 33.21 -37.95 -23.46
C VAL B 434 33.08 -39.02 -22.37
N ILE B 435 31.85 -39.33 -21.98
CA ILE B 435 31.64 -40.43 -21.00
C ILE B 435 32.13 -41.80 -21.54
N ASP B 436 31.77 -42.12 -22.78
CA ASP B 436 32.27 -43.32 -23.49
C ASP B 436 33.80 -43.36 -23.48
N ARG B 437 34.41 -42.22 -23.82
CA ARG B 437 35.85 -42.10 -23.84
C ARG B 437 36.51 -42.23 -22.44
N LEU B 438 35.89 -41.64 -21.43
CA LEU B 438 36.37 -41.79 -20.05
C LEU B 438 36.35 -43.27 -19.62
N GLU B 439 35.29 -43.96 -19.97
CA GLU B 439 35.13 -45.36 -19.66
C GLU B 439 36.24 -46.19 -20.29
N ALA B 440 36.62 -45.84 -21.51
CA ALA B 440 37.60 -46.57 -22.29
C ALA B 440 39.00 -46.24 -21.81
N ASP B 441 39.24 -45.01 -21.39
CA ASP B 441 40.58 -44.63 -20.96
C ASP B 441 40.65 -43.63 -19.83
N HIS B 442 40.93 -44.12 -18.64
CA HIS B 442 41.00 -43.23 -17.49
C HIS B 442 42.25 -43.47 -16.66
N GLU B 443 43.26 -44.11 -17.21
CA GLU B 443 44.39 -44.48 -16.38
C GLU B 443 45.12 -43.28 -15.79
N TYR B 444 45.29 -42.21 -16.56
CA TYR B 444 45.93 -41.00 -16.02
C TYR B 444 45.28 -40.48 -14.74
N LEU B 445 43.98 -40.71 -14.60
CA LEU B 445 43.23 -40.21 -13.42
C LEU B 445 43.42 -41.10 -12.19
N THR B 446 43.58 -42.41 -12.41
CA THR B 446 43.74 -43.38 -11.31
C THR B 446 45.15 -43.43 -10.76
N GLU B 447 46.09 -42.82 -11.46
CA GLU B 447 47.47 -42.74 -10.99
C GLU B 447 47.55 -42.25 -9.56
N GLY B 448 48.33 -42.97 -8.74
CA GLY B 448 48.45 -42.65 -7.33
C GLY B 448 47.16 -42.86 -6.55
N GLY B 449 46.15 -43.47 -7.15
CA GLY B 449 44.87 -43.59 -6.48
C GLY B 449 44.13 -42.28 -6.24
N VAL B 450 44.47 -41.25 -7.01
CA VAL B 450 43.76 -39.95 -6.89
C VAL B 450 42.28 -40.14 -7.23
N PHE B 451 41.98 -40.59 -8.44
CA PHE B 451 40.65 -41.09 -8.75
C PHE B 451 40.65 -42.62 -8.63
N THR B 452 39.62 -43.20 -8.06
CA THR B 452 39.53 -44.65 -7.99
C THR B 452 38.46 -45.15 -8.94
N ASN B 453 38.52 -46.43 -9.28
CA ASN B 453 37.57 -47.02 -10.22
C ASN B 453 36.11 -46.88 -9.82
N ASP B 454 35.83 -46.94 -8.51
CA ASP B 454 34.47 -46.82 -8.03
C ASP B 454 33.92 -45.41 -8.23
N LEU B 455 34.78 -44.39 -8.15
CA LEU B 455 34.33 -43.01 -8.41
C LEU B 455 34.04 -42.85 -9.92
N ILE B 456 34.99 -43.31 -10.74
CA ILE B 456 34.84 -43.24 -12.19
C ILE B 456 33.59 -43.98 -12.69
N GLU B 457 33.32 -45.16 -12.14
CA GLU B 457 32.21 -45.96 -12.58
C GLU B 457 30.88 -45.37 -12.12
N THR B 458 30.88 -44.80 -10.94
CA THR B 458 29.68 -44.15 -10.39
C THR B 458 29.32 -42.90 -11.19
N TRP B 459 30.36 -42.18 -11.63
CA TRP B 459 30.20 -40.94 -12.43
C TRP B 459 29.57 -41.27 -13.76
N ILE B 460 30.12 -42.31 -14.41
CA ILE B 460 29.67 -42.75 -15.73
C ILE B 460 28.24 -43.20 -15.67
N SER B 461 27.93 -44.00 -14.67
CA SER B 461 26.58 -44.51 -14.52
C SER B 461 25.59 -43.38 -14.16
N PHE B 462 25.98 -42.50 -13.25
CA PHE B 462 25.13 -41.34 -12.91
C PHE B 462 24.76 -40.52 -14.15
N LYS B 463 25.76 -40.15 -14.94
CA LYS B 463 25.53 -39.33 -16.13
C LYS B 463 24.67 -40.02 -17.16
N ARG B 464 24.88 -41.32 -17.37
CA ARG B 464 24.10 -42.07 -18.33
C ARG B 464 22.64 -42.19 -17.90
N GLU B 465 22.41 -42.58 -16.66
CA GLU B 465 21.09 -42.83 -16.16
C GLU B 465 20.28 -41.58 -15.84
N ASN B 466 20.92 -40.53 -15.35
CA ASN B 466 20.19 -39.37 -14.79
C ASN B 466 20.18 -38.14 -15.68
N GLU B 467 21.00 -38.14 -16.72
CA GLU B 467 21.17 -36.99 -17.61
C GLU B 467 21.06 -37.36 -19.10
N ILE B 468 21.97 -38.21 -19.57
CA ILE B 468 22.07 -38.50 -21.02
C ILE B 468 20.81 -39.18 -21.54
N GLU B 469 20.41 -40.27 -20.90
CA GLU B 469 19.23 -41.01 -21.34
C GLU B 469 17.93 -40.20 -21.18
N PRO B 470 17.73 -39.53 -20.02
CA PRO B 470 16.52 -38.70 -19.92
C PRO B 470 16.34 -37.58 -20.94
N VAL B 471 17.41 -36.89 -21.32
CA VAL B 471 17.32 -35.92 -22.40
C VAL B 471 17.12 -36.61 -23.76
N ASN B 472 17.75 -37.78 -23.96
CA ASN B 472 17.66 -38.48 -25.27
C ASN B 472 16.29 -38.98 -25.62
N ILE B 473 15.51 -39.35 -24.63
CA ILE B 473 14.22 -39.96 -24.87
C ILE B 473 13.06 -38.95 -24.96
N ARG B 474 13.33 -37.69 -24.59
CA ARG B 474 12.32 -36.61 -24.67
C ARG B 474 12.40 -35.83 -26.02
N PRO B 475 11.32 -35.80 -26.78
CA PRO B 475 11.31 -34.95 -27.98
C PRO B 475 11.70 -33.49 -27.67
N HIS B 476 12.49 -32.89 -28.56
CA HIS B 476 12.98 -31.52 -28.43
C HIS B 476 11.96 -30.63 -29.17
N PRO B 477 11.64 -29.44 -28.61
CA PRO B 477 10.67 -28.58 -29.29
C PRO B 477 10.99 -28.32 -30.76
N TYR B 478 12.28 -28.21 -31.09
CA TYR B 478 12.64 -27.89 -32.45
C TYR B 478 12.35 -29.04 -33.42
N GLU B 479 12.20 -30.26 -32.89
CA GLU B 479 11.74 -31.40 -33.71
C GLU B 479 10.32 -31.21 -34.23
N PHE B 480 9.51 -30.45 -33.52
CA PHE B 480 8.16 -30.15 -34.00
C PHE B 480 8.22 -29.11 -35.11
N ALA B 481 9.13 -28.14 -34.93
CA ALA B 481 9.41 -27.15 -35.98
C ALA B 481 9.86 -27.83 -37.28
N LEU B 482 10.74 -28.83 -37.16
CA LEU B 482 11.27 -29.55 -38.31
C LEU B 482 10.30 -30.60 -38.85
N TYR B 483 9.54 -31.27 -37.99
CA TYR B 483 8.95 -32.53 -38.41
C TYR B 483 7.46 -32.71 -38.28
N TYR B 484 6.74 -31.76 -37.67
CA TYR B 484 5.29 -32.00 -37.47
C TYR B 484 4.58 -32.33 -38.80
N ASP B 485 5.00 -31.63 -39.85
CA ASP B 485 4.32 -31.73 -41.12
C ASP B 485 4.96 -32.74 -42.08
N VAL B 486 5.74 -33.70 -41.58
CA VAL B 486 6.42 -34.67 -42.46
C VAL B 486 5.47 -35.59 -43.25
N LYS C 12 10.57 -30.46 39.48
CA LYS C 12 10.05 -29.13 39.90
C LYS C 12 8.82 -29.29 40.80
N THR C 13 8.70 -28.42 41.81
CA THR C 13 7.57 -28.43 42.74
C THR C 13 6.51 -27.40 42.31
N PRO C 14 5.36 -27.40 42.99
CA PRO C 14 4.38 -26.35 42.79
C PRO C 14 4.94 -24.97 43.04
N ASP C 15 5.70 -24.80 44.13
CA ASP C 15 6.31 -23.52 44.45
C ASP C 15 7.26 -23.05 43.35
N ASP C 16 8.03 -23.96 42.74
CA ASP C 16 8.87 -23.55 41.59
C ASP C 16 8.01 -22.98 40.44
N VAL C 17 6.83 -23.52 40.24
CA VAL C 17 5.96 -23.10 39.14
C VAL C 17 5.33 -21.74 39.46
N PHE C 18 4.89 -21.55 40.70
CA PHE C 18 4.39 -20.25 41.15
C PHE C 18 5.46 -19.17 41.02
N LYS C 19 6.71 -19.50 41.36
CA LYS C 19 7.80 -18.55 41.24
C LYS C 19 8.10 -18.18 39.79
N LEU C 20 8.08 -19.17 38.90
CA LEU C 20 8.28 -18.94 37.46
C LEU C 20 7.23 -17.95 36.96
N ALA C 21 5.97 -18.22 37.30
CA ALA C 21 4.86 -17.39 36.86
C ALA C 21 5.05 -15.95 37.32
N LYS C 22 5.39 -15.77 38.59
CA LYS C 22 5.58 -14.43 39.12
C LYS C 22 6.78 -13.76 38.43
N ASP C 23 7.91 -14.46 38.37
CA ASP C 23 9.12 -13.89 37.76
C ASP C 23 8.96 -13.57 36.28
N GLU C 24 8.12 -14.32 35.58
CA GLU C 24 7.92 -14.09 34.16
C GLU C 24 6.77 -13.12 33.89
N LYS C 25 6.14 -12.61 34.94
CA LYS C 25 5.02 -11.66 34.80
C LYS C 25 3.92 -12.24 33.92
N VAL C 26 3.65 -13.52 34.13
CA VAL C 26 2.65 -14.25 33.40
C VAL C 26 1.22 -13.67 33.63
N GLU C 27 0.47 -13.48 32.55
CA GLU C 27 -0.91 -13.02 32.62
C GLU C 27 -1.94 -14.15 32.62
N TYR C 28 -1.64 -15.23 31.91
CA TYR C 28 -2.58 -16.34 31.75
C TYR C 28 -1.83 -17.67 31.87
N VAL C 29 -2.51 -18.69 32.38
CA VAL C 29 -2.02 -20.06 32.45
C VAL C 29 -2.90 -20.89 31.54
N ASP C 30 -2.26 -21.65 30.64
CA ASP C 30 -2.96 -22.49 29.68
C ASP C 30 -2.87 -23.94 30.20
N VAL C 31 -4.04 -24.46 30.54
CA VAL C 31 -4.22 -25.79 31.11
C VAL C 31 -4.36 -26.77 29.94
N ARG C 32 -3.43 -27.73 29.83
CA ARG C 32 -3.42 -28.67 28.72
C ARG C 32 -3.47 -30.13 29.14
N PHE C 33 -4.14 -30.94 28.32
CA PHE C 33 -4.13 -32.36 28.49
C PHE C 33 -4.33 -33.00 27.12
N CYS C 34 -4.11 -34.32 27.04
CA CYS C 34 -4.15 -35.05 25.75
C CYS C 34 -5.45 -35.79 25.56
N ASP C 35 -6.10 -35.62 24.40
CA ASP C 35 -7.21 -36.52 24.08
C ASP C 35 -6.68 -37.89 23.68
N LEU C 36 -7.57 -38.84 23.42
CA LEU C 36 -7.11 -40.22 23.19
C LEU C 36 -6.40 -40.40 21.85
N PRO C 37 -6.97 -39.83 20.78
CA PRO C 37 -6.25 -39.95 19.49
C PRO C 37 -4.86 -39.31 19.44
N GLY C 38 -4.61 -38.24 20.21
CA GLY C 38 -3.30 -37.64 20.28
C GLY C 38 -3.14 -36.14 20.06
N ILE C 39 -4.24 -35.38 20.06
CA ILE C 39 -4.22 -33.91 19.99
C ILE C 39 -4.32 -33.30 21.39
N MET C 40 -3.45 -32.36 21.71
CA MET C 40 -3.52 -31.64 22.96
C MET C 40 -4.71 -30.69 22.97
N GLN C 41 -5.29 -30.58 24.16
CA GLN C 41 -6.51 -29.85 24.44
C GLN C 41 -6.13 -28.74 25.40
N HIS C 42 -6.90 -27.64 25.44
CA HIS C 42 -6.57 -26.55 26.36
C HIS C 42 -7.72 -25.59 26.69
N PHE C 43 -7.64 -24.98 27.87
CA PHE C 43 -8.39 -23.81 28.21
C PHE C 43 -7.45 -22.92 28.99
N THR C 44 -7.84 -21.66 29.15
CA THR C 44 -6.98 -20.67 29.75
C THR C 44 -7.62 -20.15 31.05
N ILE C 45 -6.80 -19.93 32.07
CA ILE C 45 -7.23 -19.28 33.30
C ILE C 45 -6.35 -18.06 33.55
N PRO C 46 -6.90 -17.04 34.21
CA PRO C 46 -6.05 -15.91 34.52
C PRO C 46 -5.03 -16.29 35.56
N ALA C 47 -3.89 -15.61 35.52
CA ALA C 47 -2.84 -15.75 36.57
C ALA C 47 -3.44 -15.58 37.95
N SER C 48 -4.40 -14.67 38.09
CA SER C 48 -5.07 -14.48 39.39
C SER C 48 -5.80 -15.75 39.92
N ALA C 49 -6.09 -16.72 39.04
CA ALA C 49 -6.79 -17.95 39.44
C ALA C 49 -5.85 -19.14 39.57
N PHE C 50 -4.56 -18.91 39.36
CA PHE C 50 -3.58 -19.97 39.42
C PHE C 50 -2.98 -19.90 40.81
N ASP C 51 -3.51 -20.74 41.70
CA ASP C 51 -3.14 -20.73 43.13
C ASP C 51 -3.06 -22.18 43.62
N LYS C 52 -2.90 -22.37 44.92
CA LYS C 52 -2.70 -23.71 45.49
C LYS C 52 -3.86 -24.65 45.24
N SER C 53 -5.06 -24.09 45.19
CA SER C 53 -6.29 -24.83 44.92
C SER C 53 -6.22 -25.61 43.60
N VAL C 54 -5.54 -25.04 42.61
CA VAL C 54 -5.38 -25.73 41.34
C VAL C 54 -4.62 -27.05 41.55
N PHE C 55 -3.57 -27.00 42.38
CA PHE C 55 -2.82 -28.21 42.73
C PHE C 55 -3.56 -29.17 43.65
N ASP C 56 -4.26 -28.63 44.65
CA ASP C 56 -4.97 -29.43 45.65
C ASP C 56 -6.28 -30.00 45.15
N ASP C 57 -7.08 -29.20 44.46
CA ASP C 57 -8.45 -29.59 44.07
C ASP C 57 -8.58 -29.92 42.59
N GLY C 58 -7.71 -29.36 41.76
CA GLY C 58 -7.81 -29.53 40.31
C GLY C 58 -8.86 -28.66 39.66
N LEU C 59 -9.04 -28.86 38.36
CA LEU C 59 -9.95 -28.06 37.52
C LEU C 59 -10.86 -29.01 36.74
N ALA C 60 -12.05 -28.56 36.41
CA ALA C 60 -13.05 -29.37 35.75
C ALA C 60 -13.06 -29.15 34.23
N PHE C 61 -13.55 -30.14 33.49
CA PHE C 61 -13.83 -29.99 32.08
C PHE C 61 -14.94 -30.95 31.66
N ASP C 62 -15.39 -30.81 30.41
CA ASP C 62 -16.40 -31.68 29.81
C ASP C 62 -15.73 -32.87 29.14
N GLY C 63 -15.62 -33.98 29.87
CA GLY C 63 -15.09 -35.20 29.32
C GLY C 63 -15.88 -35.79 28.16
N SER C 64 -17.12 -35.36 27.96
CA SER C 64 -17.94 -35.83 26.84
C SER C 64 -17.66 -35.12 25.51
N SER C 65 -16.96 -33.98 25.52
CA SER C 65 -16.52 -33.33 24.27
C SER C 65 -15.12 -33.73 23.82
N ILE C 66 -14.47 -34.62 24.58
CA ILE C 66 -13.13 -35.06 24.26
C ILE C 66 -13.18 -36.48 23.71
N ARG C 67 -12.49 -36.69 22.58
CA ARG C 67 -12.52 -37.99 21.93
C ARG C 67 -11.87 -39.10 22.74
N GLY C 68 -12.61 -40.20 22.85
CA GLY C 68 -12.19 -41.36 23.59
C GLY C 68 -12.39 -41.28 25.11
N PHE C 69 -13.01 -40.21 25.61
CA PHE C 69 -13.18 -40.01 27.04
C PHE C 69 -14.60 -40.47 27.46
N GLN C 70 -15.45 -39.54 27.91
CA GLN C 70 -16.70 -39.92 28.60
C GLN C 70 -17.91 -39.78 27.75
N SER C 71 -18.97 -40.43 28.20
CA SER C 71 -20.27 -40.20 27.66
C SER C 71 -20.87 -38.96 28.35
N ILE C 72 -21.93 -38.45 27.73
CA ILE C 72 -22.56 -37.19 28.15
C ILE C 72 -23.16 -37.22 29.57
N HIS C 73 -23.68 -38.37 29.98
CA HIS C 73 -24.30 -38.49 31.31
C HIS C 73 -23.27 -38.70 32.42
N GLU C 74 -22.04 -38.98 32.02
CA GLU C 74 -20.92 -39.06 32.94
C GLU C 74 -19.82 -38.10 32.53
N SER C 75 -20.20 -36.88 32.16
CA SER C 75 -19.30 -35.95 31.44
C SER C 75 -18.21 -35.33 32.31
N ASP C 76 -18.56 -34.82 33.49
CA ASP C 76 -17.59 -34.09 34.30
C ASP C 76 -16.34 -34.95 34.56
N MET C 77 -15.16 -34.35 34.37
CA MET C 77 -13.90 -34.96 34.73
C MET C 77 -13.04 -33.89 35.38
N LEU C 78 -11.97 -34.33 36.03
CA LEU C 78 -11.09 -33.47 36.80
C LEU C 78 -9.68 -33.50 36.22
N LEU C 79 -8.93 -32.43 36.42
CA LEU C 79 -7.53 -32.35 35.97
C LEU C 79 -6.65 -31.88 37.10
N LEU C 80 -5.46 -32.49 37.21
CA LEU C 80 -4.44 -32.13 38.21
C LEU C 80 -3.10 -31.86 37.51
N PRO C 81 -2.38 -30.78 37.91
CA PRO C 81 -1.18 -30.34 37.18
C PRO C 81 0.03 -31.22 37.37
N ASP C 82 0.87 -31.23 36.33
CA ASP C 82 2.20 -31.82 36.34
C ASP C 82 3.21 -30.68 36.25
N PRO C 83 3.78 -30.29 37.40
CA PRO C 83 4.69 -29.12 37.40
C PRO C 83 5.99 -29.22 36.57
N GLU C 84 6.37 -30.43 36.18
CA GLU C 84 7.57 -30.63 35.37
C GLU C 84 7.36 -30.09 33.96
N THR C 85 6.10 -29.88 33.58
CA THR C 85 5.77 -29.51 32.20
C THR C 85 5.56 -28.02 31.99
N ALA C 86 5.71 -27.21 33.03
CA ALA C 86 5.45 -25.78 32.90
C ALA C 86 6.51 -25.09 31.99
N ARG C 87 6.05 -24.42 30.94
CA ARG C 87 6.92 -23.65 30.04
C ARG C 87 6.20 -22.40 29.58
N ILE C 88 6.96 -21.34 29.31
CA ILE C 88 6.41 -20.11 28.76
C ILE C 88 6.04 -20.35 27.27
N ASP C 89 4.84 -19.90 26.91
CA ASP C 89 4.37 -20.00 25.55
C ASP C 89 5.13 -19.01 24.66
N PRO C 90 5.72 -19.48 23.57
CA PRO C 90 6.49 -18.59 22.69
C PRO C 90 5.66 -17.69 21.75
N PHE C 91 4.35 -17.91 21.66
CA PHE C 91 3.53 -17.30 20.60
C PHE C 91 2.57 -16.21 21.06
N ARG C 92 2.03 -16.34 22.27
CA ARG C 92 0.93 -15.49 22.70
C ARG C 92 1.38 -14.14 23.21
N ALA C 93 0.75 -13.09 22.66
CA ALA C 93 1.13 -11.71 22.99
C ALA C 93 0.90 -11.45 24.48
N ALA C 94 -0.12 -12.05 25.05
CA ALA C 94 -0.31 -11.96 26.49
C ALA C 94 0.50 -13.09 27.10
N LYS C 95 1.37 -12.75 28.04
CA LYS C 95 2.35 -13.70 28.58
C LYS C 95 1.66 -14.90 29.22
N THR C 96 1.94 -16.08 28.68
CA THR C 96 1.24 -17.30 29.03
C THR C 96 2.24 -18.38 29.43
N LEU C 97 1.86 -19.10 30.49
CA LEU C 97 2.56 -20.29 30.96
C LEU C 97 1.68 -21.48 30.66
N ASN C 98 2.22 -22.43 29.92
CA ASN C 98 1.55 -23.67 29.58
C ASN C 98 1.95 -24.76 30.57
N ILE C 99 0.96 -25.52 31.02
CA ILE C 99 1.17 -26.64 31.94
C ILE C 99 0.31 -27.80 31.50
N ASN C 100 0.92 -29.00 31.42
CA ASN C 100 0.16 -30.25 31.21
C ASN C 100 -0.44 -30.80 32.53
N PHE C 101 -1.61 -31.42 32.40
CA PHE C 101 -2.34 -31.98 33.50
C PHE C 101 -2.59 -33.46 33.23
N PHE C 102 -2.77 -34.19 34.33
CA PHE C 102 -3.29 -35.53 34.33
C PHE C 102 -4.81 -35.49 34.55
N VAL C 103 -5.51 -36.39 33.88
CA VAL C 103 -6.96 -36.48 34.01
C VAL C 103 -7.28 -37.49 35.13
N HIS C 104 -8.18 -37.10 36.02
CA HIS C 104 -8.62 -37.94 37.16
C HIS C 104 -10.14 -38.05 37.23
N ASP C 105 -10.63 -39.15 37.83
CA ASP C 105 -12.04 -39.29 38.18
C ASP C 105 -12.45 -38.21 39.20
N PRO C 106 -13.56 -37.51 38.94
CA PRO C 106 -13.89 -36.41 39.84
C PRO C 106 -14.44 -36.86 41.20
N PHE C 107 -14.81 -38.14 41.34
CA PHE C 107 -15.34 -38.68 42.62
C PHE C 107 -14.23 -39.27 43.47
N THR C 108 -13.48 -40.19 42.90
CA THR C 108 -12.45 -40.93 43.63
C THR C 108 -11.05 -40.30 43.57
N LEU C 109 -10.86 -39.34 42.65
CA LEU C 109 -9.57 -38.70 42.35
C LEU C 109 -8.50 -39.66 41.81
N GLU C 110 -8.93 -40.85 41.45
CA GLU C 110 -8.09 -41.83 40.84
C GLU C 110 -7.74 -41.42 39.40
N PRO C 111 -6.49 -41.67 38.98
CA PRO C 111 -6.06 -41.47 37.57
C PRO C 111 -7.01 -42.15 36.59
N TYR C 112 -7.27 -41.50 35.47
CA TYR C 112 -8.25 -41.96 34.49
C TYR C 112 -7.62 -43.03 33.63
N SER C 113 -8.37 -44.08 33.34
CA SER C 113 -7.85 -45.20 32.55
C SER C 113 -7.60 -44.83 31.09
N ARG C 114 -8.23 -43.77 30.60
CA ARG C 114 -7.99 -43.37 29.20
C ARG C 114 -7.27 -42.04 29.05
N ASP C 115 -6.58 -41.61 30.12
CA ASP C 115 -5.63 -40.51 30.02
C ASP C 115 -4.31 -41.00 29.43
N PRO C 116 -3.98 -40.57 28.20
CA PRO C 116 -2.70 -41.02 27.60
C PRO C 116 -1.50 -40.74 28.48
N ARG C 117 -1.50 -39.62 29.21
CA ARG C 117 -0.36 -39.27 30.08
C ARG C 117 -0.24 -40.28 31.23
N ASN C 118 -1.38 -40.77 31.69
CA ASN C 118 -1.41 -41.82 32.73
C ASN C 118 -0.83 -43.14 32.21
N ILE C 119 -1.08 -43.45 30.93
CA ILE C 119 -0.56 -44.71 30.34
C ILE C 119 0.96 -44.67 30.37
N ALA C 120 1.53 -43.56 29.93
CA ALA C 120 2.97 -43.38 29.97
C ALA C 120 3.54 -43.51 31.40
N ARG C 121 2.89 -42.84 32.35
CA ARG C 121 3.20 -42.96 33.78
C ARG C 121 3.23 -44.44 34.18
N LYS C 122 2.17 -45.15 33.81
CA LYS C 122 1.99 -46.57 34.19
C LYS C 122 3.08 -47.45 33.56
N ALA C 123 3.40 -47.17 32.30
CA ALA C 123 4.47 -47.86 31.61
C ALA C 123 5.82 -47.70 32.34
N GLU C 124 6.13 -46.51 32.84
CA GLU C 124 7.39 -46.27 33.54
C GLU C 124 7.47 -47.03 34.86
N ASN C 125 6.37 -47.01 35.61
CA ASN C 125 6.30 -47.75 36.87
C ASN C 125 6.34 -49.27 36.69
N TYR C 126 5.66 -49.78 35.65
CA TYR C 126 5.74 -51.18 35.28
C TYR C 126 7.17 -51.63 34.94
N LEU C 127 7.87 -50.83 34.14
CA LEU C 127 9.24 -51.13 33.84
C LEU C 127 10.05 -51.32 35.13
N ILE C 128 9.93 -50.36 36.04
CA ILE C 128 10.70 -50.40 37.30
C ILE C 128 10.39 -51.71 38.02
N SER C 129 9.10 -52.07 38.02
CA SER C 129 8.58 -53.21 38.74
C SER C 129 8.98 -54.57 38.15
N THR C 130 9.43 -54.60 36.90
CA THR C 130 9.95 -55.84 36.31
C THR C 130 11.38 -56.15 36.72
N GLY C 131 12.10 -55.17 37.25
CA GLY C 131 13.51 -55.34 37.55
C GLY C 131 14.43 -55.39 36.34
N ILE C 132 13.86 -55.39 35.13
CA ILE C 132 14.67 -55.38 33.90
C ILE C 132 15.50 -54.12 33.75
N ALA C 133 14.85 -52.98 34.02
CA ALA C 133 15.52 -51.69 33.90
C ALA C 133 14.83 -50.70 34.80
N ASP C 134 15.40 -49.52 34.94
CA ASP C 134 14.70 -48.44 35.61
C ASP C 134 14.38 -47.25 34.72
N THR C 135 15.00 -47.16 33.53
CA THR C 135 14.73 -46.06 32.61
C THR C 135 14.68 -46.55 31.17
N ALA C 136 13.66 -46.12 30.40
CA ALA C 136 13.56 -46.39 28.98
C ALA C 136 13.71 -45.06 28.26
N TYR C 137 14.81 -44.87 27.55
CA TYR C 137 15.04 -43.65 26.84
C TYR C 137 14.43 -43.70 25.43
N PHE C 138 13.85 -42.58 25.01
CA PHE C 138 13.21 -42.48 23.71
C PHE C 138 13.71 -41.23 23.04
N GLY C 139 14.37 -41.42 21.90
CA GLY C 139 14.85 -40.33 21.02
C GLY C 139 14.03 -40.38 19.75
N ALA C 140 13.29 -39.32 19.46
CA ALA C 140 12.32 -39.36 18.35
C ALA C 140 12.69 -38.37 17.23
N GLU C 141 12.32 -38.73 16.01
CA GLU C 141 12.57 -37.89 14.84
C GLU C 141 11.27 -37.70 14.11
N ALA C 142 10.55 -36.66 14.45
CA ALA C 142 9.26 -36.41 13.84
C ALA C 142 9.46 -35.48 12.66
N GLU C 143 9.42 -36.06 11.46
CA GLU C 143 9.52 -35.31 10.21
C GLU C 143 8.18 -34.67 9.90
N PHE C 144 8.22 -33.58 9.15
CA PHE C 144 7.03 -32.85 8.76
C PHE C 144 7.22 -32.11 7.43
N TYR C 145 6.10 -31.65 6.88
CA TYR C 145 6.14 -30.81 5.71
C TYR C 145 5.74 -29.38 6.02
N ILE C 146 6.47 -28.43 5.45
CA ILE C 146 6.15 -27.02 5.55
C ILE C 146 5.47 -26.61 4.27
N PHE C 147 4.14 -26.65 4.27
CA PHE C 147 3.37 -26.30 3.08
C PHE C 147 2.92 -24.81 3.13
N ASP C 148 2.40 -24.32 1.99
CA ASP C 148 1.84 -22.97 1.87
C ASP C 148 0.33 -23.03 1.99
N SER C 149 -0.27 -24.10 1.49
CA SER C 149 -1.71 -24.19 1.48
C SER C 149 -2.20 -25.63 1.43
N VAL C 150 -3.43 -25.81 1.92
CA VAL C 150 -4.15 -27.05 1.76
C VAL C 150 -5.66 -26.77 1.65
N SER C 151 -6.35 -27.48 0.76
CA SER C 151 -7.78 -27.52 0.76
C SER C 151 -8.26 -28.91 0.32
N PHE C 152 -9.50 -29.22 0.68
CA PHE C 152 -10.07 -30.55 0.44
C PHE C 152 -11.55 -30.50 0.77
N ASP C 153 -12.29 -31.43 0.18
CA ASP C 153 -13.68 -31.61 0.53
C ASP C 153 -14.17 -32.97 0.11
N SER C 154 -15.42 -33.25 0.45
CA SER C 154 -16.04 -34.53 0.15
C SER C 154 -17.54 -34.26 0.00
N ARG C 155 -18.08 -34.48 -1.20
CA ARG C 155 -19.49 -34.24 -1.48
C ARG C 155 -20.11 -35.45 -2.14
N ALA C 156 -21.40 -35.37 -2.44
CA ALA C 156 -22.09 -36.50 -3.03
C ALA C 156 -21.51 -36.87 -4.37
N ASN C 157 -21.14 -35.84 -5.16
CA ASN C 157 -20.75 -35.99 -6.57
C ASN C 157 -19.27 -35.68 -6.86
N GLY C 158 -18.45 -35.53 -5.82
CA GLY C 158 -17.04 -35.24 -6.01
C GLY C 158 -16.30 -35.07 -4.71
N SER C 159 -14.98 -35.17 -4.80
CA SER C 159 -14.08 -35.01 -3.68
C SER C 159 -12.72 -34.63 -4.25
N PHE C 160 -11.95 -33.88 -3.44
CA PHE C 160 -10.64 -33.46 -3.82
C PHE C 160 -9.78 -33.16 -2.62
N TYR C 161 -8.49 -33.19 -2.83
CA TYR C 161 -7.58 -32.49 -1.92
C TYR C 161 -6.46 -31.88 -2.75
N GLU C 162 -5.82 -30.88 -2.22
CA GLU C 162 -4.64 -30.32 -2.81
C GLU C 162 -3.77 -29.69 -1.74
N VAL C 163 -2.49 -30.04 -1.72
CA VAL C 163 -1.49 -29.30 -0.95
C VAL C 163 -0.61 -28.57 -1.94
N ASP C 164 -0.12 -27.42 -1.52
CA ASP C 164 0.79 -26.65 -2.33
C ASP C 164 1.95 -26.06 -1.51
N ALA C 165 3.05 -25.82 -2.19
CA ALA C 165 4.30 -25.35 -1.60
C ALA C 165 5.11 -24.71 -2.70
N ILE C 166 5.69 -23.56 -2.41
CA ILE C 166 6.48 -22.86 -3.43
C ILE C 166 7.60 -23.78 -3.98
N SER C 167 8.20 -24.57 -3.11
CA SER C 167 9.35 -25.41 -3.50
C SER C 167 8.97 -26.73 -4.15
N GLY C 168 7.68 -26.98 -4.29
CA GLY C 168 7.15 -28.19 -4.92
C GLY C 168 7.51 -28.32 -6.41
N TRP C 169 8.05 -29.47 -6.80
CA TRP C 169 8.50 -29.67 -8.16
C TRP C 169 7.35 -29.52 -9.16
N TRP C 170 6.14 -29.85 -8.72
CA TRP C 170 4.94 -29.62 -9.55
C TRP C 170 4.74 -28.16 -9.98
N ASN C 171 5.47 -27.22 -9.39
CA ASN C 171 5.32 -25.83 -9.75
C ASN C 171 6.44 -25.33 -10.70
N THR C 172 7.32 -26.20 -11.19
CA THR C 172 8.48 -25.68 -11.99
C THR C 172 8.01 -24.91 -13.23
N GLY C 173 6.82 -25.28 -13.72
CA GLY C 173 6.22 -24.68 -14.87
C GLY C 173 5.33 -23.50 -14.61
N ALA C 174 5.14 -23.09 -13.35
CA ALA C 174 4.28 -21.97 -13.00
C ALA C 174 4.76 -20.65 -13.63
N ALA C 175 3.82 -19.92 -14.26
CA ALA C 175 4.11 -18.57 -14.78
C ALA C 175 4.46 -17.61 -13.64
N THR C 176 3.81 -17.76 -12.50
CA THR C 176 4.05 -16.88 -11.37
C THR C 176 3.82 -17.65 -10.08
N GLU C 177 4.32 -17.10 -8.99
CA GLU C 177 3.98 -17.60 -7.66
C GLU C 177 2.54 -17.21 -7.31
N ALA C 178 2.06 -17.78 -6.20
CA ALA C 178 0.67 -17.65 -5.76
C ALA C 178 0.25 -16.20 -5.61
N ASP C 179 1.18 -15.37 -5.17
CA ASP C 179 0.93 -13.95 -4.99
C ASP C 179 1.28 -13.13 -6.25
N GLY C 180 1.55 -13.78 -7.37
CA GLY C 180 1.86 -13.05 -8.62
C GLY C 180 3.31 -12.62 -8.88
N SER C 181 4.21 -12.80 -7.91
CA SER C 181 5.63 -12.56 -8.16
C SER C 181 6.24 -13.66 -9.08
N PRO C 182 7.43 -13.39 -9.68
CA PRO C 182 7.97 -14.32 -10.68
C PRO C 182 8.39 -15.68 -10.11
N ASN C 183 8.28 -16.71 -10.92
CA ASN C 183 8.90 -18.00 -10.66
C ASN C 183 10.42 -17.82 -10.77
N ARG C 184 11.12 -18.07 -9.69
CA ARG C 184 12.58 -17.91 -9.68
C ARG C 184 13.36 -19.23 -9.69
N GLY C 185 12.66 -20.34 -9.92
CA GLY C 185 13.28 -21.67 -9.96
C GLY C 185 13.81 -22.11 -8.59
N TYR C 186 14.86 -22.92 -8.60
CA TYR C 186 15.43 -23.51 -7.39
C TYR C 186 14.40 -24.33 -6.62
N LYS C 187 13.44 -24.93 -7.32
CA LYS C 187 12.50 -25.82 -6.67
C LYS C 187 13.17 -27.18 -6.42
N VAL C 188 12.60 -27.93 -5.50
CA VAL C 188 13.16 -29.19 -5.01
C VAL C 188 12.62 -30.35 -5.82
N ARG C 189 13.51 -31.16 -6.38
CA ARG C 189 13.11 -32.31 -7.16
C ARG C 189 12.46 -33.32 -6.25
N HIS C 190 11.57 -34.16 -6.77
CA HIS C 190 11.00 -35.20 -5.93
C HIS C 190 12.16 -36.07 -5.46
N LYS C 191 12.13 -36.41 -4.16
CA LYS C 191 13.20 -37.14 -3.49
C LYS C 191 14.53 -36.42 -3.48
N GLY C 192 14.50 -35.10 -3.70
CA GLY C 192 15.74 -34.33 -3.89
C GLY C 192 15.99 -33.31 -2.81
N GLY C 193 15.21 -33.36 -1.72
CA GLY C 193 15.30 -32.31 -0.70
C GLY C 193 16.38 -32.47 0.35
N TYR C 194 17.06 -33.61 0.37
CA TYR C 194 18.01 -33.87 1.45
C TYR C 194 19.45 -33.86 0.91
N PHE C 195 20.23 -32.82 1.16
CA PHE C 195 19.82 -31.50 1.69
C PHE C 195 20.67 -30.37 1.11
N PRO C 196 20.40 -30.01 -0.15
CA PRO C 196 21.22 -28.99 -0.79
C PRO C 196 21.12 -27.63 -0.09
N VAL C 197 22.15 -26.83 -0.22
CA VAL C 197 22.18 -25.48 0.33
C VAL C 197 21.14 -24.57 -0.32
N ALA C 198 20.87 -23.47 0.35
CA ALA C 198 20.04 -22.43 -0.24
C ALA C 198 20.73 -21.93 -1.53
N PRO C 199 19.95 -21.47 -2.53
CA PRO C 199 18.51 -21.25 -2.47
C PRO C 199 17.63 -22.45 -2.81
N ASN C 200 18.21 -23.59 -3.15
CA ASN C 200 17.47 -24.83 -3.30
C ASN C 200 16.65 -25.13 -2.04
N ASP C 201 17.32 -24.99 -0.90
CA ASP C 201 16.68 -25.03 0.37
C ASP C 201 16.03 -23.68 0.64
N GLN C 202 14.72 -23.60 0.50
CA GLN C 202 14.00 -22.35 0.65
C GLN C 202 13.50 -22.08 2.08
N TYR C 203 13.83 -22.91 3.06
CA TYR C 203 13.24 -22.80 4.42
C TYR C 203 14.25 -22.63 5.55
N VAL C 204 15.46 -22.26 5.22
CA VAL C 204 16.52 -22.09 6.22
C VAL C 204 16.11 -21.11 7.33
N ASP C 205 15.68 -19.90 6.98
CA ASP C 205 15.35 -18.89 8.02
C ASP C 205 14.18 -19.33 8.89
N LEU C 206 13.18 -19.97 8.29
CA LEU C 206 12.05 -20.47 9.05
C LEU C 206 12.44 -21.62 9.97
N ARG C 207 13.24 -22.57 9.50
CA ARG C 207 13.70 -23.66 10.40
C ARG C 207 14.55 -23.09 11.56
N ASP C 208 15.30 -22.03 11.30
CA ASP C 208 16.08 -21.31 12.35
C ASP C 208 15.13 -20.71 13.40
N LYS C 209 13.98 -20.19 12.96
CA LYS C 209 13.00 -19.64 13.91
C LYS C 209 12.41 -20.77 14.72
N MET C 210 12.17 -21.90 14.08
CA MET C 210 11.68 -23.08 14.80
C MET C 210 12.70 -23.56 15.83
N LEU C 211 13.96 -23.67 15.40
CA LEU C 211 15.05 -24.03 16.31
C LEU C 211 15.10 -23.12 17.56
N THR C 212 15.00 -21.81 17.34
CA THR C 212 15.12 -20.79 18.37
C THR C 212 13.96 -20.87 19.35
N ASN C 213 12.75 -21.10 18.83
CA ASN C 213 11.59 -21.21 19.68
C ASN C 213 11.68 -22.45 20.56
N LEU C 214 12.17 -23.56 20.01
CA LEU C 214 12.41 -24.76 20.77
C LEU C 214 13.49 -24.56 21.85
N ILE C 215 14.60 -23.93 21.46
CA ILE C 215 15.68 -23.66 22.42
C ILE C 215 15.13 -22.83 23.58
N ASN C 216 14.38 -21.79 23.26
CA ASN C 216 13.78 -20.92 24.25
C ASN C 216 12.67 -21.55 25.11
N SER C 217 12.08 -22.66 24.64
CA SER C 217 11.19 -23.51 25.47
C SER C 217 11.89 -24.70 26.13
N GLY C 218 13.20 -24.62 26.33
CA GLY C 218 13.91 -25.60 27.14
C GLY C 218 14.38 -26.85 26.45
N PHE C 219 14.10 -27.01 25.16
CA PHE C 219 14.62 -28.19 24.45
C PHE C 219 16.15 -28.09 24.31
N ILE C 220 16.82 -29.24 24.26
CA ILE C 220 18.24 -29.32 23.92
C ILE C 220 18.33 -29.80 22.49
N LEU C 221 18.77 -28.91 21.60
CA LEU C 221 18.68 -29.19 20.16
C LEU C 221 19.93 -29.91 19.68
N GLU C 222 19.74 -30.78 18.70
CA GLU C 222 20.84 -31.52 18.09
C GLU C 222 21.09 -31.07 16.66
N LYS C 223 20.03 -31.01 15.83
CA LYS C 223 20.13 -30.52 14.46
C LYS C 223 18.77 -30.25 13.80
N GLY C 224 18.85 -29.60 12.64
CA GLY C 224 17.70 -29.42 11.79
C GLY C 224 18.18 -29.36 10.35
N HIS C 225 17.31 -29.82 9.47
CA HIS C 225 17.64 -29.85 8.06
C HIS C 225 16.37 -30.04 7.25
N HIS C 226 16.47 -29.74 5.96
CA HIS C 226 15.48 -30.10 4.98
C HIS C 226 15.51 -31.63 4.88
N GLU C 227 14.35 -32.25 4.64
CA GLU C 227 14.29 -33.68 4.41
C GLU C 227 14.10 -33.98 2.93
N VAL C 228 14.04 -35.26 2.61
CA VAL C 228 14.03 -35.74 1.23
C VAL C 228 12.92 -35.18 0.32
N GLY C 229 11.73 -34.96 0.89
CA GLY C 229 10.57 -34.63 0.10
C GLY C 229 10.54 -33.21 -0.43
N SER C 230 10.01 -33.08 -1.63
CA SER C 230 9.86 -31.80 -2.31
C SER C 230 8.72 -31.08 -1.62
N GLY C 231 8.73 -29.76 -1.72
CA GLY C 231 7.67 -29.01 -1.12
C GLY C 231 7.78 -28.80 0.38
N GLY C 232 9.01 -28.78 0.88
CA GLY C 232 9.33 -28.28 2.23
C GLY C 232 9.36 -29.31 3.36
N GLN C 233 9.79 -30.54 3.05
CA GLN C 233 9.95 -31.51 4.11
C GLN C 233 11.09 -31.08 5.02
N ALA C 234 10.92 -31.32 6.31
CA ALA C 234 11.85 -30.83 7.33
C ALA C 234 12.00 -31.86 8.45
N GLU C 235 13.05 -31.70 9.24
CA GLU C 235 13.31 -32.51 10.41
C GLU C 235 14.14 -31.69 11.36
N ILE C 236 13.73 -31.68 12.62
CA ILE C 236 14.45 -31.00 13.68
C ILE C 236 14.55 -32.01 14.84
N ASN C 237 15.78 -32.29 15.30
CA ASN C 237 16.03 -33.26 16.37
C ASN C 237 16.38 -32.57 17.70
N TYR C 238 15.84 -33.10 18.77
CA TYR C 238 16.14 -32.61 20.12
C TYR C 238 16.56 -33.82 20.94
N GLN C 239 17.13 -33.56 22.11
CA GLN C 239 17.70 -34.63 22.93
C GLN C 239 16.65 -35.60 23.41
N PHE C 240 16.98 -36.88 23.32
CA PHE C 240 16.20 -37.99 23.88
C PHE C 240 15.91 -37.74 25.38
N ASN C 241 14.89 -38.39 25.90
CA ASN C 241 14.61 -38.34 27.32
C ASN C 241 13.88 -39.61 27.70
N SER C 242 13.59 -39.76 28.98
CA SER C 242 12.83 -40.91 29.45
C SER C 242 11.40 -40.81 28.93
N LEU C 243 10.71 -41.94 28.95
CA LEU C 243 9.47 -42.10 28.19
C LEU C 243 8.44 -40.98 28.34
N LEU C 244 7.97 -40.71 29.56
CA LEU C 244 6.91 -39.73 29.74
C LEU C 244 7.41 -38.37 29.32
N HIS C 245 8.62 -38.00 29.74
CA HIS C 245 9.22 -36.74 29.36
C HIS C 245 9.28 -36.61 27.82
N ALA C 246 9.71 -37.69 27.16
CA ALA C 246 9.84 -37.72 25.70
C ALA C 246 8.52 -37.53 24.99
N ALA C 247 7.47 -38.16 25.47
CA ALA C 247 6.11 -37.98 24.91
C ALA C 247 5.59 -36.55 25.16
N ASP C 248 5.86 -35.98 26.33
CA ASP C 248 5.48 -34.60 26.58
C ASP C 248 6.28 -33.69 25.63
N ASP C 249 7.58 -33.98 25.44
CA ASP C 249 8.43 -33.21 24.55
C ASP C 249 7.91 -33.26 23.14
N MET C 250 7.46 -34.42 22.70
CA MET C 250 6.93 -34.57 21.35
C MET C 250 5.70 -33.69 21.09
N GLN C 251 4.78 -33.64 22.04
CA GLN C 251 3.59 -32.83 21.87
C GLN C 251 3.91 -31.34 21.84
N LEU C 252 4.85 -30.91 22.69
CA LEU C 252 5.26 -29.53 22.71
C LEU C 252 5.96 -29.15 21.40
N TYR C 253 6.88 -30.01 20.96
CA TYR C 253 7.54 -29.89 19.65
C TYR C 253 6.56 -29.71 18.49
N LYS C 254 5.51 -30.54 18.41
CA LYS C 254 4.56 -30.39 17.34
C LYS C 254 3.84 -29.04 17.44
N TYR C 255 3.47 -28.64 18.66
CA TYR C 255 2.88 -27.33 18.89
C TYR C 255 3.77 -26.18 18.41
N ILE C 256 5.06 -26.24 18.75
CA ILE C 256 6.00 -25.18 18.41
C ILE C 256 6.28 -25.16 16.90
N ILE C 257 6.41 -26.33 16.29
CA ILE C 257 6.61 -26.41 14.85
C ILE C 257 5.39 -25.84 14.11
N LYS C 258 4.19 -26.32 14.45
CA LYS C 258 2.94 -25.92 13.79
C LYS C 258 2.68 -24.43 13.92
N ASN C 259 2.93 -23.88 15.10
CA ASN C 259 2.64 -22.47 15.33
C ASN C 259 3.71 -21.51 14.86
N THR C 260 4.96 -21.96 14.84
CA THR C 260 6.00 -21.16 14.23
C THR C 260 5.68 -21.02 12.76
N ALA C 261 5.29 -22.11 12.12
CA ALA C 261 4.93 -22.07 10.71
C ALA C 261 3.80 -21.08 10.49
N TRP C 262 2.75 -21.24 11.29
CA TRP C 262 1.53 -20.41 11.19
C TRP C 262 1.79 -18.92 11.31
N GLN C 263 2.58 -18.52 12.32
CA GLN C 263 2.96 -17.13 12.51
C GLN C 263 3.84 -16.56 11.40
N ASN C 264 4.44 -17.42 10.60
CA ASN C 264 5.28 -16.98 9.50
C ASN C 264 4.63 -17.33 8.13
N GLY C 265 3.29 -17.39 8.09
CA GLY C 265 2.54 -17.53 6.83
C GLY C 265 2.55 -18.91 6.14
N LYS C 266 2.94 -19.95 6.88
CA LYS C 266 2.92 -21.31 6.35
C LYS C 266 1.92 -22.21 7.12
N THR C 267 1.88 -23.48 6.75
CA THR C 267 1.02 -24.46 7.37
C THR C 267 1.76 -25.79 7.33
N VAL C 268 1.98 -26.39 8.51
CA VAL C 268 2.75 -27.63 8.61
C VAL C 268 1.79 -28.79 8.75
N THR C 269 2.12 -29.92 8.12
CA THR C 269 1.46 -31.18 8.46
C THR C 269 2.47 -32.26 8.88
N PHE C 270 2.04 -33.02 9.90
CA PHE C 270 2.74 -34.23 10.36
C PHE C 270 2.11 -35.50 9.79
N MET C 271 1.17 -35.40 8.86
CA MET C 271 0.56 -36.60 8.35
C MET C 271 1.61 -37.49 7.68
N PRO C 272 1.43 -38.81 7.73
CA PRO C 272 2.45 -39.74 7.21
C PRO C 272 2.82 -39.66 5.72
N LYS C 273 1.81 -39.43 4.87
CA LYS C 273 2.00 -39.44 3.40
C LYS C 273 1.11 -38.40 2.73
N PRO C 274 1.51 -37.09 2.78
CA PRO C 274 0.74 -36.05 2.13
C PRO C 274 0.99 -36.00 0.63
N LEU C 275 2.15 -36.51 0.20
CA LEU C 275 2.53 -36.48 -1.20
C LEU C 275 2.62 -37.88 -1.79
N PHE C 276 1.98 -38.07 -2.94
CA PHE C 276 2.09 -39.33 -3.68
C PHE C 276 3.33 -39.31 -4.56
N GLY C 277 4.19 -40.32 -4.36
CA GLY C 277 5.43 -40.43 -5.12
C GLY C 277 6.57 -39.63 -4.57
N ASP C 278 6.48 -39.28 -3.29
CA ASP C 278 7.61 -38.68 -2.64
C ASP C 278 7.60 -39.17 -1.20
N ASN C 279 8.69 -38.94 -0.48
CA ASN C 279 8.84 -39.50 0.86
C ASN C 279 7.69 -39.12 1.80
N GLY C 280 7.30 -40.09 2.62
CA GLY C 280 6.42 -39.82 3.75
C GLY C 280 7.20 -39.23 4.89
N SER C 281 6.48 -38.90 5.96
CA SER C 281 7.06 -38.37 7.17
C SER C 281 6.93 -39.46 8.26
N GLY C 282 8.05 -39.96 8.77
CA GLY C 282 8.02 -40.97 9.83
C GLY C 282 8.33 -40.37 11.20
N MET C 283 8.22 -41.20 12.23
CA MET C 283 8.61 -40.81 13.57
C MET C 283 9.49 -41.93 14.10
N HIS C 284 10.72 -42.00 13.59
CA HIS C 284 11.66 -43.02 14.02
C HIS C 284 11.86 -42.85 15.53
N CYS C 285 11.88 -43.96 16.24
CA CYS C 285 12.05 -43.91 17.68
C CYS C 285 13.29 -44.70 18.06
N HIS C 286 14.33 -43.97 18.44
CA HIS C 286 15.55 -44.58 19.01
C HIS C 286 15.24 -44.92 20.49
N GLN C 287 15.53 -46.16 20.89
CA GLN C 287 15.17 -46.68 22.21
C GLN C 287 16.36 -47.37 22.88
N SER C 288 16.48 -47.22 24.20
CA SER C 288 17.47 -47.96 24.97
C SER C 288 17.08 -48.06 26.44
N LEU C 289 17.43 -49.18 27.05
CA LEU C 289 17.10 -49.40 28.43
C LEU C 289 18.37 -49.24 29.25
N TRP C 290 18.22 -48.57 30.39
CA TRP C 290 19.33 -48.32 31.32
C TRP C 290 18.89 -48.79 32.71
N LYS C 291 19.86 -49.19 33.52
CA LYS C 291 19.62 -49.60 34.93
C LYS C 291 20.76 -49.15 35.83
N ASP C 292 20.41 -48.57 36.97
CA ASP C 292 21.40 -48.15 37.97
C ASP C 292 22.47 -47.29 37.34
N GLY C 293 22.08 -46.42 36.43
CA GLY C 293 23.00 -45.49 35.79
C GLY C 293 23.89 -46.15 34.76
N ALA C 294 23.53 -47.34 34.29
CA ALA C 294 24.38 -48.06 33.33
C ALA C 294 23.57 -48.60 32.14
N PRO C 295 24.12 -48.50 30.93
CA PRO C 295 23.46 -48.97 29.72
C PRO C 295 23.36 -50.50 29.61
N LEU C 296 22.18 -50.99 29.22
CA LEU C 296 21.94 -52.42 29.06
C LEU C 296 22.01 -52.93 27.61
N MET C 297 22.23 -52.04 26.64
CA MET C 297 22.06 -52.43 25.21
C MET C 297 23.33 -52.95 24.54
N TYR C 298 24.49 -52.78 25.17
CA TYR C 298 25.74 -53.02 24.49
C TYR C 298 26.39 -54.34 24.86
N ASP C 299 27.03 -54.95 23.87
CA ASP C 299 27.83 -56.13 24.04
C ASP C 299 28.68 -56.24 22.78
N GLU C 300 29.98 -55.94 22.93
CA GLU C 300 30.96 -56.01 21.82
C GLU C 300 30.89 -57.30 20.97
N THR C 301 30.41 -58.40 21.56
CA THR C 301 30.39 -59.71 20.89
C THR C 301 29.13 -59.98 20.06
N GLY C 302 28.13 -59.12 20.17
CA GLY C 302 26.89 -59.34 19.45
C GLY C 302 26.96 -58.73 18.06
N TYR C 303 26.12 -59.23 17.16
CA TYR C 303 25.79 -58.54 15.92
C TYR C 303 25.40 -57.08 16.22
N ALA C 304 26.04 -56.15 15.51
CA ALA C 304 25.80 -54.69 15.62
C ALA C 304 26.09 -54.16 17.02
N GLY C 305 26.98 -54.83 17.77
CA GLY C 305 27.28 -54.46 19.15
C GLY C 305 26.13 -54.63 20.14
N LEU C 306 25.15 -55.48 19.83
CA LEU C 306 23.92 -55.55 20.65
C LEU C 306 23.90 -56.66 21.68
N SER C 307 23.52 -56.31 22.91
CA SER C 307 23.28 -57.29 24.00
C SER C 307 22.04 -58.13 23.81
N ASP C 308 21.96 -59.21 24.58
CA ASP C 308 20.84 -60.14 24.54
C ASP C 308 19.57 -59.40 24.81
N THR C 309 19.63 -58.51 25.79
CA THR C 309 18.47 -57.70 26.17
C THR C 309 18.04 -56.84 24.98
N ALA C 310 19.00 -56.15 24.38
CA ALA C 310 18.73 -55.33 23.21
C ALA C 310 18.08 -56.20 22.15
N ARG C 311 18.69 -57.35 21.87
CA ARG C 311 18.22 -58.24 20.82
C ARG C 311 16.84 -58.76 21.06
N HIS C 312 16.54 -59.09 22.32
CA HIS C 312 15.23 -59.57 22.68
C HIS C 312 14.15 -58.46 22.64
N TYR C 313 14.55 -57.23 22.93
CA TYR C 313 13.63 -56.10 22.81
C TYR C 313 13.23 -55.96 21.33
N ILE C 314 14.24 -56.04 20.45
CA ILE C 314 14.02 -56.05 18.99
C ILE C 314 13.09 -57.16 18.60
N GLY C 315 13.31 -58.32 19.22
CA GLY C 315 12.43 -59.46 19.03
C GLY C 315 10.99 -59.17 19.32
N GLY C 316 10.74 -58.53 20.45
CA GLY C 316 9.39 -58.17 20.85
C GLY C 316 8.77 -57.20 19.87
N LEU C 317 9.53 -56.18 19.50
CA LEU C 317 9.03 -55.20 18.54
C LEU C 317 8.58 -55.88 17.27
N LEU C 318 9.40 -56.80 16.77
CA LEU C 318 9.12 -57.39 15.45
C LEU C 318 8.07 -58.45 15.53
N HIS C 319 8.01 -59.14 16.66
CA HIS C 319 6.98 -60.15 16.86
C HIS C 319 5.60 -59.51 17.06
N HIS C 320 5.55 -58.42 17.82
CA HIS C 320 4.24 -57.82 18.12
C HIS C 320 3.78 -56.82 17.09
N ALA C 321 4.63 -56.48 16.13
CA ALA C 321 4.34 -55.43 15.11
C ALA C 321 2.91 -55.48 14.56
N PRO C 322 2.39 -56.68 14.26
CA PRO C 322 1.08 -56.78 13.68
C PRO C 322 -0.09 -56.18 14.50
N SER C 323 0.08 -56.07 15.83
CA SER C 323 -0.89 -55.41 16.69
C SER C 323 -0.32 -54.08 17.17
N LEU C 324 0.99 -54.03 17.41
CA LEU C 324 1.66 -52.84 17.93
C LEU C 324 1.44 -51.61 17.01
N LEU C 325 1.41 -51.82 15.69
CA LEU C 325 1.24 -50.72 14.74
C LEU C 325 -0.13 -50.06 14.88
N ALA C 326 -1.10 -50.69 15.58
CA ALA C 326 -2.35 -50.04 15.89
C ALA C 326 -2.15 -48.79 16.76
N PHE C 327 -1.03 -48.72 17.47
CA PHE C 327 -0.69 -47.54 18.26
C PHE C 327 0.44 -46.71 17.66
N THR C 328 1.31 -47.34 16.89
CA THR C 328 2.46 -46.63 16.35
C THR C 328 2.23 -46.09 14.91
N ASN C 329 1.25 -46.66 14.23
CA ASN C 329 0.92 -46.33 12.83
C ASN C 329 -0.61 -46.34 12.77
N PRO C 330 -1.24 -45.39 13.51
CA PRO C 330 -2.65 -45.55 13.83
C PRO C 330 -3.67 -44.97 12.88
N THR C 331 -3.25 -44.58 11.67
CA THR C 331 -4.18 -43.96 10.74
C THR C 331 -4.27 -44.69 9.40
N VAL C 332 -5.34 -44.42 8.68
CA VAL C 332 -5.45 -44.94 7.32
C VAL C 332 -4.26 -44.42 6.46
N ASN C 333 -3.89 -43.16 6.65
CA ASN C 333 -2.81 -42.56 5.87
C ASN C 333 -1.46 -43.17 6.20
N SER C 334 -1.28 -43.67 7.43
CA SER C 334 -0.10 -44.44 7.82
C SER C 334 0.30 -45.47 6.82
N TYR C 335 -0.67 -46.16 6.25
CA TYR C 335 -0.39 -47.32 5.39
C TYR C 335 -0.06 -46.93 3.94
N LYS C 336 -0.18 -45.64 3.64
CA LYS C 336 0.34 -45.08 2.38
C LYS C 336 1.84 -44.82 2.41
N ARG C 337 2.39 -44.69 3.62
CA ARG C 337 3.82 -44.50 3.79
C ARG C 337 4.57 -45.84 3.80
N LEU C 338 3.90 -46.92 4.20
CA LEU C 338 4.55 -48.23 4.29
C LEU C 338 4.50 -48.91 2.92
N VAL C 339 5.20 -48.27 1.98
CA VAL C 339 5.34 -48.72 0.60
C VAL C 339 6.82 -48.61 0.21
N PRO C 340 7.28 -49.46 -0.74
CA PRO C 340 8.71 -49.48 -1.00
C PRO C 340 9.24 -48.25 -1.68
N GLY C 341 10.50 -47.92 -1.38
CA GLY C 341 11.24 -46.90 -2.13
C GLY C 341 11.34 -45.51 -1.50
N TYR C 342 11.00 -45.36 -0.21
CA TYR C 342 10.96 -44.02 0.45
C TYR C 342 11.65 -43.96 1.81
N GLU C 343 12.59 -44.88 2.03
CA GLU C 343 13.24 -45.04 3.32
C GLU C 343 12.30 -45.28 4.50
N ALA C 344 11.16 -45.89 4.22
CA ALA C 344 10.26 -46.36 5.26
C ALA C 344 10.19 -47.88 5.16
N PRO C 345 9.81 -48.58 6.25
CA PRO C 345 9.79 -50.05 6.22
C PRO C 345 8.71 -50.68 5.37
N ILE C 346 9.03 -51.78 4.70
CA ILE C 346 8.01 -52.63 4.09
C ILE C 346 7.98 -54.09 4.64
N ASN C 347 8.90 -54.43 5.54
CA ASN C 347 8.89 -55.76 6.17
C ASN C 347 9.50 -55.76 7.57
N LEU C 348 9.33 -56.87 8.30
CA LEU C 348 9.68 -56.97 9.72
C LEU C 348 11.09 -57.53 9.92
N VAL C 349 12.07 -56.69 9.61
CA VAL C 349 13.49 -57.05 9.67
C VAL C 349 14.25 -56.00 10.47
N TYR C 350 15.33 -56.43 11.14
CA TYR C 350 16.34 -55.47 11.65
C TYR C 350 17.73 -55.59 10.97
N SER C 351 18.50 -54.51 10.96
CA SER C 351 19.76 -54.50 10.22
C SER C 351 20.50 -53.25 10.54
N GLN C 352 21.81 -53.38 10.76
CA GLN C 352 22.62 -52.23 11.03
C GLN C 352 22.78 -51.38 9.76
N ARG C 353 22.91 -50.07 9.96
CA ARG C 353 23.19 -49.11 8.87
C ARG C 353 22.09 -49.01 7.79
N ASN C 354 20.93 -49.59 8.03
CA ASN C 354 20.00 -49.93 6.94
C ASN C 354 18.66 -49.18 6.98
N ARG C 355 18.54 -48.15 6.15
CA ARG C 355 17.35 -47.30 6.11
C ARG C 355 16.18 -47.93 5.34
N SER C 356 16.35 -49.14 4.82
CA SER C 356 15.20 -49.89 4.26
C SER C 356 14.57 -50.84 5.27
N ALA C 357 15.22 -50.99 6.43
CA ALA C 357 14.77 -51.98 7.43
C ALA C 357 13.77 -51.37 8.43
N CYS C 358 13.12 -52.23 9.19
CA CYS C 358 12.10 -51.84 10.16
C CYS C 358 12.73 -51.33 11.46
N VAL C 359 13.80 -52.02 11.86
CA VAL C 359 14.66 -51.60 12.93
C VAL C 359 16.04 -51.47 12.37
N ARG C 360 16.58 -50.25 12.39
CA ARG C 360 17.94 -49.97 11.97
C ARG C 360 18.79 -49.84 13.23
N ILE C 361 20.01 -50.37 13.19
CA ILE C 361 20.98 -50.09 14.25
C ILE C 361 21.91 -49.00 13.75
N PRO C 362 21.81 -47.80 14.34
CA PRO C 362 22.69 -46.72 13.87
C PRO C 362 24.12 -47.05 14.22
N ILE C 363 25.06 -46.54 13.44
CA ILE C 363 26.47 -46.85 13.65
C ILE C 363 27.06 -45.93 14.67
N THR C 364 27.24 -46.46 15.87
CA THR C 364 27.69 -45.66 17.02
C THR C 364 29.09 -46.05 17.54
N GLY C 365 29.64 -47.16 17.06
CA GLY C 365 30.98 -47.58 17.49
C GLY C 365 31.00 -48.46 18.74
N SER C 366 32.01 -48.22 19.59
CA SER C 366 32.25 -49.04 20.79
C SER C 366 31.68 -48.43 22.08
N ASN C 367 31.28 -47.16 22.03
CA ASN C 367 30.71 -46.50 23.20
C ASN C 367 29.41 -47.20 23.65
N PRO C 368 29.43 -47.84 24.84
CA PRO C 368 28.24 -48.57 25.28
C PRO C 368 27.06 -47.66 25.66
N LYS C 369 27.34 -46.39 25.92
CA LYS C 369 26.26 -45.46 26.31
C LYS C 369 25.49 -44.94 25.09
N ALA C 370 26.03 -45.14 23.89
CA ALA C 370 25.40 -44.68 22.64
C ALA C 370 24.62 -45.78 21.93
N LYS C 371 24.84 -47.04 22.31
CA LYS C 371 24.26 -48.16 21.57
C LYS C 371 22.75 -48.18 21.77
N ARG C 372 22.01 -48.40 20.68
CA ARG C 372 20.56 -48.29 20.68
C ARG C 372 19.96 -48.83 19.40
N LEU C 373 18.65 -49.00 19.40
CA LEU C 373 17.94 -49.44 18.22
C LEU C 373 17.06 -48.26 17.75
N GLU C 374 16.86 -48.18 16.44
CA GLU C 374 15.92 -47.24 15.82
C GLU C 374 14.78 -48.03 15.19
N PHE C 375 13.58 -47.89 15.76
CA PHE C 375 12.36 -48.52 15.22
C PHE C 375 11.82 -47.48 14.24
N ARG C 376 11.93 -47.79 12.95
CA ARG C 376 11.65 -46.82 11.88
C ARG C 376 10.19 -46.84 11.43
N SER C 377 9.45 -47.86 11.82
CA SER C 377 8.05 -47.97 11.42
C SER C 377 7.11 -46.85 11.88
N PRO C 378 7.25 -46.36 13.13
CA PRO C 378 6.22 -45.45 13.62
C PRO C 378 6.11 -44.15 12.83
N ASP C 379 4.95 -43.51 12.96
CA ASP C 379 4.76 -42.17 12.36
C ASP C 379 4.11 -41.24 13.38
N SER C 380 3.91 -39.97 12.99
CA SER C 380 3.45 -38.94 13.91
C SER C 380 1.93 -38.72 13.93
N SER C 381 1.16 -39.66 13.37
CA SER C 381 -0.24 -39.42 13.11
C SER C 381 -1.15 -39.76 14.27
N GLY C 382 -0.59 -40.18 15.39
CA GLY C 382 -1.39 -40.58 16.53
C GLY C 382 -0.93 -39.98 17.82
N ASN C 383 -0.69 -40.84 18.82
CA ASN C 383 -0.47 -40.43 20.18
C ASN C 383 0.86 -40.94 20.72
N PRO C 384 1.82 -40.04 20.99
CA PRO C 384 3.15 -40.51 21.41
C PRO C 384 3.17 -41.15 22.81
N TYR C 385 2.31 -40.70 23.73
CA TYR C 385 2.22 -41.36 25.03
C TYR C 385 1.84 -42.82 24.80
N LEU C 386 0.86 -43.05 23.94
CA LEU C 386 0.38 -44.42 23.71
C LEU C 386 1.37 -45.22 22.88
N ALA C 387 1.92 -44.57 21.84
CA ALA C 387 2.95 -45.18 20.99
C ALA C 387 4.22 -45.57 21.74
N PHE C 388 4.80 -44.65 22.50
CA PHE C 388 5.99 -44.98 23.28
C PHE C 388 5.67 -46.08 24.28
N SER C 389 4.50 -46.00 24.90
CA SER C 389 4.12 -47.00 25.88
C SER C 389 3.99 -48.38 25.24
N ALA C 390 3.28 -48.47 24.11
CA ALA C 390 3.07 -49.74 23.46
C ALA C 390 4.42 -50.34 22.96
N MET C 391 5.33 -49.51 22.49
CA MET C 391 6.67 -49.99 22.07
C MET C 391 7.44 -50.57 23.23
N LEU C 392 7.36 -49.88 24.37
CA LEU C 392 8.00 -50.38 25.59
C LEU C 392 7.43 -51.72 25.98
N MET C 393 6.10 -51.86 25.99
CA MET C 393 5.47 -53.13 26.36
C MET C 393 5.79 -54.30 25.39
N ALA C 394 5.87 -54.02 24.10
CA ALA C 394 6.34 -55.03 23.14
C ALA C 394 7.76 -55.47 23.45
N GLY C 395 8.63 -54.52 23.72
CA GLY C 395 10.04 -54.82 23.91
C GLY C 395 10.28 -55.56 25.21
N LEU C 396 9.49 -55.23 26.24
CA LEU C 396 9.57 -55.90 27.54
C LEU C 396 9.03 -57.30 27.46
N ASP C 397 7.97 -57.52 26.69
CA ASP C 397 7.49 -58.87 26.48
C ASP C 397 8.55 -59.70 25.74
N GLY C 398 9.28 -59.06 24.82
CA GLY C 398 10.46 -59.67 24.18
C GLY C 398 11.56 -60.09 25.15
N ILE C 399 11.87 -59.21 26.09
CA ILE C 399 12.91 -59.51 27.05
C ILE C 399 12.45 -60.64 27.99
N LYS C 400 11.20 -60.54 28.45
CA LYS C 400 10.63 -61.53 29.36
C LYS C 400 10.55 -62.93 28.79
N ASN C 401 10.17 -63.01 27.52
CA ASN C 401 10.05 -64.28 26.83
C ASN C 401 11.25 -64.62 25.94
N LYS C 402 12.33 -63.85 26.08
CA LYS C 402 13.54 -63.99 25.27
C LYS C 402 13.22 -64.29 23.82
N ILE C 403 12.33 -63.49 23.23
CA ILE C 403 11.89 -63.68 21.83
C ILE C 403 13.03 -63.34 20.89
N GLU C 404 13.40 -64.26 20.01
CA GLU C 404 14.57 -64.06 19.16
C GLU C 404 14.09 -63.50 17.85
N PRO C 405 14.60 -62.33 17.45
CA PRO C 405 14.20 -61.85 16.12
C PRO C 405 14.82 -62.73 15.02
N GLN C 406 14.16 -62.81 13.87
CA GLN C 406 14.82 -63.54 12.77
C GLN C 406 16.10 -62.81 12.36
N ALA C 407 16.98 -63.52 11.67
CA ALA C 407 18.32 -63.03 11.41
C ALA C 407 18.31 -61.69 10.69
N PRO C 408 19.25 -60.80 11.03
CA PRO C 408 19.43 -59.53 10.32
C PRO C 408 19.64 -59.73 8.82
N VAL C 409 19.11 -58.83 8.00
CA VAL C 409 19.22 -58.93 6.56
C VAL C 409 19.88 -57.62 6.07
N ASP C 410 21.18 -57.70 5.79
CA ASP C 410 22.00 -56.53 5.49
C ASP C 410 21.99 -56.23 3.98
N LYS C 411 20.79 -56.07 3.42
CA LYS C 411 20.58 -55.82 2.00
C LYS C 411 19.56 -54.67 1.82
N ASP C 412 19.45 -54.17 0.58
CA ASP C 412 18.36 -53.24 0.24
C ASP C 412 17.06 -54.05 0.16
N LEU C 413 16.20 -53.85 1.16
CA LEU C 413 15.00 -54.66 1.29
C LEU C 413 13.91 -54.37 0.26
N TYR C 414 14.04 -53.28 -0.51
CA TYR C 414 13.09 -52.97 -1.57
C TYR C 414 13.43 -53.74 -2.84
N GLU C 415 14.65 -54.28 -2.93
CA GLU C 415 15.15 -54.93 -4.14
C GLU C 415 15.33 -56.45 -4.04
N LEU C 416 14.92 -57.07 -2.93
CA LEU C 416 15.14 -58.51 -2.72
C LEU C 416 14.43 -59.38 -3.76
N PRO C 417 15.11 -60.47 -4.18
CA PRO C 417 14.48 -61.40 -5.13
C PRO C 417 13.18 -62.00 -4.54
N PRO C 418 12.16 -62.24 -5.39
CA PRO C 418 10.81 -62.65 -4.96
C PRO C 418 10.73 -63.82 -3.99
N GLU C 419 11.68 -64.75 -4.11
CA GLU C 419 11.81 -65.87 -3.17
C GLU C 419 12.33 -65.41 -1.79
N GLU C 420 13.37 -64.58 -1.78
CA GLU C 420 13.92 -64.08 -0.53
C GLU C 420 12.91 -63.16 0.15
N ALA C 421 12.21 -62.33 -0.63
CA ALA C 421 11.23 -61.37 -0.10
C ALA C 421 10.04 -62.04 0.57
N ALA C 422 9.52 -63.11 -0.05
CA ALA C 422 8.30 -63.80 0.43
C ALA C 422 8.54 -64.61 1.70
N SER C 423 9.82 -64.84 2.04
CA SER C 423 10.18 -65.55 3.25
C SER C 423 10.27 -64.63 4.49
N ILE C 424 10.09 -63.33 4.30
CA ILE C 424 10.18 -62.36 5.40
C ILE C 424 8.77 -61.82 5.60
N PRO C 425 8.27 -61.78 6.86
CA PRO C 425 6.96 -61.20 7.09
C PRO C 425 6.91 -59.71 6.71
N GLN C 426 5.79 -59.32 6.12
CA GLN C 426 5.59 -57.98 5.62
C GLN C 426 4.94 -57.11 6.72
N THR C 427 5.06 -55.80 6.53
CA THR C 427 4.32 -54.83 7.31
C THR C 427 2.82 -54.98 6.95
N PRO C 428 1.92 -54.76 7.90
CA PRO C 428 0.49 -54.74 7.57
C PRO C 428 0.17 -53.83 6.40
N THR C 429 -0.87 -54.18 5.65
CA THR C 429 -1.27 -53.48 4.43
C THR C 429 -2.15 -52.26 4.73
N GLN C 430 -2.93 -52.32 5.81
CA GLN C 430 -3.98 -51.33 6.04
C GLN C 430 -4.39 -51.34 7.53
N LEU C 431 -4.99 -50.24 7.97
CA LEU C 431 -5.31 -50.02 9.37
C LEU C 431 -6.23 -51.08 9.88
N SER C 432 -7.22 -51.45 9.08
CA SER C 432 -8.19 -52.38 9.56
C SER C 432 -7.54 -53.72 9.96
N ASP C 433 -6.45 -54.10 9.30
CA ASP C 433 -5.79 -55.34 9.65
C ASP C 433 -5.11 -55.23 11.01
N VAL C 434 -4.44 -54.12 11.29
CA VAL C 434 -3.75 -53.99 12.58
C VAL C 434 -4.76 -53.86 13.72
N ILE C 435 -5.88 -53.19 13.48
CA ILE C 435 -6.94 -53.06 14.51
C ILE C 435 -7.59 -54.43 14.82
N ASP C 436 -7.87 -55.20 13.76
CA ASP C 436 -8.32 -56.58 13.92
C ASP C 436 -7.34 -57.41 14.73
N ARG C 437 -6.05 -57.24 14.48
CA ARG C 437 -5.05 -58.01 15.17
C ARG C 437 -4.93 -57.56 16.64
N LEU C 438 -5.04 -56.25 16.88
CA LEU C 438 -4.98 -55.72 18.25
C LEU C 438 -6.13 -56.31 19.02
N GLU C 439 -7.30 -56.40 18.39
CA GLU C 439 -8.49 -56.90 19.04
C GLU C 439 -8.31 -58.39 19.47
N ALA C 440 -7.70 -59.19 18.60
CA ALA C 440 -7.51 -60.61 18.84
C ALA C 440 -6.34 -60.89 19.79
N ASP C 441 -5.39 -59.97 19.93
CA ASP C 441 -4.19 -60.28 20.69
C ASP C 441 -3.47 -59.04 21.22
N HIS C 442 -3.70 -58.74 22.49
CA HIS C 442 -3.18 -57.53 23.10
C HIS C 442 -2.75 -57.77 24.55
N GLU C 443 -2.45 -59.03 24.89
CA GLU C 443 -2.23 -59.36 26.28
C GLU C 443 -0.92 -58.75 26.73
N TYR C 444 0.05 -58.62 25.84
CA TYR C 444 1.32 -57.95 26.21
C TYR C 444 1.20 -56.48 26.65
N LEU C 445 0.12 -55.84 26.20
CA LEU C 445 -0.16 -54.44 26.51
C LEU C 445 -0.86 -54.31 27.87
N THR C 446 -1.67 -55.32 28.22
CA THR C 446 -2.41 -55.31 29.49
C THR C 446 -1.58 -55.75 30.70
N GLU C 447 -0.32 -56.12 30.48
CA GLU C 447 0.57 -56.50 31.59
C GLU C 447 0.79 -55.33 32.55
N GLY C 448 0.59 -55.60 33.84
CA GLY C 448 0.76 -54.60 34.87
C GLY C 448 -0.37 -53.58 34.90
N GLY C 449 -1.46 -53.83 34.18
CA GLY C 449 -2.50 -52.85 33.99
C GLY C 449 -2.09 -51.59 33.22
N VAL C 450 -1.01 -51.66 32.42
CA VAL C 450 -0.48 -50.47 31.71
C VAL C 450 -1.50 -50.00 30.69
N PHE C 451 -1.93 -50.87 29.79
CA PHE C 451 -3.15 -50.63 29.03
C PHE C 451 -4.23 -51.46 29.67
N THR C 452 -5.46 -50.98 29.64
CA THR C 452 -6.57 -51.72 30.19
C THR C 452 -7.49 -52.07 29.07
N ASN C 453 -8.43 -52.99 29.32
CA ASN C 453 -9.39 -53.41 28.31
C ASN C 453 -10.30 -52.29 27.76
N ASP C 454 -10.75 -51.38 28.63
CA ASP C 454 -11.59 -50.27 28.22
C ASP C 454 -10.87 -49.34 27.24
N LEU C 455 -9.59 -49.13 27.49
CA LEU C 455 -8.79 -48.30 26.60
C LEU C 455 -8.67 -48.98 25.22
N ILE C 456 -8.23 -50.23 25.22
CA ILE C 456 -8.06 -51.00 23.98
C ILE C 456 -9.39 -51.03 23.23
N GLU C 457 -10.47 -51.36 23.91
CA GLU C 457 -11.78 -51.43 23.24
C GLU C 457 -12.24 -50.06 22.71
N THR C 458 -11.94 -49.01 23.45
CA THR C 458 -12.29 -47.65 23.02
C THR C 458 -11.49 -47.25 21.79
N TRP C 459 -10.21 -47.63 21.77
CA TRP C 459 -9.34 -47.33 20.64
C TRP C 459 -9.83 -48.04 19.39
N ILE C 460 -10.11 -49.33 19.52
CA ILE C 460 -10.61 -50.14 18.42
C ILE C 460 -11.92 -49.57 17.81
N SER C 461 -12.87 -49.32 18.69
CA SER C 461 -14.16 -48.74 18.30
C SER C 461 -14.03 -47.36 17.59
N PHE C 462 -13.20 -46.49 18.15
CA PHE C 462 -13.00 -45.14 17.61
C PHE C 462 -12.45 -45.22 16.20
N LYS C 463 -11.46 -46.10 16.02
CA LYS C 463 -10.76 -46.16 14.76
C LYS C 463 -11.65 -46.72 13.68
N ARG C 464 -12.42 -47.77 13.99
CA ARG C 464 -13.36 -48.34 13.04
C ARG C 464 -14.45 -47.38 12.65
N GLU C 465 -15.04 -46.72 13.66
CA GLU C 465 -16.23 -45.93 13.43
C GLU C 465 -15.91 -44.53 12.89
N ASN C 466 -14.74 -43.98 13.24
CA ASN C 466 -14.43 -42.60 12.82
C ASN C 466 -13.38 -42.48 11.75
N GLU C 467 -12.73 -43.60 11.37
CA GLU C 467 -11.65 -43.50 10.42
C GLU C 467 -11.76 -44.54 9.31
N ILE C 468 -11.72 -45.82 9.68
CA ILE C 468 -11.74 -46.89 8.71
C ILE C 468 -13.03 -46.88 7.88
N GLU C 469 -14.18 -46.95 8.53
CA GLU C 469 -15.43 -46.99 7.78
C GLU C 469 -15.63 -45.69 6.91
N PRO C 470 -15.42 -44.51 7.48
CA PRO C 470 -15.63 -43.28 6.68
C PRO C 470 -14.81 -43.23 5.35
N VAL C 471 -13.56 -43.68 5.40
CA VAL C 471 -12.75 -43.78 4.20
C VAL C 471 -13.29 -44.87 3.29
N ASN C 472 -13.64 -46.05 3.84
CA ASN C 472 -14.12 -47.20 3.01
C ASN C 472 -15.39 -46.96 2.21
N ILE C 473 -16.23 -46.08 2.68
CA ILE C 473 -17.50 -45.88 1.98
C ILE C 473 -17.42 -44.79 0.90
N ARG C 474 -16.31 -44.05 0.88
CA ARG C 474 -16.19 -42.92 -0.04
C ARG C 474 -15.39 -43.34 -1.26
N PRO C 475 -15.99 -43.25 -2.46
CA PRO C 475 -15.25 -43.42 -3.70
C PRO C 475 -13.98 -42.58 -3.71
N HIS C 476 -12.90 -43.23 -4.11
CA HIS C 476 -11.57 -42.66 -4.26
C HIS C 476 -11.49 -42.08 -5.70
N PRO C 477 -10.88 -40.89 -5.86
CA PRO C 477 -10.81 -40.33 -7.22
C PRO C 477 -10.17 -41.23 -8.29
N TYR C 478 -9.19 -42.02 -7.91
CA TYR C 478 -8.57 -42.93 -8.84
C TYR C 478 -9.52 -44.05 -9.35
N GLU C 479 -10.59 -44.37 -8.60
CA GLU C 479 -11.64 -45.26 -9.11
C GLU C 479 -12.31 -44.70 -10.36
N PHE C 480 -12.34 -43.37 -10.48
CA PHE C 480 -12.92 -42.72 -11.65
C PHE C 480 -11.95 -42.85 -12.84
N ALA C 481 -10.66 -42.70 -12.57
CA ALA C 481 -9.64 -42.93 -13.59
C ALA C 481 -9.68 -44.38 -14.11
N LEU C 482 -9.88 -45.32 -13.20
CA LEU C 482 -9.92 -46.75 -13.54
C LEU C 482 -11.27 -47.20 -14.13
N TYR C 483 -12.39 -46.66 -13.63
CA TYR C 483 -13.67 -47.30 -13.86
C TYR C 483 -14.82 -46.52 -14.47
N TYR C 484 -14.68 -45.22 -14.73
CA TYR C 484 -15.81 -44.41 -15.25
C TYR C 484 -16.37 -45.04 -16.55
N ASP C 485 -15.45 -45.53 -17.39
CA ASP C 485 -15.82 -46.07 -18.70
C ASP C 485 -16.08 -47.58 -18.75
N VAL C 486 -16.26 -48.23 -17.59
CA VAL C 486 -16.50 -49.68 -17.56
C VAL C 486 -17.70 -50.10 -18.37
N LYS D 12 -20.68 1.16 46.38
CA LYS D 12 -20.17 2.53 46.09
C LYS D 12 -21.27 3.59 46.27
N THR D 13 -20.85 4.80 46.57
CA THR D 13 -21.72 5.96 46.75
C THR D 13 -21.56 6.98 45.60
N PRO D 14 -22.48 7.95 45.51
CA PRO D 14 -22.29 9.03 44.53
C PRO D 14 -20.90 9.66 44.55
N ASP D 15 -20.35 9.97 45.72
CA ASP D 15 -19.02 10.63 45.80
C ASP D 15 -17.89 9.75 45.30
N ASP D 16 -17.99 8.44 45.58
CA ASP D 16 -17.08 7.45 44.98
C ASP D 16 -17.06 7.61 43.45
N VAL D 17 -18.24 7.74 42.85
CA VAL D 17 -18.34 7.81 41.39
C VAL D 17 -17.74 9.12 40.86
N PHE D 18 -17.99 10.23 41.55
CA PHE D 18 -17.41 11.55 41.20
C PHE D 18 -15.88 11.52 41.34
N LYS D 19 -15.40 10.85 42.38
CA LYS D 19 -13.96 10.66 42.56
C LYS D 19 -13.33 9.82 41.45
N LEU D 20 -13.99 8.72 41.06
CA LEU D 20 -13.53 7.90 39.94
C LEU D 20 -13.43 8.77 38.67
N ALA D 21 -14.49 9.54 38.38
CA ALA D 21 -14.56 10.35 37.13
C ALA D 21 -13.45 11.38 37.07
N LYS D 22 -13.25 12.06 38.21
CA LYS D 22 -12.18 13.03 38.36
C LYS D 22 -10.82 12.31 38.30
N ASP D 23 -10.64 11.26 39.09
CA ASP D 23 -9.40 10.48 39.09
C ASP D 23 -9.02 9.97 37.71
N GLU D 24 -9.98 9.51 36.93
CA GLU D 24 -9.67 8.98 35.60
C GLU D 24 -9.63 10.07 34.51
N LYS D 25 -9.88 11.34 34.86
CA LYS D 25 -9.99 12.42 33.85
C LYS D 25 -11.03 12.04 32.76
N VAL D 26 -12.17 11.54 33.20
CA VAL D 26 -13.21 11.14 32.28
C VAL D 26 -13.72 12.38 31.48
N GLU D 27 -13.90 12.21 30.15
CA GLU D 27 -14.44 13.26 29.29
C GLU D 27 -15.97 13.16 29.16
N TYR D 28 -16.48 11.93 29.08
CA TYR D 28 -17.90 11.67 28.86
C TYR D 28 -18.39 10.59 29.83
N VAL D 29 -19.67 10.65 30.10
CA VAL D 29 -20.37 9.67 30.88
C VAL D 29 -21.50 9.10 30.04
N ASP D 30 -21.52 7.77 29.94
CA ASP D 30 -22.50 7.05 29.13
C ASP D 30 -23.60 6.55 30.08
N VAL D 31 -24.80 7.04 29.86
CA VAL D 31 -25.95 6.74 30.65
C VAL D 31 -26.66 5.56 30.00
N ARG D 32 -26.74 4.42 30.71
CA ARG D 32 -27.29 3.18 30.18
C ARG D 32 -28.44 2.63 30.99
N PHE D 33 -29.35 2.00 30.29
CA PHE D 33 -30.42 1.27 30.88
C PHE D 33 -30.86 0.15 29.94
N CYS D 34 -31.67 -0.76 30.46
CA CYS D 34 -32.10 -1.96 29.72
C CYS D 34 -33.49 -1.82 29.14
N ASP D 35 -33.66 -2.11 27.84
CA ASP D 35 -35.00 -2.16 27.24
C ASP D 35 -35.68 -3.50 27.64
N LEU D 36 -36.96 -3.67 27.35
CA LEU D 36 -37.64 -4.87 27.83
C LEU D 36 -37.06 -6.16 27.25
N PRO D 37 -36.87 -6.21 25.91
CA PRO D 37 -36.35 -7.43 25.31
C PRO D 37 -34.95 -7.85 25.78
N GLY D 38 -34.11 -6.90 26.14
CA GLY D 38 -32.81 -7.23 26.74
C GLY D 38 -31.57 -6.59 26.19
N ILE D 39 -31.73 -5.57 25.35
CA ILE D 39 -30.61 -4.78 24.79
C ILE D 39 -30.41 -3.50 25.59
N MET D 40 -29.18 -3.26 26.01
CA MET D 40 -28.80 -2.03 26.69
C MET D 40 -28.91 -0.84 25.76
N GLN D 41 -29.42 0.26 26.29
CA GLN D 41 -29.67 1.49 25.58
C GLN D 41 -28.77 2.56 26.18
N HIS D 42 -28.30 3.51 25.36
CA HIS D 42 -27.42 4.56 25.89
C HIS D 42 -27.53 5.93 25.26
N PHE D 43 -27.18 6.93 26.05
CA PHE D 43 -26.77 8.22 25.55
C PHE D 43 -25.61 8.81 26.35
N THR D 44 -24.97 9.80 25.79
CA THR D 44 -23.77 10.35 26.40
C THR D 44 -24.00 11.79 26.90
N ILE D 45 -23.39 12.12 28.05
CA ILE D 45 -23.38 13.51 28.55
C ILE D 45 -21.92 13.85 28.76
N PRO D 46 -21.56 15.12 28.65
CA PRO D 46 -20.16 15.46 28.96
C PRO D 46 -19.87 15.33 30.47
N ALA D 47 -18.60 15.13 30.82
CA ALA D 47 -18.16 15.16 32.22
C ALA D 47 -18.67 16.41 32.92
N SER D 48 -18.67 17.54 32.22
CA SER D 48 -19.14 18.80 32.80
C SER D 48 -20.62 18.76 33.28
N ALA D 49 -21.45 17.91 32.66
CA ALA D 49 -22.85 17.78 33.04
C ALA D 49 -23.12 16.71 34.09
N PHE D 50 -22.09 15.96 34.49
CA PHE D 50 -22.24 14.89 35.45
C PHE D 50 -22.05 15.43 36.86
N ASP D 51 -23.14 15.76 37.54
CA ASP D 51 -23.06 16.41 38.85
C ASP D 51 -24.15 15.85 39.78
N LYS D 52 -24.23 16.38 41.01
CA LYS D 52 -25.20 15.87 41.99
C LYS D 52 -26.63 15.89 41.48
N SER D 53 -26.91 16.82 40.58
CA SER D 53 -28.23 16.91 39.99
C SER D 53 -28.62 15.64 39.22
N VAL D 54 -27.63 14.96 38.63
CA VAL D 54 -27.91 13.69 37.94
C VAL D 54 -28.48 12.69 38.93
N PHE D 55 -27.95 12.69 40.16
CA PHE D 55 -28.40 11.80 41.22
C PHE D 55 -29.70 12.24 41.87
N ASP D 56 -29.84 13.55 42.12
CA ASP D 56 -31.03 14.08 42.79
C ASP D 56 -32.28 14.18 41.90
N ASP D 57 -32.12 14.59 40.65
CA ASP D 57 -33.26 14.87 39.78
C ASP D 57 -33.41 13.89 38.63
N GLY D 58 -32.30 13.30 38.19
CA GLY D 58 -32.31 12.29 37.14
C GLY D 58 -32.19 12.87 35.75
N LEU D 59 -32.24 12.01 34.76
CA LEU D 59 -32.19 12.42 33.36
C LEU D 59 -33.41 11.86 32.60
N ALA D 60 -33.81 12.56 31.54
CA ALA D 60 -35.01 12.25 30.75
C ALA D 60 -34.67 11.47 29.48
N PHE D 61 -35.64 10.72 28.95
CA PHE D 61 -35.52 10.09 27.64
C PHE D 61 -36.90 9.82 27.07
N ASP D 62 -36.92 9.40 25.81
CA ASP D 62 -38.15 9.06 25.08
C ASP D 62 -38.49 7.60 25.33
N GLY D 63 -39.37 7.39 26.31
CA GLY D 63 -39.89 6.06 26.61
C GLY D 63 -40.64 5.41 25.47
N SER D 64 -41.12 6.18 24.49
CA SER D 64 -41.89 5.60 23.40
C SER D 64 -41.01 5.01 22.32
N SER D 65 -39.69 5.29 22.32
CA SER D 65 -38.80 4.68 21.34
C SER D 65 -38.10 3.46 21.85
N ILE D 66 -38.33 3.13 23.11
CA ILE D 66 -37.76 1.95 23.75
C ILE D 66 -38.77 0.80 23.78
N ARG D 67 -38.37 -0.37 23.30
CA ARG D 67 -39.27 -1.51 23.21
C ARG D 67 -39.77 -1.98 24.60
N GLY D 68 -41.08 -2.17 24.69
CA GLY D 68 -41.75 -2.63 25.90
C GLY D 68 -42.06 -1.53 26.90
N PHE D 69 -41.80 -0.27 26.54
CA PHE D 69 -41.93 0.81 27.50
C PHE D 69 -43.24 1.56 27.23
N GLN D 70 -43.16 2.83 26.83
CA GLN D 70 -44.33 3.71 26.81
C GLN D 70 -44.94 3.92 25.44
N SER D 71 -46.20 4.36 25.46
CA SER D 71 -46.82 4.89 24.26
C SER D 71 -46.36 6.33 24.03
N ILE D 72 -46.55 6.80 22.80
CA ILE D 72 -46.02 8.08 22.36
C ILE D 72 -46.59 9.28 23.14
N HIS D 73 -47.85 9.19 23.57
CA HIS D 73 -48.51 10.31 24.30
C HIS D 73 -48.17 10.32 25.77
N GLU D 74 -47.51 9.27 26.24
CA GLU D 74 -47.04 9.20 27.62
C GLU D 74 -45.53 8.94 27.63
N SER D 75 -44.84 9.58 26.71
CA SER D 75 -43.49 9.15 26.33
C SER D 75 -42.40 9.44 27.35
N ASP D 76 -42.37 10.65 27.90
CA ASP D 76 -41.29 11.02 28.82
C ASP D 76 -41.15 10.00 29.95
N MET D 77 -39.91 9.56 30.19
CA MET D 77 -39.56 8.79 31.37
C MET D 77 -38.30 9.34 32.03
N LEU D 78 -38.02 8.89 33.25
CA LEU D 78 -36.88 9.38 34.02
C LEU D 78 -35.87 8.27 34.31
N LEU D 79 -34.62 8.67 34.51
CA LEU D 79 -33.55 7.74 34.87
C LEU D 79 -32.82 8.25 36.11
N LEU D 80 -32.60 7.35 37.08
CA LEU D 80 -31.75 7.65 38.24
C LEU D 80 -30.60 6.64 38.28
N PRO D 81 -29.36 7.11 38.55
CA PRO D 81 -28.16 6.32 38.46
C PRO D 81 -28.00 5.24 39.55
N ASP D 82 -27.27 4.18 39.20
CA ASP D 82 -26.87 3.13 40.13
C ASP D 82 -25.34 3.18 40.24
N PRO D 83 -24.83 3.83 41.29
CA PRO D 83 -23.38 4.01 41.46
C PRO D 83 -22.54 2.71 41.53
N GLU D 84 -23.12 1.58 41.88
CA GLU D 84 -22.38 0.32 41.90
C GLU D 84 -21.96 -0.17 40.50
N THR D 85 -22.60 0.35 39.46
CA THR D 85 -22.35 -0.12 38.11
C THR D 85 -21.37 0.77 37.34
N ALA D 86 -20.73 1.76 37.99
CA ALA D 86 -19.84 2.69 37.28
C ALA D 86 -18.55 2.04 36.87
N ARG D 87 -18.24 2.00 35.57
CA ARG D 87 -16.98 1.36 35.08
C ARG D 87 -16.42 2.13 33.91
N ILE D 88 -15.11 2.18 33.79
CA ILE D 88 -14.49 2.84 32.67
C ILE D 88 -14.70 2.01 31.40
N ASP D 89 -15.07 2.67 30.31
CA ASP D 89 -15.29 2.00 29.01
C ASP D 89 -13.94 1.69 28.37
N PRO D 90 -13.70 0.42 28.02
CA PRO D 90 -12.41 0.06 27.41
C PRO D 90 -12.25 0.42 25.95
N PHE D 91 -13.30 0.88 25.27
CA PHE D 91 -13.25 0.99 23.82
C PHE D 91 -13.11 2.40 23.31
N ARG D 92 -13.80 3.34 23.96
CA ARG D 92 -13.87 4.71 23.48
C ARG D 92 -12.59 5.52 23.64
N ALA D 93 -12.10 6.01 22.51
CA ALA D 93 -10.95 6.89 22.47
C ALA D 93 -11.13 8.04 23.43
N ALA D 94 -12.30 8.69 23.43
CA ALA D 94 -12.55 9.72 24.43
C ALA D 94 -12.91 9.01 25.73
N LYS D 95 -12.18 9.28 26.80
CA LYS D 95 -12.30 8.53 28.05
C LYS D 95 -13.72 8.65 28.64
N THR D 96 -14.37 7.52 28.81
CA THR D 96 -15.79 7.48 29.14
C THR D 96 -16.08 6.58 30.34
N LEU D 97 -16.92 7.08 31.22
CA LEU D 97 -17.43 6.29 32.37
C LEU D 97 -18.86 5.84 32.05
N ASN D 98 -19.09 4.53 32.07
CA ASN D 98 -20.40 3.94 31.82
C ASN D 98 -21.07 3.71 33.16
N ILE D 99 -22.33 4.12 33.30
CA ILE D 99 -23.12 3.89 34.52
C ILE D 99 -24.50 3.42 34.09
N ASN D 100 -25.00 2.36 34.73
CA ASN D 100 -26.39 1.90 34.59
C ASN D 100 -27.36 2.68 35.47
N PHE D 101 -28.58 2.80 34.98
CA PHE D 101 -29.62 3.60 35.61
C PHE D 101 -30.89 2.75 35.76
N PHE D 102 -31.71 3.17 36.71
CA PHE D 102 -33.02 2.61 36.92
C PHE D 102 -34.00 3.57 36.25
N VAL D 103 -35.06 3.02 35.68
CA VAL D 103 -36.11 3.82 35.05
C VAL D 103 -37.22 4.14 36.07
N HIS D 104 -37.66 5.39 36.09
CA HIS D 104 -38.64 5.87 37.05
C HIS D 104 -39.70 6.70 36.33
N ASP D 105 -40.88 6.74 36.93
CA ASP D 105 -41.99 7.55 36.45
C ASP D 105 -41.61 9.01 36.66
N PRO D 106 -41.84 9.86 35.66
CA PRO D 106 -41.39 11.26 35.77
C PRO D 106 -42.28 12.15 36.65
N PHE D 107 -43.49 11.71 36.99
CA PHE D 107 -44.35 12.44 37.95
C PHE D 107 -44.17 11.97 39.40
N THR D 108 -44.37 10.67 39.65
CA THR D 108 -44.32 10.10 41.01
C THR D 108 -42.90 9.76 41.50
N LEU D 109 -41.95 9.74 40.56
CA LEU D 109 -40.59 9.30 40.85
C LEU D 109 -40.48 7.84 41.32
N GLU D 110 -41.58 7.08 41.25
CA GLU D 110 -41.56 5.66 41.62
C GLU D 110 -40.86 4.81 40.55
N PRO D 111 -40.30 3.65 40.96
CA PRO D 111 -39.68 2.74 39.99
C PRO D 111 -40.70 2.24 38.98
N TYR D 112 -40.25 2.02 37.75
CA TYR D 112 -41.11 1.63 36.63
C TYR D 112 -41.36 0.13 36.66
N SER D 113 -42.63 -0.26 36.47
CA SER D 113 -43.01 -1.65 36.45
C SER D 113 -42.37 -2.50 35.32
N ARG D 114 -41.92 -1.84 34.24
CA ARG D 114 -41.26 -2.53 33.10
C ARG D 114 -39.79 -2.18 32.92
N ASP D 115 -39.14 -1.67 33.96
CA ASP D 115 -37.69 -1.60 34.03
C ASP D 115 -37.13 -2.96 34.46
N PRO D 116 -36.45 -3.67 33.54
CA PRO D 116 -35.87 -4.96 33.88
C PRO D 116 -34.97 -4.93 35.13
N ARG D 117 -34.21 -3.86 35.31
CA ARG D 117 -33.38 -3.73 36.49
C ARG D 117 -34.20 -3.59 37.76
N ASN D 118 -35.39 -2.99 37.64
CA ASN D 118 -36.33 -2.97 38.76
C ASN D 118 -36.87 -4.38 39.12
N ILE D 119 -37.12 -5.21 38.12
CA ILE D 119 -37.61 -6.56 38.37
C ILE D 119 -36.60 -7.33 39.22
N ALA D 120 -35.34 -7.23 38.84
CA ALA D 120 -34.25 -7.84 39.60
C ALA D 120 -34.18 -7.38 41.07
N ARG D 121 -34.32 -6.07 41.28
CA ARG D 121 -34.36 -5.46 42.59
C ARG D 121 -35.51 -6.02 43.43
N LYS D 122 -36.67 -6.10 42.79
CA LYS D 122 -37.88 -6.58 43.47
C LYS D 122 -37.70 -8.05 43.83
N ALA D 123 -37.10 -8.80 42.91
CA ALA D 123 -36.88 -10.23 43.13
C ALA D 123 -35.96 -10.45 44.33
N GLU D 124 -34.89 -9.68 44.42
CA GLU D 124 -33.98 -9.78 45.56
C GLU D 124 -34.69 -9.45 46.88
N ASN D 125 -35.56 -8.45 46.87
CA ASN D 125 -36.27 -8.05 48.07
C ASN D 125 -37.39 -9.02 48.46
N TYR D 126 -38.05 -9.61 47.47
CA TYR D 126 -39.04 -10.62 47.75
C TYR D 126 -38.39 -11.85 48.40
N LEU D 127 -37.21 -12.23 47.92
CA LEU D 127 -36.49 -13.37 48.47
C LEU D 127 -36.30 -13.15 49.97
N ILE D 128 -35.80 -11.99 50.37
CA ILE D 128 -35.56 -11.72 51.80
C ILE D 128 -36.88 -11.82 52.57
N SER D 129 -37.94 -11.25 51.99
CA SER D 129 -39.23 -11.20 52.67
C SER D 129 -39.84 -12.58 52.93
N THR D 130 -39.46 -13.61 52.17
CA THR D 130 -40.02 -14.95 52.37
C THR D 130 -39.39 -15.65 53.57
N GLY D 131 -38.22 -15.21 53.99
CA GLY D 131 -37.48 -15.89 55.03
C GLY D 131 -36.71 -17.12 54.57
N ILE D 132 -36.89 -17.55 53.31
CA ILE D 132 -36.23 -18.75 52.83
C ILE D 132 -34.70 -18.60 52.75
N ALA D 133 -34.25 -17.45 52.25
CA ALA D 133 -32.81 -17.17 52.06
C ALA D 133 -32.60 -15.67 52.05
N ASP D 134 -31.36 -15.19 52.14
CA ASP D 134 -31.13 -13.77 51.94
C ASP D 134 -30.42 -13.41 50.65
N THR D 135 -29.75 -14.38 50.05
CA THR D 135 -28.96 -14.15 48.85
C THR D 135 -29.21 -15.28 47.87
N ALA D 136 -29.35 -14.91 46.60
CA ALA D 136 -29.48 -15.86 45.51
C ALA D 136 -28.28 -15.60 44.59
N TYR D 137 -27.39 -16.58 44.49
CA TYR D 137 -26.20 -16.49 43.62
C TYR D 137 -26.44 -17.11 42.25
N PHE D 138 -26.03 -16.36 41.23
CA PHE D 138 -26.14 -16.74 39.82
C PHE D 138 -24.75 -16.70 39.22
N GLY D 139 -24.32 -17.87 38.75
CA GLY D 139 -23.11 -18.01 37.94
C GLY D 139 -23.51 -18.45 36.54
N ALA D 140 -23.27 -17.60 35.56
CA ALA D 140 -23.78 -17.81 34.22
C ALA D 140 -22.66 -18.15 33.24
N GLU D 141 -22.98 -18.92 32.22
CA GLU D 141 -22.03 -19.24 31.16
C GLU D 141 -22.62 -18.82 29.82
N ALA D 142 -22.28 -17.65 29.32
CA ALA D 142 -22.90 -17.17 28.08
C ALA D 142 -21.96 -17.47 26.92
N GLU D 143 -22.28 -18.52 26.18
CA GLU D 143 -21.44 -18.88 25.03
C GLU D 143 -21.78 -17.98 23.83
N PHE D 144 -20.85 -17.90 22.90
CA PHE D 144 -21.02 -17.07 21.72
C PHE D 144 -20.15 -17.57 20.57
N TYR D 145 -20.45 -17.05 19.37
CA TYR D 145 -19.71 -17.38 18.20
C TYR D 145 -18.97 -16.13 17.75
N ILE D 146 -17.70 -16.33 17.39
CA ILE D 146 -16.89 -15.28 16.79
C ILE D 146 -16.83 -15.50 15.25
N PHE D 147 -17.71 -14.79 14.53
CA PHE D 147 -17.81 -14.95 13.09
C PHE D 147 -16.99 -13.87 12.38
N ASP D 148 -16.81 -14.05 11.08
CA ASP D 148 -16.16 -13.06 10.23
C ASP D 148 -17.17 -12.18 9.52
N SER D 149 -18.33 -12.73 9.20
CA SER D 149 -19.34 -11.99 8.45
C SER D 149 -20.72 -12.57 8.68
N VAL D 150 -21.73 -11.72 8.50
CA VAL D 150 -23.11 -12.16 8.38
C VAL D 150 -23.85 -11.30 7.37
N SER D 151 -24.74 -11.91 6.59
CA SER D 151 -25.71 -11.14 5.84
C SER D 151 -26.98 -11.93 5.72
N PHE D 152 -28.07 -11.21 5.44
CA PHE D 152 -29.41 -11.81 5.36
C PHE D 152 -30.41 -10.81 4.79
N ASP D 153 -31.55 -11.28 4.31
CA ASP D 153 -32.61 -10.39 3.85
C ASP D 153 -33.89 -11.19 3.67
N SER D 154 -34.99 -10.49 3.44
CA SER D 154 -36.31 -11.06 3.33
C SER D 154 -37.06 -10.21 2.33
N ARG D 155 -37.40 -10.78 1.17
CA ARG D 155 -38.04 -10.04 0.08
C ARG D 155 -39.29 -10.79 -0.35
N ALA D 156 -40.03 -10.24 -1.33
CA ALA D 156 -41.28 -10.87 -1.80
C ALA D 156 -41.01 -12.24 -2.38
N ASN D 157 -39.91 -12.32 -3.12
CA ASN D 157 -39.59 -13.48 -3.98
C ASN D 157 -38.38 -14.32 -3.49
N GLY D 158 -37.90 -14.05 -2.28
CA GLY D 158 -36.71 -14.71 -1.76
C GLY D 158 -36.29 -14.23 -0.40
N SER D 159 -35.46 -15.04 0.23
CA SER D 159 -34.88 -14.70 1.53
C SER D 159 -33.64 -15.56 1.74
N PHE D 160 -32.68 -15.05 2.51
CA PHE D 160 -31.44 -15.80 2.77
C PHE D 160 -30.81 -15.35 4.06
N TYR D 161 -29.96 -16.21 4.59
CA TYR D 161 -28.93 -15.77 5.53
C TYR D 161 -27.67 -16.56 5.22
N GLU D 162 -26.53 -16.02 5.63
CA GLU D 162 -25.25 -16.71 5.58
C GLU D 162 -24.36 -16.11 6.66
N VAL D 163 -23.77 -16.97 7.50
CA VAL D 163 -22.72 -16.53 8.39
C VAL D 163 -21.45 -17.20 7.93
N ASP D 164 -20.32 -16.61 8.24
CA ASP D 164 -19.07 -17.18 7.78
C ASP D 164 -18.02 -16.91 8.80
N ALA D 165 -17.02 -17.79 8.80
CA ALA D 165 -15.91 -17.75 9.72
C ALA D 165 -14.78 -18.52 9.04
N ILE D 166 -13.56 -18.00 9.14
CA ILE D 166 -12.40 -18.65 8.56
C ILE D 166 -12.27 -20.11 9.01
N SER D 167 -12.61 -20.37 10.28
CA SER D 167 -12.43 -21.68 10.91
C SER D 167 -13.60 -22.64 10.69
N GLY D 168 -14.62 -22.20 9.97
CA GLY D 168 -15.76 -23.04 9.67
C GLY D 168 -15.44 -24.20 8.74
N TRP D 169 -15.93 -25.39 9.12
CA TRP D 169 -15.64 -26.60 8.36
C TRP D 169 -16.18 -26.56 6.91
N TRP D 170 -17.21 -25.77 6.69
CA TRP D 170 -17.76 -25.55 5.34
C TRP D 170 -16.76 -24.87 4.38
N ASN D 171 -15.69 -24.30 4.90
CA ASN D 171 -14.62 -23.71 4.09
C ASN D 171 -13.37 -24.58 3.85
N THR D 172 -13.37 -25.85 4.26
CA THR D 172 -12.16 -26.68 4.04
C THR D 172 -11.75 -26.72 2.57
N GLY D 173 -12.74 -26.63 1.67
CA GLY D 173 -12.52 -26.73 0.24
C GLY D 173 -12.32 -25.40 -0.46
N ALA D 174 -12.30 -24.30 0.28
CA ALA D 174 -12.15 -22.98 -0.31
C ALA D 174 -10.78 -22.84 -0.94
N ALA D 175 -10.72 -22.30 -2.16
CA ALA D 175 -9.46 -22.11 -2.85
C ALA D 175 -8.63 -21.05 -2.18
N THR D 176 -9.27 -20.03 -1.62
CA THR D 176 -8.55 -18.98 -0.92
C THR D 176 -9.43 -18.49 0.21
N GLU D 177 -8.84 -17.71 1.12
CA GLU D 177 -9.59 -17.11 2.18
C GLU D 177 -10.34 -15.88 1.64
N ALA D 178 -11.22 -15.31 2.46
CA ALA D 178 -12.05 -14.15 2.09
C ALA D 178 -11.21 -13.05 1.48
N ASP D 179 -10.04 -12.80 2.04
CA ASP D 179 -9.14 -11.76 1.54
C ASP D 179 -8.20 -12.18 0.41
N GLY D 180 -8.39 -13.35 -0.17
CA GLY D 180 -7.50 -13.81 -1.23
C GLY D 180 -6.28 -14.59 -0.76
N SER D 181 -5.99 -14.57 0.54
CA SER D 181 -4.82 -15.29 1.04
C SER D 181 -5.06 -16.82 0.98
N PRO D 182 -4.00 -17.62 1.09
CA PRO D 182 -4.16 -19.09 0.94
C PRO D 182 -4.96 -19.77 2.07
N ASN D 183 -5.73 -20.79 1.71
CA ASN D 183 -6.34 -21.72 2.69
C ASN D 183 -5.20 -22.51 3.34
N ARG D 184 -5.04 -22.36 4.65
CA ARG D 184 -3.94 -23.03 5.33
C ARG D 184 -4.44 -24.21 6.21
N GLY D 185 -5.71 -24.58 6.07
CA GLY D 185 -6.28 -25.70 6.80
C GLY D 185 -6.49 -25.39 8.25
N TYR D 186 -6.42 -26.42 9.07
CA TYR D 186 -6.62 -26.33 10.52
C TYR D 186 -7.99 -25.74 10.90
N LYS D 187 -8.98 -25.98 10.06
CA LYS D 187 -10.33 -25.56 10.33
C LYS D 187 -10.94 -26.51 11.34
N VAL D 188 -12.01 -26.07 11.98
CA VAL D 188 -12.61 -26.81 13.10
C VAL D 188 -13.74 -27.69 12.62
N ARG D 189 -13.66 -28.98 12.91
CA ARG D 189 -14.71 -29.92 12.51
C ARG D 189 -16.00 -29.61 13.23
N HIS D 190 -17.13 -29.96 12.63
CA HIS D 190 -18.39 -29.78 13.32
C HIS D 190 -18.36 -30.60 14.61
N LYS D 191 -18.82 -29.98 15.68
CA LYS D 191 -18.73 -30.52 17.04
C LYS D 191 -17.31 -30.81 17.53
N GLY D 192 -16.33 -30.16 16.94
CA GLY D 192 -14.96 -30.47 17.21
C GLY D 192 -14.14 -29.36 17.79
N GLY D 193 -14.76 -28.28 18.24
CA GLY D 193 -14.00 -27.10 18.69
C GLY D 193 -13.63 -27.08 20.16
N TYR D 194 -14.15 -28.03 20.94
CA TYR D 194 -13.83 -28.11 22.39
C TYR D 194 -12.79 -29.25 22.62
N PHE D 195 -11.50 -28.95 22.83
CA PHE D 195 -10.89 -27.63 22.62
C PHE D 195 -9.41 -27.79 22.29
N PRO D 196 -9.13 -28.21 21.06
CA PRO D 196 -7.74 -28.39 20.62
C PRO D 196 -6.88 -27.16 20.65
N VAL D 197 -5.58 -27.37 20.81
CA VAL D 197 -4.62 -26.29 20.81
C VAL D 197 -4.49 -25.65 19.42
N ALA D 198 -3.99 -24.42 19.40
CA ALA D 198 -3.61 -23.75 18.16
C ALA D 198 -2.64 -24.62 17.35
N PRO D 199 -2.62 -24.52 16.00
CA PRO D 199 -3.41 -23.56 15.21
C PRO D 199 -4.87 -23.96 14.92
N ASN D 200 -5.33 -25.13 15.38
CA ASN D 200 -6.75 -25.55 15.22
C ASN D 200 -7.68 -24.52 15.88
N ASP D 201 -7.30 -24.06 17.06
CA ASP D 201 -7.88 -22.94 17.75
C ASP D 201 -7.32 -21.65 17.15
N GLN D 202 -8.13 -20.99 16.34
CA GLN D 202 -7.72 -19.83 15.62
C GLN D 202 -8.00 -18.52 16.39
N TYR D 203 -8.50 -18.59 17.63
CA TYR D 203 -8.98 -17.39 18.32
C TYR D 203 -8.31 -17.12 19.66
N VAL D 204 -7.14 -17.71 19.89
CA VAL D 204 -6.50 -17.64 21.19
C VAL D 204 -6.16 -16.20 21.55
N ASP D 205 -5.53 -15.48 20.62
CA ASP D 205 -5.14 -14.08 20.88
C ASP D 205 -6.34 -13.19 21.10
N LEU D 206 -7.42 -13.40 20.34
CA LEU D 206 -8.59 -12.52 20.46
C LEU D 206 -9.32 -12.77 21.80
N ARG D 207 -9.42 -14.04 22.20
CA ARG D 207 -10.03 -14.32 23.51
C ARG D 207 -9.16 -13.80 24.66
N ASP D 208 -7.83 -13.76 24.46
CA ASP D 208 -6.93 -13.17 25.48
C ASP D 208 -7.24 -11.66 25.61
N LYS D 209 -7.52 -11.00 24.48
CA LYS D 209 -7.95 -9.60 24.50
C LYS D 209 -9.30 -9.42 25.22
N MET D 210 -10.23 -10.32 24.94
CA MET D 210 -11.51 -10.34 25.65
C MET D 210 -11.31 -10.48 27.16
N LEU D 211 -10.52 -11.47 27.56
CA LEU D 211 -10.22 -11.73 28.97
C LEU D 211 -9.61 -10.50 29.64
N THR D 212 -8.66 -9.89 28.97
CA THR D 212 -7.96 -8.71 29.48
C THR D 212 -8.90 -7.51 29.64
N ASN D 213 -9.76 -7.25 28.65
CA ASN D 213 -10.77 -6.19 28.72
C ASN D 213 -11.74 -6.41 29.86
N LEU D 214 -12.16 -7.66 30.06
CA LEU D 214 -13.01 -8.00 31.20
C LEU D 214 -12.29 -7.76 32.54
N ILE D 215 -11.04 -8.24 32.63
CA ILE D 215 -10.23 -8.03 33.84
C ILE D 215 -10.11 -6.55 34.15
N ASN D 216 -9.82 -5.75 33.12
CA ASN D 216 -9.67 -4.32 33.28
C ASN D 216 -10.95 -3.58 33.55
N SER D 217 -12.09 -4.20 33.29
CA SER D 217 -13.40 -3.70 33.70
C SER D 217 -13.87 -4.27 35.02
N GLY D 218 -12.94 -4.79 35.83
CA GLY D 218 -13.32 -5.27 37.17
C GLY D 218 -14.03 -6.62 37.29
N PHE D 219 -14.07 -7.43 36.21
CA PHE D 219 -14.54 -8.82 36.34
C PHE D 219 -13.48 -9.69 37.04
N ILE D 220 -13.93 -10.69 37.79
CA ILE D 220 -13.07 -11.72 38.35
C ILE D 220 -13.18 -12.89 37.43
N LEU D 221 -12.10 -13.15 36.71
CA LEU D 221 -12.12 -14.15 35.64
C LEU D 221 -11.85 -15.53 36.20
N GLU D 222 -12.45 -16.51 35.54
CA GLU D 222 -12.32 -17.91 35.90
C GLU D 222 -11.65 -18.66 34.79
N LYS D 223 -12.19 -18.59 33.57
CA LYS D 223 -11.57 -19.24 32.41
C LYS D 223 -12.14 -18.77 31.07
N GLY D 224 -11.41 -19.12 30.03
CA GLY D 224 -11.79 -18.87 28.65
C GLY D 224 -11.38 -20.05 27.79
N HIS D 225 -12.24 -20.41 26.84
CA HIS D 225 -11.91 -21.49 25.89
C HIS D 225 -12.74 -21.42 24.63
N HIS D 226 -12.27 -22.12 23.61
CA HIS D 226 -13.08 -22.40 22.43
C HIS D 226 -14.17 -23.41 22.85
N GLU D 227 -15.36 -23.27 22.29
CA GLU D 227 -16.42 -24.21 22.54
C GLU D 227 -16.55 -25.18 21.36
N VAL D 228 -17.49 -26.10 21.49
CA VAL D 228 -17.70 -27.23 20.61
C VAL D 228 -17.92 -26.84 19.14
N GLY D 229 -18.64 -25.74 18.91
CA GLY D 229 -19.01 -25.37 17.57
C GLY D 229 -17.87 -24.95 16.66
N SER D 230 -17.94 -25.41 15.41
CA SER D 230 -17.07 -24.94 14.35
C SER D 230 -17.35 -23.46 14.02
N GLY D 231 -16.37 -22.78 13.48
CA GLY D 231 -16.54 -21.39 13.13
C GLY D 231 -16.53 -20.44 14.34
N GLY D 232 -15.70 -20.74 15.33
CA GLY D 232 -15.32 -19.79 16.37
C GLY D 232 -16.20 -19.75 17.62
N GLN D 233 -16.81 -20.85 18.00
CA GLN D 233 -17.58 -20.84 19.26
C GLN D 233 -16.63 -20.64 20.43
N ALA D 234 -17.08 -19.85 21.39
CA ALA D 234 -16.26 -19.49 22.54
C ALA D 234 -17.04 -19.41 23.84
N GLU D 235 -16.32 -19.44 24.94
CA GLU D 235 -16.95 -19.24 26.26
C GLU D 235 -15.92 -18.64 27.18
N ILE D 236 -16.35 -17.59 27.89
CA ILE D 236 -15.54 -16.98 28.93
C ILE D 236 -16.38 -16.99 30.20
N ASN D 237 -15.77 -17.39 31.32
CA ASN D 237 -16.49 -17.45 32.59
C ASN D 237 -15.92 -16.41 33.57
N TYR D 238 -16.82 -15.69 34.24
CA TYR D 238 -16.40 -14.81 35.33
C TYR D 238 -17.15 -15.24 36.60
N GLN D 239 -16.70 -14.72 37.73
CA GLN D 239 -17.20 -15.18 39.03
C GLN D 239 -18.66 -14.86 39.21
N PHE D 240 -19.40 -15.80 39.78
CA PHE D 240 -20.83 -15.65 40.15
C PHE D 240 -21.07 -14.42 41.00
N ASN D 241 -22.31 -13.97 41.08
CA ASN D 241 -22.63 -12.92 42.05
C ASN D 241 -24.11 -13.06 42.44
N SER D 242 -24.58 -12.21 43.34
CA SER D 242 -26.00 -12.13 43.63
C SER D 242 -26.77 -11.57 42.44
N LEU D 243 -28.06 -11.92 42.37
CA LEU D 243 -28.90 -11.78 41.17
C LEU D 243 -28.74 -10.48 40.32
N LEU D 244 -29.00 -9.33 40.95
CA LEU D 244 -28.94 -8.05 40.26
C LEU D 244 -27.54 -7.77 39.74
N HIS D 245 -26.54 -8.00 40.57
CA HIS D 245 -25.14 -7.82 40.15
C HIS D 245 -24.79 -8.78 39.01
N ALA D 246 -25.25 -10.03 39.09
CA ALA D 246 -24.95 -11.01 38.02
C ALA D 246 -25.57 -10.55 36.70
N ALA D 247 -26.74 -9.91 36.76
CA ALA D 247 -27.45 -9.58 35.52
C ALA D 247 -26.78 -8.37 34.90
N ASP D 248 -26.39 -7.41 35.73
CA ASP D 248 -25.57 -6.26 35.29
C ASP D 248 -24.24 -6.73 34.69
N ASP D 249 -23.58 -7.69 35.36
CA ASP D 249 -22.37 -8.32 34.85
C ASP D 249 -22.60 -8.97 33.50
N MET D 250 -23.73 -9.64 33.32
CA MET D 250 -23.99 -10.27 32.03
C MET D 250 -24.10 -9.26 30.89
N GLN D 251 -24.82 -8.17 31.13
CA GLN D 251 -25.01 -7.14 30.11
C GLN D 251 -23.69 -6.50 29.71
N LEU D 252 -22.84 -6.17 30.69
CA LEU D 252 -21.52 -5.60 30.40
C LEU D 252 -20.60 -6.62 29.73
N TYR D 253 -20.68 -7.88 30.12
CA TYR D 253 -19.90 -8.93 29.47
C TYR D 253 -20.22 -8.98 27.97
N LYS D 254 -21.51 -9.03 27.64
CA LYS D 254 -21.95 -9.07 26.26
C LYS D 254 -21.43 -7.86 25.50
N TYR D 255 -21.51 -6.69 26.11
CA TYR D 255 -20.94 -5.49 25.52
C TYR D 255 -19.42 -5.60 25.28
N ILE D 256 -18.69 -6.03 26.28
CA ILE D 256 -17.24 -6.19 26.15
C ILE D 256 -16.89 -7.30 25.13
N ILE D 257 -17.59 -8.40 25.15
CA ILE D 257 -17.30 -9.41 24.12
C ILE D 257 -17.54 -8.88 22.70
N LYS D 258 -18.72 -8.31 22.46
CA LYS D 258 -19.12 -7.90 21.11
C LYS D 258 -18.17 -6.84 20.58
N ASN D 259 -17.76 -5.91 21.42
CA ASN D 259 -16.95 -4.80 20.93
C ASN D 259 -15.48 -5.10 20.83
N THR D 260 -14.97 -5.99 21.68
CA THR D 260 -13.60 -6.49 21.53
C THR D 260 -13.49 -7.17 20.16
N ALA D 261 -14.49 -7.99 19.84
CA ALA D 261 -14.55 -8.64 18.51
C ALA D 261 -14.58 -7.57 17.41
N TRP D 262 -15.44 -6.59 17.56
CA TRP D 262 -15.64 -5.57 16.50
C TRP D 262 -14.39 -4.77 16.26
N GLN D 263 -13.70 -4.43 17.34
CA GLN D 263 -12.47 -3.67 17.20
C GLN D 263 -11.35 -4.46 16.58
N ASN D 264 -11.48 -5.78 16.54
CA ASN D 264 -10.46 -6.68 16.03
C ASN D 264 -10.92 -7.39 14.75
N GLY D 265 -11.86 -6.77 14.05
CA GLY D 265 -12.26 -7.21 12.73
C GLY D 265 -13.26 -8.35 12.61
N LYS D 266 -13.93 -8.69 13.70
CA LYS D 266 -14.80 -9.81 13.75
C LYS D 266 -16.22 -9.36 14.11
N THR D 267 -17.12 -10.33 14.20
CA THR D 267 -18.47 -10.04 14.55
C THR D 267 -19.03 -11.22 15.36
N VAL D 268 -19.46 -10.91 16.57
CA VAL D 268 -19.93 -11.92 17.49
C VAL D 268 -21.44 -12.01 17.51
N THR D 269 -21.95 -13.22 17.66
CA THR D 269 -23.35 -13.36 17.97
C THR D 269 -23.58 -14.25 19.16
N PHE D 270 -24.54 -13.79 20.00
CA PHE D 270 -25.06 -14.58 21.10
C PHE D 270 -26.38 -15.31 20.78
N MET D 271 -26.80 -15.37 19.52
CA MET D 271 -28.04 -16.05 19.23
C MET D 271 -27.94 -17.56 19.56
N PRO D 272 -29.07 -18.20 19.92
CA PRO D 272 -29.08 -19.57 20.41
C PRO D 272 -28.58 -20.63 19.41
N LYS D 273 -28.92 -20.46 18.14
CA LYS D 273 -28.61 -21.49 17.12
C LYS D 273 -28.32 -20.84 15.76
N PRO D 274 -27.11 -20.28 15.59
CA PRO D 274 -26.80 -19.69 14.28
C PRO D 274 -26.42 -20.75 13.23
N LEU D 275 -26.00 -21.92 13.69
CA LEU D 275 -25.50 -22.96 12.81
C LEU D 275 -26.38 -24.19 12.87
N PHE D 276 -26.80 -24.68 11.72
CA PHE D 276 -27.63 -25.87 11.64
C PHE D 276 -26.72 -27.05 11.69
N GLY D 277 -26.93 -27.97 12.62
CA GLY D 277 -26.08 -29.17 12.69
C GLY D 277 -24.79 -29.02 13.51
N ASP D 278 -24.66 -27.96 14.30
CA ASP D 278 -23.57 -27.85 15.25
C ASP D 278 -24.13 -27.24 16.55
N ASN D 279 -23.32 -27.20 17.58
CA ASN D 279 -23.81 -26.77 18.89
C ASN D 279 -24.43 -25.39 18.84
N GLY D 280 -25.55 -25.24 19.56
CA GLY D 280 -26.06 -23.93 19.93
C GLY D 280 -25.25 -23.25 21.02
N SER D 281 -25.59 -22.01 21.31
CA SER D 281 -24.97 -21.24 22.37
C SER D 281 -25.98 -21.12 23.50
N GLY D 282 -25.61 -21.70 24.64
CA GLY D 282 -26.45 -21.60 25.83
C GLY D 282 -26.05 -20.51 26.81
N MET D 283 -26.91 -20.29 27.79
CA MET D 283 -26.59 -19.49 28.97
C MET D 283 -26.90 -20.31 30.22
N HIS D 284 -26.07 -21.29 30.50
CA HIS D 284 -26.26 -22.14 31.66
C HIS D 284 -26.25 -21.25 32.90
N CYS D 285 -27.16 -21.48 33.82
CA CYS D 285 -27.23 -20.69 35.03
C CYS D 285 -27.06 -21.54 36.28
N HIS D 286 -25.89 -21.45 36.90
CA HIS D 286 -25.62 -22.10 38.16
C HIS D 286 -26.24 -21.24 39.25
N GLN D 287 -26.97 -21.88 40.15
CA GLN D 287 -27.81 -21.18 41.13
C GLN D 287 -27.69 -21.79 42.52
N SER D 288 -27.64 -20.94 43.53
CA SER D 288 -27.68 -21.38 44.91
C SER D 288 -28.22 -20.31 45.85
N LEU D 289 -28.88 -20.77 46.92
CA LEU D 289 -29.45 -19.91 47.93
C LEU D 289 -28.57 -20.00 49.19
N TRP D 290 -28.38 -18.83 49.80
CA TRP D 290 -27.62 -18.69 51.03
C TRP D 290 -28.46 -17.88 51.98
N LYS D 291 -28.30 -18.18 53.28
CA LYS D 291 -28.93 -17.37 54.35
C LYS D 291 -28.00 -17.18 55.55
N ASP D 292 -27.91 -15.94 56.03
CA ASP D 292 -27.02 -15.57 57.15
C ASP D 292 -25.60 -16.05 56.95
N GLY D 293 -25.08 -15.88 55.76
CA GLY D 293 -23.73 -16.29 55.45
C GLY D 293 -23.44 -17.79 55.39
N ALA D 294 -24.46 -18.64 55.32
CA ALA D 294 -24.27 -20.09 55.19
C ALA D 294 -24.99 -20.66 53.97
N PRO D 295 -24.43 -21.71 53.35
CA PRO D 295 -25.07 -22.35 52.18
C PRO D 295 -26.38 -23.09 52.56
N LEU D 296 -27.32 -23.16 51.64
CA LEU D 296 -28.57 -23.87 51.88
C LEU D 296 -28.80 -25.07 50.98
N MET D 297 -27.92 -25.30 50.01
CA MET D 297 -28.18 -26.29 48.97
C MET D 297 -27.68 -27.70 49.31
N TYR D 298 -26.95 -27.88 50.42
CA TYR D 298 -26.16 -29.11 50.64
C TYR D 298 -26.75 -30.01 51.72
N ASP D 299 -26.86 -31.27 51.38
CA ASP D 299 -27.15 -32.35 52.33
C ASP D 299 -26.39 -33.56 51.84
N GLU D 300 -25.38 -33.95 52.63
CA GLU D 300 -24.60 -35.16 52.41
C GLU D 300 -25.46 -36.38 52.02
N THR D 301 -26.66 -36.50 52.60
CA THR D 301 -27.46 -37.71 52.40
C THR D 301 -28.38 -37.64 51.19
N GLY D 302 -28.46 -36.49 50.52
CA GLY D 302 -29.40 -36.35 49.40
C GLY D 302 -28.78 -36.86 48.11
N TYR D 303 -29.62 -37.19 47.13
CA TYR D 303 -29.12 -37.45 45.80
C TYR D 303 -28.28 -36.23 45.35
N ALA D 304 -27.08 -36.54 44.89
CA ALA D 304 -26.13 -35.57 44.35
C ALA D 304 -25.78 -34.49 45.40
N GLY D 305 -25.92 -34.86 46.68
CA GLY D 305 -25.57 -33.99 47.78
C GLY D 305 -26.49 -32.81 47.90
N LEU D 306 -27.72 -32.94 47.42
CA LEU D 306 -28.70 -31.85 47.47
C LEU D 306 -29.62 -31.88 48.71
N SER D 307 -29.77 -30.73 49.33
CA SER D 307 -30.77 -30.55 50.39
C SER D 307 -32.18 -30.52 49.81
N ASP D 308 -33.16 -30.66 50.69
CA ASP D 308 -34.57 -30.53 50.32
C ASP D 308 -34.84 -29.16 49.67
N THR D 309 -34.27 -28.10 50.23
CA THR D 309 -34.44 -26.75 49.67
C THR D 309 -34.02 -26.74 48.20
N ALA D 310 -32.83 -27.27 47.93
CA ALA D 310 -32.26 -27.40 46.58
C ALA D 310 -33.12 -28.26 45.65
N ARG D 311 -33.58 -29.42 46.15
CA ARG D 311 -34.42 -30.34 45.38
C ARG D 311 -35.77 -29.72 45.02
N HIS D 312 -36.37 -29.02 45.96
CA HIS D 312 -37.63 -28.30 45.73
C HIS D 312 -37.47 -27.06 44.80
N TYR D 313 -36.32 -26.40 44.84
CA TYR D 313 -36.03 -25.32 43.87
C TYR D 313 -36.07 -25.94 42.49
N ILE D 314 -35.35 -27.05 42.32
CA ILE D 314 -35.33 -27.82 41.08
C ILE D 314 -36.74 -28.23 40.69
N GLY D 315 -37.50 -28.71 41.66
CA GLY D 315 -38.90 -29.02 41.44
C GLY D 315 -39.66 -27.85 40.84
N GLY D 316 -39.42 -26.66 41.38
CA GLY D 316 -40.00 -25.43 40.83
C GLY D 316 -39.59 -25.15 39.37
N LEU D 317 -38.30 -25.24 39.08
CA LEU D 317 -37.82 -24.99 37.70
C LEU D 317 -38.46 -25.95 36.68
N LEU D 318 -38.44 -27.25 37.00
CA LEU D 318 -38.98 -28.26 36.10
C LEU D 318 -40.53 -28.21 36.04
N HIS D 319 -41.18 -27.89 37.14
CA HIS D 319 -42.65 -27.73 37.13
C HIS D 319 -43.10 -26.52 36.30
N HIS D 320 -42.39 -25.40 36.46
CA HIS D 320 -42.83 -24.16 35.84
C HIS D 320 -42.19 -23.93 34.46
N ALA D 321 -41.30 -24.80 34.06
CA ALA D 321 -40.59 -24.68 32.75
C ALA D 321 -41.50 -24.32 31.56
N PRO D 322 -42.71 -24.95 31.48
CA PRO D 322 -43.56 -24.65 30.34
C PRO D 322 -43.92 -23.16 30.17
N SER D 323 -43.96 -22.39 31.25
CA SER D 323 -44.17 -20.94 31.15
C SER D 323 -42.89 -20.17 31.41
N LEU D 324 -42.03 -20.71 32.26
CA LEU D 324 -40.76 -20.09 32.61
C LEU D 324 -39.84 -19.85 31.40
N LEU D 325 -39.81 -20.77 30.45
CA LEU D 325 -38.97 -20.62 29.24
C LEU D 325 -39.35 -19.40 28.40
N ALA D 326 -40.52 -18.82 28.65
CA ALA D 326 -40.91 -17.59 27.99
C ALA D 326 -39.96 -16.46 28.33
N PHE D 327 -39.33 -16.54 29.51
CA PHE D 327 -38.31 -15.58 29.89
C PHE D 327 -36.87 -16.11 29.77
N THR D 328 -36.67 -17.42 29.85
CA THR D 328 -35.31 -17.97 29.80
C THR D 328 -34.91 -18.37 28.39
N ASN D 329 -35.91 -18.62 27.54
CA ASN D 329 -35.69 -19.08 26.15
C ASN D 329 -36.68 -18.30 25.27
N PRO D 330 -36.45 -16.99 25.18
CA PRO D 330 -37.51 -16.07 24.81
C PRO D 330 -37.63 -15.70 23.34
N THR D 331 -36.92 -16.40 22.45
CA THR D 331 -36.96 -16.09 21.02
C THR D 331 -37.37 -17.32 20.19
N VAL D 332 -37.76 -17.10 18.94
CA VAL D 332 -38.05 -18.21 18.05
C VAL D 332 -36.80 -19.10 17.84
N ASN D 333 -35.64 -18.48 17.76
CA ASN D 333 -34.39 -19.20 17.47
C ASN D 333 -33.97 -20.09 18.65
N SER D 334 -34.39 -19.71 19.85
CA SER D 334 -34.17 -20.52 21.06
C SER D 334 -34.57 -21.95 20.87
N TYR D 335 -35.69 -22.19 20.21
CA TYR D 335 -36.26 -23.54 20.10
C TYR D 335 -35.59 -24.41 19.04
N LYS D 336 -34.76 -23.79 18.21
CA LYS D 336 -33.85 -24.52 17.32
C LYS D 336 -32.64 -25.08 18.08
N ARG D 337 -32.32 -24.52 19.25
CA ARG D 337 -31.28 -25.07 20.08
C ARG D 337 -31.77 -26.29 20.94
N LEU D 338 -33.04 -26.29 21.32
CA LEU D 338 -33.64 -27.38 22.13
C LEU D 338 -34.02 -28.60 21.29
N VAL D 339 -32.99 -29.22 20.71
CA VAL D 339 -33.07 -30.38 19.81
C VAL D 339 -31.90 -31.32 20.22
N PRO D 340 -32.06 -32.65 20.07
CA PRO D 340 -31.07 -33.59 20.62
C PRO D 340 -29.74 -33.60 19.93
N GLY D 341 -28.71 -33.92 20.69
CA GLY D 341 -27.38 -34.18 20.14
C GLY D 341 -26.35 -33.09 20.31
N TYR D 342 -26.67 -32.03 21.07
CA TYR D 342 -25.80 -30.83 21.13
C TYR D 342 -25.58 -30.27 22.54
N GLU D 343 -25.74 -31.14 23.55
CA GLU D 343 -25.52 -30.74 24.95
C GLU D 343 -26.42 -29.63 25.42
N ALA D 344 -27.60 -29.53 24.82
CA ALA D 344 -28.68 -28.73 25.29
C ALA D 344 -29.85 -29.66 25.65
N PRO D 345 -30.79 -29.18 26.50
CA PRO D 345 -31.93 -30.00 26.97
C PRO D 345 -33.01 -30.29 25.93
N ILE D 346 -33.63 -31.46 26.05
CA ILE D 346 -34.80 -31.81 25.24
C ILE D 346 -35.98 -32.29 26.13
N ASN D 347 -35.77 -32.34 27.44
CA ASN D 347 -36.85 -32.76 28.36
C ASN D 347 -36.56 -32.25 29.77
N LEU D 348 -37.52 -32.40 30.67
CA LEU D 348 -37.52 -31.74 31.97
C LEU D 348 -37.06 -32.70 33.08
N VAL D 349 -35.77 -32.94 33.12
CA VAL D 349 -35.20 -33.87 34.08
C VAL D 349 -33.93 -33.28 34.66
N TYR D 350 -33.63 -33.68 35.89
CA TYR D 350 -32.33 -33.34 36.49
C TYR D 350 -31.47 -34.56 36.68
N SER D 351 -30.17 -34.35 36.71
CA SER D 351 -29.24 -35.45 36.85
C SER D 351 -27.84 -34.93 37.13
N GLN D 352 -27.17 -35.55 38.07
CA GLN D 352 -25.77 -35.23 38.31
C GLN D 352 -24.87 -35.58 37.12
N ARG D 353 -23.85 -34.75 36.92
CA ARG D 353 -22.80 -35.00 35.90
C ARG D 353 -23.32 -35.00 34.46
N ASN D 354 -24.57 -34.61 34.22
CA ASN D 354 -25.26 -35.04 32.99
C ASN D 354 -25.53 -33.85 32.05
N ARG D 355 -24.70 -33.68 31.04
CA ARG D 355 -24.87 -32.55 30.11
C ARG D 355 -25.98 -32.74 29.06
N SER D 356 -26.64 -33.91 29.05
CA SER D 356 -27.87 -34.08 28.25
C SER D 356 -29.12 -33.65 29.01
N ALA D 357 -29.00 -33.33 30.31
CA ALA D 357 -30.15 -32.98 31.17
C ALA D 357 -30.54 -31.50 31.13
N CYS D 358 -31.75 -31.21 31.66
CA CYS D 358 -32.25 -29.84 31.79
C CYS D 358 -31.64 -29.14 33.00
N VAL D 359 -31.48 -29.88 34.08
CA VAL D 359 -30.66 -29.43 35.20
C VAL D 359 -29.61 -30.47 35.45
N ARG D 360 -28.35 -30.05 35.34
CA ARG D 360 -27.19 -30.83 35.75
C ARG D 360 -26.74 -30.42 37.15
N ILE D 361 -26.38 -31.40 37.96
CA ILE D 361 -25.70 -31.10 39.21
C ILE D 361 -24.20 -31.32 38.97
N PRO D 362 -23.41 -30.25 38.86
CA PRO D 362 -21.98 -30.44 38.64
C PRO D 362 -21.31 -31.14 39.80
N ILE D 363 -20.24 -31.87 39.51
CA ILE D 363 -19.52 -32.57 40.55
C ILE D 363 -18.54 -31.61 41.24
N THR D 364 -18.82 -31.34 42.49
CA THR D 364 -18.05 -30.38 43.25
C THR D 364 -17.55 -30.94 44.57
N GLY D 365 -17.76 -32.22 44.83
CA GLY D 365 -17.27 -32.86 46.05
C GLY D 365 -18.14 -32.57 47.28
N SER D 366 -17.51 -32.57 48.45
CA SER D 366 -18.23 -32.50 49.73
C SER D 366 -18.23 -31.09 50.37
N ASN D 367 -17.61 -30.11 49.74
CA ASN D 367 -17.67 -28.73 50.24
C ASN D 367 -19.10 -28.19 50.15
N PRO D 368 -19.74 -27.94 51.31
CA PRO D 368 -21.11 -27.48 51.23
C PRO D 368 -21.26 -26.17 50.45
N LYS D 369 -20.24 -25.33 50.49
CA LYS D 369 -20.30 -24.01 49.90
C LYS D 369 -20.26 -24.02 48.36
N ALA D 370 -19.85 -25.14 47.77
CA ALA D 370 -19.82 -25.31 46.30
C ALA D 370 -21.08 -25.95 45.73
N LYS D 371 -21.88 -26.62 46.57
CA LYS D 371 -23.08 -27.34 46.10
C LYS D 371 -24.09 -26.43 45.41
N ARG D 372 -24.46 -26.78 44.18
CA ARG D 372 -25.33 -25.93 43.40
C ARG D 372 -25.97 -26.70 42.25
N LEU D 373 -26.98 -26.07 41.64
CA LEU D 373 -27.64 -26.65 40.47
C LEU D 373 -27.27 -25.82 39.21
N GLU D 374 -27.18 -26.48 38.07
CA GLU D 374 -26.94 -25.82 36.77
C GLU D 374 -28.18 -26.00 35.91
N PHE D 375 -28.94 -24.91 35.77
CA PHE D 375 -30.11 -24.91 34.90
C PHE D 375 -29.57 -24.67 33.46
N ARG D 376 -29.65 -25.66 32.59
CA ARG D 376 -28.97 -25.60 31.25
C ARG D 376 -29.90 -25.11 30.12
N SER D 377 -31.20 -25.10 30.37
CA SER D 377 -32.15 -24.59 29.39
C SER D 377 -31.91 -23.15 28.87
N PRO D 378 -31.61 -22.19 29.74
CA PRO D 378 -31.63 -20.78 29.30
C PRO D 378 -30.61 -20.50 28.20
N ASP D 379 -30.87 -19.48 27.42
CA ASP D 379 -29.92 -19.01 26.40
C ASP D 379 -29.75 -17.52 26.58
N SER D 380 -28.89 -16.91 25.76
CA SER D 380 -28.53 -15.49 25.91
C SER D 380 -29.36 -14.54 25.01
N SER D 381 -30.50 -15.00 24.53
CA SER D 381 -31.25 -14.27 23.50
C SER D 381 -32.28 -13.25 24.05
N GLY D 382 -32.33 -13.10 25.37
CA GLY D 382 -33.23 -12.08 25.91
C GLY D 382 -32.64 -11.20 26.97
N ASN D 383 -33.28 -11.25 28.13
CA ASN D 383 -33.04 -10.27 29.16
C ASN D 383 -32.64 -10.99 30.43
N PRO D 384 -31.38 -10.81 30.88
CA PRO D 384 -30.94 -11.59 32.04
C PRO D 384 -31.59 -11.13 33.33
N TYR D 385 -31.98 -9.86 33.43
CA TYR D 385 -32.66 -9.37 34.61
C TYR D 385 -33.95 -10.14 34.79
N LEU D 386 -34.66 -10.31 33.69
CA LEU D 386 -35.97 -10.99 33.71
C LEU D 386 -35.80 -12.50 33.84
N ALA D 387 -34.81 -13.04 33.15
CA ALA D 387 -34.53 -14.48 33.17
C ALA D 387 -34.10 -14.94 34.57
N PHE D 388 -33.12 -14.25 35.15
CA PHE D 388 -32.70 -14.62 36.48
C PHE D 388 -33.87 -14.48 37.47
N SER D 389 -34.62 -13.39 37.36
CA SER D 389 -35.73 -13.13 38.27
C SER D 389 -36.79 -14.21 38.14
N ALA D 390 -37.14 -14.56 36.89
CA ALA D 390 -38.13 -15.60 36.64
C ALA D 390 -37.70 -16.98 37.19
N MET D 391 -36.42 -17.31 37.04
CA MET D 391 -35.86 -18.57 37.56
C MET D 391 -35.96 -18.63 39.07
N LEU D 392 -35.60 -17.54 39.72
CA LEU D 392 -35.70 -17.43 41.17
C LEU D 392 -37.15 -17.63 41.64
N MET D 393 -38.08 -16.91 41.01
CA MET D 393 -39.51 -17.05 41.39
C MET D 393 -40.00 -18.49 41.21
N ALA D 394 -39.58 -19.14 40.13
CA ALA D 394 -39.92 -20.54 39.93
C ALA D 394 -39.41 -21.39 41.07
N GLY D 395 -38.13 -21.22 41.40
CA GLY D 395 -37.51 -21.99 42.46
C GLY D 395 -38.13 -21.74 43.84
N LEU D 396 -38.45 -20.48 44.11
CA LEU D 396 -39.09 -20.12 45.37
C LEU D 396 -40.50 -20.75 45.49
N ASP D 397 -41.25 -20.79 44.40
CA ASP D 397 -42.57 -21.43 44.43
C ASP D 397 -42.42 -22.93 44.65
N GLY D 398 -41.34 -23.49 44.14
CA GLY D 398 -41.02 -24.89 44.37
C GLY D 398 -40.75 -25.17 45.85
N ILE D 399 -39.94 -24.30 46.47
CA ILE D 399 -39.63 -24.43 47.89
C ILE D 399 -40.89 -24.25 48.71
N LYS D 400 -41.63 -23.19 48.45
CA LYS D 400 -42.83 -22.85 49.21
C LYS D 400 -43.89 -23.98 49.15
N ASN D 401 -44.08 -24.58 47.98
CA ASN D 401 -45.06 -25.63 47.83
C ASN D 401 -44.46 -27.01 47.89
N LYS D 402 -43.18 -27.11 48.24
CA LYS D 402 -42.44 -28.38 48.35
C LYS D 402 -42.61 -29.27 47.12
N ILE D 403 -42.44 -28.67 45.95
CA ILE D 403 -42.71 -29.37 44.70
C ILE D 403 -41.59 -30.37 44.46
N GLU D 404 -41.93 -31.64 44.34
CA GLU D 404 -40.91 -32.67 44.17
C GLU D 404 -40.61 -32.90 42.70
N PRO D 405 -39.36 -32.71 42.28
CA PRO D 405 -39.09 -32.98 40.87
C PRO D 405 -39.25 -34.47 40.61
N GLN D 406 -39.43 -34.86 39.36
CA GLN D 406 -39.45 -36.28 39.10
C GLN D 406 -38.05 -36.87 39.26
N ALA D 407 -38.02 -38.17 39.53
CA ALA D 407 -36.78 -38.86 39.85
C ALA D 407 -35.72 -38.56 38.78
N PRO D 408 -34.45 -38.38 39.21
CA PRO D 408 -33.41 -38.08 38.25
C PRO D 408 -33.14 -39.24 37.31
N VAL D 409 -32.60 -38.95 36.12
CA VAL D 409 -32.36 -40.00 35.12
C VAL D 409 -30.89 -39.91 34.72
N ASP D 410 -30.08 -40.80 35.26
CA ASP D 410 -28.66 -40.78 35.04
C ASP D 410 -28.28 -41.57 33.76
N LYS D 411 -28.77 -41.08 32.63
CA LYS D 411 -28.58 -41.69 31.31
C LYS D 411 -28.37 -40.63 30.23
N ASP D 412 -27.78 -41.01 29.10
CA ASP D 412 -27.82 -40.19 27.87
C ASP D 412 -29.27 -40.00 27.38
N LEU D 413 -29.82 -38.83 27.70
CA LEU D 413 -31.20 -38.54 27.46
C LEU D 413 -31.57 -38.45 25.97
N TYR D 414 -30.57 -38.31 25.08
CA TYR D 414 -30.82 -38.29 23.65
C TYR D 414 -31.00 -39.73 23.12
N GLU D 415 -30.60 -40.74 23.89
CA GLU D 415 -30.63 -42.11 23.40
C GLU D 415 -31.56 -43.00 24.21
N LEU D 416 -32.54 -42.41 24.87
CA LEU D 416 -33.52 -43.21 25.61
C LEU D 416 -34.32 -44.09 24.64
N PRO D 417 -34.72 -45.30 25.07
CA PRO D 417 -35.68 -46.03 24.23
C PRO D 417 -37.00 -45.27 24.14
N PRO D 418 -37.68 -45.33 22.98
CA PRO D 418 -38.89 -44.52 22.74
C PRO D 418 -39.90 -44.55 23.86
N GLU D 419 -39.98 -45.66 24.58
CA GLU D 419 -41.00 -45.84 25.61
C GLU D 419 -40.66 -45.10 26.88
N GLU D 420 -39.39 -45.11 27.28
CA GLU D 420 -38.96 -44.39 28.48
C GLU D 420 -39.03 -42.88 28.24
N ALA D 421 -38.67 -42.45 27.04
CA ALA D 421 -38.74 -41.05 26.65
C ALA D 421 -40.18 -40.52 26.76
N ALA D 422 -41.16 -41.39 26.52
CA ALA D 422 -42.58 -41.01 26.46
C ALA D 422 -43.16 -40.58 27.79
N SER D 423 -42.62 -41.08 28.89
CA SER D 423 -43.12 -40.70 30.22
C SER D 423 -42.44 -39.44 30.76
N ILE D 424 -41.46 -38.89 30.03
CA ILE D 424 -40.74 -37.73 30.50
C ILE D 424 -41.24 -36.49 29.77
N PRO D 425 -41.66 -35.45 30.52
CA PRO D 425 -42.15 -34.25 29.87
C PRO D 425 -41.04 -33.61 29.03
N GLN D 426 -41.37 -33.29 27.79
CA GLN D 426 -40.40 -32.76 26.85
C GLN D 426 -40.26 -31.26 27.06
N THR D 427 -39.20 -30.66 26.55
CA THR D 427 -39.11 -29.22 26.53
C THR D 427 -40.12 -28.74 25.50
N PRO D 428 -40.62 -27.48 25.63
CA PRO D 428 -41.51 -26.93 24.61
C PRO D 428 -40.88 -26.89 23.22
N THR D 429 -41.73 -27.02 22.21
CA THR D 429 -41.33 -27.13 20.83
C THR D 429 -41.03 -25.78 20.20
N GLN D 430 -41.73 -24.73 20.64
CA GLN D 430 -41.66 -23.44 19.97
C GLN D 430 -42.16 -22.34 20.88
N LEU D 431 -41.77 -21.12 20.57
CA LEU D 431 -42.03 -19.96 21.42
C LEU D 431 -43.51 -19.72 21.67
N SER D 432 -44.33 -19.87 20.64
CA SER D 432 -45.76 -19.61 20.79
C SER D 432 -46.37 -20.50 21.88
N ASP D 433 -45.84 -21.69 22.08
CA ASP D 433 -46.36 -22.56 23.16
C ASP D 433 -46.05 -22.03 24.56
N VAL D 434 -44.82 -21.53 24.78
CA VAL D 434 -44.45 -20.99 26.10
C VAL D 434 -45.15 -19.66 26.40
N ILE D 435 -45.33 -18.82 25.38
CA ILE D 435 -46.06 -17.56 25.54
C ILE D 435 -47.54 -17.86 25.87
N ASP D 436 -48.15 -18.79 25.14
CA ASP D 436 -49.50 -19.26 25.42
C ASP D 436 -49.63 -19.74 26.86
N ARG D 437 -48.63 -20.50 27.30
CA ARG D 437 -48.66 -21.07 28.63
C ARG D 437 -48.45 -20.00 29.70
N LEU D 438 -47.51 -19.07 29.46
CA LEU D 438 -47.29 -17.93 30.36
C LEU D 438 -48.57 -17.14 30.53
N GLU D 439 -49.27 -16.91 29.44
CA GLU D 439 -50.53 -16.22 29.50
C GLU D 439 -51.53 -16.96 30.40
N ALA D 440 -51.56 -18.28 30.33
CA ALA D 440 -52.57 -19.06 31.06
C ALA D 440 -52.19 -19.30 32.52
N ASP D 441 -50.90 -19.28 32.85
CA ASP D 441 -50.48 -19.53 34.24
C ASP D 441 -49.17 -18.84 34.57
N HIS D 442 -49.28 -17.74 35.30
CA HIS D 442 -48.10 -16.97 35.70
C HIS D 442 -48.18 -16.53 37.15
N GLU D 443 -49.02 -17.17 37.94
CA GLU D 443 -49.24 -16.67 39.31
C GLU D 443 -47.96 -16.70 40.14
N TYR D 444 -47.10 -17.70 39.92
CA TYR D 444 -45.82 -17.74 40.59
C TYR D 444 -44.94 -16.48 40.35
N LEU D 445 -45.01 -15.91 39.15
CA LEU D 445 -44.22 -14.72 38.82
C LEU D 445 -44.73 -13.44 39.50
N THR D 446 -46.05 -13.39 39.72
CA THR D 446 -46.68 -12.20 40.32
C THR D 446 -46.63 -12.19 41.86
N GLU D 447 -46.10 -13.24 42.46
CA GLU D 447 -45.99 -13.32 43.92
C GLU D 447 -45.17 -12.13 44.42
N GLY D 448 -45.65 -11.52 45.49
CA GLY D 448 -45.00 -10.33 46.04
C GLY D 448 -44.85 -9.16 45.07
N GLY D 449 -45.57 -9.15 43.96
CA GLY D 449 -45.47 -8.06 42.97
C GLY D 449 -44.18 -7.97 42.14
N VAL D 450 -43.36 -9.03 42.16
CA VAL D 450 -42.08 -9.01 41.46
C VAL D 450 -42.31 -8.78 39.96
N PHE D 451 -43.15 -9.60 39.33
CA PHE D 451 -43.63 -9.33 37.97
C PHE D 451 -45.05 -8.85 38.15
N THR D 452 -45.43 -7.82 37.43
CA THR D 452 -46.78 -7.33 37.48
C THR D 452 -47.49 -7.74 36.21
N ASN D 453 -48.81 -7.66 36.25
CA ASN D 453 -49.66 -8.03 35.12
C ASN D 453 -49.32 -7.24 33.86
N ASP D 454 -49.03 -5.95 33.97
CA ASP D 454 -48.70 -5.13 32.80
C ASP D 454 -47.39 -5.58 32.12
N LEU D 455 -46.43 -6.05 32.91
CA LEU D 455 -45.19 -6.56 32.38
C LEU D 455 -45.39 -7.85 31.59
N ILE D 456 -46.10 -8.79 32.21
CA ILE D 456 -46.42 -10.08 31.61
C ILE D 456 -47.26 -9.87 30.35
N GLU D 457 -48.27 -9.01 30.42
CA GLU D 457 -49.09 -8.72 29.24
C GLU D 457 -48.34 -8.02 28.10
N THR D 458 -47.40 -7.14 28.45
CA THR D 458 -46.58 -6.44 27.46
C THR D 458 -45.62 -7.45 26.79
N TRP D 459 -45.02 -8.33 27.58
CA TRP D 459 -44.11 -9.35 27.07
C TRP D 459 -44.78 -10.29 26.08
N ILE D 460 -45.97 -10.77 26.41
CA ILE D 460 -46.76 -11.67 25.55
C ILE D 460 -47.12 -11.00 24.23
N SER D 461 -47.66 -9.80 24.35
CA SER D 461 -47.99 -9.01 23.21
C SER D 461 -46.76 -8.72 22.31
N PHE D 462 -45.64 -8.29 22.91
CA PHE D 462 -44.43 -7.96 22.16
C PHE D 462 -43.95 -9.18 21.38
N LYS D 463 -43.84 -10.33 22.07
CA LYS D 463 -43.37 -11.53 21.43
C LYS D 463 -44.26 -11.98 20.27
N ARG D 464 -45.56 -11.90 20.46
CA ARG D 464 -46.50 -12.36 19.44
C ARG D 464 -46.45 -11.49 18.18
N GLU D 465 -46.45 -10.18 18.37
CA GLU D 465 -46.58 -9.21 17.29
C GLU D 465 -45.26 -8.97 16.55
N ASN D 466 -44.14 -9.00 17.28
CA ASN D 466 -42.83 -8.63 16.74
C ASN D 466 -41.90 -9.79 16.40
N GLU D 467 -42.22 -11.00 16.84
CA GLU D 467 -41.37 -12.16 16.65
C GLU D 467 -42.13 -13.36 16.06
N ILE D 468 -43.09 -13.89 16.81
CA ILE D 468 -43.79 -15.11 16.39
C ILE D 468 -44.50 -14.95 15.05
N GLU D 469 -45.38 -13.94 14.95
CA GLU D 469 -46.15 -13.74 13.72
C GLU D 469 -45.25 -13.39 12.52
N PRO D 470 -44.26 -12.49 12.71
CA PRO D 470 -43.38 -12.18 11.57
C PRO D 470 -42.59 -13.39 11.01
N VAL D 471 -42.17 -14.32 11.88
CA VAL D 471 -41.54 -15.54 11.41
C VAL D 471 -42.58 -16.46 10.76
N ASN D 472 -43.72 -16.63 11.42
CA ASN D 472 -44.78 -17.53 10.93
C ASN D 472 -45.32 -17.24 9.55
N ILE D 473 -45.39 -15.96 9.16
CA ILE D 473 -45.97 -15.59 7.89
C ILE D 473 -45.00 -15.68 6.74
N ARG D 474 -43.72 -15.83 7.04
CA ARG D 474 -42.67 -15.85 6.00
C ARG D 474 -42.29 -17.27 5.59
N PRO D 475 -42.37 -17.58 4.27
CA PRO D 475 -41.93 -18.92 3.88
C PRO D 475 -40.49 -19.15 4.22
N HIS D 476 -40.22 -20.36 4.67
CA HIS D 476 -38.88 -20.83 5.01
C HIS D 476 -38.25 -21.43 3.75
N PRO D 477 -36.96 -21.20 3.52
CA PRO D 477 -36.19 -21.79 2.40
C PRO D 477 -36.37 -23.28 2.24
N TYR D 478 -36.37 -24.01 3.35
CA TYR D 478 -36.59 -25.46 3.28
C TYR D 478 -38.00 -25.88 2.76
N GLU D 479 -38.97 -24.99 2.85
CA GLU D 479 -40.25 -25.24 2.20
C GLU D 479 -40.12 -25.35 0.68
N PHE D 480 -39.15 -24.65 0.08
CA PHE D 480 -38.97 -24.73 -1.36
C PHE D 480 -38.27 -26.04 -1.72
N ALA D 481 -37.33 -26.48 -0.88
CA ALA D 481 -36.69 -27.79 -1.07
C ALA D 481 -37.71 -28.94 -0.98
N LEU D 482 -38.64 -28.83 -0.03
CA LEU D 482 -39.75 -29.80 0.15
C LEU D 482 -40.86 -29.73 -0.89
N TYR D 483 -41.27 -28.52 -1.27
CA TYR D 483 -42.56 -28.36 -1.91
C TYR D 483 -42.64 -27.65 -3.26
N TYR D 484 -41.52 -27.18 -3.82
CA TYR D 484 -41.61 -26.41 -5.07
C TYR D 484 -42.29 -27.25 -6.16
N ASP D 485 -41.99 -28.54 -6.17
CA ASP D 485 -42.45 -29.46 -7.20
C ASP D 485 -43.73 -30.26 -6.84
N VAL D 486 -44.48 -29.84 -5.83
CA VAL D 486 -45.71 -30.53 -5.45
C VAL D 486 -46.76 -30.63 -6.55
N LYS E 12 -18.44 41.12 25.06
CA LYS E 12 -17.15 41.04 24.32
C LYS E 12 -16.93 42.28 23.45
N THR E 13 -15.67 42.67 23.30
CA THR E 13 -15.31 43.90 22.62
C THR E 13 -14.37 43.61 21.45
N PRO E 14 -14.17 44.60 20.57
CA PRO E 14 -13.15 44.48 19.56
C PRO E 14 -11.78 44.11 20.13
N ASP E 15 -11.37 44.77 21.22
CA ASP E 15 -10.07 44.49 21.81
C ASP E 15 -9.97 43.04 22.29
N ASP E 16 -11.05 42.49 22.83
CA ASP E 16 -11.06 41.07 23.20
C ASP E 16 -10.78 40.16 21.98
N VAL E 17 -11.33 40.53 20.82
CA VAL E 17 -11.21 39.71 19.63
C VAL E 17 -9.77 39.80 19.13
N PHE E 18 -9.19 40.99 19.14
CA PHE E 18 -7.80 41.15 18.70
C PHE E 18 -6.83 40.37 19.59
N LYS E 19 -7.08 40.41 20.90
CA LYS E 19 -6.27 39.65 21.84
C LYS E 19 -6.38 38.14 21.62
N LEU E 20 -7.60 37.65 21.39
CA LEU E 20 -7.82 36.23 21.06
C LEU E 20 -7.04 35.83 19.82
N ALA E 21 -7.14 36.65 18.77
CA ALA E 21 -6.47 36.37 17.49
C ALA E 21 -4.97 36.32 17.72
N LYS E 22 -4.48 37.29 18.49
CA LYS E 22 -3.07 37.35 18.88
C LYS E 22 -2.67 36.14 19.70
N ASP E 23 -3.40 35.84 20.75
CA ASP E 23 -3.06 34.72 21.63
C ASP E 23 -3.07 33.34 20.93
N GLU E 24 -4.01 33.17 20.00
CA GLU E 24 -4.14 31.92 19.25
C GLU E 24 -3.23 31.85 18.00
N LYS E 25 -2.41 32.88 17.78
CA LYS E 25 -1.52 32.95 16.63
C LYS E 25 -2.27 32.72 15.32
N VAL E 26 -3.42 33.38 15.21
CA VAL E 26 -4.27 33.26 14.04
C VAL E 26 -3.55 33.77 12.78
N GLU E 27 -3.60 32.96 11.72
CA GLU E 27 -3.07 33.31 10.39
C GLU E 27 -4.15 33.95 9.49
N TYR E 28 -5.39 33.50 9.67
CA TYR E 28 -6.53 33.92 8.85
C TYR E 28 -7.76 34.23 9.68
N VAL E 29 -8.54 35.19 9.20
CA VAL E 29 -9.84 35.49 9.77
C VAL E 29 -10.90 35.19 8.72
N ASP E 30 -11.88 34.40 9.13
CA ASP E 30 -12.99 34.05 8.24
C ASP E 30 -14.21 34.93 8.55
N VAL E 31 -14.58 35.73 7.57
CA VAL E 31 -15.68 36.66 7.61
C VAL E 31 -16.96 35.96 7.16
N ARG E 32 -17.90 35.78 8.08
CA ARG E 32 -19.15 35.04 7.81
C ARG E 32 -20.40 35.86 7.97
N PHE E 33 -21.40 35.54 7.15
CA PHE E 33 -22.75 36.09 7.31
C PHE E 33 -23.73 35.10 6.72
N CYS E 34 -25.02 35.34 6.95
CA CYS E 34 -26.07 34.43 6.54
C CYS E 34 -26.82 34.87 5.31
N ASP E 35 -27.04 33.98 4.36
CA ASP E 35 -27.88 34.33 3.20
C ASP E 35 -29.33 34.20 3.61
N LEU E 36 -30.24 34.60 2.74
CA LEU E 36 -31.63 34.60 3.17
C LEU E 36 -32.16 33.17 3.43
N PRO E 37 -31.90 32.21 2.54
CA PRO E 37 -32.45 30.87 2.82
C PRO E 37 -31.90 30.16 4.07
N GLY E 38 -30.68 30.48 4.48
CA GLY E 38 -30.12 29.98 5.73
C GLY E 38 -28.75 29.32 5.69
N ILE E 39 -28.01 29.46 4.58
CA ILE E 39 -26.63 28.98 4.48
C ILE E 39 -25.66 30.08 4.80
N MET E 40 -24.72 29.80 5.69
CA MET E 40 -23.67 30.74 6.00
C MET E 40 -22.71 30.87 4.81
N GLN E 41 -22.26 32.10 4.61
CA GLN E 41 -21.41 32.50 3.49
C GLN E 41 -20.08 33.01 4.07
N HIS E 42 -18.98 32.89 3.32
CA HIS E 42 -17.70 33.36 3.85
C HIS E 42 -16.68 33.78 2.82
N PHE E 43 -15.79 34.67 3.25
CA PHE E 43 -14.48 34.84 2.60
C PHE E 43 -13.42 35.02 3.68
N THR E 44 -12.16 34.94 3.27
CA THR E 44 -11.05 34.90 4.20
C THR E 44 -10.18 36.12 4.00
N ILE E 45 -9.73 36.70 5.11
CA ILE E 45 -8.73 37.73 5.08
C ILE E 45 -7.51 37.28 5.88
N PRO E 46 -6.32 37.75 5.49
CA PRO E 46 -5.18 37.41 6.34
C PRO E 46 -5.20 38.15 7.68
N ALA E 47 -4.60 37.55 8.70
CA ALA E 47 -4.41 38.19 10.02
C ALA E 47 -3.90 39.64 9.86
N SER E 48 -2.94 39.84 8.97
CA SER E 48 -2.36 41.15 8.73
C SER E 48 -3.36 42.21 8.26
N ALA E 49 -4.52 41.81 7.72
CA ALA E 49 -5.59 42.75 7.32
C ALA E 49 -6.69 42.89 8.38
N PHE E 50 -6.59 42.16 9.47
CA PHE E 50 -7.62 42.21 10.51
C PHE E 50 -7.26 43.28 11.56
N ASP E 51 -7.78 44.50 11.37
CA ASP E 51 -7.40 45.66 12.19
C ASP E 51 -8.64 46.46 12.59
N LYS E 52 -8.45 47.60 13.25
CA LYS E 52 -9.58 48.43 13.68
C LYS E 52 -10.46 48.84 12.52
N SER E 53 -9.88 49.02 11.34
CA SER E 53 -10.67 49.39 10.19
C SER E 53 -11.80 48.41 9.86
N VAL E 54 -11.59 47.12 10.12
CA VAL E 54 -12.62 46.13 9.86
C VAL E 54 -13.85 46.43 10.70
N PHE E 55 -13.62 46.87 11.94
CA PHE E 55 -14.68 47.30 12.84
C PHE E 55 -15.22 48.70 12.50
N ASP E 56 -14.37 49.61 12.07
CA ASP E 56 -14.80 51.00 11.82
C ASP E 56 -15.51 51.17 10.48
N ASP E 57 -14.94 50.62 9.43
CA ASP E 57 -15.41 50.82 8.06
C ASP E 57 -16.12 49.59 7.47
N GLY E 58 -15.74 48.40 7.93
CA GLY E 58 -16.38 47.19 7.48
C GLY E 58 -15.73 46.67 6.23
N LEU E 59 -16.34 45.62 5.67
CA LEU E 59 -15.85 44.92 4.49
C LEU E 59 -16.96 44.77 3.46
N ALA E 60 -16.57 44.78 2.20
CA ALA E 60 -17.49 44.75 1.05
C ALA E 60 -17.68 43.32 0.52
N PHE E 61 -18.84 43.05 -0.09
CA PHE E 61 -19.05 41.86 -0.90
C PHE E 61 -20.08 42.11 -2.00
N ASP E 62 -20.25 41.11 -2.85
CA ASP E 62 -21.19 41.16 -3.93
C ASP E 62 -22.53 40.66 -3.43
N GLY E 63 -23.41 41.59 -3.11
CA GLY E 63 -24.77 41.27 -2.67
C GLY E 63 -25.67 40.65 -3.74
N SER E 64 -25.29 40.76 -5.00
CA SER E 64 -26.05 40.14 -6.09
C SER E 64 -25.77 38.65 -6.27
N SER E 65 -24.66 38.14 -5.75
CA SER E 65 -24.39 36.70 -5.72
C SER E 65 -24.97 35.97 -4.51
N ILE E 66 -25.62 36.69 -3.60
CA ILE E 66 -26.18 36.07 -2.40
C ILE E 66 -27.71 35.96 -2.56
N ARG E 67 -28.24 34.76 -2.34
CA ARG E 67 -29.66 34.51 -2.53
C ARG E 67 -30.45 35.37 -1.58
N GLY E 68 -31.47 36.03 -2.14
CA GLY E 68 -32.40 36.89 -1.38
C GLY E 68 -31.90 38.28 -1.06
N PHE E 69 -30.74 38.63 -1.58
CA PHE E 69 -30.08 39.90 -1.32
C PHE E 69 -30.35 40.90 -2.46
N GLN E 70 -29.34 41.37 -3.17
CA GLN E 70 -29.47 42.49 -4.09
C GLN E 70 -29.51 42.09 -5.56
N SER E 71 -30.04 43.02 -6.36
CA SER E 71 -29.91 42.92 -7.80
C SER E 71 -28.49 43.33 -8.21
N ILE E 72 -28.12 42.97 -9.44
CA ILE E 72 -26.78 43.17 -9.93
C ILE E 72 -26.39 44.63 -10.06
N HIS E 73 -27.36 45.49 -10.39
CA HIS E 73 -27.03 46.91 -10.50
C HIS E 73 -26.93 47.61 -9.15
N GLU E 74 -27.36 46.96 -8.08
CA GLU E 74 -27.21 47.51 -6.73
C GLU E 74 -26.39 46.55 -5.88
N SER E 75 -25.33 46.02 -6.47
CA SER E 75 -24.69 44.81 -5.91
C SER E 75 -23.92 45.05 -4.63
N ASP E 76 -23.06 46.06 -4.61
CA ASP E 76 -22.13 46.22 -3.48
C ASP E 76 -22.93 46.26 -2.14
N MET E 77 -22.48 45.51 -1.15
CA MET E 77 -23.01 45.59 0.23
C MET E 77 -21.86 45.62 1.26
N LEU E 78 -22.18 45.90 2.51
CA LEU E 78 -21.22 46.11 3.58
C LEU E 78 -21.47 45.14 4.73
N LEU E 79 -20.41 44.79 5.44
CA LEU E 79 -20.41 43.84 6.55
C LEU E 79 -19.70 44.47 7.72
N LEU E 80 -20.37 44.48 8.88
CA LEU E 80 -19.74 44.92 10.12
C LEU E 80 -19.71 43.74 11.09
N PRO E 81 -18.57 43.52 11.75
CA PRO E 81 -18.38 42.37 12.63
C PRO E 81 -19.21 42.36 13.92
N ASP E 82 -19.56 41.17 14.40
CA ASP E 82 -20.18 40.96 15.70
C ASP E 82 -19.16 40.26 16.61
N PRO E 83 -18.50 41.01 17.49
CA PRO E 83 -17.41 40.43 18.31
C PRO E 83 -17.81 39.27 19.23
N GLU E 84 -19.07 39.17 19.62
CA GLU E 84 -19.56 38.05 20.44
C GLU E 84 -19.42 36.70 19.74
N THR E 85 -19.35 36.72 18.42
CA THR E 85 -19.38 35.48 17.66
C THR E 85 -17.99 34.92 17.30
N ALA E 86 -16.91 35.51 17.79
CA ALA E 86 -15.54 35.10 17.43
C ALA E 86 -15.20 33.73 18.03
N ARG E 87 -14.85 32.77 17.18
CA ARG E 87 -14.50 31.41 17.62
C ARG E 87 -13.40 30.86 16.71
N ILE E 88 -12.45 30.13 17.29
CA ILE E 88 -11.40 29.49 16.50
C ILE E 88 -11.98 28.34 15.69
N ASP E 89 -11.61 28.25 14.41
CA ASP E 89 -12.08 27.17 13.54
C ASP E 89 -11.39 25.83 13.87
N PRO E 90 -12.15 24.75 14.10
CA PRO E 90 -11.56 23.47 14.49
C PRO E 90 -10.89 22.66 13.36
N PHE E 91 -11.11 23.06 12.11
CA PHE E 91 -10.80 22.21 10.97
C PHE E 91 -9.64 22.65 10.12
N ARG E 92 -9.42 23.95 10.02
CA ARG E 92 -8.47 24.46 9.06
C ARG E 92 -7.08 24.34 9.61
N ALA E 93 -6.18 23.84 8.74
CA ALA E 93 -4.81 23.60 9.11
C ALA E 93 -4.13 24.92 9.45
N ALA E 94 -4.32 25.93 8.59
CA ALA E 94 -3.87 27.28 8.87
C ALA E 94 -4.82 27.84 9.94
N LYS E 95 -4.28 28.24 11.07
CA LYS E 95 -5.08 28.63 12.22
C LYS E 95 -5.98 29.81 11.84
N THR E 96 -7.28 29.61 12.02
CA THR E 96 -8.27 30.56 11.55
C THR E 96 -9.24 30.97 12.63
N LEU E 97 -9.57 32.24 12.66
CA LEU E 97 -10.59 32.77 13.57
C LEU E 97 -11.87 33.09 12.78
N ASN E 98 -12.99 32.47 13.18
CA ASN E 98 -14.28 32.73 12.52
C ASN E 98 -15.05 33.84 13.23
N ILE E 99 -15.64 34.76 12.50
CA ILE E 99 -16.47 35.84 13.08
C ILE E 99 -17.68 36.09 12.19
N ASN E 100 -18.86 36.14 12.79
CA ASN E 100 -20.08 36.49 12.05
C ASN E 100 -20.20 38.00 11.96
N PHE E 101 -20.81 38.46 10.87
CA PHE E 101 -21.00 39.86 10.58
C PHE E 101 -22.49 40.15 10.37
N PHE E 102 -22.86 41.40 10.56
CA PHE E 102 -24.17 41.92 10.17
C PHE E 102 -23.99 42.59 8.78
N VAL E 103 -25.02 42.50 7.95
CA VAL E 103 -25.03 43.13 6.66
C VAL E 103 -25.62 44.54 6.79
N HIS E 104 -24.97 45.49 6.13
CA HIS E 104 -25.40 46.90 6.15
C HIS E 104 -25.38 47.51 4.76
N ASP E 105 -26.24 48.52 4.57
CA ASP E 105 -26.23 49.36 3.37
C ASP E 105 -24.89 50.10 3.27
N PRO E 106 -24.27 50.12 2.08
CA PRO E 106 -22.94 50.71 2.00
C PRO E 106 -22.95 52.25 1.87
N PHE E 107 -24.12 52.85 1.70
CA PHE E 107 -24.25 54.31 1.68
C PHE E 107 -24.67 54.86 3.06
N THR E 108 -25.76 54.34 3.59
CA THR E 108 -26.33 54.85 4.83
C THR E 108 -25.73 54.17 6.06
N LEU E 109 -25.13 53.01 5.86
CA LEU E 109 -24.65 52.17 6.97
C LEU E 109 -25.76 51.64 7.88
N GLU E 110 -27.01 51.73 7.46
CA GLU E 110 -28.08 51.15 8.24
C GLU E 110 -28.08 49.62 8.09
N PRO E 111 -28.52 48.90 9.15
CA PRO E 111 -28.77 47.47 9.04
C PRO E 111 -29.62 47.13 7.79
N TYR E 112 -29.35 46.00 7.16
CA TYR E 112 -30.08 45.56 5.95
C TYR E 112 -31.37 44.88 6.38
N SER E 113 -32.48 45.20 5.71
CA SER E 113 -33.77 44.58 6.01
C SER E 113 -33.82 43.07 5.71
N ARG E 114 -32.91 42.58 4.87
CA ARG E 114 -32.91 41.16 4.55
C ARG E 114 -31.71 40.40 5.09
N ASP E 115 -31.01 40.99 6.06
CA ASP E 115 -30.02 40.27 6.86
C ASP E 115 -30.71 39.46 7.96
N PRO E 116 -30.66 38.12 7.88
CA PRO E 116 -31.31 37.32 8.88
C PRO E 116 -30.85 37.65 10.31
N ARG E 117 -29.55 37.96 10.48
CA ARG E 117 -29.01 38.32 11.80
C ARG E 117 -29.64 39.63 12.31
N ASN E 118 -29.97 40.55 11.40
CA ASN E 118 -30.68 41.77 11.73
C ASN E 118 -32.12 41.47 12.21
N ILE E 119 -32.79 40.49 11.59
CA ILE E 119 -34.16 40.16 12.00
C ILE E 119 -34.16 39.69 13.46
N ALA E 120 -33.18 38.87 13.82
CA ALA E 120 -33.10 38.32 15.18
C ALA E 120 -32.83 39.42 16.22
N ARG E 121 -31.92 40.33 15.87
CA ARG E 121 -31.67 41.56 16.60
C ARG E 121 -32.98 42.33 16.83
N LYS E 122 -33.67 42.58 15.73
CA LYS E 122 -34.92 43.35 15.78
C LYS E 122 -35.96 42.65 16.69
N ALA E 123 -36.10 41.33 16.52
CA ALA E 123 -37.03 40.53 17.33
C ALA E 123 -36.81 40.69 18.85
N GLU E 124 -35.55 40.57 19.27
CA GLU E 124 -35.18 40.74 20.66
C GLU E 124 -35.51 42.14 21.22
N ASN E 125 -35.25 43.17 20.41
CA ASN E 125 -35.58 44.54 20.81
C ASN E 125 -37.08 44.77 20.86
N TYR E 126 -37.80 44.23 19.90
CA TYR E 126 -39.24 44.27 19.92
C TYR E 126 -39.82 43.61 21.17
N LEU E 127 -39.31 42.42 21.53
CA LEU E 127 -39.73 41.73 22.74
C LEU E 127 -39.72 42.69 23.93
N ILE E 128 -38.56 43.30 24.15
CA ILE E 128 -38.33 44.20 25.28
C ILE E 128 -39.32 45.39 25.22
N SER E 129 -39.57 45.91 24.01
CA SER E 129 -40.49 47.05 23.84
C SER E 129 -41.92 46.72 24.19
N THR E 130 -42.33 45.46 24.06
CA THR E 130 -43.73 45.12 24.40
C THR E 130 -44.00 45.17 25.91
N GLY E 131 -42.95 45.14 26.75
CA GLY E 131 -43.14 45.00 28.19
C GLY E 131 -43.51 43.58 28.66
N ILE E 132 -43.74 42.65 27.71
CA ILE E 132 -44.22 41.30 28.06
C ILE E 132 -43.11 40.50 28.75
N ALA E 133 -41.89 40.65 28.26
CA ALA E 133 -40.74 39.92 28.78
C ALA E 133 -39.48 40.67 28.35
N ASP E 134 -38.33 40.33 28.94
CA ASP E 134 -37.09 40.91 28.43
C ASP E 134 -36.18 39.88 27.75
N THR E 135 -36.43 38.58 27.98
CA THR E 135 -35.63 37.52 27.36
C THR E 135 -36.47 36.37 26.85
N ALA E 136 -36.20 35.94 25.60
CA ALA E 136 -36.80 34.73 25.02
C ALA E 136 -35.74 33.64 24.87
N TYR E 137 -35.87 32.54 25.63
CA TYR E 137 -34.92 31.45 25.56
C TYR E 137 -35.35 30.37 24.56
N PHE E 138 -34.38 29.93 23.76
CA PHE E 138 -34.58 28.93 22.72
C PHE E 138 -33.55 27.83 22.95
N GLY E 139 -34.09 26.63 23.17
CA GLY E 139 -33.28 25.43 23.23
C GLY E 139 -33.68 24.58 22.04
N ALA E 140 -32.74 24.16 21.25
CA ALA E 140 -33.05 23.55 19.95
C ALA E 140 -32.50 22.12 19.90
N GLU E 141 -33.17 21.27 19.15
CA GLU E 141 -32.66 19.92 18.94
C GLU E 141 -32.57 19.67 17.44
N ALA E 142 -31.42 19.97 16.84
CA ALA E 142 -31.26 19.76 15.38
C ALA E 142 -30.66 18.35 15.11
N GLU E 143 -31.55 17.42 14.79
CA GLU E 143 -31.19 16.07 14.43
C GLU E 143 -30.60 16.05 13.01
N PHE E 144 -29.82 15.03 12.70
CA PHE E 144 -29.19 14.88 11.39
C PHE E 144 -28.84 13.45 11.13
N TYR E 145 -28.58 13.13 9.85
CA TYR E 145 -28.14 11.80 9.43
C TYR E 145 -26.65 11.80 9.10
N ILE E 146 -25.92 10.80 9.57
CA ILE E 146 -24.52 10.63 9.21
C ILE E 146 -24.49 9.55 8.14
N PHE E 147 -24.46 9.98 6.89
CA PHE E 147 -24.39 9.05 5.76
C PHE E 147 -22.95 8.79 5.31
N ASP E 148 -22.79 7.84 4.39
CA ASP E 148 -21.53 7.55 3.75
C ASP E 148 -21.45 8.15 2.33
N SER E 149 -22.59 8.30 1.65
CA SER E 149 -22.60 8.76 0.29
C SER E 149 -23.98 9.24 -0.12
N VAL E 150 -24.03 10.08 -1.14
CA VAL E 150 -25.28 10.55 -1.74
C VAL E 150 -25.00 10.85 -3.20
N SER E 151 -25.95 10.53 -4.06
CA SER E 151 -25.88 10.94 -5.44
C SER E 151 -27.31 11.14 -5.93
N PHE E 152 -27.47 11.95 -6.96
CA PHE E 152 -28.75 12.31 -7.52
C PHE E 152 -28.55 13.08 -8.83
N ASP E 153 -29.56 13.07 -9.68
CA ASP E 153 -29.58 13.86 -10.89
C ASP E 153 -31.03 14.01 -11.38
N SER E 154 -31.17 14.84 -12.41
CA SER E 154 -32.44 15.18 -13.02
C SER E 154 -32.18 15.50 -14.48
N ARG E 155 -32.71 14.67 -15.37
CA ARG E 155 -32.46 14.74 -16.79
C ARG E 155 -33.81 14.69 -17.51
N ALA E 156 -33.80 14.84 -18.82
CA ALA E 156 -35.02 14.82 -19.60
C ALA E 156 -35.76 13.50 -19.43
N ASN E 157 -35.00 12.41 -19.37
CA ASN E 157 -35.54 11.06 -19.48
C ASN E 157 -35.41 10.23 -18.22
N GLY E 158 -35.01 10.88 -17.13
CA GLY E 158 -34.79 10.15 -15.91
C GLY E 158 -34.27 11.01 -14.79
N SER E 159 -34.46 10.51 -13.58
CA SER E 159 -34.03 11.20 -12.37
C SER E 159 -33.87 10.17 -11.26
N PHE E 160 -32.90 10.39 -10.37
CA PHE E 160 -32.70 9.50 -9.26
C PHE E 160 -32.10 10.22 -8.06
N TYR E 161 -32.28 9.64 -6.90
CA TYR E 161 -31.38 9.88 -5.77
C TYR E 161 -31.07 8.57 -5.06
N GLU E 162 -29.93 8.52 -4.39
CA GLU E 162 -29.60 7.46 -3.50
C GLU E 162 -28.71 8.00 -2.39
N VAL E 163 -29.10 7.73 -1.15
CA VAL E 163 -28.24 7.93 0.00
C VAL E 163 -27.82 6.54 0.48
N ASP E 164 -26.65 6.43 1.10
CA ASP E 164 -26.24 5.15 1.62
C ASP E 164 -25.48 5.37 2.93
N ALA E 165 -25.47 4.32 3.74
CA ALA E 165 -24.88 4.30 5.09
C ALA E 165 -24.59 2.84 5.43
N ILE E 166 -23.41 2.57 5.98
CA ILE E 166 -23.06 1.20 6.38
C ILE E 166 -24.11 0.59 7.32
N SER E 167 -24.67 1.41 8.20
CA SER E 167 -25.65 0.96 9.19
C SER E 167 -27.08 0.89 8.69
N GLY E 168 -27.33 1.31 7.46
CA GLY E 168 -28.64 1.25 6.88
C GLY E 168 -29.18 -0.15 6.74
N TRP E 169 -30.43 -0.33 7.15
CA TRP E 169 -31.08 -1.66 7.12
C TRP E 169 -31.22 -2.27 5.70
N TRP E 170 -31.22 -1.41 4.69
CA TRP E 170 -31.26 -1.83 3.30
C TRP E 170 -30.01 -2.60 2.89
N ASN E 171 -28.95 -2.51 3.68
CA ASN E 171 -27.71 -3.24 3.46
C ASN E 171 -27.54 -4.55 4.21
N THR E 172 -28.55 -5.03 4.94
CA THR E 172 -28.35 -6.31 5.66
C THR E 172 -27.92 -7.49 4.75
N GLY E 173 -28.43 -7.52 3.52
CA GLY E 173 -28.15 -8.57 2.55
C GLY E 173 -26.90 -8.34 1.71
N ALA E 174 -26.17 -7.23 1.94
CA ALA E 174 -24.99 -6.93 1.15
C ALA E 174 -23.88 -7.96 1.40
N ALA E 175 -23.26 -8.42 0.31
CA ALA E 175 -22.20 -9.42 0.36
C ALA E 175 -20.93 -8.83 0.94
N THR E 176 -20.67 -7.56 0.65
CA THR E 176 -19.52 -6.88 1.22
C THR E 176 -19.92 -5.44 1.49
N GLU E 177 -19.08 -4.73 2.24
CA GLU E 177 -19.27 -3.30 2.38
C GLU E 177 -18.70 -2.59 1.13
N ALA E 178 -18.96 -1.29 1.01
CA ALA E 178 -18.58 -0.49 -0.19
C ALA E 178 -17.11 -0.66 -0.50
N ASP E 179 -16.28 -0.72 0.52
CA ASP E 179 -14.84 -0.92 0.30
C ASP E 179 -14.44 -2.40 0.11
N GLY E 180 -15.38 -3.31 -0.10
CA GLY E 180 -15.06 -4.73 -0.28
C GLY E 180 -14.82 -5.54 0.99
N SER E 181 -14.79 -4.90 2.16
CA SER E 181 -14.60 -5.62 3.43
C SER E 181 -15.91 -6.38 3.82
N PRO E 182 -15.82 -7.34 4.74
CA PRO E 182 -17.03 -8.16 4.95
C PRO E 182 -18.21 -7.42 5.62
N ASN E 183 -19.43 -7.84 5.32
CA ASN E 183 -20.64 -7.39 6.04
C ASN E 183 -20.60 -8.04 7.43
N ARG E 184 -20.60 -7.24 8.49
CA ARG E 184 -20.49 -7.76 9.85
C ARG E 184 -21.78 -7.61 10.67
N GLY E 185 -22.88 -7.28 9.99
CA GLY E 185 -24.16 -7.09 10.67
C GLY E 185 -24.19 -5.91 11.64
N TYR E 186 -25.04 -6.02 12.66
CA TYR E 186 -25.29 -4.97 13.63
C TYR E 186 -25.82 -3.67 12.96
N LYS E 187 -26.57 -3.81 11.88
CA LYS E 187 -27.11 -2.65 11.18
C LYS E 187 -28.35 -2.21 11.92
N VAL E 188 -28.74 -0.96 11.77
CA VAL E 188 -29.89 -0.41 12.51
C VAL E 188 -31.22 -0.70 11.83
N ARG E 189 -32.15 -1.27 12.56
CA ARG E 189 -33.49 -1.51 12.04
C ARG E 189 -34.19 -0.19 11.81
N HIS E 190 -35.12 -0.15 10.86
CA HIS E 190 -35.88 1.06 10.63
C HIS E 190 -36.62 1.37 11.91
N LYS E 191 -36.59 2.63 12.29
CA LYS E 191 -37.14 3.11 13.53
C LYS E 191 -36.51 2.48 14.78
N GLY E 192 -35.34 1.85 14.64
CA GLY E 192 -34.74 1.13 15.75
C GLY E 192 -33.42 1.71 16.22
N GLY E 193 -33.09 2.94 15.82
CA GLY E 193 -31.79 3.51 16.18
C GLY E 193 -31.69 4.18 17.55
N TYR E 194 -32.81 4.37 18.23
CA TYR E 194 -32.82 5.06 19.52
C TYR E 194 -33.02 4.06 20.65
N PHE E 195 -31.98 3.71 21.40
CA PHE E 195 -30.55 3.97 21.12
C PHE E 195 -29.68 2.85 21.71
N PRO E 196 -29.64 1.71 21.02
CA PRO E 196 -28.81 0.59 21.48
C PRO E 196 -27.30 0.84 21.53
N VAL E 197 -26.65 0.12 22.41
CA VAL E 197 -25.20 0.24 22.60
C VAL E 197 -24.49 -0.28 21.37
N ALA E 198 -23.22 0.10 21.25
CA ALA E 198 -22.32 -0.38 20.23
C ALA E 198 -22.27 -1.90 20.41
N PRO E 199 -22.04 -2.65 19.33
CA PRO E 199 -21.74 -2.19 18.00
C PRO E 199 -22.91 -1.84 17.09
N ASN E 200 -24.15 -1.99 17.59
CA ASN E 200 -25.34 -1.59 16.86
C ASN E 200 -25.29 -0.10 16.52
N ASP E 201 -24.93 0.69 17.54
CA ASP E 201 -24.56 2.07 17.37
C ASP E 201 -23.13 2.12 16.80
N GLN E 202 -23.01 2.43 15.51
CA GLN E 202 -21.76 2.41 14.79
C GLN E 202 -21.08 3.78 14.75
N TYR E 203 -21.62 4.78 15.47
CA TYR E 203 -21.15 6.16 15.33
C TYR E 203 -20.69 6.78 16.64
N VAL E 204 -20.47 5.95 17.66
CA VAL E 204 -20.10 6.47 18.98
C VAL E 204 -18.82 7.31 18.92
N ASP E 205 -17.77 6.78 18.29
CA ASP E 205 -16.50 7.52 18.27
C ASP E 205 -16.64 8.82 17.51
N LEU E 206 -17.41 8.79 16.41
CA LEU E 206 -17.54 9.97 15.58
C LEU E 206 -18.38 11.03 16.29
N ARG E 207 -19.42 10.60 17.00
CA ARG E 207 -20.23 11.56 17.75
C ARG E 207 -19.42 12.15 18.91
N ASP E 208 -18.56 11.36 19.54
CA ASP E 208 -17.62 11.90 20.53
C ASP E 208 -16.71 12.99 19.89
N LYS E 209 -16.21 12.74 18.69
CA LYS E 209 -15.42 13.77 17.99
C LYS E 209 -16.22 15.06 17.74
N MET E 210 -17.49 14.92 17.34
CA MET E 210 -18.40 16.08 17.21
C MET E 210 -18.58 16.79 18.53
N LEU E 211 -18.85 16.04 19.59
CA LEU E 211 -19.03 16.61 20.93
C LEU E 211 -17.77 17.37 21.33
N THR E 212 -16.61 16.77 21.11
CA THR E 212 -15.34 17.40 21.49
C THR E 212 -15.13 18.71 20.72
N ASN E 213 -15.38 18.71 19.41
CA ASN E 213 -15.25 19.92 18.61
C ASN E 213 -16.21 21.01 19.06
N LEU E 214 -17.44 20.62 19.43
CA LEU E 214 -18.36 21.60 19.96
C LEU E 214 -17.85 22.21 21.28
N ILE E 215 -17.39 21.35 22.18
CA ILE E 215 -16.86 21.77 23.47
C ILE E 215 -15.66 22.72 23.27
N ASN E 216 -14.77 22.35 22.35
CA ASN E 216 -13.61 23.23 22.05
C ASN E 216 -13.98 24.51 21.29
N SER E 217 -15.21 24.61 20.77
CA SER E 217 -15.70 25.88 20.18
C SER E 217 -16.56 26.68 21.12
N GLY E 218 -16.55 26.36 22.41
CA GLY E 218 -17.28 27.14 23.40
C GLY E 218 -18.72 26.75 23.68
N PHE E 219 -19.22 25.65 23.13
CA PHE E 219 -20.59 25.23 23.44
C PHE E 219 -20.62 24.58 24.82
N ILE E 220 -21.73 24.78 25.53
CA ILE E 220 -22.03 24.04 26.74
C ILE E 220 -22.87 22.85 26.35
N LEU E 221 -22.29 21.66 26.42
CA LEU E 221 -22.97 20.46 25.95
C LEU E 221 -23.88 19.87 27.03
N GLU E 222 -24.98 19.27 26.58
CA GLU E 222 -25.92 18.53 27.42
C GLU E 222 -25.94 17.05 27.12
N LYS E 223 -26.05 16.66 25.84
CA LYS E 223 -26.01 15.22 25.50
C LYS E 223 -25.87 14.94 24.02
N GLY E 224 -25.55 13.68 23.73
CA GLY E 224 -25.46 13.19 22.37
C GLY E 224 -25.93 11.74 22.32
N HIS E 225 -26.66 11.40 21.25
CA HIS E 225 -27.11 10.05 21.05
C HIS E 225 -27.47 9.76 19.60
N HIS E 226 -27.46 8.48 19.27
CA HIS E 226 -28.07 7.95 18.04
C HIS E 226 -29.54 8.26 18.11
N GLU E 227 -30.13 8.63 16.98
CA GLU E 227 -31.56 8.82 16.90
C GLU E 227 -32.25 7.64 16.25
N VAL E 228 -33.56 7.77 16.13
CA VAL E 228 -34.44 6.70 15.72
C VAL E 228 -34.11 6.11 14.36
N GLY E 229 -33.77 6.95 13.39
CA GLY E 229 -33.53 6.49 12.03
C GLY E 229 -32.34 5.57 11.80
N SER E 230 -32.57 4.53 11.01
CA SER E 230 -31.52 3.68 10.47
C SER E 230 -30.58 4.52 9.59
N GLY E 231 -29.36 4.07 9.43
CA GLY E 231 -28.44 4.80 8.60
C GLY E 231 -27.83 6.03 9.23
N GLY E 232 -27.77 6.02 10.55
CA GLY E 232 -26.91 6.90 11.31
C GLY E 232 -27.55 8.20 11.72
N GLN E 233 -28.83 8.17 12.09
CA GLN E 233 -29.46 9.38 12.62
C GLN E 233 -28.86 9.67 14.01
N ALA E 234 -28.74 10.95 14.32
CA ALA E 234 -28.04 11.42 15.47
C ALA E 234 -28.64 12.72 15.99
N GLU E 235 -28.32 13.03 17.25
CA GLU E 235 -28.75 14.28 17.86
C GLU E 235 -27.72 14.64 18.90
N ILE E 236 -27.32 15.90 18.91
CA ILE E 236 -26.46 16.45 19.97
C ILE E 236 -27.13 17.73 20.49
N ASN E 237 -27.22 17.89 21.81
CA ASN E 237 -27.88 19.03 22.43
C ASN E 237 -26.82 19.86 23.15
N TYR E 238 -26.95 21.18 23.03
CA TYR E 238 -26.11 22.12 23.74
C TYR E 238 -27.08 23.05 24.44
N GLN E 239 -26.58 23.79 25.41
CA GLN E 239 -27.43 24.60 26.26
C GLN E 239 -28.16 25.73 25.54
N PHE E 240 -29.40 25.93 25.92
CA PHE E 240 -30.25 27.01 25.41
C PHE E 240 -29.60 28.38 25.57
N ASN E 241 -30.10 29.36 24.83
CA ASN E 241 -29.66 30.72 25.01
C ASN E 241 -30.76 31.65 24.48
N SER E 242 -30.55 32.94 24.64
CA SER E 242 -31.47 33.91 24.07
C SER E 242 -31.37 33.87 22.55
N LEU E 243 -32.44 34.35 21.93
CA LEU E 243 -32.76 34.15 20.53
C LEU E 243 -31.59 34.32 19.52
N LEU E 244 -30.94 35.49 19.51
CA LEU E 244 -29.89 35.76 18.53
C LEU E 244 -28.70 34.81 18.76
N HIS E 245 -28.27 34.69 20.02
CA HIS E 245 -27.16 33.79 20.38
C HIS E 245 -27.47 32.34 20.00
N ALA E 246 -28.73 31.95 20.18
CA ALA E 246 -29.17 30.60 19.95
C ALA E 246 -29.15 30.31 18.45
N ALA E 247 -29.51 31.31 17.65
CA ALA E 247 -29.51 31.18 16.19
C ALA E 247 -28.09 31.16 15.69
N ASP E 248 -27.22 32.00 16.24
CA ASP E 248 -25.80 31.94 15.94
C ASP E 248 -25.19 30.57 16.30
N ASP E 249 -25.47 30.07 17.52
CA ASP E 249 -25.06 28.71 17.93
C ASP E 249 -25.52 27.65 16.91
N MET E 250 -26.77 27.75 16.48
CA MET E 250 -27.33 26.78 15.56
C MET E 250 -26.53 26.68 14.25
N GLN E 251 -26.23 27.83 13.66
CA GLN E 251 -25.45 27.88 12.42
C GLN E 251 -24.03 27.29 12.61
N LEU E 252 -23.39 27.68 13.71
CA LEU E 252 -22.07 27.16 14.04
C LEU E 252 -22.10 25.63 14.30
N TYR E 253 -23.14 25.17 14.97
CA TYR E 253 -23.34 23.75 15.22
C TYR E 253 -23.46 22.97 13.94
N LYS E 254 -24.25 23.46 13.01
CA LYS E 254 -24.40 22.77 11.72
C LYS E 254 -23.06 22.65 11.01
N TYR E 255 -22.29 23.73 11.05
CA TYR E 255 -20.97 23.77 10.41
C TYR E 255 -19.99 22.75 11.04
N ILE E 256 -19.96 22.71 12.37
CA ILE E 256 -19.09 21.79 13.08
C ILE E 256 -19.49 20.33 12.85
N ILE E 257 -20.79 20.05 12.90
CA ILE E 257 -21.27 18.68 12.65
C ILE E 257 -20.89 18.27 11.25
N LYS E 258 -21.21 19.10 10.28
CA LYS E 258 -20.96 18.77 8.88
C LYS E 258 -19.50 18.52 8.59
N ASN E 259 -18.62 19.34 9.14
CA ASN E 259 -17.21 19.23 8.82
C ASN E 259 -16.46 18.22 9.64
N THR E 260 -16.95 17.94 10.84
CA THR E 260 -16.42 16.84 11.60
C THR E 260 -16.69 15.56 10.81
N ALA E 261 -17.91 15.43 10.31
CA ALA E 261 -18.27 14.29 9.51
C ALA E 261 -17.36 14.19 8.26
N TRP E 262 -17.25 15.30 7.53
CA TRP E 262 -16.45 15.36 6.32
C TRP E 262 -14.99 14.96 6.55
N GLN E 263 -14.41 15.44 7.64
CA GLN E 263 -13.01 15.14 7.90
C GLN E 263 -12.81 13.65 8.29
N ASN E 264 -13.90 12.96 8.63
CA ASN E 264 -13.82 11.58 9.04
C ASN E 264 -14.51 10.66 8.02
N GLY E 265 -14.62 11.07 6.76
CA GLY E 265 -14.98 10.15 5.69
C GLY E 265 -16.48 9.99 5.51
N LYS E 266 -17.25 10.87 6.14
CA LYS E 266 -18.69 10.76 6.08
C LYS E 266 -19.29 11.99 5.45
N THR E 267 -20.61 12.00 5.35
CA THR E 267 -21.37 13.10 4.81
C THR E 267 -22.70 13.24 5.56
N VAL E 268 -22.93 14.43 6.12
CA VAL E 268 -24.09 14.73 6.96
C VAL E 268 -25.12 15.55 6.17
N THR E 269 -26.40 15.21 6.34
CA THR E 269 -27.48 16.06 5.92
C THR E 269 -28.39 16.38 7.06
N PHE E 270 -28.88 17.62 7.05
CA PHE E 270 -29.89 18.08 7.99
C PHE E 270 -31.24 18.16 7.28
N MET E 271 -31.38 17.54 6.12
CA MET E 271 -32.65 17.63 5.43
C MET E 271 -33.75 16.97 6.21
N PRO E 272 -34.97 17.46 6.04
CA PRO E 272 -36.03 16.97 6.93
C PRO E 272 -36.42 15.49 6.79
N LYS E 273 -36.39 14.97 5.57
CA LYS E 273 -36.85 13.64 5.25
C LYS E 273 -36.01 12.99 4.11
N PRO E 274 -34.81 12.55 4.44
CA PRO E 274 -33.98 11.88 3.43
C PRO E 274 -34.35 10.41 3.21
N LEU E 275 -34.98 9.79 4.20
CA LEU E 275 -35.37 8.37 4.11
C LEU E 275 -36.88 8.26 4.13
N PHE E 276 -37.37 7.46 3.22
CA PHE E 276 -38.79 7.16 3.11
C PHE E 276 -39.10 5.99 4.03
N GLY E 277 -40.10 6.14 4.91
CA GLY E 277 -40.47 5.06 5.83
C GLY E 277 -39.57 4.97 7.03
N ASP E 278 -38.81 6.01 7.34
CA ASP E 278 -38.12 6.07 8.63
C ASP E 278 -38.17 7.50 9.14
N ASN E 279 -37.74 7.73 10.37
CA ASN E 279 -37.89 9.05 10.99
C ASN E 279 -37.26 10.17 10.19
N GLY E 280 -37.98 11.28 10.16
CA GLY E 280 -37.42 12.53 9.67
C GLY E 280 -36.52 13.13 10.72
N SER E 281 -35.92 14.26 10.36
CA SER E 281 -35.06 15.02 11.25
C SER E 281 -35.74 16.37 11.53
N GLY E 282 -36.03 16.61 12.81
CA GLY E 282 -36.69 17.82 13.25
C GLY E 282 -35.71 18.78 13.88
N MET E 283 -36.22 19.97 14.17
CA MET E 283 -35.50 20.98 14.91
C MET E 283 -36.46 21.49 16.00
N HIS E 284 -36.76 20.63 16.95
CA HIS E 284 -37.65 21.01 18.06
C HIS E 284 -37.07 22.24 18.74
N CYS E 285 -37.93 23.20 19.07
CA CYS E 285 -37.51 24.43 19.76
C CYS E 285 -38.23 24.57 21.05
N HIS E 286 -37.51 24.30 22.13
CA HIS E 286 -38.00 24.53 23.48
C HIS E 286 -37.94 26.04 23.70
N GLN E 287 -39.00 26.64 24.20
CA GLN E 287 -39.07 28.10 24.34
C GLN E 287 -39.62 28.52 25.68
N SER E 288 -39.06 29.59 26.23
CA SER E 288 -39.64 30.20 27.42
C SER E 288 -39.31 31.69 27.52
N LEU E 289 -40.21 32.42 28.17
CA LEU E 289 -40.04 33.86 28.33
C LEU E 289 -39.73 34.14 29.79
N TRP E 290 -38.78 35.04 30.00
CA TRP E 290 -38.37 35.50 31.35
C TRP E 290 -38.47 37.03 31.42
N LYS E 291 -38.77 37.55 32.60
CA LYS E 291 -38.73 38.99 32.82
C LYS E 291 -38.10 39.34 34.16
N ASP E 292 -37.18 40.31 34.15
CA ASP E 292 -36.47 40.73 35.37
C ASP E 292 -35.86 39.56 36.15
N GLY E 293 -35.30 38.61 35.42
CA GLY E 293 -34.66 37.45 36.03
C GLY E 293 -35.55 36.37 36.60
N ALA E 294 -36.87 36.44 36.33
CA ALA E 294 -37.85 35.46 36.82
C ALA E 294 -38.63 34.81 35.64
N PRO E 295 -38.97 33.53 35.76
CA PRO E 295 -39.67 32.84 34.70
C PRO E 295 -41.11 33.28 34.64
N LEU E 296 -41.70 33.24 33.44
CA LEU E 296 -43.12 33.60 33.23
C LEU E 296 -44.00 32.40 32.84
N MET E 297 -43.39 31.26 32.53
CA MET E 297 -44.16 30.16 31.96
C MET E 297 -44.96 29.33 32.98
N TYR E 298 -44.66 29.46 34.27
CA TYR E 298 -45.11 28.48 35.28
C TYR E 298 -46.34 28.90 36.08
N ASP E 299 -47.28 27.97 36.25
CA ASP E 299 -48.39 28.16 37.17
C ASP E 299 -48.84 26.79 37.64
N GLU E 300 -48.59 26.51 38.91
CA GLU E 300 -48.92 25.23 39.52
C GLU E 300 -50.38 24.77 39.22
N THR E 301 -51.30 25.71 39.10
CA THR E 301 -52.72 25.37 38.91
C THR E 301 -53.10 25.10 37.43
N GLY E 302 -52.21 25.43 36.49
CA GLY E 302 -52.53 25.25 35.07
C GLY E 302 -52.30 23.84 34.55
N TYR E 303 -53.00 23.46 33.50
CA TYR E 303 -52.72 22.18 32.85
C TYR E 303 -51.25 22.17 32.48
N ALA E 304 -50.56 21.07 32.78
CA ALA E 304 -49.11 20.88 32.51
C ALA E 304 -48.24 21.95 33.19
N GLY E 305 -48.75 22.55 34.26
CA GLY E 305 -47.98 23.53 35.02
C GLY E 305 -47.78 24.86 34.32
N LEU E 306 -48.65 25.16 33.35
CA LEU E 306 -48.48 26.35 32.54
C LEU E 306 -49.28 27.57 33.06
N SER E 307 -48.62 28.72 32.95
CA SER E 307 -49.25 30.01 33.20
C SER E 307 -50.15 30.46 32.05
N ASP E 308 -50.95 31.50 32.32
CA ASP E 308 -51.74 32.14 31.26
C ASP E 308 -50.86 32.64 30.12
N THR E 309 -49.70 33.23 30.46
CA THR E 309 -48.73 33.74 29.47
C THR E 309 -48.24 32.62 28.58
N ALA E 310 -47.87 31.49 29.18
CA ALA E 310 -47.45 30.30 28.42
C ALA E 310 -48.55 29.78 27.49
N ARG E 311 -49.77 29.66 28.01
CA ARG E 311 -50.91 29.17 27.22
C ARG E 311 -51.20 30.08 26.03
N HIS E 312 -51.15 31.38 26.26
CA HIS E 312 -51.40 32.31 25.19
C HIS E 312 -50.29 32.26 24.12
N TYR E 313 -49.06 32.02 24.55
CA TYR E 313 -47.94 31.94 23.61
C TYR E 313 -48.22 30.72 22.69
N ILE E 314 -48.62 29.62 23.30
CA ILE E 314 -49.01 28.41 22.59
C ILE E 314 -50.19 28.68 21.65
N GLY E 315 -51.21 29.37 22.16
CA GLY E 315 -52.31 29.83 21.33
C GLY E 315 -51.84 30.53 20.07
N GLY E 316 -50.83 31.40 20.20
CA GLY E 316 -50.27 32.15 19.08
C GLY E 316 -49.54 31.24 18.09
N LEU E 317 -48.69 30.34 18.59
CA LEU E 317 -48.00 29.39 17.72
C LEU E 317 -48.99 28.56 16.90
N LEU E 318 -49.99 28.00 17.56
CA LEU E 318 -50.91 27.10 16.88
C LEU E 318 -51.94 27.84 16.00
N HIS E 319 -52.35 29.03 16.42
CA HIS E 319 -53.20 29.90 15.60
C HIS E 319 -52.51 30.35 14.30
N HIS E 320 -51.26 30.78 14.40
CA HIS E 320 -50.55 31.32 13.22
C HIS E 320 -49.81 30.25 12.39
N ALA E 321 -49.80 29.00 12.85
CA ALA E 321 -49.10 27.88 12.21
C ALA E 321 -49.24 27.84 10.70
N PRO E 322 -50.47 28.00 10.16
CA PRO E 322 -50.69 28.00 8.73
C PRO E 322 -49.75 28.90 7.88
N SER E 323 -49.27 30.01 8.44
CA SER E 323 -48.29 30.87 7.77
C SER E 323 -46.92 30.82 8.40
N LEU E 324 -46.87 30.66 9.72
CA LEU E 324 -45.64 30.58 10.47
C LEU E 324 -44.75 29.42 9.92
N LEU E 325 -45.37 28.34 9.51
CA LEU E 325 -44.59 27.22 8.96
C LEU E 325 -43.84 27.61 7.69
N ALA E 326 -44.18 28.72 7.05
CA ALA E 326 -43.39 29.20 5.90
C ALA E 326 -41.94 29.54 6.29
N PHE E 327 -41.72 29.86 7.57
CA PHE E 327 -40.38 30.08 8.09
C PHE E 327 -39.83 28.93 8.90
N THR E 328 -40.71 28.16 9.58
CA THR E 328 -40.22 27.07 10.43
C THR E 328 -40.06 25.74 9.67
N ASN E 329 -40.79 25.57 8.57
CA ASN E 329 -40.83 24.35 7.75
C ASN E 329 -40.78 24.80 6.30
N PRO E 330 -39.64 25.36 5.89
CA PRO E 330 -39.57 26.21 4.72
C PRO E 330 -39.23 25.55 3.41
N THR E 331 -39.15 24.22 3.39
CA THR E 331 -38.79 23.54 2.14
C THR E 331 -39.88 22.57 1.66
N VAL E 332 -39.83 22.19 0.37
CA VAL E 332 -40.73 21.16 -0.14
C VAL E 332 -40.56 19.83 0.65
N ASN E 333 -39.32 19.47 0.97
CA ASN E 333 -39.04 18.24 1.71
C ASN E 333 -39.54 18.29 3.15
N SER E 334 -39.72 19.50 3.69
CA SER E 334 -40.33 19.67 5.04
C SER E 334 -41.64 18.89 5.21
N TYR E 335 -42.46 18.90 4.17
CA TYR E 335 -43.82 18.34 4.22
C TYR E 335 -43.84 16.81 4.08
N LYS E 336 -42.73 16.22 3.68
CA LYS E 336 -42.56 14.77 3.72
C LYS E 336 -42.33 14.27 5.14
N ARG E 337 -41.85 15.17 6.01
CA ARG E 337 -41.63 14.84 7.41
C ARG E 337 -42.95 14.89 8.22
N LEU E 338 -43.83 15.84 7.86
CA LEU E 338 -45.14 16.02 8.54
C LEU E 338 -46.23 15.03 8.08
N VAL E 339 -45.97 13.76 8.36
CA VAL E 339 -46.83 12.64 8.01
C VAL E 339 -46.79 11.69 9.23
N PRO E 340 -47.81 10.86 9.41
CA PRO E 340 -47.92 10.15 10.69
C PRO E 340 -46.96 8.98 10.90
N GLY E 341 -46.58 8.76 12.15
CA GLY E 341 -45.87 7.54 12.57
C GLY E 341 -44.38 7.69 12.89
N TYR E 342 -43.89 8.93 12.91
CA TYR E 342 -42.45 9.23 12.97
C TYR E 342 -42.05 10.30 14.02
N GLU E 343 -42.90 10.46 15.04
CA GLU E 343 -42.68 11.45 16.10
C GLU E 343 -42.56 12.91 15.61
N ALA E 344 -43.13 13.20 14.45
CA ALA E 344 -43.28 14.56 13.94
C ALA E 344 -44.76 14.92 13.96
N PRO E 345 -45.09 16.21 13.99
CA PRO E 345 -46.52 16.58 14.03
C PRO E 345 -47.35 16.34 12.76
N ILE E 346 -48.64 16.07 12.95
CA ILE E 346 -49.61 15.99 11.85
C ILE E 346 -50.84 16.86 12.08
N ASN E 347 -50.98 17.50 13.25
CA ASN E 347 -52.09 18.39 13.52
C ASN E 347 -51.66 19.43 14.55
N LEU E 348 -52.51 20.41 14.80
CA LEU E 348 -52.13 21.56 15.59
C LEU E 348 -52.61 21.43 17.06
N VAL E 349 -52.08 20.45 17.75
CA VAL E 349 -52.48 20.11 19.13
C VAL E 349 -51.31 20.38 20.05
N TYR E 350 -51.61 20.80 21.28
CA TYR E 350 -50.60 20.73 22.33
C TYR E 350 -51.00 19.69 23.37
N SER E 351 -50.03 19.10 24.03
CA SER E 351 -50.29 18.01 24.97
C SER E 351 -49.03 17.76 25.78
N GLN E 352 -49.19 17.55 27.09
CA GLN E 352 -48.05 17.21 27.92
C GLN E 352 -47.52 15.82 27.53
N ARG E 353 -46.21 15.65 27.58
CA ARG E 353 -45.57 14.32 27.46
C ARG E 353 -45.70 13.63 26.09
N ASN E 354 -46.25 14.35 25.12
CA ASN E 354 -46.79 13.77 23.90
C ASN E 354 -45.95 14.05 22.64
N ARG E 355 -45.17 13.06 22.22
CA ARG E 355 -44.28 13.18 21.05
C ARG E 355 -45.02 13.01 19.72
N SER E 356 -46.34 12.78 19.74
CA SER E 356 -47.14 12.90 18.53
C SER E 356 -47.79 14.28 18.34
N ALA E 357 -47.61 15.19 19.29
CA ALA E 357 -48.26 16.52 19.24
C ALA E 357 -47.43 17.57 18.52
N CYS E 358 -48.04 18.72 18.22
CA CYS E 358 -47.36 19.83 17.61
C CYS E 358 -46.53 20.59 18.65
N VAL E 359 -47.12 20.78 19.82
CA VAL E 359 -46.45 21.34 20.97
C VAL E 359 -46.55 20.32 22.12
N ARG E 360 -45.40 19.88 22.58
CA ARG E 360 -45.30 18.97 23.71
C ARG E 360 -44.86 19.77 24.91
N ILE E 361 -45.41 19.48 26.08
CA ILE E 361 -44.88 20.05 27.29
C ILE E 361 -44.04 18.98 27.96
N PRO E 362 -42.71 19.14 27.94
CA PRO E 362 -41.86 18.17 28.61
C PRO E 362 -42.14 18.15 30.11
N ILE E 363 -41.97 17.01 30.75
CA ILE E 363 -42.26 16.87 32.16
C ILE E 363 -41.01 17.32 32.90
N THR E 364 -41.16 18.42 33.63
CA THR E 364 -40.01 19.06 34.28
C THR E 364 -40.20 19.26 35.78
N GLY E 365 -41.33 18.83 36.32
CA GLY E 365 -41.61 18.98 37.73
C GLY E 365 -42.15 20.35 38.14
N SER E 366 -41.92 20.69 39.40
CA SER E 366 -42.49 21.88 39.98
C SER E 366 -41.50 23.05 39.98
N ASN E 367 -40.27 22.85 39.49
CA ASN E 367 -39.32 23.95 39.35
C ASN E 367 -39.83 24.96 38.31
N PRO E 368 -40.26 26.16 38.77
CA PRO E 368 -40.78 27.15 37.80
C PRO E 368 -39.77 27.50 36.70
N LYS E 369 -38.48 27.39 37.02
CA LYS E 369 -37.42 27.82 36.14
C LYS E 369 -37.21 26.86 34.96
N ALA E 370 -37.73 25.64 35.08
CA ALA E 370 -37.59 24.63 34.05
C ALA E 370 -38.81 24.57 33.11
N LYS E 371 -39.93 25.17 33.53
CA LYS E 371 -41.18 25.07 32.76
C LYS E 371 -41.05 25.71 31.35
N ARG E 372 -41.43 24.96 30.31
CA ARG E 372 -41.31 25.43 28.95
C ARG E 372 -42.19 24.63 28.01
N LEU E 373 -42.25 25.11 26.77
CA LEU E 373 -43.01 24.43 25.72
C LEU E 373 -42.01 23.93 24.69
N GLU E 374 -42.31 22.78 24.09
CA GLU E 374 -41.51 22.25 22.99
C GLU E 374 -42.32 22.32 21.70
N PHE E 375 -41.92 23.22 20.81
CA PHE E 375 -42.56 23.34 19.51
C PHE E 375 -41.85 22.36 18.57
N ARG E 376 -42.56 21.33 18.15
CA ARG E 376 -41.91 20.16 17.46
C ARG E 376 -42.03 20.24 15.96
N SER E 377 -42.79 21.19 15.46
CA SER E 377 -43.00 21.31 14.04
C SER E 377 -41.74 21.68 13.27
N PRO E 378 -40.94 22.62 13.78
CA PRO E 378 -39.81 23.08 12.96
C PRO E 378 -38.77 22.01 12.58
N ASP E 379 -38.12 22.26 11.45
CA ASP E 379 -37.00 21.46 10.99
C ASP E 379 -35.77 22.35 10.68
N SER E 380 -34.68 21.73 10.27
CA SER E 380 -33.38 22.44 10.12
C SER E 380 -33.14 22.87 8.68
N SER E 381 -34.18 22.85 7.86
CA SER E 381 -34.03 23.06 6.41
C SER E 381 -33.97 24.51 5.99
N GLY E 382 -34.06 25.43 6.94
CA GLY E 382 -34.05 26.82 6.57
C GLY E 382 -33.08 27.70 7.36
N ASN E 383 -33.66 28.71 7.96
CA ASN E 383 -32.91 29.79 8.51
C ASN E 383 -33.32 30.00 9.95
N PRO E 384 -32.41 29.75 10.91
CA PRO E 384 -32.80 29.73 12.32
C PRO E 384 -33.04 31.13 12.87
N TYR E 385 -32.35 32.12 12.30
CA TYR E 385 -32.61 33.52 12.66
C TYR E 385 -34.06 33.85 12.36
N LEU E 386 -34.51 33.46 11.18
CA LEU E 386 -35.88 33.76 10.77
C LEU E 386 -36.91 32.88 11.49
N ALA E 387 -36.62 31.58 11.61
CA ALA E 387 -37.53 30.65 12.28
C ALA E 387 -37.78 31.10 13.72
N PHE E 388 -36.71 31.33 14.47
CA PHE E 388 -36.85 31.66 15.89
C PHE E 388 -37.60 32.98 15.98
N SER E 389 -37.26 33.92 15.10
CA SER E 389 -37.91 35.22 15.12
C SER E 389 -39.40 35.11 14.84
N ALA E 390 -39.77 34.31 13.82
CA ALA E 390 -41.18 34.13 13.47
C ALA E 390 -41.98 33.45 14.61
N MET E 391 -41.39 32.42 15.21
CA MET E 391 -41.98 31.75 16.38
C MET E 391 -42.28 32.75 17.50
N LEU E 392 -41.30 33.57 17.86
CA LEU E 392 -41.46 34.59 18.86
C LEU E 392 -42.58 35.56 18.54
N MET E 393 -42.61 36.05 17.28
CA MET E 393 -43.66 36.97 16.86
C MET E 393 -45.07 36.35 16.97
N ALA E 394 -45.19 35.06 16.65
CA ALA E 394 -46.47 34.35 16.75
C ALA E 394 -46.89 34.27 18.22
N GLY E 395 -45.93 33.89 19.05
CA GLY E 395 -46.14 33.77 20.48
C GLY E 395 -46.57 35.09 21.10
N LEU E 396 -45.88 36.16 20.74
CA LEU E 396 -46.14 37.49 21.26
C LEU E 396 -47.50 37.99 20.79
N ASP E 397 -47.90 37.66 19.58
CA ASP E 397 -49.23 38.02 19.12
C ASP E 397 -50.30 37.29 19.92
N GLY E 398 -50.01 36.03 20.25
CA GLY E 398 -50.91 35.23 21.08
C GLY E 398 -51.09 35.82 22.47
N ILE E 399 -49.99 36.24 23.07
CA ILE E 399 -50.03 36.90 24.38
C ILE E 399 -50.81 38.22 24.31
N LYS E 400 -50.49 39.06 23.32
CA LYS E 400 -51.09 40.39 23.18
C LYS E 400 -52.62 40.26 22.99
N ASN E 401 -53.04 39.30 22.18
CA ASN E 401 -54.47 39.09 21.89
C ASN E 401 -55.15 38.04 22.79
N LYS E 402 -54.44 37.58 23.82
CA LYS E 402 -54.92 36.52 24.69
C LYS E 402 -55.54 35.37 23.92
N ILE E 403 -54.81 34.83 22.95
CA ILE E 403 -55.35 33.76 22.12
C ILE E 403 -55.30 32.46 22.91
N GLU E 404 -56.48 31.88 23.15
CA GLU E 404 -56.60 30.67 23.95
C GLU E 404 -56.37 29.48 23.04
N PRO E 405 -55.41 28.61 23.36
CA PRO E 405 -55.25 27.43 22.51
C PRO E 405 -56.44 26.49 22.69
N GLN E 406 -56.68 25.63 21.73
CA GLN E 406 -57.75 24.68 21.93
C GLN E 406 -57.29 23.64 22.94
N ALA E 407 -58.23 22.91 23.52
CA ALA E 407 -57.92 22.06 24.65
C ALA E 407 -56.83 21.05 24.28
N PRO E 408 -55.96 20.72 25.22
CA PRO E 408 -54.93 19.72 24.91
C PRO E 408 -55.54 18.35 24.60
N VAL E 409 -54.93 17.57 23.72
CA VAL E 409 -55.49 16.24 23.41
C VAL E 409 -54.42 15.20 23.75
N ASP E 410 -54.67 14.47 24.84
CA ASP E 410 -53.68 13.59 25.43
C ASP E 410 -53.84 12.16 24.89
N LYS E 411 -53.63 12.03 23.57
CA LYS E 411 -53.82 10.80 22.87
C LYS E 411 -52.65 10.58 21.90
N ASP E 412 -52.46 9.33 21.51
CA ASP E 412 -51.57 9.03 20.40
C ASP E 412 -52.29 9.54 19.16
N LEU E 413 -51.81 10.65 18.63
CA LEU E 413 -52.52 11.36 17.57
C LEU E 413 -52.48 10.66 16.21
N TYR E 414 -51.55 9.72 16.01
CA TYR E 414 -51.46 8.96 14.75
C TYR E 414 -52.52 7.83 14.68
N GLU E 415 -53.13 7.50 15.82
CA GLU E 415 -54.06 6.35 15.91
C GLU E 415 -55.52 6.75 15.97
N LEU E 416 -55.80 8.04 15.84
CA LEU E 416 -57.17 8.50 15.80
C LEU E 416 -57.85 7.94 14.55
N PRO E 417 -59.10 7.48 14.70
CA PRO E 417 -59.77 7.08 13.45
C PRO E 417 -60.01 8.33 12.59
N PRO E 418 -60.15 8.16 11.26
CA PRO E 418 -60.23 9.31 10.33
C PRO E 418 -61.28 10.37 10.68
N GLU E 419 -62.46 9.94 11.09
CA GLU E 419 -63.56 10.89 11.40
C GLU E 419 -63.22 11.72 12.65
N GLU E 420 -62.46 11.15 13.58
CA GLU E 420 -62.03 11.88 14.78
C GLU E 420 -60.78 12.73 14.51
N ALA E 421 -59.85 12.21 13.71
CA ALA E 421 -58.69 13.00 13.18
C ALA E 421 -59.15 14.29 12.51
N ALA E 422 -60.22 14.21 11.69
CA ALA E 422 -60.72 15.35 10.93
C ALA E 422 -61.20 16.48 11.82
N SER E 423 -61.60 16.19 13.06
CA SER E 423 -62.15 17.23 13.96
C SER E 423 -61.09 18.16 14.57
N ILE E 424 -59.81 17.88 14.33
CA ILE E 424 -58.70 18.69 14.84
C ILE E 424 -57.98 19.35 13.64
N PRO E 425 -57.57 20.63 13.75
CA PRO E 425 -56.86 21.23 12.62
C PRO E 425 -55.56 20.49 12.27
N GLN E 426 -55.40 20.19 10.99
CA GLN E 426 -54.27 19.47 10.45
C GLN E 426 -53.13 20.45 10.19
N THR E 427 -51.91 19.93 10.18
CA THR E 427 -50.76 20.68 9.71
C THR E 427 -50.97 20.87 8.20
N PRO E 428 -50.40 21.94 7.63
CA PRO E 428 -50.40 22.10 6.16
C PRO E 428 -49.79 20.91 5.42
N THR E 429 -50.33 20.59 4.25
CA THR E 429 -49.93 19.45 3.41
C THR E 429 -48.66 19.72 2.63
N GLN E 430 -48.48 20.93 2.15
CA GLN E 430 -47.38 21.23 1.24
C GLN E 430 -46.92 22.67 1.38
N LEU E 431 -45.71 22.93 0.89
CA LEU E 431 -45.10 24.26 1.05
C LEU E 431 -45.89 25.35 0.35
N SER E 432 -46.48 25.06 -0.80
CA SER E 432 -47.19 26.12 -1.50
C SER E 432 -48.36 26.65 -0.70
N ASP E 433 -49.00 25.79 0.10
CA ASP E 433 -50.12 26.22 0.95
C ASP E 433 -49.65 27.23 2.01
N VAL E 434 -48.55 26.94 2.67
CA VAL E 434 -48.03 27.84 3.70
C VAL E 434 -47.49 29.17 3.10
N ILE E 435 -46.89 29.12 1.92
CA ILE E 435 -46.44 30.36 1.25
C ILE E 435 -47.65 31.23 0.86
N ASP E 436 -48.69 30.62 0.26
CA ASP E 436 -49.95 31.32 -0.05
C ASP E 436 -50.56 31.95 1.19
N ARG E 437 -50.56 31.21 2.29
CA ARG E 437 -51.11 31.71 3.52
C ARG E 437 -50.27 32.87 4.07
N LEU E 438 -48.94 32.76 4.01
CA LEU E 438 -48.04 33.84 4.46
C LEU E 438 -48.32 35.09 3.64
N GLU E 439 -48.50 34.89 2.34
CA GLU E 439 -48.79 36.02 1.47
C GLU E 439 -50.07 36.72 1.88
N ALA E 440 -51.09 35.95 2.27
CA ALA E 440 -52.41 36.48 2.61
C ALA E 440 -52.49 37.05 4.02
N ASP E 441 -51.70 36.55 4.96
CA ASP E 441 -51.79 36.94 6.36
C ASP E 441 -50.42 36.90 7.09
N HIS E 442 -49.83 38.07 7.25
CA HIS E 442 -48.50 38.15 7.87
C HIS E 442 -48.35 39.35 8.80
N GLU E 443 -49.47 39.98 9.20
CA GLU E 443 -49.38 41.20 9.98
C GLU E 443 -48.67 40.97 11.31
N TYR E 444 -48.89 39.81 11.94
CA TYR E 444 -48.21 39.51 13.22
C TYR E 444 -46.69 39.56 13.11
N LEU E 445 -46.17 39.21 11.94
CA LEU E 445 -44.72 39.24 11.69
C LEU E 445 -44.17 40.66 11.51
N THR E 446 -44.99 41.56 10.93
CA THR E 446 -44.56 42.94 10.64
C THR E 446 -44.68 43.87 11.84
N GLU E 447 -45.26 43.39 12.94
CA GLU E 447 -45.29 44.14 14.20
C GLU E 447 -43.89 44.64 14.58
N GLY E 448 -43.81 45.91 14.95
CA GLY E 448 -42.55 46.53 15.36
C GLY E 448 -41.53 46.63 14.24
N GLY E 449 -41.92 46.30 13.02
CA GLY E 449 -40.95 46.31 11.91
C GLY E 449 -39.95 45.13 11.96
N VAL E 450 -40.26 44.09 12.74
CA VAL E 450 -39.35 42.94 12.90
C VAL E 450 -39.13 42.24 11.57
N PHE E 451 -40.20 41.81 10.90
CA PHE E 451 -40.16 41.40 9.50
C PHE E 451 -40.72 42.56 8.67
N THR E 452 -40.10 42.86 7.53
CA THR E 452 -40.65 43.92 6.67
C THR E 452 -41.30 43.33 5.44
N ASN E 453 -42.13 44.13 4.77
CA ASN E 453 -42.82 43.67 3.57
C ASN E 453 -41.83 43.16 2.51
N ASP E 454 -40.70 43.85 2.33
CA ASP E 454 -39.71 43.44 1.30
C ASP E 454 -39.07 42.08 1.63
N LEU E 455 -38.84 41.82 2.91
CA LEU E 455 -38.37 40.49 3.36
C LEU E 455 -39.40 39.42 3.02
N ILE E 456 -40.64 39.67 3.42
CA ILE E 456 -41.71 38.70 3.24
C ILE E 456 -41.96 38.41 1.76
N GLU E 457 -42.02 39.46 0.95
CA GLU E 457 -42.23 39.29 -0.48
C GLU E 457 -41.08 38.56 -1.19
N THR E 458 -39.86 38.89 -0.81
CA THR E 458 -38.67 38.21 -1.31
C THR E 458 -38.71 36.73 -0.98
N TRP E 459 -39.11 36.42 0.25
CA TRP E 459 -39.18 35.03 0.70
C TRP E 459 -40.19 34.22 -0.12
N ILE E 460 -41.37 34.79 -0.33
CA ILE E 460 -42.46 34.19 -1.08
C ILE E 460 -42.05 33.94 -2.53
N SER E 461 -41.44 34.96 -3.13
CA SER E 461 -40.98 34.87 -4.51
C SER E 461 -39.85 33.83 -4.71
N PHE E 462 -38.86 33.86 -3.83
CA PHE E 462 -37.76 32.90 -3.84
C PHE E 462 -38.27 31.45 -3.75
N LYS E 463 -39.17 31.17 -2.79
CA LYS E 463 -39.63 29.81 -2.60
C LYS E 463 -40.48 29.34 -3.78
N ARG E 464 -41.29 30.23 -4.35
CA ARG E 464 -42.08 29.87 -5.53
C ARG E 464 -41.21 29.59 -6.72
N GLU E 465 -40.26 30.48 -6.99
CA GLU E 465 -39.49 30.38 -8.22
C GLU E 465 -38.36 29.33 -8.18
N ASN E 466 -37.74 29.15 -7.02
CA ASN E 466 -36.54 28.31 -6.87
C ASN E 466 -36.83 26.95 -6.22
N GLU E 467 -38.01 26.79 -5.62
CA GLU E 467 -38.29 25.52 -4.94
C GLU E 467 -39.56 24.83 -5.40
N ILE E 468 -40.70 25.51 -5.22
CA ILE E 468 -41.99 24.91 -5.46
C ILE E 468 -42.16 24.59 -6.92
N GLU E 469 -41.88 25.56 -7.78
CA GLU E 469 -42.14 25.34 -9.18
C GLU E 469 -41.15 24.32 -9.77
N PRO E 470 -39.84 24.41 -9.44
CA PRO E 470 -38.92 23.39 -9.96
C PRO E 470 -39.27 21.94 -9.61
N VAL E 471 -39.71 21.70 -8.38
CA VAL E 471 -40.20 20.37 -8.02
C VAL E 471 -41.50 19.97 -8.76
N ASN E 472 -42.46 20.89 -8.83
CA ASN E 472 -43.75 20.66 -9.48
C ASN E 472 -43.71 20.28 -10.92
N ILE E 473 -42.75 20.80 -11.68
CA ILE E 473 -42.69 20.51 -13.10
C ILE E 473 -41.96 19.20 -13.45
N ARG E 474 -41.24 18.65 -12.48
CA ARG E 474 -40.45 17.41 -12.68
C ARG E 474 -41.25 16.19 -12.32
N PRO E 475 -41.46 15.29 -13.29
CA PRO E 475 -42.02 13.97 -12.96
C PRO E 475 -41.33 13.28 -11.78
N HIS E 476 -42.14 12.77 -10.86
CA HIS E 476 -41.69 12.00 -9.69
C HIS E 476 -41.55 10.53 -10.12
N PRO E 477 -40.51 9.83 -9.67
CA PRO E 477 -40.32 8.42 -10.04
C PRO E 477 -41.50 7.51 -9.75
N TYR E 478 -42.20 7.80 -8.66
CA TYR E 478 -43.40 7.07 -8.29
C TYR E 478 -44.57 7.24 -9.26
N GLU E 479 -44.56 8.31 -10.04
CA GLU E 479 -45.54 8.48 -11.11
C GLU E 479 -45.34 7.43 -12.21
N PHE E 480 -44.11 6.96 -12.40
CA PHE E 480 -43.82 5.87 -13.34
C PHE E 480 -44.34 4.53 -12.77
N ALA E 481 -44.15 4.34 -11.47
CA ALA E 481 -44.73 3.18 -10.78
C ALA E 481 -46.28 3.13 -10.92
N LEU E 482 -46.92 4.28 -10.76
CA LEU E 482 -48.38 4.39 -10.86
C LEU E 482 -48.94 4.38 -12.29
N TYR E 483 -48.23 5.00 -13.23
CA TYR E 483 -48.85 5.40 -14.46
C TYR E 483 -48.22 4.98 -15.80
N TYR E 484 -47.04 4.35 -15.81
CA TYR E 484 -46.40 4.03 -17.09
C TYR E 484 -47.35 3.24 -17.99
N ASP E 485 -48.10 2.34 -17.35
CA ASP E 485 -48.99 1.42 -18.06
C ASP E 485 -50.45 1.87 -18.22
N VAL E 486 -50.74 3.15 -18.00
CA VAL E 486 -52.11 3.67 -18.15
C VAL E 486 -52.72 3.46 -19.54
N LYS F 12 15.42 48.36 -4.80
CA LYS F 12 16.51 47.43 -4.41
C LYS F 12 17.71 47.68 -5.30
N THR F 13 18.90 47.42 -4.78
CA THR F 13 20.13 47.57 -5.54
C THR F 13 20.70 46.18 -5.89
N PRO F 14 21.67 46.12 -6.80
CA PRO F 14 22.33 44.85 -7.05
C PRO F 14 22.87 44.23 -5.76
N ASP F 15 23.54 45.04 -4.94
CA ASP F 15 24.15 44.52 -3.71
C ASP F 15 23.07 43.96 -2.77
N ASP F 16 21.87 44.54 -2.73
CA ASP F 16 20.77 43.98 -1.91
C ASP F 16 20.43 42.55 -2.40
N VAL F 17 20.45 42.36 -3.72
CA VAL F 17 20.09 41.07 -4.29
C VAL F 17 21.20 40.05 -4.02
N PHE F 18 22.47 40.49 -4.10
CA PHE F 18 23.59 39.60 -3.78
C PHE F 18 23.52 39.18 -2.33
N LYS F 19 23.24 40.14 -1.45
CA LYS F 19 23.10 39.86 -0.03
C LYS F 19 21.98 38.83 0.22
N LEU F 20 20.81 39.03 -0.39
CA LEU F 20 19.71 38.10 -0.26
C LEU F 20 20.12 36.70 -0.72
N ALA F 21 20.79 36.59 -1.87
CA ALA F 21 21.24 35.29 -2.38
C ALA F 21 22.16 34.59 -1.37
N LYS F 22 23.11 35.34 -0.82
CA LYS F 22 24.04 34.80 0.14
C LYS F 22 23.32 34.44 1.43
N ASP F 23 22.55 35.37 1.98
CA ASP F 23 21.83 35.13 3.25
C ASP F 23 20.92 33.88 3.16
N GLU F 24 20.27 33.68 2.02
CA GLU F 24 19.31 32.60 1.86
C GLU F 24 19.94 31.30 1.38
N LYS F 25 21.27 31.29 1.19
CA LYS F 25 21.97 30.07 0.75
C LYS F 25 21.40 29.49 -0.55
N VAL F 26 21.14 30.40 -1.47
CA VAL F 26 20.58 30.09 -2.78
C VAL F 26 21.56 29.23 -3.59
N GLU F 27 21.01 28.18 -4.20
CA GLU F 27 21.77 27.29 -5.02
C GLU F 27 21.67 27.68 -6.49
N TYR F 28 20.49 28.17 -6.88
CA TYR F 28 20.21 28.55 -8.25
C TYR F 28 19.53 29.89 -8.33
N VAL F 29 19.74 30.53 -9.48
CA VAL F 29 19.03 31.73 -9.87
C VAL F 29 18.27 31.43 -11.16
N ASP F 30 17.00 31.74 -11.15
CA ASP F 30 16.13 31.51 -12.31
C ASP F 30 15.88 32.84 -13.01
N VAL F 31 16.34 32.92 -14.24
CA VAL F 31 16.29 34.11 -15.05
C VAL F 31 14.97 34.12 -15.79
N ARG F 32 14.13 35.13 -15.55
CA ARG F 32 12.79 35.20 -16.17
C ARG F 32 12.58 36.43 -17.00
N PHE F 33 11.79 36.27 -18.06
CA PHE F 33 11.33 37.40 -18.86
C PHE F 33 10.00 37.03 -19.50
N CYS F 34 9.33 38.01 -20.07
CA CYS F 34 7.99 37.78 -20.61
C CYS F 34 8.02 37.65 -22.13
N ASP F 35 7.40 36.61 -22.66
CA ASP F 35 7.13 36.57 -24.08
C ASP F 35 6.00 37.53 -24.46
N LEU F 36 5.81 37.73 -25.75
CA LEU F 36 4.86 38.70 -26.21
C LEU F 36 3.41 38.33 -25.82
N PRO F 37 2.98 37.09 -26.10
CA PRO F 37 1.57 36.78 -25.76
C PRO F 37 1.26 36.87 -24.24
N GLY F 38 2.27 36.67 -23.40
CA GLY F 38 2.10 36.83 -21.95
C GLY F 38 2.52 35.69 -21.03
N ILE F 39 3.35 34.76 -21.53
CA ILE F 39 3.81 33.65 -20.71
C ILE F 39 5.26 33.96 -20.30
N MET F 40 5.57 33.80 -19.03
CA MET F 40 6.91 33.99 -18.52
C MET F 40 7.82 32.85 -18.97
N GLN F 41 9.04 33.22 -19.34
CA GLN F 41 10.05 32.32 -19.86
C GLN F 41 11.18 32.27 -18.84
N HIS F 42 11.93 31.16 -18.76
CA HIS F 42 13.01 31.07 -17.78
C HIS F 42 14.10 30.07 -18.17
N PHE F 43 15.30 30.33 -17.66
CA PHE F 43 16.39 29.36 -17.60
C PHE F 43 17.12 29.59 -16.31
N THR F 44 17.93 28.60 -15.94
CA THR F 44 18.52 28.54 -14.63
C THR F 44 20.02 28.62 -14.77
N ILE F 45 20.64 29.36 -13.87
CA ILE F 45 22.09 29.44 -13.76
C ILE F 45 22.45 29.13 -12.30
N PRO F 46 23.66 28.59 -12.08
CA PRO F 46 24.05 28.27 -10.72
C PRO F 46 24.35 29.55 -9.96
N ALA F 47 24.19 29.51 -8.63
CA ALA F 47 24.61 30.61 -7.76
C ALA F 47 26.03 31.06 -8.03
N SER F 48 26.92 30.10 -8.31
CA SER F 48 28.31 30.42 -8.66
C SER F 48 28.45 31.31 -9.90
N ALA F 49 27.40 31.40 -10.73
CA ALA F 49 27.48 32.17 -11.97
C ALA F 49 26.76 33.52 -11.84
N PHE F 50 26.15 33.76 -10.68
CA PHE F 50 25.40 34.97 -10.42
C PHE F 50 26.28 36.01 -9.75
N ASP F 51 26.87 36.89 -10.56
CA ASP F 51 27.90 37.83 -10.10
C ASP F 51 27.65 39.17 -10.76
N LYS F 52 28.57 40.12 -10.57
CA LYS F 52 28.36 41.47 -11.13
C LYS F 52 28.24 41.50 -12.65
N SER F 53 28.86 40.53 -13.32
CA SER F 53 28.78 40.37 -14.78
C SER F 53 27.33 40.23 -15.30
N VAL F 54 26.47 39.55 -14.55
CA VAL F 54 25.08 39.40 -14.93
C VAL F 54 24.41 40.78 -15.01
N PHE F 55 24.80 41.67 -14.10
CA PHE F 55 24.31 43.04 -14.07
C PHE F 55 24.99 43.97 -15.08
N ASP F 56 26.26 43.75 -15.38
CA ASP F 56 26.99 44.62 -16.29
C ASP F 56 26.82 44.21 -17.74
N ASP F 57 27.09 42.94 -18.04
CA ASP F 57 27.08 42.40 -19.41
C ASP F 57 25.74 41.73 -19.81
N GLY F 58 25.02 41.17 -18.84
CA GLY F 58 23.73 40.54 -19.12
C GLY F 58 23.90 39.09 -19.53
N LEU F 59 22.81 38.49 -19.96
CA LEU F 59 22.82 37.08 -20.29
C LEU F 59 22.11 36.90 -21.63
N ALA F 60 22.48 35.83 -22.36
CA ALA F 60 21.97 35.57 -23.72
C ALA F 60 20.85 34.52 -23.80
N PHE F 61 20.02 34.62 -24.83
CA PHE F 61 19.03 33.58 -25.16
C PHE F 61 18.68 33.56 -26.65
N ASP F 62 17.86 32.59 -27.05
CA ASP F 62 17.45 32.44 -28.44
C ASP F 62 16.14 33.14 -28.61
N GLY F 63 16.23 34.38 -29.05
CA GLY F 63 15.05 35.17 -29.33
C GLY F 63 14.16 34.59 -30.41
N SER F 64 14.69 33.67 -31.23
CA SER F 64 13.88 33.06 -32.28
C SER F 64 12.95 31.97 -31.78
N SER F 65 13.18 31.42 -30.59
CA SER F 65 12.22 30.44 -30.06
C SER F 65 11.13 31.09 -29.20
N ILE F 66 11.19 32.41 -29.00
CA ILE F 66 10.27 33.11 -28.10
C ILE F 66 9.23 33.80 -28.96
N ARG F 67 7.96 33.56 -28.66
CA ARG F 67 6.87 34.08 -29.48
C ARG F 67 6.85 35.61 -29.51
N GLY F 68 6.68 36.16 -30.70
CA GLY F 68 6.63 37.60 -30.93
C GLY F 68 7.96 38.34 -30.92
N PHE F 69 9.06 37.59 -30.81
CA PHE F 69 10.39 38.19 -30.68
C PHE F 69 11.11 38.18 -32.06
N GLN F 70 12.21 37.44 -32.19
CA GLN F 70 13.09 37.52 -33.35
C GLN F 70 12.85 36.42 -34.37
N SER F 71 13.30 36.70 -35.60
CA SER F 71 13.47 35.67 -36.62
C SER F 71 14.82 34.93 -36.43
N ILE F 72 14.96 33.79 -37.09
CA ILE F 72 16.05 32.85 -36.79
C ILE F 72 17.43 33.39 -37.15
N HIS F 73 17.46 34.30 -38.14
CA HIS F 73 18.73 34.85 -38.60
C HIS F 73 19.19 36.02 -37.76
N GLU F 74 18.30 36.57 -36.94
CA GLU F 74 18.60 37.61 -35.95
C GLU F 74 18.25 37.14 -34.53
N SER F 75 18.63 35.90 -34.22
CA SER F 75 18.13 35.19 -33.05
C SER F 75 18.66 35.70 -31.69
N ASP F 76 19.99 35.83 -31.56
CA ASP F 76 20.61 36.19 -30.27
C ASP F 76 19.97 37.46 -29.67
N MET F 77 19.61 37.43 -28.38
CA MET F 77 19.18 38.63 -27.69
C MET F 77 19.80 38.65 -26.31
N LEU F 78 19.70 39.79 -25.65
CA LEU F 78 20.34 40.02 -24.36
C LEU F 78 19.30 40.24 -23.27
N LEU F 79 19.69 39.91 -22.04
CA LEU F 79 18.85 40.11 -20.85
C LEU F 79 19.57 40.91 -19.76
N LEU F 80 18.92 41.93 -19.19
CA LEU F 80 19.45 42.64 -18.04
C LEU F 80 18.49 42.60 -16.85
N PRO F 81 19.03 42.38 -15.64
CA PRO F 81 18.20 42.09 -14.45
C PRO F 81 17.46 43.31 -13.90
N ASP F 82 16.32 43.07 -13.26
CA ASP F 82 15.57 44.10 -12.55
C ASP F 82 15.60 43.70 -11.07
N PRO F 83 16.50 44.31 -10.30
CA PRO F 83 16.66 43.90 -8.90
C PRO F 83 15.38 44.00 -8.04
N GLU F 84 14.39 44.81 -8.44
CA GLU F 84 13.15 44.95 -7.65
C GLU F 84 12.33 43.66 -7.63
N THR F 85 12.57 42.78 -8.59
CA THR F 85 11.72 41.62 -8.75
C THR F 85 12.29 40.34 -8.12
N ALA F 86 13.45 40.42 -7.47
CA ALA F 86 14.08 39.24 -6.86
C ALA F 86 13.22 38.66 -5.69
N ARG F 87 12.82 37.40 -5.80
CA ARG F 87 12.06 36.67 -4.78
C ARG F 87 12.56 35.22 -4.73
N ILE F 88 12.60 34.63 -3.56
CA ILE F 88 12.84 33.20 -3.41
C ILE F 88 11.65 32.39 -3.94
N ASP F 89 11.95 31.33 -4.66
CA ASP F 89 10.92 30.47 -5.20
C ASP F 89 10.39 29.54 -4.13
N PRO F 90 9.06 29.52 -3.95
CA PRO F 90 8.46 28.72 -2.89
C PRO F 90 8.41 27.24 -3.21
N PHE F 91 8.70 26.84 -4.45
CA PHE F 91 8.38 25.49 -4.89
C PHE F 91 9.60 24.56 -5.07
N ARG F 92 10.74 25.08 -5.48
CA ARG F 92 11.85 24.23 -5.83
C ARG F 92 12.62 23.70 -4.63
N ALA F 93 12.86 22.40 -4.62
CA ALA F 93 13.58 21.76 -3.50
C ALA F 93 15.00 22.34 -3.39
N ALA F 94 15.63 22.60 -4.53
CA ALA F 94 16.90 23.32 -4.55
C ALA F 94 16.60 24.80 -4.44
N LYS F 95 17.11 25.43 -3.38
CA LYS F 95 16.84 26.83 -3.07
C LYS F 95 17.16 27.74 -4.26
N THR F 96 16.14 28.46 -4.72
CA THR F 96 16.21 29.21 -5.94
C THR F 96 15.69 30.60 -5.78
N LEU F 97 16.42 31.53 -6.37
CA LEU F 97 16.07 32.94 -6.38
C LEU F 97 15.63 33.28 -7.80
N ASN F 98 14.39 33.76 -7.93
CA ASN F 98 13.84 34.19 -9.20
C ASN F 98 14.02 35.68 -9.38
N ILE F 99 14.37 36.10 -10.59
CA ILE F 99 14.53 37.50 -10.93
C ILE F 99 14.03 37.73 -12.32
N ASN F 100 13.24 38.78 -12.49
CA ASN F 100 12.79 39.16 -13.82
C ASN F 100 13.84 40.05 -14.49
N PHE F 101 13.88 40.00 -15.80
CA PHE F 101 14.87 40.69 -16.62
C PHE F 101 14.16 41.51 -17.69
N PHE F 102 14.85 42.53 -18.21
CA PHE F 102 14.44 43.32 -19.37
C PHE F 102 15.23 42.81 -20.58
N VAL F 103 14.61 42.80 -21.75
CA VAL F 103 15.24 42.29 -22.95
C VAL F 103 15.87 43.49 -23.66
N HIS F 104 17.11 43.31 -24.08
CA HIS F 104 17.83 44.37 -24.78
C HIS F 104 18.48 43.84 -26.06
N ASP F 105 18.69 44.75 -27.01
CA ASP F 105 19.46 44.45 -28.23
C ASP F 105 20.91 44.12 -27.86
N PRO F 106 21.44 43.00 -28.37
CA PRO F 106 22.80 42.57 -27.98
C PRO F 106 23.96 43.36 -28.63
N PHE F 107 23.66 44.22 -29.61
CA PHE F 107 24.65 45.14 -30.21
C PHE F 107 24.63 46.54 -29.59
N THR F 108 23.44 47.17 -29.54
CA THR F 108 23.31 48.54 -29.01
C THR F 108 22.98 48.62 -27.52
N LEU F 109 22.62 47.48 -26.91
CA LEU F 109 22.16 47.42 -25.51
C LEU F 109 20.90 48.26 -25.23
N GLU F 110 20.23 48.73 -26.28
CA GLU F 110 18.98 49.47 -26.13
C GLU F 110 17.85 48.49 -25.74
N PRO F 111 16.85 48.99 -24.98
CA PRO F 111 15.68 48.13 -24.68
C PRO F 111 14.95 47.68 -25.93
N TYR F 112 14.40 46.49 -25.87
CA TYR F 112 13.77 45.86 -27.01
C TYR F 112 12.36 46.37 -27.10
N SER F 113 11.94 46.75 -28.32
CA SER F 113 10.61 47.27 -28.59
C SER F 113 9.48 46.26 -28.39
N ARG F 114 9.80 44.98 -28.34
CA ARG F 114 8.76 43.96 -28.12
C ARG F 114 8.93 43.21 -26.81
N ASP F 115 9.67 43.79 -25.87
CA ASP F 115 9.69 43.29 -24.51
C ASP F 115 8.49 43.89 -23.80
N PRO F 116 7.53 43.06 -23.31
CA PRO F 116 6.35 43.59 -22.55
C PRO F 116 6.73 44.41 -21.32
N ARG F 117 7.78 44.01 -20.64
CA ARG F 117 8.23 44.74 -19.45
C ARG F 117 8.70 46.15 -19.83
N ASN F 118 9.33 46.30 -21.00
CA ASN F 118 9.67 47.63 -21.54
C ASN F 118 8.44 48.48 -21.84
N ILE F 119 7.37 47.86 -22.35
CA ILE F 119 6.19 48.63 -22.68
C ILE F 119 5.66 49.28 -21.38
N ALA F 120 5.63 48.52 -20.28
CA ALA F 120 5.10 49.02 -19.05
C ALA F 120 5.95 50.17 -18.51
N ARG F 121 7.26 49.97 -18.56
CA ARG F 121 8.25 51.00 -18.27
C ARG F 121 8.01 52.29 -19.08
N LYS F 122 7.85 52.14 -20.38
CA LYS F 122 7.62 53.28 -21.24
C LYS F 122 6.29 53.98 -20.90
N ALA F 123 5.27 53.21 -20.56
CA ALA F 123 3.97 53.76 -20.23
C ALA F 123 4.03 54.66 -18.99
N GLU F 124 4.74 54.20 -17.97
CA GLU F 124 4.90 54.97 -16.72
C GLU F 124 5.69 56.30 -16.95
N ASN F 125 6.74 56.24 -17.77
CA ASN F 125 7.48 57.44 -18.13
C ASN F 125 6.66 58.40 -19.01
N TYR F 126 5.89 57.86 -19.95
CA TYR F 126 4.99 58.68 -20.73
C TYR F 126 3.96 59.41 -19.85
N LEU F 127 3.36 58.70 -18.88
CA LEU F 127 2.45 59.34 -17.94
C LEU F 127 3.07 60.59 -17.29
N ILE F 128 4.29 60.42 -16.78
CA ILE F 128 4.97 61.51 -16.12
C ILE F 128 5.15 62.67 -17.10
N SER F 129 5.56 62.38 -18.34
CA SER F 129 5.78 63.41 -19.36
C SER F 129 4.52 64.15 -19.82
N THR F 130 3.32 63.64 -19.54
CA THR F 130 2.10 64.37 -19.90
C THR F 130 1.77 65.46 -18.89
N GLY F 131 2.32 65.36 -17.68
CA GLY F 131 1.95 66.28 -16.61
C GLY F 131 0.59 65.94 -15.98
N ILE F 132 -0.11 64.94 -16.50
CA ILE F 132 -1.45 64.62 -16.01
C ILE F 132 -1.36 64.00 -14.61
N ALA F 133 -0.38 63.10 -14.43
CA ALA F 133 -0.21 62.42 -13.17
C ALA F 133 1.21 61.95 -13.10
N ASP F 134 1.63 61.47 -11.95
CA ASP F 134 2.92 60.80 -11.88
C ASP F 134 2.85 59.30 -11.57
N THR F 135 1.68 58.81 -11.15
CA THR F 135 1.51 57.41 -10.79
C THR F 135 0.14 56.86 -11.18
N ALA F 136 0.14 55.70 -11.84
CA ALA F 136 -1.09 54.99 -12.19
C ALA F 136 -1.14 53.72 -11.35
N TYR F 137 -2.13 53.63 -10.49
CA TYR F 137 -2.31 52.45 -9.66
C TYR F 137 -3.31 51.47 -10.28
N PHE F 138 -2.96 50.20 -10.21
CA PHE F 138 -3.73 49.10 -10.76
C PHE F 138 -3.90 48.06 -9.69
N GLY F 139 -5.13 47.80 -9.32
CA GLY F 139 -5.47 46.70 -8.44
C GLY F 139 -6.25 45.72 -9.30
N ALA F 140 -5.81 44.48 -9.34
CA ALA F 140 -6.42 43.51 -10.25
C ALA F 140 -7.10 42.39 -9.45
N GLU F 141 -8.04 41.73 -10.10
CA GLU F 141 -8.71 40.57 -9.54
C GLU F 141 -8.67 39.45 -10.57
N ALA F 142 -7.64 38.64 -10.54
CA ALA F 142 -7.49 37.53 -11.49
C ALA F 142 -8.15 36.26 -10.93
N GLU F 143 -9.37 36.01 -11.37
CA GLU F 143 -10.12 34.82 -11.01
C GLU F 143 -9.53 33.61 -11.74
N PHE F 144 -9.77 32.42 -11.19
CA PHE F 144 -9.31 31.18 -11.82
C PHE F 144 -10.15 29.99 -11.42
N TYR F 145 -10.00 28.88 -12.13
CA TYR F 145 -10.67 27.64 -11.80
C TYR F 145 -9.63 26.67 -11.29
N ILE F 146 -9.95 26.02 -10.17
CA ILE F 146 -9.15 24.91 -9.59
C ILE F 146 -9.78 23.59 -10.03
N PHE F 147 -9.32 23.06 -11.15
CA PHE F 147 -9.84 21.82 -11.70
C PHE F 147 -9.04 20.59 -11.23
N ASP F 148 -9.60 19.40 -11.45
CA ASP F 148 -8.90 18.13 -11.14
C ASP F 148 -8.24 17.59 -12.38
N SER F 149 -8.81 17.87 -13.54
CA SER F 149 -8.29 17.30 -14.80
C SER F 149 -8.75 18.06 -16.02
N VAL F 150 -8.00 17.88 -17.11
CA VAL F 150 -8.37 18.44 -18.39
C VAL F 150 -7.80 17.56 -19.52
N SER F 151 -8.61 17.31 -20.54
CA SER F 151 -8.06 16.75 -21.77
C SER F 151 -8.82 17.23 -22.97
N PHE F 152 -8.18 17.11 -24.13
CA PHE F 152 -8.66 17.69 -25.38
C PHE F 152 -7.81 17.20 -26.54
N ASP F 153 -8.40 17.20 -27.74
CA ASP F 153 -7.64 17.00 -28.96
C ASP F 153 -8.40 17.50 -30.16
N SER F 154 -7.74 17.40 -31.31
CA SER F 154 -8.26 17.91 -32.54
C SER F 154 -7.70 17.02 -33.64
N ARG F 155 -8.57 16.24 -34.28
CA ARG F 155 -8.16 15.27 -35.30
C ARG F 155 -8.96 15.53 -36.58
N ALA F 156 -8.69 14.75 -37.63
CA ALA F 156 -9.46 14.89 -38.87
C ALA F 156 -10.95 14.64 -38.65
N ASN F 157 -11.25 13.59 -37.89
CA ASN F 157 -12.64 13.07 -37.82
C ASN F 157 -13.31 13.36 -36.48
N GLY F 158 -12.71 14.22 -35.66
CA GLY F 158 -13.27 14.46 -34.34
C GLY F 158 -12.46 15.40 -33.51
N SER F 159 -13.10 15.97 -32.49
CA SER F 159 -12.46 16.83 -31.52
C SER F 159 -13.25 16.85 -30.23
N PHE F 160 -12.57 17.07 -29.10
CA PHE F 160 -13.24 17.14 -27.80
C PHE F 160 -12.45 17.99 -26.84
N TYR F 161 -13.11 18.46 -25.79
CA TYR F 161 -12.40 18.85 -24.58
C TYR F 161 -13.26 18.41 -23.44
N GLU F 162 -12.63 18.25 -22.30
CA GLU F 162 -13.35 17.99 -21.06
C GLU F 162 -12.51 18.52 -19.91
N VAL F 163 -13.10 19.30 -19.03
CA VAL F 163 -12.46 19.66 -17.79
C VAL F 163 -13.30 18.95 -16.71
N ASP F 164 -12.67 18.61 -15.60
CA ASP F 164 -13.43 17.98 -14.50
C ASP F 164 -12.96 18.50 -13.14
N ALA F 165 -13.85 18.39 -12.16
CA ALA F 165 -13.61 18.88 -10.83
C ALA F 165 -14.61 18.16 -9.88
N ILE F 166 -14.10 17.73 -8.74
CA ILE F 166 -14.91 16.99 -7.77
C ILE F 166 -16.18 17.81 -7.44
N SER F 167 -16.04 19.12 -7.29
CA SER F 167 -17.17 19.99 -6.89
C SER F 167 -18.08 20.43 -8.04
N GLY F 168 -17.80 19.99 -9.26
CA GLY F 168 -18.65 20.29 -10.39
C GLY F 168 -20.05 19.69 -10.29
N TRP F 169 -21.06 20.52 -10.59
CA TRP F 169 -22.47 20.06 -10.49
C TRP F 169 -22.81 18.92 -11.44
N TRP F 170 -22.10 18.87 -12.57
CA TRP F 170 -22.24 17.75 -13.49
C TRP F 170 -21.94 16.38 -12.86
N ASN F 171 -21.29 16.35 -11.71
CA ASN F 171 -21.00 15.13 -11.00
C ASN F 171 -21.97 14.74 -9.88
N THR F 172 -23.09 15.47 -9.69
CA THR F 172 -23.96 15.13 -8.56
C THR F 172 -24.42 13.68 -8.65
N GLY F 173 -24.57 13.20 -9.89
CA GLY F 173 -25.09 11.89 -10.18
C GLY F 173 -24.05 10.77 -10.21
N ALA F 174 -22.75 11.08 -10.07
CA ALA F 174 -21.66 10.06 -10.15
C ALA F 174 -21.78 8.98 -9.09
N ALA F 175 -21.56 7.74 -9.48
CA ALA F 175 -21.55 6.62 -8.56
C ALA F 175 -20.38 6.73 -7.58
N THR F 176 -19.23 7.21 -8.05
CA THR F 176 -18.06 7.35 -7.22
C THR F 176 -17.24 8.50 -7.74
N GLU F 177 -16.28 8.94 -6.95
CA GLU F 177 -15.30 9.91 -7.39
C GLU F 177 -14.28 9.24 -8.32
N ALA F 178 -13.42 10.02 -8.97
CA ALA F 178 -12.44 9.47 -9.94
C ALA F 178 -11.51 8.44 -9.30
N ASP F 179 -11.13 8.63 -8.05
CA ASP F 179 -10.34 7.62 -7.34
C ASP F 179 -11.13 6.36 -6.84
N GLY F 180 -12.43 6.23 -7.14
CA GLY F 180 -13.23 5.11 -6.60
C GLY F 180 -13.91 5.38 -5.27
N SER F 181 -13.51 6.42 -4.55
CA SER F 181 -14.17 6.75 -3.27
C SER F 181 -15.61 7.25 -3.46
N PRO F 182 -16.41 7.25 -2.39
CA PRO F 182 -17.82 7.53 -2.56
C PRO F 182 -18.10 8.99 -2.90
N ASN F 183 -19.20 9.20 -3.62
CA ASN F 183 -19.73 10.53 -3.86
C ASN F 183 -20.38 10.99 -2.53
N ARG F 184 -19.90 12.07 -1.95
CA ARG F 184 -20.38 12.57 -0.67
C ARG F 184 -21.21 13.86 -0.77
N GLY F 185 -21.52 14.25 -1.98
CA GLY F 185 -22.38 15.41 -2.22
C GLY F 185 -21.64 16.68 -1.86
N TYR F 186 -22.42 17.68 -1.47
CA TYR F 186 -21.95 19.03 -1.26
C TYR F 186 -21.29 19.64 -2.49
N LYS F 187 -21.71 19.23 -3.68
CA LYS F 187 -21.15 19.83 -4.89
C LYS F 187 -21.73 21.25 -5.09
N VAL F 188 -21.04 22.10 -5.87
CA VAL F 188 -21.44 23.49 -6.08
C VAL F 188 -22.42 23.63 -7.23
N ARG F 189 -23.59 24.23 -6.96
CA ARG F 189 -24.58 24.48 -8.00
C ARG F 189 -23.97 25.45 -9.04
N HIS F 190 -24.38 25.35 -10.30
CA HIS F 190 -23.96 26.33 -11.29
C HIS F 190 -24.40 27.71 -10.81
N LYS F 191 -23.46 28.64 -10.85
CA LYS F 191 -23.63 30.00 -10.36
C LYS F 191 -23.82 30.07 -8.86
N GLY F 192 -23.50 29.01 -8.16
CA GLY F 192 -23.81 28.91 -6.72
C GLY F 192 -22.58 28.86 -5.83
N GLY F 193 -21.40 29.24 -6.35
CA GLY F 193 -20.14 29.08 -5.60
C GLY F 193 -19.69 30.22 -4.69
N TYR F 194 -20.39 31.35 -4.76
CA TYR F 194 -20.01 32.56 -4.04
C TYR F 194 -21.08 32.78 -2.97
N PHE F 195 -20.77 32.50 -1.70
CA PHE F 195 -19.62 31.70 -1.25
C PHE F 195 -19.98 30.91 0.03
N PRO F 196 -20.69 29.79 -0.14
CA PRO F 196 -21.12 29.03 1.04
C PRO F 196 -19.94 28.43 1.78
N VAL F 197 -20.11 28.22 3.08
CA VAL F 197 -19.07 27.58 3.89
C VAL F 197 -18.86 26.11 3.48
N ALA F 198 -17.72 25.58 3.90
CA ALA F 198 -17.40 24.16 3.78
C ALA F 198 -18.50 23.41 4.56
N PRO F 199 -18.83 22.19 4.13
CA PRO F 199 -18.08 21.48 3.07
C PRO F 199 -18.48 21.81 1.64
N ASN F 200 -19.47 22.67 1.41
CA ASN F 200 -19.83 23.09 0.06
C ASN F 200 -18.60 23.66 -0.67
N ASP F 201 -17.88 24.52 0.05
CA ASP F 201 -16.57 25.00 -0.35
C ASP F 201 -15.57 23.88 -0.05
N GLN F 202 -15.10 23.21 -1.09
CA GLN F 202 -14.15 22.11 -0.99
C GLN F 202 -12.67 22.55 -1.12
N TYR F 203 -12.41 23.84 -1.24
CA TYR F 203 -11.08 24.34 -1.58
C TYR F 203 -10.44 25.24 -0.50
N VAL F 204 -10.98 25.20 0.73
CA VAL F 204 -10.54 26.15 1.78
C VAL F 204 -9.04 25.94 2.09
N ASP F 205 -8.65 24.72 2.38
CA ASP F 205 -7.25 24.44 2.74
C ASP F 205 -6.27 24.77 1.61
N LEU F 206 -6.66 24.46 0.39
CA LEU F 206 -5.82 24.75 -0.76
C LEU F 206 -5.65 26.26 -1.01
N ARG F 207 -6.74 27.02 -0.87
CA ARG F 207 -6.68 28.47 -1.04
C ARG F 207 -5.86 29.04 0.10
N ASP F 208 -5.92 28.42 1.28
CA ASP F 208 -5.07 28.83 2.40
C ASP F 208 -3.59 28.67 2.08
N LYS F 209 -3.22 27.54 1.46
CA LYS F 209 -1.85 27.28 1.02
C LYS F 209 -1.43 28.28 -0.06
N MET F 210 -2.33 28.59 -0.98
CA MET F 210 -2.10 29.66 -1.94
C MET F 210 -1.83 31.01 -1.28
N LEU F 211 -2.71 31.40 -0.36
CA LEU F 211 -2.56 32.67 0.36
C LEU F 211 -1.19 32.67 1.05
N THR F 212 -0.82 31.55 1.67
CA THR F 212 0.43 31.48 2.45
C THR F 212 1.61 31.61 1.54
N ASN F 213 1.61 30.91 0.40
CA ASN F 213 2.75 31.00 -0.54
C ASN F 213 2.89 32.41 -1.10
N LEU F 214 1.76 33.08 -1.34
CA LEU F 214 1.80 34.50 -1.73
C LEU F 214 2.39 35.40 -0.64
N ILE F 215 1.96 35.19 0.60
CA ILE F 215 2.42 36.04 1.72
C ILE F 215 3.92 35.84 1.89
N ASN F 216 4.36 34.59 1.82
CA ASN F 216 5.77 34.24 1.87
C ASN F 216 6.62 34.73 0.67
N SER F 217 5.99 35.11 -0.44
CA SER F 217 6.68 35.74 -1.57
C SER F 217 6.54 37.25 -1.56
N GLY F 218 6.11 37.82 -0.44
CA GLY F 218 6.16 39.27 -0.31
C GLY F 218 4.93 39.99 -0.80
N PHE F 219 3.86 39.28 -1.14
CA PHE F 219 2.58 39.94 -1.48
C PHE F 219 1.91 40.44 -0.21
N ILE F 220 1.17 41.54 -0.36
CA ILE F 220 0.35 42.07 0.68
C ILE F 220 -1.09 41.63 0.40
N LEU F 221 -1.63 40.72 1.18
CA LEU F 221 -2.91 40.08 0.84
C LEU F 221 -4.14 40.86 1.39
N GLU F 222 -5.27 40.75 0.69
CA GLU F 222 -6.51 41.34 1.15
C GLU F 222 -7.59 40.30 1.43
N LYS F 223 -7.82 39.38 0.51
CA LYS F 223 -8.82 38.35 0.71
C LYS F 223 -8.68 37.16 -0.24
N GLY F 224 -9.30 36.06 0.16
CA GLY F 224 -9.48 34.91 -0.69
C GLY F 224 -10.87 34.35 -0.52
N HIS F 225 -11.44 33.87 -1.63
CA HIS F 225 -12.73 33.23 -1.56
C HIS F 225 -13.03 32.34 -2.76
N HIS F 226 -13.99 31.44 -2.58
CA HIS F 226 -14.61 30.70 -3.70
C HIS F 226 -15.33 31.73 -4.57
N GLU F 227 -15.25 31.57 -5.88
CA GLU F 227 -16.03 32.41 -6.79
C GLU F 227 -17.29 31.72 -7.27
N VAL F 228 -18.05 32.42 -8.14
CA VAL F 228 -19.41 32.04 -8.49
C VAL F 228 -19.49 30.67 -9.19
N GLY F 229 -18.46 30.34 -9.96
CA GLY F 229 -18.51 29.14 -10.77
C GLY F 229 -18.43 27.83 -10.02
N SER F 230 -19.25 26.88 -10.44
CA SER F 230 -19.11 25.50 -10.02
C SER F 230 -17.77 24.90 -10.43
N GLY F 231 -17.33 23.87 -9.73
CA GLY F 231 -16.12 23.21 -10.14
C GLY F 231 -14.84 23.96 -9.78
N GLY F 232 -14.91 24.75 -8.72
CA GLY F 232 -13.70 25.24 -8.05
C GLY F 232 -13.23 26.64 -8.41
N GLN F 233 -14.15 27.51 -8.81
CA GLN F 233 -13.74 28.86 -9.12
C GLN F 233 -13.26 29.57 -7.85
N ALA F 234 -12.28 30.45 -8.01
CA ALA F 234 -11.63 31.10 -6.90
C ALA F 234 -11.15 32.49 -7.26
N GLU F 235 -10.78 33.24 -6.22
CA GLU F 235 -10.22 34.56 -6.41
C GLU F 235 -9.41 34.86 -5.18
N ILE F 236 -8.19 35.35 -5.37
CA ILE F 236 -7.37 35.84 -4.27
C ILE F 236 -6.94 37.23 -4.65
N ASN F 237 -7.04 38.19 -3.72
CA ASN F 237 -6.68 39.56 -4.01
C ASN F 237 -5.46 39.96 -3.19
N TYR F 238 -4.57 40.70 -3.82
CA TYR F 238 -3.45 41.32 -3.14
C TYR F 238 -3.53 42.82 -3.42
N GLN F 239 -2.81 43.59 -2.63
CA GLN F 239 -2.85 45.03 -2.71
C GLN F 239 -2.32 45.58 -4.05
N PHE F 240 -3.01 46.60 -4.51
CA PHE F 240 -2.70 47.32 -5.74
C PHE F 240 -1.25 47.81 -5.71
N ASN F 241 -0.73 48.14 -6.88
CA ASN F 241 0.54 48.82 -6.98
C ASN F 241 0.57 49.67 -8.25
N SER F 242 1.69 50.35 -8.50
CA SER F 242 1.87 51.12 -9.72
C SER F 242 2.07 50.15 -10.88
N LEU F 243 1.81 50.65 -12.09
CA LEU F 243 1.61 49.82 -13.27
C LEU F 243 2.63 48.67 -13.42
N LEU F 244 3.92 48.98 -13.59
CA LEU F 244 4.92 47.95 -13.83
C LEU F 244 4.96 46.95 -12.67
N HIS F 245 5.00 47.46 -11.45
CA HIS F 245 5.03 46.57 -10.28
C HIS F 245 3.79 45.66 -10.28
N ALA F 246 2.63 46.27 -10.54
CA ALA F 246 1.35 45.52 -10.65
C ALA F 246 1.42 44.37 -11.66
N ALA F 247 1.95 44.65 -12.85
CA ALA F 247 2.07 43.64 -13.88
C ALA F 247 3.05 42.52 -13.51
N ASP F 248 4.21 42.88 -12.92
CA ASP F 248 5.11 41.87 -12.37
C ASP F 248 4.44 40.99 -11.29
N ASP F 249 3.73 41.64 -10.37
CA ASP F 249 2.92 40.96 -9.34
C ASP F 249 1.92 39.99 -9.98
N MET F 250 1.20 40.43 -11.02
CA MET F 250 0.26 39.52 -11.72
C MET F 250 0.92 38.23 -12.27
N GLN F 251 2.08 38.36 -12.90
CA GLN F 251 2.77 37.22 -13.47
C GLN F 251 3.19 36.24 -12.39
N LEU F 252 3.72 36.77 -11.29
CA LEU F 252 4.16 35.95 -10.20
C LEU F 252 2.98 35.31 -9.49
N TYR F 253 1.91 36.08 -9.30
CA TYR F 253 0.66 35.53 -8.74
C TYR F 253 0.17 34.31 -9.51
N LYS F 254 0.18 34.40 -10.84
CA LYS F 254 -0.27 33.29 -11.69
C LYS F 254 0.61 32.07 -11.52
N TYR F 255 1.91 32.32 -11.47
CA TYR F 255 2.88 31.29 -11.19
C TYR F 255 2.66 30.59 -9.86
N ILE F 256 2.45 31.35 -8.79
CA ILE F 256 2.23 30.81 -7.45
C ILE F 256 0.90 30.05 -7.40
N ILE F 257 -0.15 30.60 -7.96
CA ILE F 257 -1.43 29.89 -8.00
C ILE F 257 -1.31 28.56 -8.74
N LYS F 258 -0.77 28.58 -9.97
CA LYS F 258 -0.68 27.39 -10.80
C LYS F 258 0.14 26.30 -10.14
N ASN F 259 1.26 26.68 -9.53
CA ASN F 259 2.18 25.71 -9.00
C ASN F 259 1.82 25.22 -7.62
N THR F 260 1.15 26.07 -6.83
CA THR F 260 0.59 25.62 -5.56
C THR F 260 -0.44 24.53 -5.87
N ALA F 261 -1.31 24.78 -6.85
CA ALA F 261 -2.31 23.78 -7.24
C ALA F 261 -1.61 22.51 -7.72
N TRP F 262 -0.61 22.68 -8.58
CA TRP F 262 0.05 21.54 -9.16
C TRP F 262 0.68 20.67 -8.07
N GLN F 263 1.35 21.28 -7.10
CA GLN F 263 2.04 20.50 -6.06
C GLN F 263 1.04 19.82 -5.17
N ASN F 264 -0.22 20.19 -5.26
CA ASN F 264 -1.22 19.61 -4.40
C ASN F 264 -2.21 18.78 -5.23
N GLY F 265 -1.78 18.34 -6.40
CA GLY F 265 -2.58 17.39 -7.16
C GLY F 265 -3.74 17.96 -7.96
N LYS F 266 -3.82 19.28 -8.09
CA LYS F 266 -4.84 19.93 -8.93
C LYS F 266 -4.26 20.56 -10.20
N THR F 267 -5.14 21.17 -10.99
CA THR F 267 -4.72 21.89 -12.17
C THR F 267 -5.57 23.16 -12.34
N VAL F 268 -4.90 24.29 -12.41
CA VAL F 268 -5.56 25.61 -12.49
C VAL F 268 -5.57 26.14 -13.88
N THR F 269 -6.69 26.76 -14.26
CA THR F 269 -6.71 27.54 -15.49
C THR F 269 -7.21 28.95 -15.22
N PHE F 270 -6.58 29.89 -15.92
CA PHE F 270 -7.00 31.26 -15.97
C PHE F 270 -7.72 31.59 -17.26
N MET F 271 -8.14 30.56 -18.01
CA MET F 271 -8.82 30.87 -19.25
C MET F 271 -10.15 31.58 -18.97
N PRO F 272 -10.57 32.46 -19.88
CA PRO F 272 -11.76 33.28 -19.62
C PRO F 272 -13.08 32.52 -19.46
N LYS F 273 -13.26 31.46 -20.23
CA LYS F 273 -14.53 30.76 -20.25
C LYS F 273 -14.33 29.26 -20.44
N PRO F 274 -13.94 28.58 -19.37
CA PRO F 274 -13.76 27.10 -19.51
C PRO F 274 -15.06 26.29 -19.36
N LEU F 275 -16.07 26.89 -18.70
CA LEU F 275 -17.37 26.29 -18.52
C LEU F 275 -18.47 27.05 -19.25
N PHE F 276 -19.25 26.31 -20.03
CA PHE F 276 -20.40 26.81 -20.71
C PHE F 276 -21.61 26.83 -19.74
N GLY F 277 -22.27 27.97 -19.62
CA GLY F 277 -23.41 28.08 -18.73
C GLY F 277 -23.03 28.37 -17.28
N ASP F 278 -21.78 28.74 -17.02
CA ASP F 278 -21.41 29.19 -15.67
C ASP F 278 -20.44 30.35 -15.84
N ASN F 279 -20.10 31.02 -14.73
CA ASN F 279 -19.31 32.24 -14.78
C ASN F 279 -17.98 32.02 -15.46
N GLY F 280 -17.60 33.01 -16.25
CA GLY F 280 -16.26 33.16 -16.74
C GLY F 280 -15.32 33.68 -15.67
N SER F 281 -14.03 33.73 -16.00
CA SER F 281 -13.00 34.23 -15.09
C SER F 281 -12.53 35.57 -15.64
N GLY F 282 -12.77 36.64 -14.89
CA GLY F 282 -12.33 37.96 -15.36
C GLY F 282 -11.06 38.43 -14.67
N MET F 283 -10.53 39.54 -15.15
CA MET F 283 -9.40 40.22 -14.55
C MET F 283 -9.77 41.69 -14.38
N HIS F 284 -10.71 41.96 -13.46
CA HIS F 284 -11.13 43.33 -13.26
C HIS F 284 -9.92 44.14 -12.86
N CYS F 285 -9.81 45.35 -13.41
CA CYS F 285 -8.72 46.25 -13.12
C CYS F 285 -9.25 47.54 -12.52
N HIS F 286 -9.02 47.70 -11.22
CA HIS F 286 -9.32 48.91 -10.50
C HIS F 286 -8.17 49.87 -10.80
N GLN F 287 -8.49 51.09 -11.22
CA GLN F 287 -7.46 52.04 -11.69
C GLN F 287 -7.68 53.42 -11.12
N SER F 288 -6.60 54.09 -10.71
CA SER F 288 -6.66 55.50 -10.29
C SER F 288 -5.34 56.22 -10.59
N LEU F 289 -5.43 57.53 -10.85
CA LEU F 289 -4.27 58.37 -11.09
C LEU F 289 -4.01 59.25 -9.84
N TRP F 290 -2.75 59.39 -9.47
CA TRP F 290 -2.30 60.24 -8.35
C TRP F 290 -1.21 61.15 -8.85
N LYS F 291 -1.10 62.34 -8.27
CA LYS F 291 0.03 63.23 -8.56
C LYS F 291 0.47 63.96 -7.30
N ASP F 292 1.80 64.05 -7.12
CA ASP F 292 2.42 64.72 -5.99
C ASP F 292 1.85 64.23 -4.67
N GLY F 293 1.70 62.92 -4.58
CA GLY F 293 1.16 62.30 -3.38
C GLY F 293 -0.31 62.55 -3.09
N ALA F 294 -1.07 63.03 -4.08
CA ALA F 294 -2.52 63.29 -3.87
C ALA F 294 -3.39 62.63 -4.96
N PRO F 295 -4.59 62.16 -4.59
CA PRO F 295 -5.48 61.47 -5.52
C PRO F 295 -6.12 62.41 -6.53
N LEU F 296 -6.33 61.97 -7.76
CA LEU F 296 -6.91 62.81 -8.80
C LEU F 296 -8.33 62.40 -9.19
N MET F 297 -8.82 61.29 -8.65
CA MET F 297 -10.04 60.68 -9.16
C MET F 297 -11.34 61.21 -8.55
N TYR F 298 -11.25 61.98 -7.47
CA TYR F 298 -12.39 62.26 -6.62
C TYR F 298 -12.94 63.67 -6.80
N ASP F 299 -14.26 63.78 -6.88
CA ASP F 299 -14.96 65.07 -6.82
C ASP F 299 -16.35 64.80 -6.28
N GLU F 300 -16.61 65.31 -5.07
CA GLU F 300 -17.86 65.08 -4.35
C GLU F 300 -19.11 65.52 -5.14
N THR F 301 -18.92 66.39 -6.13
CA THR F 301 -20.06 66.89 -6.89
C THR F 301 -20.31 66.07 -8.17
N GLY F 302 -19.44 65.12 -8.48
CA GLY F 302 -19.59 64.35 -9.69
C GLY F 302 -20.48 63.14 -9.48
N TYR F 303 -21.04 62.59 -10.56
CA TYR F 303 -21.71 61.30 -10.50
C TYR F 303 -20.73 60.26 -9.95
N ALA F 304 -21.19 59.44 -9.00
CA ALA F 304 -20.38 58.45 -8.28
C ALA F 304 -19.10 59.02 -7.66
N GLY F 305 -19.10 60.31 -7.30
CA GLY F 305 -17.93 60.95 -6.68
C GLY F 305 -16.71 61.13 -7.59
N LEU F 306 -16.93 61.14 -8.88
CA LEU F 306 -15.84 61.09 -9.85
C LEU F 306 -15.44 62.49 -10.32
N SER F 307 -14.14 62.77 -10.31
CA SER F 307 -13.59 63.99 -10.91
C SER F 307 -13.72 63.97 -12.40
N ASP F 308 -13.54 65.14 -13.02
CA ASP F 308 -13.41 65.24 -14.49
C ASP F 308 -12.33 64.30 -15.05
N THR F 309 -11.19 64.26 -14.38
CA THR F 309 -10.08 63.42 -14.83
C THR F 309 -10.45 61.95 -14.87
N ALA F 310 -11.07 61.48 -13.78
CA ALA F 310 -11.65 60.14 -13.71
C ALA F 310 -12.70 59.89 -14.79
N ARG F 311 -13.63 60.84 -14.96
CA ARG F 311 -14.70 60.66 -15.94
C ARG F 311 -14.15 60.59 -17.37
N HIS F 312 -13.18 61.45 -17.66
CA HIS F 312 -12.57 61.42 -18.99
C HIS F 312 -11.74 60.14 -19.21
N TYR F 313 -11.10 59.65 -18.18
CA TYR F 313 -10.38 58.37 -18.30
C TYR F 313 -11.35 57.28 -18.72
N ILE F 314 -12.49 57.22 -18.05
CA ILE F 314 -13.56 56.27 -18.36
C ILE F 314 -14.02 56.47 -19.80
N GLY F 315 -14.18 57.73 -20.20
CA GLY F 315 -14.52 58.07 -21.58
C GLY F 315 -13.51 57.47 -22.55
N GLY F 316 -12.25 57.59 -22.22
CA GLY F 316 -11.17 56.95 -22.99
C GLY F 316 -11.30 55.43 -23.09
N LEU F 317 -11.47 54.76 -21.96
CA LEU F 317 -11.70 53.34 -21.93
C LEU F 317 -12.90 52.91 -22.76
N LEU F 318 -14.02 53.60 -22.60
CA LEU F 318 -15.23 53.19 -23.32
C LEU F 318 -15.19 53.55 -24.81
N HIS F 319 -14.54 54.67 -25.16
CA HIS F 319 -14.44 55.08 -26.56
C HIS F 319 -13.44 54.16 -27.32
N HIS F 320 -12.30 53.85 -26.70
CA HIS F 320 -11.28 53.00 -27.32
C HIS F 320 -11.49 51.47 -27.21
N ALA F 321 -12.43 51.04 -26.37
CA ALA F 321 -12.78 49.63 -26.19
C ALA F 321 -12.75 48.75 -27.45
N PRO F 322 -13.31 49.23 -28.57
CA PRO F 322 -13.33 48.35 -29.75
C PRO F 322 -11.96 47.91 -30.28
N SER F 323 -10.91 48.65 -29.95
CA SER F 323 -9.53 48.22 -30.25
C SER F 323 -8.74 47.84 -28.99
N LEU F 324 -8.99 48.56 -27.91
CA LEU F 324 -8.35 48.29 -26.61
C LEU F 324 -8.50 46.81 -26.15
N LEU F 325 -9.63 46.20 -26.46
CA LEU F 325 -9.86 44.81 -26.05
C LEU F 325 -8.94 43.84 -26.76
N ALA F 326 -8.29 44.27 -27.85
CA ALA F 326 -7.29 43.48 -28.50
C ALA F 326 -6.13 43.15 -27.56
N PHE F 327 -5.90 44.02 -26.58
CA PHE F 327 -4.95 43.77 -25.54
C PHE F 327 -5.53 43.32 -24.23
N THR F 328 -6.76 43.68 -23.91
CA THR F 328 -7.31 43.34 -22.61
C THR F 328 -8.09 42.03 -22.63
N ASN F 329 -8.53 41.64 -23.84
CA ASN F 329 -9.37 40.48 -24.05
C ASN F 329 -8.84 39.75 -25.30
N PRO F 330 -7.61 39.29 -25.20
CA PRO F 330 -6.83 39.02 -26.42
C PRO F 330 -6.93 37.62 -27.00
N THR F 331 -7.93 36.85 -26.58
CA THR F 331 -8.07 35.47 -27.09
C THR F 331 -9.46 35.23 -27.66
N VAL F 332 -9.57 34.18 -28.47
CA VAL F 332 -10.84 33.77 -29.01
C VAL F 332 -11.77 33.39 -27.86
N ASN F 333 -11.25 32.69 -26.86
CA ASN F 333 -12.07 32.29 -25.70
C ASN F 333 -12.59 33.50 -24.91
N SER F 334 -11.84 34.62 -24.93
CA SER F 334 -12.28 35.88 -24.26
C SER F 334 -13.75 36.23 -24.57
N TYR F 335 -14.15 36.04 -25.82
CA TYR F 335 -15.43 36.51 -26.32
C TYR F 335 -16.59 35.59 -25.93
N LYS F 336 -16.28 34.37 -25.47
CA LYS F 336 -17.30 33.48 -24.88
C LYS F 336 -17.71 33.91 -23.48
N ARG F 337 -16.92 34.77 -22.86
CA ARG F 337 -17.20 35.32 -21.54
C ARG F 337 -18.08 36.60 -21.61
N LEU F 338 -17.92 37.35 -22.70
CA LEU F 338 -18.67 38.58 -22.90
C LEU F 338 -20.04 38.28 -23.47
N VAL F 339 -20.83 37.57 -22.67
CA VAL F 339 -22.19 37.14 -22.98
C VAL F 339 -23.02 37.43 -21.73
N PRO F 340 -24.34 37.63 -21.88
CA PRO F 340 -25.07 38.17 -20.74
C PRO F 340 -25.34 37.14 -19.64
N GLY F 341 -25.38 37.59 -18.40
CA GLY F 341 -25.91 36.78 -17.29
C GLY F 341 -24.87 36.22 -16.33
N TYR F 342 -23.62 36.68 -16.43
CA TYR F 342 -22.52 36.10 -15.65
C TYR F 342 -21.61 37.15 -15.02
N GLU F 343 -22.16 38.35 -14.78
CA GLU F 343 -21.41 39.45 -14.19
C GLU F 343 -20.14 39.87 -14.98
N ALA F 344 -20.18 39.65 -16.28
CA ALA F 344 -19.19 40.23 -17.18
C ALA F 344 -19.92 41.19 -18.13
N PRO F 345 -19.17 42.12 -18.74
CA PRO F 345 -19.85 43.13 -19.57
C PRO F 345 -20.37 42.65 -20.92
N ILE F 346 -21.43 43.28 -21.40
CA ILE F 346 -22.00 43.05 -22.73
C ILE F 346 -22.17 44.36 -23.55
N ASN F 347 -21.91 45.50 -22.93
CA ASN F 347 -22.00 46.80 -23.61
C ASN F 347 -21.09 47.83 -22.91
N LEU F 348 -20.92 48.96 -23.56
CA LEU F 348 -19.87 49.90 -23.18
C LEU F 348 -20.45 51.00 -22.32
N VAL F 349 -20.80 50.66 -21.08
CA VAL F 349 -21.41 51.65 -20.17
C VAL F 349 -20.74 51.61 -18.83
N TYR F 350 -20.78 52.74 -18.12
CA TYR F 350 -20.31 52.74 -16.75
C TYR F 350 -21.45 53.05 -15.78
N SER F 351 -21.30 52.54 -14.57
CA SER F 351 -22.33 52.65 -13.56
C SER F 351 -21.81 52.33 -12.15
N GLN F 352 -22.16 53.14 -11.16
CA GLN F 352 -21.80 52.81 -9.80
C GLN F 352 -22.55 51.57 -9.29
N ARG F 353 -21.85 50.78 -8.48
CA ARG F 353 -22.44 49.62 -7.81
C ARG F 353 -22.84 48.47 -8.74
N ASN F 354 -22.49 48.56 -10.03
CA ASN F 354 -23.15 47.76 -11.07
C ASN F 354 -22.25 46.69 -11.72
N ARG F 355 -22.46 45.45 -11.31
CA ARG F 355 -21.67 44.31 -11.77
C ARG F 355 -22.08 43.76 -13.17
N SER F 356 -23.11 44.37 -13.79
CA SER F 356 -23.49 44.13 -15.16
C SER F 356 -22.77 45.12 -16.11
N ALA F 357 -22.08 46.11 -15.55
CA ALA F 357 -21.54 47.21 -16.37
C ALA F 357 -20.11 46.92 -16.86
N CYS F 358 -19.64 47.65 -17.86
CA CYS F 358 -18.27 47.50 -18.36
C CYS F 358 -17.29 48.16 -17.38
N VAL F 359 -17.67 49.34 -16.89
CA VAL F 359 -16.96 50.00 -15.80
C VAL F 359 -17.92 50.17 -14.64
N ARG F 360 -17.58 49.54 -13.50
CA ARG F 360 -18.28 49.74 -12.24
C ARG F 360 -17.51 50.73 -11.37
N ILE F 361 -18.23 51.59 -10.68
CA ILE F 361 -17.61 52.42 -9.65
C ILE F 361 -17.95 51.78 -8.31
N PRO F 362 -16.93 51.21 -7.64
CA PRO F 362 -17.23 50.54 -6.37
C PRO F 362 -17.62 51.57 -5.32
N ILE F 363 -18.41 51.18 -4.33
CA ILE F 363 -18.87 52.11 -3.29
C ILE F 363 -17.77 52.24 -2.25
N THR F 364 -17.15 53.40 -2.21
CA THR F 364 -16.00 53.64 -1.34
C THR F 364 -16.21 54.82 -0.38
N GLY F 365 -17.38 55.44 -0.41
CA GLY F 365 -17.68 56.58 0.49
C GLY F 365 -17.00 57.88 0.09
N SER F 366 -16.78 58.75 1.09
CA SER F 366 -16.25 60.08 0.83
C SER F 366 -14.72 60.17 0.80
N ASN F 367 -14.01 59.08 1.10
CA ASN F 367 -12.55 59.12 1.19
C ASN F 367 -12.00 59.33 -0.20
N PRO F 368 -11.42 60.51 -0.47
CA PRO F 368 -10.90 60.81 -1.78
C PRO F 368 -9.79 59.86 -2.23
N LYS F 369 -9.07 59.28 -1.28
CA LYS F 369 -7.98 58.37 -1.59
C LYS F 369 -8.45 56.97 -2.02
N ALA F 370 -9.71 56.64 -1.78
CA ALA F 370 -10.26 55.33 -2.21
C ALA F 370 -11.01 55.39 -3.53
N LYS F 371 -11.28 56.59 -4.04
CA LYS F 371 -12.09 56.71 -5.25
C LYS F 371 -11.36 56.16 -6.46
N ARG F 372 -12.06 55.31 -7.22
CA ARG F 372 -11.46 54.63 -8.36
C ARG F 372 -12.53 54.03 -9.26
N LEU F 373 -12.10 53.61 -10.44
CA LEU F 373 -12.94 52.94 -11.39
C LEU F 373 -12.52 51.48 -11.49
N GLU F 374 -13.50 50.60 -11.69
CA GLU F 374 -13.23 49.19 -11.93
C GLU F 374 -13.56 48.86 -13.40
N PHE F 375 -12.53 48.61 -14.20
CA PHE F 375 -12.74 48.21 -15.58
C PHE F 375 -12.94 46.69 -15.57
N ARG F 376 -14.14 46.24 -15.91
CA ARG F 376 -14.57 44.84 -15.70
C ARG F 376 -14.39 43.95 -16.94
N SER F 377 -14.18 44.57 -18.10
CA SER F 377 -13.94 43.80 -19.34
C SER F 377 -12.74 42.84 -19.39
N PRO F 378 -11.57 43.28 -18.90
CA PRO F 378 -10.35 42.48 -19.15
C PRO F 378 -10.39 41.08 -18.53
N ASP F 379 -9.59 40.18 -19.08
CA ASP F 379 -9.48 38.84 -18.57
C ASP F 379 -7.99 38.53 -18.46
N SER F 380 -7.64 37.34 -17.97
CA SER F 380 -6.25 36.98 -17.67
C SER F 380 -5.62 36.17 -18.78
N SER F 381 -6.20 36.17 -19.97
CA SER F 381 -5.73 35.29 -21.06
C SER F 381 -4.57 35.84 -21.91
N GLY F 382 -4.03 36.97 -21.53
CA GLY F 382 -2.92 37.52 -22.27
C GLY F 382 -1.79 38.02 -21.40
N ASN F 383 -1.47 39.30 -21.62
CA ASN F 383 -0.23 39.91 -21.13
C ASN F 383 -0.55 41.15 -20.30
N PRO F 384 -0.36 41.07 -18.98
CA PRO F 384 -0.72 42.19 -18.13
C PRO F 384 0.15 43.42 -18.32
N TYR F 385 1.41 43.26 -18.72
CA TYR F 385 2.23 44.41 -19.04
C TYR F 385 1.58 45.18 -20.17
N LEU F 386 1.17 44.47 -21.24
CA LEU F 386 0.55 45.13 -22.36
C LEU F 386 -0.86 45.63 -22.03
N ALA F 387 -1.65 44.80 -21.33
CA ALA F 387 -3.02 45.15 -20.98
C ALA F 387 -3.07 46.39 -20.12
N PHE F 388 -2.26 46.44 -19.07
CA PHE F 388 -2.32 47.58 -18.16
C PHE F 388 -1.87 48.85 -18.91
N SER F 389 -0.84 48.68 -19.77
CA SER F 389 -0.30 49.80 -20.55
C SER F 389 -1.32 50.32 -21.52
N ALA F 390 -2.03 49.42 -22.20
CA ALA F 390 -3.06 49.82 -23.15
C ALA F 390 -4.20 50.58 -22.48
N MET F 391 -4.66 50.08 -21.32
CA MET F 391 -5.71 50.76 -20.56
C MET F 391 -5.32 52.18 -20.21
N LEU F 392 -4.07 52.32 -19.75
CA LEU F 392 -3.55 53.64 -19.40
C LEU F 392 -3.50 54.56 -20.64
N MET F 393 -2.95 54.08 -21.74
CA MET F 393 -2.93 54.91 -22.96
C MET F 393 -4.34 55.29 -23.42
N ALA F 394 -5.32 54.40 -23.27
CA ALA F 394 -6.70 54.75 -23.60
C ALA F 394 -7.23 55.82 -22.64
N GLY F 395 -6.99 55.63 -21.35
CA GLY F 395 -7.47 56.58 -20.34
C GLY F 395 -6.85 57.97 -20.56
N LEU F 396 -5.57 57.98 -20.90
CA LEU F 396 -4.84 59.23 -21.11
C LEU F 396 -5.29 59.99 -22.33
N ASP F 397 -5.64 59.25 -23.38
CA ASP F 397 -6.15 59.86 -24.58
C ASP F 397 -7.52 60.46 -24.27
N GLY F 398 -8.28 59.80 -23.37
CA GLY F 398 -9.55 60.31 -22.90
C GLY F 398 -9.41 61.64 -22.17
N ILE F 399 -8.43 61.74 -21.28
CA ILE F 399 -8.20 62.91 -20.47
C ILE F 399 -7.73 64.06 -21.36
N LYS F 400 -6.74 63.78 -22.20
CA LYS F 400 -6.18 64.74 -23.16
C LYS F 400 -7.23 65.31 -24.11
N ASN F 401 -8.16 64.47 -24.55
CA ASN F 401 -9.19 64.89 -25.50
C ASN F 401 -10.54 65.18 -24.83
N LYS F 402 -10.58 65.15 -23.51
CA LYS F 402 -11.81 65.40 -22.77
C LYS F 402 -12.99 64.57 -23.31
N ILE F 403 -12.71 63.29 -23.54
CA ILE F 403 -13.74 62.39 -24.03
C ILE F 403 -14.79 62.14 -22.92
N GLU F 404 -16.02 62.49 -23.23
CA GLU F 404 -17.13 62.32 -22.31
C GLU F 404 -17.76 60.94 -22.54
N PRO F 405 -17.82 60.10 -21.49
CA PRO F 405 -18.45 58.81 -21.67
C PRO F 405 -19.95 59.01 -21.83
N GLN F 406 -20.65 58.07 -22.44
CA GLN F 406 -22.11 58.20 -22.43
C GLN F 406 -22.64 58.05 -21.01
N ALA F 407 -23.86 58.57 -20.80
CA ALA F 407 -24.41 58.75 -19.45
C ALA F 407 -24.49 57.40 -18.77
N PRO F 408 -24.18 57.36 -17.47
CA PRO F 408 -24.29 56.09 -16.75
C PRO F 408 -25.68 55.48 -16.81
N VAL F 409 -25.75 54.16 -16.87
CA VAL F 409 -27.03 53.45 -16.85
C VAL F 409 -27.07 52.60 -15.56
N ASP F 410 -27.85 53.07 -14.59
CA ASP F 410 -27.95 52.41 -13.30
C ASP F 410 -29.07 51.35 -13.30
N LYS F 411 -28.87 50.33 -14.14
CA LYS F 411 -29.87 49.28 -14.36
C LYS F 411 -29.18 47.94 -14.59
N ASP F 412 -29.96 46.86 -14.45
CA ASP F 412 -29.46 45.54 -14.88
C ASP F 412 -29.35 45.54 -16.39
N LEU F 413 -28.12 45.68 -16.88
CA LEU F 413 -27.88 45.87 -18.31
C LEU F 413 -28.18 44.61 -19.14
N TYR F 414 -28.26 43.44 -18.49
CA TYR F 414 -28.69 42.19 -19.15
C TYR F 414 -30.21 42.15 -19.41
N GLU F 415 -30.98 42.99 -18.72
CA GLU F 415 -32.44 42.94 -18.81
C GLU F 415 -33.05 44.20 -19.44
N LEU F 416 -32.27 44.95 -20.22
CA LEU F 416 -32.80 46.16 -20.84
C LEU F 416 -33.87 45.80 -21.86
N PRO F 417 -34.94 46.61 -21.97
CA PRO F 417 -35.82 46.48 -23.15
C PRO F 417 -35.02 46.59 -24.46
N PRO F 418 -35.38 45.81 -25.49
CA PRO F 418 -34.50 45.76 -26.66
C PRO F 418 -34.27 47.11 -27.38
N GLU F 419 -35.17 48.09 -27.20
CA GLU F 419 -35.04 49.40 -27.83
C GLU F 419 -34.02 50.26 -27.08
N GLU F 420 -33.96 50.12 -25.75
CA GLU F 420 -32.91 50.76 -24.98
C GLU F 420 -31.53 50.09 -25.21
N ALA F 421 -31.48 48.76 -25.26
CA ALA F 421 -30.24 48.02 -25.52
C ALA F 421 -29.62 48.38 -26.87
N ALA F 422 -30.49 48.54 -27.87
CA ALA F 422 -30.11 48.97 -29.22
C ALA F 422 -29.36 50.29 -29.28
N SER F 423 -29.64 51.21 -28.36
CA SER F 423 -28.96 52.52 -28.42
C SER F 423 -27.61 52.54 -27.71
N ILE F 424 -27.21 51.44 -27.09
CA ILE F 424 -25.95 51.43 -26.34
C ILE F 424 -24.91 50.61 -27.12
N PRO F 425 -23.69 51.15 -27.34
CA PRO F 425 -22.70 50.34 -28.06
C PRO F 425 -22.42 49.01 -27.33
N GLN F 426 -22.40 47.91 -28.08
CA GLN F 426 -22.15 46.57 -27.55
C GLN F 426 -20.67 46.28 -27.39
N THR F 427 -20.32 45.32 -26.53
CA THR F 427 -18.97 44.77 -26.54
C THR F 427 -18.72 44.05 -27.90
N PRO F 428 -17.48 44.01 -28.37
CA PRO F 428 -17.18 43.23 -29.58
C PRO F 428 -17.58 41.78 -29.48
N THR F 429 -18.05 41.22 -30.59
CA THR F 429 -18.54 39.84 -30.64
C THR F 429 -17.42 38.78 -30.61
N GLN F 430 -16.32 39.04 -31.32
CA GLN F 430 -15.23 38.06 -31.49
C GLN F 430 -13.87 38.75 -31.64
N LEU F 431 -12.81 37.96 -31.46
CA LEU F 431 -11.43 38.49 -31.49
C LEU F 431 -11.08 39.16 -32.83
N SER F 432 -11.54 38.58 -33.94
CA SER F 432 -11.17 39.10 -35.26
C SER F 432 -11.68 40.53 -35.45
N ASP F 433 -12.78 40.88 -34.79
CA ASP F 433 -13.32 42.24 -34.87
C ASP F 433 -12.39 43.26 -34.16
N VAL F 434 -11.89 42.93 -32.98
CA VAL F 434 -11.03 43.87 -32.28
C VAL F 434 -9.63 43.92 -32.88
N ILE F 435 -9.15 42.81 -33.44
CA ILE F 435 -7.86 42.85 -34.12
C ILE F 435 -8.00 43.73 -35.37
N ASP F 436 -9.11 43.58 -36.10
CA ASP F 436 -9.35 44.39 -37.29
C ASP F 436 -9.39 45.86 -36.92
N ARG F 437 -10.03 46.14 -35.81
CA ARG F 437 -10.19 47.51 -35.34
C ARG F 437 -8.87 48.08 -34.81
N LEU F 438 -8.11 47.23 -34.10
CA LEU F 438 -6.78 47.64 -33.66
C LEU F 438 -5.97 48.07 -34.88
N GLU F 439 -5.99 47.25 -35.92
CA GLU F 439 -5.22 47.51 -37.15
C GLU F 439 -5.62 48.85 -37.79
N ALA F 440 -6.92 49.13 -37.81
CA ALA F 440 -7.44 50.38 -38.36
C ALA F 440 -7.15 51.60 -37.50
N ASP F 441 -7.11 51.45 -36.18
CA ASP F 441 -7.01 52.61 -35.29
C ASP F 441 -6.31 52.33 -33.98
N HIS F 442 -5.03 52.69 -33.92
CA HIS F 442 -4.20 52.47 -32.73
C HIS F 442 -3.30 53.65 -32.39
N GLU F 443 -3.62 54.83 -32.90
CA GLU F 443 -2.75 55.99 -32.69
C GLU F 443 -2.59 56.30 -31.21
N TYR F 444 -3.65 56.10 -30.43
CA TYR F 444 -3.60 56.39 -28.99
C TYR F 444 -2.56 55.53 -28.28
N LEU F 445 -2.32 54.34 -28.82
CA LEU F 445 -1.30 53.44 -28.25
C LEU F 445 0.10 53.88 -28.58
N THR F 446 0.27 54.42 -29.79
CA THR F 446 1.60 54.81 -30.25
C THR F 446 2.03 56.21 -29.76
N GLU F 447 1.17 56.90 -29.01
CA GLU F 447 1.54 58.18 -28.42
C GLU F 447 2.79 58.02 -27.59
N GLY F 448 3.70 58.98 -27.72
CA GLY F 448 4.95 58.96 -26.99
C GLY F 448 5.82 57.74 -27.26
N GLY F 449 5.49 56.96 -28.29
CA GLY F 449 6.18 55.71 -28.60
C GLY F 449 6.05 54.63 -27.54
N VAL F 450 4.99 54.67 -26.74
CA VAL F 450 4.78 53.61 -25.74
C VAL F 450 4.63 52.23 -26.43
N PHE F 451 3.67 52.11 -27.32
CA PHE F 451 3.63 50.98 -28.24
C PHE F 451 4.26 51.51 -29.54
N THR F 452 4.94 50.64 -30.26
CA THR F 452 5.45 50.99 -31.55
C THR F 452 4.74 50.14 -32.62
N ASN F 453 4.79 50.60 -33.85
CA ASN F 453 4.12 49.88 -34.94
C ASN F 453 4.58 48.44 -35.12
N ASP F 454 5.85 48.13 -34.85
CA ASP F 454 6.34 46.77 -35.02
C ASP F 454 5.67 45.83 -33.99
N LEU F 455 5.44 46.31 -32.77
CA LEU F 455 4.70 45.55 -31.75
C LEU F 455 3.25 45.30 -32.16
N ILE F 456 2.56 46.37 -32.56
CA ILE F 456 1.16 46.32 -32.96
C ILE F 456 0.94 45.35 -34.13
N GLU F 457 1.81 45.44 -35.13
CA GLU F 457 1.69 44.59 -36.31
C GLU F 457 2.05 43.15 -35.99
N THR F 458 3.02 42.94 -35.09
CA THR F 458 3.39 41.58 -34.70
C THR F 458 2.22 40.95 -33.97
N TRP F 459 1.56 41.74 -33.13
CA TRP F 459 0.48 41.27 -32.29
C TRP F 459 -0.65 40.81 -33.21
N ILE F 460 -0.97 41.67 -34.18
CA ILE F 460 -2.09 41.43 -35.09
C ILE F 460 -1.86 40.16 -35.90
N SER F 461 -0.67 40.08 -36.46
CA SER F 461 -0.22 38.95 -37.25
C SER F 461 -0.19 37.62 -36.44
N PHE F 462 0.36 37.69 -35.23
CA PHE F 462 0.30 36.57 -34.29
C PHE F 462 -1.13 36.07 -34.07
N LYS F 463 -2.05 37.00 -33.77
CA LYS F 463 -3.39 36.59 -33.36
C LYS F 463 -4.13 35.93 -34.53
N ARG F 464 -3.98 36.52 -35.72
CA ARG F 464 -4.62 36.00 -36.92
C ARG F 464 -4.08 34.61 -37.31
N GLU F 465 -2.77 34.50 -37.38
CA GLU F 465 -2.15 33.28 -37.88
C GLU F 465 -2.20 32.13 -36.86
N ASN F 466 -2.07 32.42 -35.57
CA ASN F 466 -1.96 31.38 -34.54
C ASN F 466 -3.21 31.10 -33.71
N GLU F 467 -4.23 31.96 -33.82
CA GLU F 467 -5.43 31.84 -32.97
C GLU F 467 -6.75 31.90 -33.77
N ILE F 468 -7.00 32.99 -34.46
CA ILE F 468 -8.25 33.21 -35.18
C ILE F 468 -8.44 32.17 -36.28
N GLU F 469 -7.47 32.08 -37.15
CA GLU F 469 -7.57 31.17 -38.28
C GLU F 469 -7.61 29.70 -37.82
N PRO F 470 -6.70 29.27 -36.91
CA PRO F 470 -6.81 27.86 -36.51
C PRO F 470 -8.19 27.46 -35.92
N VAL F 471 -8.84 28.35 -35.16
CA VAL F 471 -10.17 28.04 -34.65
C VAL F 471 -11.19 28.13 -35.78
N ASN F 472 -11.07 29.13 -36.67
CA ASN F 472 -12.02 29.34 -37.75
C ASN F 472 -12.16 28.19 -38.66
N ILE F 473 -11.06 27.47 -38.89
CA ILE F 473 -11.04 26.39 -39.89
C ILE F 473 -11.48 25.03 -39.36
N ARG F 474 -11.59 24.92 -38.03
CA ARG F 474 -11.92 23.64 -37.35
C ARG F 474 -13.42 23.58 -37.06
N PRO F 475 -14.11 22.56 -37.61
CA PRO F 475 -15.51 22.39 -37.21
C PRO F 475 -15.69 22.33 -35.67
N HIS F 476 -16.69 23.03 -35.19
CA HIS F 476 -17.12 23.06 -33.78
C HIS F 476 -18.06 21.86 -33.54
N PRO F 477 -17.93 21.19 -32.37
CA PRO F 477 -18.83 20.06 -32.09
C PRO F 477 -20.32 20.34 -32.18
N TYR F 478 -20.72 21.57 -31.82
CA TYR F 478 -22.14 21.94 -31.91
C TYR F 478 -22.66 22.04 -33.33
N GLU F 479 -21.77 22.24 -34.30
CA GLU F 479 -22.15 22.15 -35.70
C GLU F 479 -22.64 20.76 -36.08
N PHE F 480 -22.14 19.73 -35.41
CA PHE F 480 -22.64 18.38 -35.69
C PHE F 480 -24.03 18.20 -35.10
N ALA F 481 -24.26 18.78 -33.90
CA ALA F 481 -25.62 18.80 -33.27
C ALA F 481 -26.62 19.55 -34.14
N LEU F 482 -26.16 20.62 -34.77
CA LEU F 482 -27.01 21.42 -35.64
C LEU F 482 -27.19 20.82 -37.01
N TYR F 483 -26.12 20.24 -37.58
CA TYR F 483 -26.12 20.02 -39.05
C TYR F 483 -25.84 18.64 -39.60
N TYR F 484 -25.57 17.64 -38.76
CA TYR F 484 -25.29 16.31 -39.30
C TYR F 484 -26.39 15.83 -40.27
N ASP F 485 -27.63 16.11 -39.90
CA ASP F 485 -28.81 15.66 -40.61
C ASP F 485 -29.39 16.64 -41.66
N VAL F 486 -28.61 17.61 -42.11
CA VAL F 486 -29.15 18.57 -43.10
C VAL F 486 -29.58 17.89 -44.42
#